data_5LQX
#
_entry.id   5LQX
#
loop_
_entity.id
_entity.type
_entity.pdbx_description
1 polymer 'ATP synthase subunit f'
2 polymer 'ATP synthase AAP1 subunit'
3 polymer 'ATP synthase subunit a'
4 polymer 'ATP synthase subunit b'
5 polymer 'ATP synthase alpha subunit'
6 polymer 'ATP synthase beta subunit'
7 polymer 'ATP synthase gamma subunit'
8 polymer 'ATP synthase delta subunit'
9 polymer 'ATP synthase epsilon subunit'
10 polymer 'ATP synthase inhibitor protein IF1'
11 polymer 'ATP synthase subunit c'
12 polymer 'ATP synthase OSCP subunit'
13 polymer 'ATP synthase subunit b'
14 polymer 'ATP synthase subunit d'
15 polymer 'ATP synthase subunit h'
16 polymer 'ATP synthase subunit a'
17 polymer 'ATP synthase subunit a'
18 non-polymer "ADENOSINE-5'-TRIPHOSPHATE"
19 non-polymer 'MAGNESIUM ION'
20 non-polymer "ADENOSINE-5'-DIPHOSPHATE"
#
loop_
_entity_poly.entity_id
_entity_poly.type
_entity_poly.pdbx_seq_one_letter_code
_entity_poly.pdbx_strand_id
1 'polypeptide(L)'
;(UNK)(UNK)(UNK)(UNK)(UNK)(UNK)(UNK)(UNK)(UNK)(UNK)(UNK)(UNK)(UNK)(UNK)(UNK)(UNK)
(UNK)(UNK)(UNK)(UNK)(UNK)(UNK)(UNK)(UNK)(UNK)(UNK)(UNK)(UNK)(UNK)(UNK)(UNK)
;
1
2 'polypeptide(L)'
;(UNK)(UNK)(UNK)(UNK)(UNK)(UNK)(UNK)(UNK)(UNK)(UNK)(UNK)(UNK)(UNK)(UNK)(UNK)(UNK)
(UNK)(UNK)(UNK)(UNK)(UNK)(UNK)(UNK)(UNK)(UNK)
;
2
3 'polypeptide(L)'
;(UNK)(UNK)(UNK)(UNK)(UNK)(UNK)(UNK)(UNK)(UNK)(UNK)(UNK)(UNK)(UNK)(UNK)(UNK)(UNK)
(UNK)
;
3
4 'polypeptide(L)'
;(UNK)(UNK)(UNK)(UNK)(UNK)(UNK)(UNK)(UNK)(UNK)(UNK)(UNK)(UNK)(UNK)(UNK)(UNK)(UNK)
(UNK)(UNK)(UNK)(UNK)(UNK)(UNK)(UNK)(UNK)(UNK)(UNK)(UNK)
;
4
5 'polypeptide(L)'
;ATAKAAPTEVSSILESKIRGVSDEANLDETGRVLSVGDGIARVFGLNNCQAEELVEFASGVKGMALNLEPGQVGIVLFGS
DREVKEGEIVKRTGKIVDVPIGPGMLGRVVDALGNPIDGKGPIEATGYAIAQLKAPGILPRRSVFEPMQTGLKAVDALVP
IGRGQRELIIGDRQTGKTAVALDTILNQKRWNDGNDESKKLYCVYVAVGQKRSTVAQLVQTLEQNDAMKYSIVVAATASE
AAPLQYLAPFTACAIAEWFRDNGKHALIVYDDLSKQAVAYRQLSLLLRRPPGREAYPGDVFYLHSRLLERAAKMSDANGG
GSLTALPVIETQGGDVSAYIPTNVISITDGQIFLEAELFYKGIRPAINVGLSVSRVGSAAQVKAMKQVAGSLKLFLAQYR
EVAAFAQFGSDLDASTKQTLSRGERLTQLLKQKQYSPQASEEQVPVIYAGVNGFLDNIPIERIPEFEEQFIAYLKANEGD
ILEAIRTKGELSSELLDKLKSATETFVATF
;
A,B,C
6 'polypeptide(L)'
;ATAGPASGKIRAVIGAVVDVQFEQGELPAILNALTIDQGNNQKLVLEVAQHLGENAVRAIAMDGTEGLVRGQTVVDTGAP
ISVPVGRGTLGRIINVVGEPIDERGPIECKQRNPIHADPPSFVEQSTEAEVLETGIKVVDLLAPYARGGKIGLFGGAGVG
KTVFIQELINNIAKAHGGFSVFTGVGERTREGNDLYREMKETGVINLEGESKVALVFGQMNEPPGARARVALTGLTIAEY
FRDEEGQDVLLFVDNIFRFTQAGSEVSALLGRIPSAVGYQPTLATDMGLLQERITTTRKGSVTSVQAVYVPADDLTDPAP
ATTFAHLDATTVLSRGISELGIYPAVDPLDSKSRLLDVSVVGQEHYDVATGVQQTLQAYKSLQDIIAILGMDELSEQDKL
TVERARKIQRFLSQPFAVAEVFTGIEGKLVRLKDTIASFKAVLEGKYDHLPENAFYMVGGIEDVVAKAEKIAAEAN
;
D,E,F
7 'polypeptide(L)'
;ATLREIETRLKSIKNIEKITNTMKVVASTRMGRAQRAMASSRAFREGDSDFFATAETSTPETAEKTLIIAVSSDKGLCGS
IHSQIAKATRAKLQETPNADVVTIGDKIKAQMLRTHSSNVVLSFNGVGKEAPTFWEASLIADEIRKLGDYDKIEVMYNKF
VSGVAFEPSVFPSFSPISIEESPKLSEFELEEDQAIPTSLSQISLTNAILNAMAEGYASEISARRNAMDNASKNAGEMIN
KYSILYNRTRQAVITNELVDIITGASSLD
;
G
8 'polypeptide(L)'
;AEAVNPDVLKVSLVAPHQAIFTNKEVSQVNLPASSGEMGVLANHVPTVEELAPGVVEVIESSGTASKYFVSGGFASILPG
SKLSISTVEAHPLDAFSSENIKSLLAEAQKNASSADETVAAEAAIEIEVLEALQAAVH
;
H
9 'polypeptide(L)' SSWQKAGISFNKYLAIAARTVQRSLKNDLKVAAEKRYISDAKVQKLEKGNVVSTTDLASNKSA I
10 'polypeptide(L)' GSESGDNVRSSAGAVRDAGGAFGKREQAEEERYFRARAKEQLAALKKHHENEISHHAKEIHHHHHH J
11 'polypeptide(L)' MQLVLAAKYIGAAIATIGLTGAGIGIAIVFAALINGTSRNPSLRNTLFPFAILGFALSEATGLFCLMISFLLLYGV K,L,M,N,O,P,Q,R,S,T
12 'polypeptide(L)'
;ASAAPIKPPVQLFGLDGTYATALFSASAKDSSIEKTFQSVQKLSSTISKDAKVAQVLSNPALSLNSRKEVVSVLSKELKL
EPVVSNLLTVLAENNRLSLFDSIAKQFSVLNDAYNGVVEATVVSAKPLDSKILNRLTKSITNSKYVGPGKTLKIKNEVDP
EILGGLIVEVADKSVDLSLASKVNKLNKVLSETI
;
U
13 'polypeptide(L)'
;STPVDPKTKANALIDSLPGNSFLSKTGILATTAAASVYAISSELYVVNDESILLVTFLGFIALISKTVAPLYGEMAKNRT
DHVVGLLNQARADHVNAVKTRIDQVSNLKDVVSTTKALFEMSKETAALEAEAFELKQKVAVASEAKSVLDSWVRYEAQVR
QHEQEQLASTVISKVQSELQNAKFQDKVLAQAVEEVERLFAKEK
;
V
14 'polypeptide(L)'
;SSVAKSTANKLDWTKIVSKLGLSGQTAAALTSFKKRNDEAKRILFELKQQPSNVDFAFYKSTLKNTAIVDKIQSDVSKFT
PSKANLSKQLNLIESFEAKALENAKETESVVLAELTDLEKTLENIES(UNK)(UNK)(UNK)(UNK)(UNK)(UNK)
(UNK)(UNK)(UNK)(UNK)(UNK)(UNK)(UNK)(UNK)(UNK)(UNK)(UNK)(UNK)(UNK)(UNK)(UNK)(UNK)
(UNK)(UNK)(UNK)(UNK)(UNK)(UNK)
;
W
15 'polypeptide(L)'
;(UNK)(UNK)(UNK)(UNK)(UNK)(UNK)(UNK)(UNK)(UNK)(UNK)(UNK)(UNK)(UNK)(UNK)(UNK)(UNK)
(UNK)(UNK)(UNK)(UNK)(UNK)
;
X
16 'polypeptide(L)'
;SPLDQFIINNLLEINSPFLNLSTLNFSTFSLYTLFVVLVISLTFILSIGGESNNLVKGSNWLIAIEAIFDTILNMVKGQI
GGSVYGRYVPLVYTLFTFILVANLIGMVPYNFALSASLIYIIGISVSLWIGLTILGLFLNKAVFFSLFVPSGTPLPLVPV
LVLIELLSYTARAISLGLRLAANTLSGHLLMSILGNLVKNLMSINYFTFIFGLIPLAGIFAIVILEFAIACIQAYVFAIL
TSSYLKDSIYLH
;
Y
17 'polypeptide(L)'
;(UNK)(UNK)(UNK)(UNK)(UNK)(UNK)(UNK)(UNK)(UNK)(UNK)(UNK)(UNK)(UNK)(UNK)(UNK)(UNK)
(UNK)(UNK)(UNK)(UNK)(UNK)(UNK)(UNK)(UNK)(UNK)(UNK)(UNK)(UNK)(UNK)(UNK)(UNK)(UNK)
(UNK)(UNK)(UNK)(UNK)(UNK)(UNK)(UNK)(UNK)(UNK)(UNK)(UNK)(UNK)
;
Z
#
loop_
_chem_comp.id
_chem_comp.type
_chem_comp.name
_chem_comp.formula
ADP non-polymer ADENOSINE-5'-DIPHOSPHATE 'C10 H15 N5 O10 P2'
ATP non-polymer ADENOSINE-5'-TRIPHOSPHATE 'C10 H16 N5 O13 P3'
MG non-polymer 'MAGNESIUM ION' 'Mg 2'
#
# COMPACT_ATOMS: atom_id res chain seq x y z
N UNK A 1 -18.37 -33.17 81.44
CA UNK A 1 -17.98 -32.81 82.79
C UNK A 1 -18.32 -33.93 83.78
N UNK A 2 -19.41 -34.65 83.48
CA UNK A 2 -19.84 -35.75 84.33
C UNK A 2 -18.95 -36.98 84.13
N UNK A 3 -18.45 -37.15 82.92
CA UNK A 3 -17.58 -38.28 82.60
C UNK A 3 -16.18 -38.06 83.17
N UNK A 4 -15.75 -36.80 83.21
CA UNK A 4 -14.43 -36.47 83.73
C UNK A 4 -14.42 -36.53 85.25
N UNK A 5 -15.57 -36.27 85.87
CA UNK A 5 -15.68 -36.31 87.33
C UNK A 5 -15.74 -37.74 87.82
N UNK A 6 -16.26 -38.64 87.00
CA UNK A 6 -16.37 -40.05 87.36
C UNK A 6 -15.01 -40.72 87.27
N UNK A 7 -14.17 -40.26 86.35
CA UNK A 7 -12.84 -40.82 86.17
C UNK A 7 -11.90 -40.36 87.28
N UNK A 8 -12.12 -39.14 87.77
CA UNK A 8 -11.30 -38.58 88.83
C UNK A 8 -11.67 -39.19 90.18
N UNK A 9 -12.94 -39.57 90.33
CA UNK A 9 -13.42 -40.17 91.56
C UNK A 9 -12.98 -41.63 91.66
N UNK A 10 -12.81 -42.27 90.51
CA UNK A 10 -12.37 -43.66 90.46
C UNK A 10 -10.88 -43.78 90.77
N UNK A 11 -10.13 -42.73 90.44
CA UNK A 11 -8.70 -42.70 90.69
C UNK A 11 -8.41 -42.48 92.17
N UNK A 12 -9.29 -41.75 92.83
CA UNK A 12 -9.13 -41.47 94.25
C UNK A 12 -9.47 -42.71 95.09
N UNK A 13 -10.41 -43.50 94.61
CA UNK A 13 -10.81 -44.72 95.30
C UNK A 13 -9.77 -45.82 95.13
N UNK A 14 -9.10 -45.81 93.98
CA UNK A 14 -8.06 -46.80 93.69
C UNK A 14 -6.79 -46.49 94.46
N UNK A 15 -6.55 -45.20 94.69
CA UNK A 15 -5.36 -44.76 95.42
C UNK A 15 -5.52 -45.01 96.91
N UNK A 16 -6.76 -44.95 97.39
CA UNK A 16 -7.06 -45.17 98.79
C UNK A 16 -6.99 -46.66 99.13
N UNK A 17 -7.33 -47.50 98.16
CA UNK A 17 -7.30 -48.94 98.35
C UNK A 17 -5.87 -49.46 98.30
N UNK A 18 -5.02 -48.80 97.52
CA UNK A 18 -3.63 -49.18 97.38
C UNK A 18 -2.83 -48.74 98.61
N UNK A 19 -3.26 -47.63 99.22
CA UNK A 19 -2.59 -47.11 100.41
C UNK A 19 -2.96 -47.93 101.64
N UNK A 20 -4.16 -48.50 101.63
CA UNK A 20 -4.63 -49.32 102.74
C UNK A 20 -3.96 -50.69 102.72
N UNK A 21 -3.64 -51.17 101.53
CA UNK A 21 -3.00 -52.47 101.36
C UNK A 21 -1.52 -52.38 101.73
N UNK A 22 -0.92 -51.21 101.50
CA UNK A 22 0.48 -50.99 101.81
C UNK A 22 0.69 -50.80 103.30
N UNK A 23 -0.32 -50.25 103.96
CA UNK A 23 -0.26 -50.01 105.40
C UNK A 23 -0.46 -51.32 106.18
N UNK A 24 -1.24 -52.23 105.60
CA UNK A 24 -1.50 -53.51 106.23
C UNK A 24 -0.30 -54.46 106.08
N UNK A 25 0.43 -54.29 104.98
CA UNK A 25 1.60 -55.11 104.71
C UNK A 25 2.80 -54.64 105.54
N UNK A 26 2.80 -53.35 105.86
CA UNK A 26 3.89 -52.76 106.64
C UNK A 26 3.71 -53.08 108.13
N UNK A 27 2.47 -53.31 108.54
CA UNK A 27 2.16 -53.64 109.92
C UNK A 27 2.50 -55.09 110.24
N UNK A 28 2.46 -55.93 109.20
CA UNK A 28 2.77 -57.35 109.36
C UNK A 28 4.27 -57.59 109.33
N UNK A 29 5.00 -56.63 108.76
CA UNK A 29 6.46 -56.73 108.67
C UNK A 29 7.12 -56.08 109.87
N UNK A 30 6.36 -55.28 110.60
CA UNK A 30 6.88 -54.59 111.78
C UNK A 30 6.54 -55.35 113.05
N UNK B 1 -8.57 -31.71 95.39
CA UNK B 1 -7.47 -30.79 95.11
C UNK B 1 -7.44 -30.40 93.64
N UNK B 2 -7.83 -31.34 92.78
CA UNK B 2 -7.85 -31.09 91.34
C UNK B 2 -9.05 -30.24 90.95
N UNK B 3 -10.15 -30.41 91.68
CA UNK B 3 -11.37 -29.65 91.41
C UNK B 3 -11.26 -28.23 91.94
N UNK B 4 -10.46 -28.06 92.99
CA UNK B 4 -10.26 -26.74 93.60
C UNK B 4 -9.32 -25.89 92.75
N UNK B 5 -8.36 -26.55 92.11
CA UNK B 5 -7.39 -25.84 91.26
C UNK B 5 -8.01 -25.48 89.92
N UNK B 6 -8.98 -26.29 89.48
CA UNK B 6 -9.66 -26.05 88.21
C UNK B 6 -10.73 -24.97 88.36
N UNK B 7 -11.20 -24.76 89.59
CA UNK B 7 -12.21 -23.76 89.85
C UNK B 7 -11.62 -22.35 89.83
N UNK B 8 -10.39 -22.24 90.32
CA UNK B 8 -9.70 -20.95 90.35
C UNK B 8 -9.13 -20.61 88.98
N UNK B 9 -8.87 -21.64 88.18
CA UNK B 9 -8.33 -21.44 86.84
C UNK B 9 -9.43 -21.11 85.84
N UNK B 10 -10.67 -21.45 86.21
CA UNK B 10 -11.82 -21.18 85.35
C UNK B 10 -12.18 -19.70 85.37
N UNK B 11 -11.94 -19.05 86.51
CA UNK B 11 -12.24 -17.63 86.66
C UNK B 11 -11.19 -16.78 85.94
N UNK B 12 -9.97 -17.28 85.88
CA UNK B 12 -8.87 -16.58 85.23
C UNK B 12 -8.96 -16.72 83.71
N UNK B 13 -9.50 -17.85 83.27
CA UNK B 13 -9.64 -18.11 81.84
C UNK B 13 -10.82 -17.33 81.27
N UNK B 14 -11.84 -17.10 82.09
CA UNK B 14 -13.02 -16.37 81.67
C UNK B 14 -12.74 -14.87 81.60
N UNK B 15 -11.84 -14.41 82.47
CA UNK B 15 -11.47 -13.00 82.51
C UNK B 15 -10.51 -12.66 81.38
N UNK B 16 -9.71 -13.64 80.98
CA UNK B 16 -8.74 -13.45 79.90
C UNK B 16 -9.44 -13.47 78.54
N UNK B 17 -10.54 -14.20 78.45
CA UNK B 17 -11.29 -14.30 77.21
C UNK B 17 -12.11 -13.04 76.98
N UNK B 18 -12.53 -12.40 78.06
CA UNK B 18 -13.33 -11.18 77.98
C UNK B 18 -12.45 -9.98 77.63
N UNK B 19 -11.19 -10.05 78.04
CA UNK B 19 -10.24 -8.97 77.78
C UNK B 19 -9.75 -9.02 76.33
N UNK B 20 -9.72 -10.23 75.77
CA UNK B 20 -9.28 -10.41 74.39
C UNK B 20 -10.37 -10.02 73.41
N UNK B 21 -11.62 -10.12 73.84
CA UNK B 21 -12.75 -9.77 73.00
C UNK B 21 -12.95 -8.25 72.96
N UNK B 22 -12.51 -7.58 74.01
CA UNK B 22 -12.63 -6.13 74.10
C UNK B 22 -11.55 -5.44 73.26
N UNK B 23 -10.43 -6.13 73.08
CA UNK B 23 -9.32 -5.59 72.29
C UNK B 23 -9.58 -5.77 70.80
N UNK B 24 -10.41 -6.75 70.46
CA UNK B 24 -10.74 -7.03 69.06
C UNK B 24 -11.95 -6.21 68.62
N UNK B 25 -12.67 -5.65 69.60
CA UNK B 25 -13.85 -4.85 69.31
C UNK B 25 -13.52 -3.37 69.29
N UNK C 1 2.81 -33.76 103.49
CA UNK C 1 1.81 -32.79 103.91
C UNK C 1 2.39 -31.39 103.96
N UNK C 2 3.67 -31.30 104.34
CA UNK C 2 4.35 -30.01 104.43
C UNK C 2 4.77 -29.53 103.04
N UNK C 3 5.05 -30.46 102.15
CA UNK C 3 5.46 -30.14 100.79
C UNK C 3 4.26 -29.73 99.94
N UNK C 4 3.09 -30.28 100.28
CA UNK C 4 1.86 -29.97 99.55
C UNK C 4 1.31 -28.62 99.96
N UNK C 5 1.59 -28.22 101.20
CA UNK C 5 1.11 -26.95 101.72
C UNK C 5 1.97 -25.80 101.19
N UNK C 6 3.23 -26.08 100.91
CA UNK C 6 4.15 -25.07 100.39
C UNK C 6 3.90 -24.83 98.91
N UNK C 7 3.43 -25.86 98.21
CA UNK C 7 3.15 -25.75 96.79
C UNK C 7 1.84 -25.02 96.54
N UNK C 8 0.92 -25.12 97.49
CA UNK C 8 -0.38 -24.47 97.38
C UNK C 8 -0.26 -22.98 97.69
N UNK C 9 0.70 -22.63 98.53
CA UNK C 9 0.91 -21.24 98.92
C UNK C 9 1.65 -20.48 97.82
N UNK C 10 2.46 -21.20 97.05
CA UNK C 10 3.22 -20.61 95.97
C UNK C 10 2.34 -20.37 94.75
N UNK C 11 1.31 -21.21 94.59
CA UNK C 11 0.39 -21.10 93.48
C UNK C 11 -0.61 -19.97 93.70
N UNK C 12 -0.90 -19.69 94.96
CA UNK C 12 -1.84 -18.63 95.33
C UNK C 12 -1.18 -17.26 95.21
N UNK C 13 0.13 -17.22 95.41
CA UNK C 13 0.88 -15.97 95.34
C UNK C 13 1.14 -15.59 93.88
N UNK C 14 1.20 -16.59 93.02
CA UNK C 14 1.45 -16.36 91.59
C UNK C 14 0.17 -15.93 90.89
N UNK C 15 -0.97 -16.32 91.45
CA UNK C 15 -2.27 -15.97 90.87
C UNK C 15 -2.68 -14.56 91.27
N UNK C 16 -2.12 -14.07 92.37
CA UNK C 16 -2.43 -12.74 92.86
C UNK C 16 -1.44 -11.71 92.29
N UNK C 17 -0.39 -12.20 91.66
CA UNK C 17 0.62 -11.33 91.08
C UNK C 17 0.38 -11.13 89.58
N UNK D 1 8.03 -5.73 86.45
CA UNK D 1 9.03 -6.44 85.64
C UNK D 1 10.24 -6.84 86.49
N UNK D 2 11.06 -5.85 86.84
CA UNK D 2 12.25 -6.10 87.65
C UNK D 2 11.87 -6.31 89.11
N UNK D 3 10.78 -5.67 89.53
CA UNK D 3 10.31 -5.79 90.91
C UNK D 3 9.62 -7.12 91.13
N UNK D 4 8.96 -7.64 90.09
CA UNK D 4 8.26 -8.91 90.18
C UNK D 4 9.25 -10.07 90.13
N UNK D 5 10.35 -9.88 89.41
CA UNK D 5 11.38 -10.91 89.29
C UNK D 5 12.21 -11.00 90.57
N UNK D 6 12.38 -9.86 91.23
CA UNK D 6 13.16 -9.81 92.47
C UNK D 6 12.35 -10.36 93.63
N UNK D 7 11.03 -10.26 93.53
CA UNK D 7 10.14 -10.75 94.57
C UNK D 7 10.05 -12.28 94.54
N UNK D 8 10.20 -12.84 93.34
CA UNK D 8 10.14 -14.29 93.17
C UNK D 8 11.42 -14.94 93.68
N UNK D 9 12.55 -14.24 93.52
CA UNK D 9 13.83 -14.75 93.97
C UNK D 9 13.97 -14.63 95.49
N UNK D 10 13.32 -13.62 96.05
CA UNK D 10 13.35 -13.41 97.50
C UNK D 10 12.44 -14.40 98.21
N UNK D 11 11.38 -14.82 97.54
CA UNK D 11 10.44 -15.79 98.11
C UNK D 11 11.04 -17.18 98.11
N UNK D 12 11.87 -17.47 97.11
CA UNK D 12 12.52 -18.78 97.00
C UNK D 12 13.66 -18.90 98.01
N UNK D 13 14.30 -17.77 98.31
CA UNK D 13 15.40 -17.76 99.26
C UNK D 13 14.88 -17.86 100.69
N UNK D 14 13.68 -17.32 100.92
CA UNK D 14 13.07 -17.36 102.24
C UNK D 14 12.51 -18.74 102.53
N UNK D 15 12.07 -19.44 101.49
CA UNK D 15 11.53 -20.78 101.64
C UNK D 15 12.65 -21.79 101.85
N UNK D 16 13.81 -21.50 101.26
CA UNK D 16 14.97 -22.39 101.39
C UNK D 16 15.61 -22.24 102.77
N UNK D 17 15.51 -21.05 103.34
CA UNK D 17 16.07 -20.79 104.67
C UNK D 17 15.20 -21.41 105.75
N UNK D 18 13.89 -21.47 105.50
CA UNK D 18 12.95 -22.05 106.46
C UNK D 18 13.02 -23.57 106.43
N UNK D 19 13.35 -24.11 105.26
CA UNK D 19 13.46 -25.56 105.10
C UNK D 19 14.76 -26.07 105.71
N UNK D 20 15.79 -25.23 105.68
CA UNK D 20 17.09 -25.59 106.23
C UNK D 20 17.07 -25.54 107.76
N UNK D 21 16.25 -24.65 108.31
CA UNK D 21 16.12 -24.50 109.75
C UNK D 21 15.27 -25.62 110.33
N UNK D 22 14.32 -26.11 109.54
CA UNK D 22 13.43 -27.18 109.98
C UNK D 22 14.14 -28.53 109.91
N UNK D 23 15.09 -28.64 108.99
CA UNK D 23 15.85 -29.87 108.81
C UNK D 23 16.91 -30.00 109.90
N UNK D 24 17.40 -28.87 110.39
CA UNK D 24 18.42 -28.86 111.43
C UNK D 24 17.79 -29.11 112.80
N UNK D 25 16.52 -28.77 112.93
CA UNK D 25 15.80 -28.97 114.19
C UNK D 25 15.26 -30.39 114.29
N UNK D 26 15.18 -31.08 113.15
CA UNK D 26 14.68 -32.44 113.11
C UNK D 26 15.83 -33.44 113.15
N UNK D 27 17.05 -32.94 113.04
CA UNK D 27 18.23 -33.78 113.05
C UNK D 27 18.97 -33.66 114.39
N PRO E 7 -56.55 49.26 -7.75
CA PRO E 7 -57.35 50.23 -7.02
C PRO E 7 -58.13 51.17 -7.94
N THR E 8 -59.44 50.97 -8.03
CA THR E 8 -60.32 51.77 -8.88
C THR E 8 -59.84 51.79 -10.32
N GLU E 9 -60.08 50.69 -11.04
CA GLU E 9 -59.69 50.54 -12.44
C GLU E 9 -58.20 50.77 -12.62
N VAL E 10 -57.38 49.77 -12.26
CA VAL E 10 -55.94 49.90 -12.39
C VAL E 10 -55.49 49.77 -13.84
N SER E 11 -56.32 49.17 -14.70
CA SER E 11 -55.96 49.01 -16.10
C SER E 11 -56.04 50.31 -16.88
N SER E 12 -56.82 51.28 -16.39
CA SER E 12 -56.95 52.56 -17.08
C SER E 12 -55.76 53.47 -16.86
N ILE E 13 -54.98 53.24 -15.80
CA ILE E 13 -53.82 54.10 -15.54
C ILE E 13 -52.65 53.73 -16.45
N LEU E 14 -52.51 52.43 -16.76
CA LEU E 14 -51.43 52.00 -17.64
C LEU E 14 -51.72 52.25 -19.11
N GLU E 15 -52.99 52.34 -19.50
CA GLU E 15 -53.33 52.60 -20.89
C GLU E 15 -53.17 54.07 -21.26
N SER E 16 -53.34 54.98 -20.31
CA SER E 16 -53.21 56.40 -20.59
C SER E 16 -51.75 56.83 -20.66
N LYS E 17 -50.87 56.21 -19.88
CA LYS E 17 -49.45 56.56 -19.90
C LYS E 17 -48.71 55.93 -21.06
N ILE E 18 -49.25 54.88 -21.66
CA ILE E 18 -48.60 54.21 -22.79
C ILE E 18 -49.24 54.60 -24.12
N ARG E 19 -50.08 55.63 -24.13
CA ARG E 19 -50.72 56.07 -25.37
C ARG E 19 -49.77 56.92 -26.22
N GLY E 20 -49.10 57.89 -25.59
CA GLY E 20 -48.19 58.75 -26.30
C GLY E 20 -46.74 58.52 -25.92
N VAL E 21 -45.99 57.86 -26.79
CA VAL E 21 -44.58 57.57 -26.54
C VAL E 21 -43.81 57.64 -27.86
N SER E 22 -44.35 57.01 -28.89
CA SER E 22 -43.71 56.99 -30.21
C SER E 22 -44.00 58.30 -30.91
N ASP E 23 -43.02 59.21 -30.90
CA ASP E 23 -43.21 60.51 -31.55
C ASP E 23 -41.93 61.07 -32.15
N GLU E 24 -40.79 60.37 -32.07
CA GLU E 24 -39.53 60.85 -32.63
C GLU E 24 -38.72 59.63 -33.07
N ALA E 25 -39.11 59.07 -34.21
CA ALA E 25 -38.44 57.90 -34.77
C ALA E 25 -38.47 57.97 -36.29
N ASN E 26 -38.01 59.08 -36.85
CA ASN E 26 -37.97 59.31 -38.29
C ASN E 26 -36.57 59.73 -38.72
N LEU E 27 -35.55 59.05 -38.18
CA LEU E 27 -34.16 59.33 -38.49
C LEU E 27 -33.49 58.11 -39.12
N ASP E 28 -34.22 57.42 -39.99
CA ASP E 28 -33.74 56.23 -40.70
C ASP E 28 -33.36 55.18 -39.65
N GLU E 29 -32.30 54.40 -39.93
CA GLU E 29 -31.85 53.37 -39.01
C GLU E 29 -30.36 53.12 -39.17
N THR E 30 -30.01 52.02 -39.84
CA THR E 30 -28.60 51.68 -40.05
C THR E 30 -28.43 50.96 -41.39
N GLY E 31 -28.18 49.65 -41.34
CA GLY E 31 -27.99 48.85 -42.53
C GLY E 31 -29.05 47.78 -42.69
N ARG E 32 -28.77 46.83 -43.58
CA ARG E 32 -29.70 45.74 -43.84
C ARG E 32 -29.13 44.42 -43.34
N VAL E 33 -29.41 43.33 -44.04
CA VAL E 33 -28.92 42.00 -43.67
C VAL E 33 -28.71 41.19 -44.94
N LEU E 34 -27.56 40.54 -45.04
CA LEU E 34 -27.21 39.72 -46.19
C LEU E 34 -27.26 38.23 -45.90
N SER E 35 -26.85 37.81 -44.71
CA SER E 35 -26.86 36.40 -44.34
C SER E 35 -27.06 36.27 -42.84
N VAL E 36 -27.71 35.17 -42.44
CA VAL E 36 -27.99 34.91 -41.04
C VAL E 36 -28.07 33.41 -40.83
N GLY E 37 -27.55 32.94 -39.69
CA GLY E 37 -27.55 31.53 -39.38
C GLY E 37 -26.67 31.17 -38.21
N ASP E 38 -27.14 30.26 -37.36
CA ASP E 38 -26.42 29.81 -36.18
C ASP E 38 -26.05 30.98 -35.27
N GLY E 39 -26.99 31.93 -35.13
CA GLY E 39 -26.79 33.08 -34.29
C GLY E 39 -26.10 34.26 -34.96
N ILE E 40 -25.30 34.01 -35.98
CA ILE E 40 -24.59 35.09 -36.67
C ILE E 40 -25.58 35.83 -37.58
N ALA E 41 -25.21 37.06 -37.94
CA ALA E 41 -26.05 37.88 -38.80
C ALA E 41 -25.15 38.86 -39.54
N ARG E 42 -24.90 38.59 -40.81
CA ARG E 42 -24.05 39.44 -41.64
C ARG E 42 -24.86 40.66 -42.07
N VAL E 43 -24.69 41.75 -41.34
CA VAL E 43 -25.39 43.00 -41.61
C VAL E 43 -24.56 43.82 -42.58
N PHE E 44 -25.14 44.17 -43.72
CA PHE E 44 -24.46 44.96 -44.74
C PHE E 44 -24.77 46.43 -44.53
N GLY E 45 -23.73 47.22 -44.23
CA GLY E 45 -23.87 48.64 -44.00
C GLY E 45 -23.48 49.02 -42.58
N LEU E 46 -24.16 50.04 -42.05
CA LEU E 46 -23.94 50.55 -40.70
C LEU E 46 -22.48 50.98 -40.53
N ASN E 47 -22.13 52.06 -41.24
CA ASN E 47 -20.78 52.60 -41.18
C ASN E 47 -20.53 53.41 -39.92
N ASN E 48 -21.57 53.94 -39.28
CA ASN E 48 -21.43 54.73 -38.06
C ASN E 48 -21.54 53.89 -36.80
N CYS E 49 -21.68 52.57 -36.93
CA CYS E 49 -21.80 51.70 -35.77
C CYS E 49 -20.43 51.45 -35.14
N GLN E 50 -20.33 51.63 -33.83
CA GLN E 50 -19.09 51.42 -33.12
C GLN E 50 -18.92 49.95 -32.75
N ALA E 51 -17.79 49.63 -32.12
CA ALA E 51 -17.52 48.27 -31.71
C ALA E 51 -18.29 47.91 -30.44
N GLU E 52 -18.80 46.69 -30.39
CA GLU E 52 -19.57 46.18 -29.26
C GLU E 52 -20.78 47.08 -28.97
N GLU E 53 -21.51 47.41 -30.03
CA GLU E 53 -22.69 48.26 -29.93
C GLU E 53 -23.96 47.43 -30.09
N LEU E 54 -25.02 47.87 -29.43
CA LEU E 54 -26.30 47.18 -29.49
C LEU E 54 -27.01 47.48 -30.81
N VAL E 55 -27.65 46.45 -31.37
CA VAL E 55 -28.38 46.57 -32.62
C VAL E 55 -29.80 46.06 -32.42
N GLU E 56 -30.62 46.21 -33.45
CA GLU E 56 -32.00 45.78 -33.41
C GLU E 56 -32.44 45.40 -34.82
N PHE E 57 -33.14 44.27 -34.92
CA PHE E 57 -33.63 43.78 -36.20
C PHE E 57 -35.04 44.29 -36.45
N ALA E 58 -35.60 43.91 -37.61
CA ALA E 58 -36.95 44.34 -37.96
C ALA E 58 -38.03 43.51 -37.28
N SER E 59 -37.68 42.32 -36.80
CA SER E 59 -38.65 41.45 -36.13
C SER E 59 -38.70 41.66 -34.62
N GLY E 60 -37.72 42.37 -34.06
CA GLY E 60 -37.68 42.63 -32.63
C GLY E 60 -36.51 41.99 -31.90
N VAL E 61 -35.66 41.22 -32.57
CA VAL E 61 -34.52 40.59 -31.91
C VAL E 61 -33.35 41.56 -31.88
N LYS E 62 -32.64 41.58 -30.76
CA LYS E 62 -31.50 42.47 -30.59
C LYS E 62 -30.21 41.77 -31.03
N GLY E 63 -29.18 42.58 -31.29
CA GLY E 63 -27.91 42.07 -31.72
C GLY E 63 -26.76 42.92 -31.20
N MET E 64 -25.57 42.35 -31.25
CA MET E 64 -24.35 43.02 -30.80
C MET E 64 -23.30 42.90 -31.89
N ALA E 65 -22.97 44.02 -32.53
CA ALA E 65 -21.98 44.04 -33.61
C ALA E 65 -20.59 43.96 -32.99
N LEU E 66 -19.95 42.80 -33.11
CA LEU E 66 -18.62 42.59 -32.58
C LEU E 66 -17.55 42.39 -33.65
N ASN E 67 -17.94 42.03 -34.87
CA ASN E 67 -17.01 41.80 -35.97
C ASN E 67 -17.31 42.84 -37.05
N LEU E 68 -16.67 44.01 -36.93
CA LEU E 68 -16.87 45.10 -37.89
C LEU E 68 -15.85 44.94 -39.02
N GLU E 69 -16.31 44.48 -40.17
CA GLU E 69 -15.45 44.29 -41.33
C GLU E 69 -15.54 45.48 -42.26
N PRO E 70 -15.10 45.35 -43.52
CA PRO E 70 -15.18 46.49 -44.44
C PRO E 70 -16.41 46.44 -45.32
N GLY E 71 -16.77 45.24 -45.77
CA GLY E 71 -17.94 45.07 -46.62
C GLY E 71 -19.21 44.83 -45.84
N GLN E 72 -19.10 44.07 -44.75
CA GLN E 72 -20.27 43.77 -43.92
C GLN E 72 -19.95 44.01 -42.44
N VAL E 73 -20.82 43.53 -41.56
CA VAL E 73 -20.63 43.70 -40.12
C VAL E 73 -21.25 42.51 -39.39
N GLY E 74 -20.40 41.70 -38.77
CA GLY E 74 -20.88 40.53 -38.04
C GLY E 74 -21.50 40.88 -36.71
N ILE E 75 -22.81 40.65 -36.58
CA ILE E 75 -23.56 40.92 -35.36
C ILE E 75 -24.10 39.60 -34.84
N VAL E 76 -23.97 39.38 -33.53
CA VAL E 76 -24.45 38.16 -32.90
C VAL E 76 -25.84 38.43 -32.33
N LEU E 77 -26.83 37.66 -32.80
CA LEU E 77 -28.19 37.82 -32.34
C LEU E 77 -28.37 37.19 -30.96
N PHE E 78 -29.17 37.84 -30.12
CA PHE E 78 -29.43 37.36 -28.77
C PHE E 78 -30.66 36.47 -28.68
N GLY E 79 -31.34 36.21 -29.79
CA GLY E 79 -32.51 35.37 -29.81
C GLY E 79 -32.38 34.27 -30.84
N SER E 80 -33.53 33.80 -31.32
CA SER E 80 -33.56 32.74 -32.31
C SER E 80 -33.26 33.29 -33.70
N ASP E 81 -32.78 32.41 -34.58
CA ASP E 81 -32.43 32.77 -35.94
C ASP E 81 -33.61 32.67 -36.91
N ARG E 82 -34.78 32.23 -36.43
CA ARG E 82 -35.95 32.11 -37.30
C ARG E 82 -36.63 33.44 -37.56
N GLU E 83 -36.41 34.44 -36.69
CA GLU E 83 -37.03 35.74 -36.89
C GLU E 83 -36.30 36.60 -37.92
N VAL E 84 -35.01 36.34 -38.14
CA VAL E 84 -34.22 37.10 -39.10
C VAL E 84 -34.17 36.32 -40.41
N LYS E 85 -34.14 37.06 -41.53
CA LYS E 85 -34.10 36.47 -42.85
C LYS E 85 -33.18 37.33 -43.73
N GLU E 86 -33.03 36.90 -44.98
CA GLU E 86 -32.19 37.62 -45.93
C GLU E 86 -32.96 38.81 -46.47
N GLY E 87 -32.50 40.02 -46.14
CA GLY E 87 -33.14 41.23 -46.58
C GLY E 87 -33.85 42.03 -45.50
N GLU E 88 -33.71 41.66 -44.24
CA GLU E 88 -34.37 42.37 -43.16
C GLU E 88 -33.61 43.65 -42.82
N ILE E 89 -34.35 44.69 -42.46
CA ILE E 89 -33.75 45.97 -42.11
C ILE E 89 -33.23 45.91 -40.67
N VAL E 90 -32.07 46.50 -40.44
CA VAL E 90 -31.45 46.53 -39.12
C VAL E 90 -31.40 47.97 -38.63
N LYS E 91 -31.43 48.13 -37.32
CA LYS E 91 -31.39 49.44 -36.69
C LYS E 91 -30.28 49.46 -35.64
N ARG E 92 -29.62 50.61 -35.52
CA ARG E 92 -28.53 50.79 -34.57
C ARG E 92 -29.03 51.59 -33.37
N THR E 93 -28.70 51.12 -32.17
CA THR E 93 -29.13 51.80 -30.96
C THR E 93 -28.27 53.04 -30.66
N GLY E 94 -27.02 53.03 -31.10
CA GLY E 94 -26.12 54.15 -30.88
C GLY E 94 -25.30 54.07 -29.61
N LYS E 95 -25.58 53.11 -28.73
CA LYS E 95 -24.87 52.94 -27.48
C LYS E 95 -24.21 51.57 -27.44
N ILE E 96 -23.41 51.35 -26.40
CA ILE E 96 -22.70 50.09 -26.22
C ILE E 96 -23.57 49.13 -25.43
N VAL E 97 -23.05 47.94 -25.15
CA VAL E 97 -23.78 46.92 -24.40
C VAL E 97 -23.71 47.30 -22.91
N ASP E 98 -24.80 47.86 -22.39
CA ASP E 98 -24.88 48.26 -21.00
C ASP E 98 -25.95 47.47 -20.28
N VAL E 99 -26.04 47.67 -18.97
CA VAL E 99 -27.02 46.98 -18.13
C VAL E 99 -27.44 47.90 -17.00
N PRO E 100 -28.58 47.65 -16.36
CA PRO E 100 -29.00 48.52 -15.25
C PRO E 100 -28.33 48.13 -13.94
N ILE E 101 -28.11 49.15 -13.11
CA ILE E 101 -27.48 48.97 -11.80
C ILE E 101 -28.15 49.91 -10.81
N GLY E 102 -27.82 49.72 -9.53
CA GLY E 102 -28.37 50.52 -8.47
C GLY E 102 -28.92 49.68 -7.34
N PRO E 103 -29.54 50.33 -6.35
CA PRO E 103 -30.09 49.58 -5.21
C PRO E 103 -31.50 49.05 -5.45
N GLY E 104 -32.13 49.38 -6.58
CA GLY E 104 -33.46 48.90 -6.86
C GLY E 104 -33.54 47.52 -7.47
N MET E 105 -32.40 46.91 -7.80
CA MET E 105 -32.36 45.58 -8.39
C MET E 105 -32.34 44.48 -7.35
N LEU E 106 -32.27 44.81 -6.07
CA LEU E 106 -32.24 43.81 -5.01
C LEU E 106 -33.65 43.29 -4.76
N GLY E 107 -33.85 41.98 -4.93
CA GLY E 107 -35.14 41.35 -4.72
C GLY E 107 -35.81 40.86 -5.98
N ARG E 108 -35.19 41.01 -7.14
CA ARG E 108 -35.77 40.57 -8.40
C ARG E 108 -34.70 39.86 -9.24
N VAL E 109 -35.14 38.89 -10.02
CA VAL E 109 -34.25 38.11 -10.88
C VAL E 109 -34.22 38.76 -12.25
N VAL E 110 -33.04 39.26 -12.63
CA VAL E 110 -32.86 39.92 -13.91
C VAL E 110 -32.17 38.95 -14.86
N ASP E 111 -32.15 39.31 -16.15
CA ASP E 111 -31.53 38.47 -17.17
C ASP E 111 -30.11 38.96 -17.47
N ALA E 112 -29.67 38.77 -18.72
CA ALA E 112 -28.34 39.19 -19.13
C ALA E 112 -28.30 40.62 -19.65
N LEU E 113 -29.45 41.23 -19.94
CA LEU E 113 -29.51 42.60 -20.43
C LEU E 113 -30.12 43.56 -19.43
N GLY E 114 -30.57 43.09 -18.27
CA GLY E 114 -31.16 43.94 -17.26
C GLY E 114 -32.67 43.88 -17.19
N ASN E 115 -33.32 43.10 -18.02
CA ASN E 115 -34.77 43.01 -17.99
C ASN E 115 -35.22 42.08 -16.85
N PRO E 116 -36.27 42.45 -16.12
CA PRO E 116 -36.74 41.60 -15.01
C PRO E 116 -37.58 40.45 -15.55
N ILE E 117 -37.31 39.25 -15.05
CA ILE E 117 -38.03 38.05 -15.45
C ILE E 117 -38.78 37.41 -14.30
N ASP E 118 -38.73 37.99 -13.10
CA ASP E 118 -39.44 37.42 -11.96
C ASP E 118 -40.91 37.78 -11.94
N GLY E 119 -41.32 38.81 -12.67
CA GLY E 119 -42.71 39.22 -12.71
C GLY E 119 -43.12 40.06 -11.51
N LYS E 120 -42.30 41.07 -11.18
CA LYS E 120 -42.58 41.93 -10.05
C LYS E 120 -42.60 43.41 -10.45
N GLY E 121 -42.88 43.70 -11.72
CA GLY E 121 -42.93 45.06 -12.20
C GLY E 121 -41.59 45.54 -12.70
N PRO E 122 -41.41 46.85 -12.76
CA PRO E 122 -40.13 47.40 -13.23
C PRO E 122 -39.11 47.49 -12.10
N ILE E 123 -37.88 47.81 -12.48
CA ILE E 123 -36.76 47.96 -11.56
C ILE E 123 -36.32 49.41 -11.57
N GLU E 124 -36.23 50.01 -10.38
CA GLU E 124 -35.80 51.40 -10.24
C GLU E 124 -34.29 51.45 -10.35
N ALA E 125 -33.79 51.64 -11.56
CA ALA E 125 -32.36 51.72 -11.82
C ALA E 125 -31.86 53.14 -11.58
N THR E 126 -30.79 53.27 -10.80
CA THR E 126 -30.21 54.56 -10.50
C THR E 126 -29.04 54.92 -11.40
N GLY E 127 -28.64 54.02 -12.29
CA GLY E 127 -27.53 54.29 -13.19
C GLY E 127 -27.45 53.23 -14.27
N TYR E 128 -26.61 53.51 -15.26
CA TYR E 128 -26.39 52.61 -16.40
C TYR E 128 -24.89 52.45 -16.59
N ALA E 129 -24.40 51.24 -16.34
CA ALA E 129 -22.99 50.93 -16.48
C ALA E 129 -22.77 49.96 -17.65
N ILE E 130 -21.62 50.10 -18.30
CA ILE E 130 -21.30 49.25 -19.44
C ILE E 130 -20.86 47.88 -18.94
N ALA E 131 -20.97 46.88 -19.83
CA ALA E 131 -20.57 45.52 -19.47
C ALA E 131 -19.05 45.36 -19.51
N GLN E 132 -18.42 45.84 -20.58
CA GLN E 132 -16.96 45.74 -20.73
C GLN E 132 -16.33 46.97 -20.09
N LEU E 133 -16.14 46.91 -18.78
CA LEU E 133 -15.55 48.00 -18.01
C LEU E 133 -14.14 47.63 -17.58
N LYS E 134 -13.35 48.67 -17.29
CA LYS E 134 -11.97 48.47 -16.86
C LYS E 134 -11.92 48.09 -15.39
N ALA E 135 -10.86 47.38 -15.03
CA ALA E 135 -10.68 46.93 -13.66
C ALA E 135 -9.97 48.02 -12.85
N PRO E 136 -9.78 47.81 -11.56
CA PRO E 136 -9.12 48.83 -10.74
C PRO E 136 -7.60 48.79 -10.89
N GLY E 137 -6.99 49.95 -10.69
CA GLY E 137 -5.55 50.07 -10.79
C GLY E 137 -4.83 49.64 -9.53
N ILE E 138 -3.50 49.81 -9.56
CA ILE E 138 -2.67 49.43 -8.41
C ILE E 138 -2.59 50.52 -7.37
N LEU E 139 -3.11 51.71 -7.65
CA LEU E 139 -3.06 52.82 -6.69
C LEU E 139 -4.41 52.94 -5.99
N PRO E 140 -5.49 52.40 -6.56
CA PRO E 140 -6.80 52.51 -5.91
C PRO E 140 -7.21 51.22 -5.21
N ARG E 141 -6.22 50.40 -4.84
CA ARG E 141 -6.46 49.14 -4.16
C ARG E 141 -5.71 49.11 -2.84
N ARG E 142 -6.31 48.46 -1.85
CA ARG E 142 -5.73 48.32 -0.52
C ARG E 142 -5.59 46.84 -0.16
N SER E 143 -5.10 46.59 1.05
CA SER E 143 -4.91 45.22 1.52
C SER E 143 -6.24 44.64 1.98
N VAL E 144 -6.34 43.31 1.89
CA VAL E 144 -7.56 42.59 2.31
C VAL E 144 -7.50 42.47 3.83
N PHE E 145 -8.28 43.31 4.52
CA PHE E 145 -8.34 43.30 5.97
C PHE E 145 -9.67 42.85 6.53
N GLU E 146 -10.75 42.98 5.76
CA GLU E 146 -12.07 42.57 6.24
C GLU E 146 -12.23 41.06 6.12
N PRO E 147 -13.00 40.44 7.02
CA PRO E 147 -13.18 38.98 6.95
C PRO E 147 -14.53 38.60 6.37
N MET E 148 -14.55 37.61 5.49
CA MET E 148 -15.78 37.13 4.86
C MET E 148 -16.26 35.90 5.62
N GLN E 149 -17.36 36.05 6.36
CA GLN E 149 -17.92 34.95 7.13
C GLN E 149 -18.70 34.04 6.19
N THR E 150 -18.19 32.81 6.00
CA THR E 150 -18.85 31.84 5.14
C THR E 150 -19.79 30.91 5.89
N GLY E 151 -19.55 30.69 7.18
CA GLY E 151 -20.36 29.84 8.01
C GLY E 151 -19.80 28.46 8.22
N LEU E 152 -18.95 27.98 7.32
CA LEU E 152 -18.36 26.66 7.44
C LEU E 152 -17.19 26.69 8.42
N LYS E 153 -17.05 25.62 9.19
CA LYS E 153 -15.97 25.54 10.17
C LYS E 153 -14.63 25.24 9.52
N ALA E 154 -14.64 24.54 8.38
CA ALA E 154 -13.41 24.19 7.67
C ALA E 154 -13.00 25.24 6.64
N VAL E 155 -13.80 26.28 6.46
CA VAL E 155 -13.49 27.33 5.48
C VAL E 155 -13.05 28.58 6.23
N ASP E 156 -13.59 28.78 7.44
CA ASP E 156 -13.25 29.95 8.24
C ASP E 156 -11.94 29.78 9.01
N ALA E 157 -11.41 28.56 9.10
CA ALA E 157 -10.17 28.29 9.82
C ALA E 157 -9.00 27.98 8.91
N LEU E 158 -9.23 27.26 7.81
CA LEU E 158 -8.17 26.92 6.88
C LEU E 158 -7.96 28.03 5.86
N VAL E 159 -8.63 27.90 4.71
CA VAL E 159 -8.53 28.90 3.65
C VAL E 159 -9.53 30.01 3.91
N PRO E 160 -9.22 30.97 4.78
CA PRO E 160 -10.18 32.06 5.06
C PRO E 160 -10.12 33.12 3.97
N ILE E 161 -11.26 33.36 3.33
CA ILE E 161 -11.36 34.34 2.27
C ILE E 161 -11.71 35.70 2.88
N GLY E 162 -11.31 36.77 2.19
CA GLY E 162 -11.57 38.12 2.63
C GLY E 162 -12.29 38.94 1.57
N ARG E 163 -12.61 40.18 1.96
CA ARG E 163 -13.30 41.09 1.07
C ARG E 163 -12.33 41.68 0.06
N GLY E 164 -12.59 41.47 -1.22
CA GLY E 164 -11.74 41.95 -2.29
C GLY E 164 -10.91 40.90 -2.97
N GLN E 165 -10.90 39.67 -2.46
CA GLN E 165 -10.12 38.59 -3.05
C GLN E 165 -11.00 37.75 -3.97
N ARG E 166 -10.34 36.84 -4.70
CA ARG E 166 -11.01 35.94 -5.64
C ARG E 166 -10.73 34.51 -5.21
N GLU E 167 -11.76 33.83 -4.70
CA GLU E 167 -11.65 32.45 -4.25
C GLU E 167 -12.35 31.55 -5.25
N LEU E 168 -11.59 30.64 -5.85
CA LEU E 168 -12.14 29.72 -6.84
C LEU E 168 -12.76 28.51 -6.15
N ILE E 169 -13.82 27.98 -6.75
CA ILE E 169 -14.53 26.82 -6.21
C ILE E 169 -14.39 25.66 -7.19
N ILE E 170 -13.20 25.07 -7.26
CA ILE E 170 -12.97 23.95 -8.16
C ILE E 170 -13.60 22.68 -7.58
N GLY E 171 -13.84 21.73 -8.47
CA GLY E 171 -14.45 20.47 -8.06
C GLY E 171 -14.96 19.71 -9.25
N ASP E 172 -15.36 18.47 -8.99
CA ASP E 172 -15.87 17.58 -10.02
C ASP E 172 -17.40 17.72 -10.08
N ARG E 173 -18.08 16.72 -10.62
CA ARG E 173 -19.54 16.76 -10.74
C ARG E 173 -20.15 16.26 -9.44
N GLN E 174 -20.98 17.11 -8.82
CA GLN E 174 -21.67 16.80 -7.56
C GLN E 174 -20.66 16.42 -6.47
N THR E 175 -19.93 17.45 -6.03
CA THR E 175 -18.93 17.24 -4.99
C THR E 175 -18.80 18.42 -4.04
N GLY E 176 -19.68 19.41 -4.09
CA GLY E 176 -19.60 20.55 -3.20
C GLY E 176 -19.22 21.84 -3.90
N LYS E 177 -19.65 21.97 -5.15
CA LYS E 177 -19.34 23.17 -5.94
C LYS E 177 -20.26 24.33 -5.57
N THR E 178 -21.55 24.22 -5.88
CA THR E 178 -22.51 25.26 -5.57
C THR E 178 -22.95 25.24 -4.11
N ALA E 179 -22.57 24.21 -3.34
CA ALA E 179 -22.96 24.16 -1.94
C ALA E 179 -22.16 25.13 -1.08
N VAL E 180 -20.92 25.44 -1.47
CA VAL E 180 -20.12 26.37 -0.70
C VAL E 180 -20.52 27.81 -0.97
N ALA E 181 -21.01 28.10 -2.18
CA ALA E 181 -21.42 29.46 -2.50
C ALA E 181 -22.79 29.80 -1.94
N LEU E 182 -23.68 28.81 -1.82
CA LEU E 182 -25.01 29.07 -1.27
C LEU E 182 -25.00 29.23 0.23
N ASP E 183 -24.08 28.53 0.93
CA ASP E 183 -24.02 28.65 2.38
C ASP E 183 -23.36 29.96 2.82
N THR E 184 -22.48 30.52 1.99
CA THR E 184 -21.82 31.77 2.36
C THR E 184 -22.75 32.98 2.18
N ILE E 185 -23.65 32.93 1.21
CA ILE E 185 -24.56 34.05 0.99
C ILE E 185 -25.68 34.04 2.02
N LEU E 186 -26.09 32.86 2.48
CA LEU E 186 -27.17 32.77 3.47
C LEU E 186 -26.69 33.02 4.89
N ASN E 187 -25.38 33.02 5.12
CA ASN E 187 -24.82 33.26 6.45
C ASN E 187 -24.65 34.74 6.76
N GLN E 188 -24.97 35.62 5.83
CA GLN E 188 -24.83 37.06 6.03
C GLN E 188 -26.11 37.70 6.57
N LYS E 189 -27.03 36.91 7.10
CA LYS E 189 -28.28 37.46 7.62
C LYS E 189 -28.09 38.15 8.97
N ARG E 190 -27.02 37.82 9.70
CA ARG E 190 -26.77 38.44 10.99
C ARG E 190 -26.20 39.84 10.88
N TRP E 191 -25.65 40.21 9.72
CA TRP E 191 -25.08 41.53 9.50
C TRP E 191 -25.90 42.41 8.57
N ASN E 192 -26.64 41.81 7.64
CA ASN E 192 -27.46 42.59 6.71
C ASN E 192 -28.77 43.04 7.32
N ASP E 193 -29.25 42.36 8.36
CA ASP E 193 -30.51 42.73 9.00
C ASP E 193 -30.35 43.83 10.04
N GLY E 194 -29.12 44.20 10.38
CA GLY E 194 -28.87 45.24 11.35
C GLY E 194 -28.83 46.62 10.74
N ASN E 195 -27.93 47.46 11.28
CA ASN E 195 -27.76 48.82 10.80
C ASN E 195 -26.37 49.14 10.31
N ASP E 196 -25.41 48.23 10.48
CA ASP E 196 -24.04 48.47 10.04
C ASP E 196 -23.94 48.20 8.55
N GLU E 197 -23.70 49.26 7.78
CA GLU E 197 -23.59 49.12 6.33
C GLU E 197 -22.24 48.56 5.89
N SER E 198 -21.21 48.70 6.71
CA SER E 198 -19.89 48.18 6.36
C SER E 198 -19.76 46.69 6.61
N LYS E 199 -20.63 46.10 7.44
CA LYS E 199 -20.58 44.68 7.72
C LYS E 199 -21.45 43.85 6.79
N LYS E 200 -22.40 44.46 6.10
CA LYS E 200 -23.27 43.73 5.18
C LYS E 200 -22.55 43.44 3.88
N LEU E 201 -23.01 42.40 3.19
CA LEU E 201 -22.44 41.98 1.91
C LEU E 201 -23.58 41.50 1.02
N TYR E 202 -23.85 42.25 -0.06
CA TYR E 202 -24.91 41.90 -0.98
C TYR E 202 -24.42 40.80 -1.92
N CYS E 203 -25.17 39.71 -1.99
CA CYS E 203 -24.80 38.59 -2.85
C CYS E 203 -25.17 38.90 -4.30
N VAL E 204 -24.54 38.16 -5.21
CA VAL E 204 -24.77 38.33 -6.64
C VAL E 204 -24.59 36.98 -7.34
N TYR E 205 -25.59 36.12 -7.25
CA TYR E 205 -25.53 34.81 -7.87
C TYR E 205 -25.80 34.94 -9.37
N VAL E 206 -24.81 34.55 -10.18
CA VAL E 206 -24.94 34.62 -11.63
C VAL E 206 -25.00 33.21 -12.20
N ALA E 207 -26.22 32.67 -12.33
CA ALA E 207 -26.41 31.33 -12.85
C ALA E 207 -26.24 31.35 -14.37
N VAL E 208 -25.15 30.78 -14.85
CA VAL E 208 -24.84 30.71 -16.27
C VAL E 208 -24.60 29.27 -16.65
N GLY E 209 -25.29 28.81 -17.70
CA GLY E 209 -25.16 27.45 -18.18
C GLY E 209 -26.10 26.46 -17.53
N GLN E 210 -26.81 26.84 -16.47
CA GLN E 210 -27.74 25.94 -15.81
C GLN E 210 -29.05 25.86 -16.58
N LYS E 211 -29.89 24.90 -16.17
CA LYS E 211 -31.18 24.70 -16.81
C LYS E 211 -32.22 25.61 -16.19
N ARG E 212 -33.47 25.49 -16.66
CA ARG E 212 -34.55 26.32 -16.14
C ARG E 212 -35.03 25.84 -14.78
N SER E 213 -34.94 24.53 -14.51
CA SER E 213 -35.38 24.01 -13.22
C SER E 213 -34.38 24.27 -12.11
N THR E 214 -33.10 24.45 -12.45
CA THR E 214 -32.08 24.70 -11.45
C THR E 214 -32.12 26.15 -10.94
N VAL E 215 -32.54 27.09 -11.79
CA VAL E 215 -32.60 28.49 -11.37
C VAL E 215 -33.83 28.75 -10.50
N ALA E 216 -34.91 28.00 -10.72
CA ALA E 216 -36.13 28.21 -9.94
C ALA E 216 -36.02 27.57 -8.56
N GLN E 217 -35.24 26.50 -8.42
CA GLN E 217 -35.11 25.84 -7.13
C GLN E 217 -34.17 26.60 -6.19
N LEU E 218 -33.17 27.29 -6.75
CA LEU E 218 -32.23 28.04 -5.91
C LEU E 218 -32.83 29.36 -5.42
N VAL E 219 -33.74 29.95 -6.19
CA VAL E 219 -34.35 31.21 -5.78
C VAL E 219 -35.46 30.97 -4.75
N GLN E 220 -36.07 29.79 -4.75
CA GLN E 220 -37.13 29.50 -3.78
C GLN E 220 -36.58 29.16 -2.41
N THR E 221 -35.36 28.62 -2.34
CA THR E 221 -34.76 28.28 -1.05
C THR E 221 -34.22 29.49 -0.32
N LEU E 222 -33.78 30.51 -1.06
CA LEU E 222 -33.25 31.72 -0.42
C LEU E 222 -34.35 32.64 0.08
N GLU E 223 -35.55 32.56 -0.52
CA GLU E 223 -36.65 33.41 -0.09
C GLU E 223 -37.30 32.91 1.18
N GLN E 224 -37.21 31.61 1.47
CA GLN E 224 -37.80 31.05 2.67
C GLN E 224 -36.97 31.32 3.92
N ASN E 225 -35.68 31.63 3.76
CA ASN E 225 -34.80 31.91 4.89
C ASN E 225 -34.43 33.38 4.99
N ASP E 226 -35.18 34.25 4.31
CA ASP E 226 -34.95 35.70 4.31
C ASP E 226 -33.53 36.02 3.84
N ALA E 227 -33.25 35.65 2.58
CA ALA E 227 -31.96 35.88 1.98
C ALA E 227 -32.03 36.37 0.54
N MET E 228 -33.23 36.57 -0.01
CA MET E 228 -33.40 37.03 -1.38
C MET E 228 -33.72 38.51 -1.47
N LYS E 229 -33.84 39.20 -0.32
CA LYS E 229 -34.14 40.63 -0.33
C LYS E 229 -32.92 41.49 -0.67
N TYR E 230 -31.72 40.97 -0.44
CA TYR E 230 -30.48 41.70 -0.72
C TYR E 230 -29.51 40.80 -1.47
N SER E 231 -29.98 40.20 -2.55
CA SER E 231 -29.16 39.30 -3.37
C SER E 231 -29.62 39.39 -4.81
N ILE E 232 -28.71 39.78 -5.71
CA ILE E 232 -29.03 39.89 -7.12
C ILE E 232 -28.96 38.52 -7.78
N VAL E 233 -29.90 38.25 -8.67
CA VAL E 233 -29.98 36.97 -9.39
C VAL E 233 -29.90 37.27 -10.88
N VAL E 234 -28.84 36.78 -11.52
CA VAL E 234 -28.63 36.98 -12.95
C VAL E 234 -29.01 35.67 -13.64
N ALA E 235 -30.23 35.61 -14.18
CA ALA E 235 -30.71 34.42 -14.86
C ALA E 235 -30.13 34.35 -16.27
N ALA E 236 -29.43 33.25 -16.57
CA ALA E 236 -28.83 33.04 -17.89
C ALA E 236 -28.80 31.54 -18.16
N THR E 237 -29.90 31.02 -18.67
CA THR E 237 -30.01 29.60 -18.98
C THR E 237 -29.30 29.28 -20.29
N ALA E 238 -29.16 27.99 -20.57
CA ALA E 238 -28.50 27.51 -21.78
C ALA E 238 -29.44 27.43 -22.98
N SER E 239 -30.73 27.73 -22.79
CA SER E 239 -31.69 27.68 -23.88
C SER E 239 -31.73 28.95 -24.71
N GLU E 240 -30.95 29.97 -24.35
CA GLU E 240 -30.93 31.22 -25.09
C GLU E 240 -29.79 31.18 -26.11
N ALA E 241 -29.36 32.35 -26.59
CA ALA E 241 -28.29 32.41 -27.57
C ALA E 241 -26.93 32.34 -26.87
N ALA E 242 -25.88 32.30 -27.68
CA ALA E 242 -24.51 32.23 -27.18
C ALA E 242 -24.05 33.61 -26.73
N PRO E 243 -24.67 34.68 -27.25
CA PRO E 243 -24.25 36.03 -26.83
C PRO E 243 -24.78 36.41 -25.47
N LEU E 244 -25.90 35.81 -25.07
CA LEU E 244 -26.49 36.11 -23.77
C LEU E 244 -25.77 35.37 -22.64
N GLN E 245 -25.28 34.17 -22.92
CA GLN E 245 -24.58 33.40 -21.89
C GLN E 245 -23.13 33.85 -21.72
N TYR E 246 -22.50 34.32 -22.80
CA TYR E 246 -21.11 34.77 -22.71
C TYR E 246 -20.99 36.13 -22.04
N LEU E 247 -22.01 36.98 -22.17
CA LEU E 247 -22.02 38.30 -21.57
C LEU E 247 -22.63 38.32 -20.18
N ALA E 248 -22.92 37.16 -19.61
CA ALA E 248 -23.51 37.08 -18.28
C ALA E 248 -22.48 37.42 -17.22
N PRO E 249 -21.20 37.15 -17.48
CA PRO E 249 -20.16 37.49 -16.49
C PRO E 249 -19.85 38.98 -16.46
N PHE E 250 -20.00 39.63 -17.62
CA PHE E 250 -19.74 41.07 -17.70
C PHE E 250 -20.92 41.89 -17.22
N THR E 251 -22.14 41.38 -17.39
CA THR E 251 -23.33 42.12 -16.95
C THR E 251 -23.54 42.01 -15.45
N ALA E 252 -23.15 40.88 -14.84
CA ALA E 252 -23.33 40.73 -13.40
C ALA E 252 -22.26 41.48 -12.62
N CYS E 253 -21.09 41.71 -13.21
CA CYS E 253 -20.03 42.44 -12.54
C CYS E 253 -20.26 43.95 -12.54
N ALA E 254 -21.01 44.44 -13.52
CA ALA E 254 -21.28 45.88 -13.59
C ALA E 254 -22.36 46.31 -12.60
N ILE E 255 -23.33 45.44 -12.33
CA ILE E 255 -24.38 45.80 -11.39
C ILE E 255 -23.89 45.69 -9.95
N ALA E 256 -22.99 44.74 -9.66
CA ALA E 256 -22.47 44.59 -8.31
C ALA E 256 -21.36 45.60 -7.99
N GLU E 257 -20.82 46.28 -9.00
CA GLU E 257 -19.76 47.26 -8.77
C GLU E 257 -20.29 48.59 -8.27
N TRP E 258 -21.61 48.81 -8.29
CA TRP E 258 -22.16 50.07 -7.79
C TRP E 258 -22.13 50.14 -6.27
N PHE E 259 -22.20 49.00 -5.59
CA PHE E 259 -22.17 48.99 -4.14
C PHE E 259 -20.76 49.18 -3.60
N ARG E 260 -19.75 48.67 -4.30
CA ARG E 260 -18.37 48.81 -3.85
C ARG E 260 -17.83 50.22 -4.06
N ASP E 261 -18.39 50.95 -5.04
CA ASP E 261 -17.95 52.31 -5.34
C ASP E 261 -18.66 53.36 -4.49
N ASN E 262 -19.62 52.96 -3.65
CA ASN E 262 -20.35 53.89 -2.81
C ASN E 262 -19.98 53.79 -1.33
N GLY E 263 -19.73 52.58 -0.83
CA GLY E 263 -19.38 52.40 0.57
C GLY E 263 -19.89 51.11 1.16
N LYS E 264 -20.35 50.20 0.30
CA LYS E 264 -20.87 48.91 0.71
C LYS E 264 -19.98 47.79 0.14
N HIS E 265 -20.33 46.56 0.49
CA HIS E 265 -19.61 45.38 0.05
C HIS E 265 -20.50 44.52 -0.82
N ALA E 266 -19.88 43.79 -1.76
CA ALA E 266 -20.59 42.92 -2.67
C ALA E 266 -19.89 41.57 -2.74
N LEU E 267 -20.59 40.58 -3.29
CA LEU E 267 -20.05 39.23 -3.42
C LEU E 267 -20.69 38.59 -4.64
N ILE E 268 -19.89 38.40 -5.70
CA ILE E 268 -20.36 37.80 -6.94
C ILE E 268 -20.01 36.32 -6.93
N VAL E 269 -20.92 35.50 -7.46
CA VAL E 269 -20.75 34.05 -7.52
C VAL E 269 -21.02 33.64 -8.96
N TYR E 270 -19.97 33.55 -9.77
CA TYR E 270 -20.09 33.17 -11.17
C TYR E 270 -20.19 31.65 -11.26
N ASP E 271 -21.42 31.14 -11.36
CA ASP E 271 -21.68 29.72 -11.45
C ASP E 271 -22.25 29.42 -12.84
N ASP E 272 -21.44 28.79 -13.69
CA ASP E 272 -20.09 28.40 -13.32
C ASP E 272 -19.07 29.00 -14.29
N LEU E 273 -17.79 28.86 -13.95
CA LEU E 273 -16.74 29.39 -14.80
C LEU E 273 -16.53 28.53 -16.04
N SER E 274 -16.88 27.25 -15.98
CA SER E 274 -16.71 26.37 -17.12
C SER E 274 -17.78 26.61 -18.18
N LYS E 275 -18.98 27.04 -17.76
CA LYS E 275 -20.04 27.31 -18.72
C LYS E 275 -19.85 28.62 -19.45
N GLN E 276 -19.11 29.57 -18.85
CA GLN E 276 -18.89 30.86 -19.50
C GLN E 276 -17.84 30.76 -20.60
N ALA E 277 -16.91 29.82 -20.49
CA ALA E 277 -15.87 29.66 -21.50
C ALA E 277 -16.41 28.97 -22.75
N VAL E 278 -17.45 28.14 -22.62
CA VAL E 278 -17.99 27.46 -23.78
C VAL E 278 -18.88 28.39 -24.60
N ALA E 279 -19.48 29.40 -23.96
CA ALA E 279 -20.33 30.34 -24.69
C ALA E 279 -19.52 31.35 -25.49
N TYR E 280 -18.32 31.71 -25.01
CA TYR E 280 -17.50 32.66 -25.75
C TYR E 280 -16.84 32.03 -26.96
N ARG E 281 -16.52 30.73 -26.89
CA ARG E 281 -15.90 30.05 -28.01
C ARG E 281 -16.90 29.68 -29.11
N GLN E 282 -18.19 29.64 -28.79
CA GLN E 282 -19.19 29.32 -29.80
C GLN E 282 -19.45 30.48 -30.74
N LEU E 283 -19.46 31.72 -30.21
CA LEU E 283 -19.70 32.88 -31.04
C LEU E 283 -18.47 33.25 -31.87
N SER E 284 -17.27 32.92 -31.38
CA SER E 284 -16.05 33.24 -32.12
C SER E 284 -15.80 32.24 -33.25
N LEU E 285 -16.28 31.01 -33.12
CA LEU E 285 -16.06 30.02 -34.17
C LEU E 285 -16.99 30.26 -35.36
N LEU E 286 -18.15 30.89 -35.13
CA LEU E 286 -19.10 31.16 -36.20
C LEU E 286 -18.84 32.50 -36.89
N LEU E 287 -17.94 33.32 -36.37
CA LEU E 287 -17.62 34.63 -36.95
C LEU E 287 -16.38 34.59 -37.82
N ARG E 288 -15.99 33.40 -38.31
CA ARG E 288 -14.82 33.22 -39.16
C ARG E 288 -13.56 33.75 -38.48
N ARG E 289 -13.12 33.00 -37.46
CA ARG E 289 -11.94 33.34 -36.69
C ARG E 289 -11.09 32.10 -36.46
N PRO E 290 -9.79 32.26 -36.28
CA PRO E 290 -8.91 31.11 -36.06
C PRO E 290 -9.01 30.62 -34.63
N PRO E 291 -8.94 29.31 -34.40
CA PRO E 291 -9.03 28.79 -33.03
C PRO E 291 -7.67 28.55 -32.41
N GLY E 292 -7.64 28.02 -31.19
CA GLY E 292 -6.39 27.74 -30.52
C GLY E 292 -6.36 26.39 -29.83
N ARG E 293 -6.12 26.38 -28.52
CA ARG E 293 -6.07 25.14 -27.76
C ARG E 293 -7.45 24.80 -27.21
N GLU E 294 -7.80 23.51 -27.28
CA GLU E 294 -9.08 23.00 -26.80
C GLU E 294 -10.27 23.69 -27.47
N ALA E 295 -10.11 24.03 -28.75
CA ALA E 295 -11.16 24.69 -29.54
C ALA E 295 -11.61 25.99 -28.88
N TYR E 296 -10.65 26.87 -28.62
CA TYR E 296 -10.89 28.16 -28.00
C TYR E 296 -10.23 29.26 -28.82
N PRO E 297 -10.60 30.52 -28.57
CA PRO E 297 -10.02 31.63 -29.32
C PRO E 297 -8.67 32.04 -28.72
N GLY E 298 -8.08 33.08 -29.29
CA GLY E 298 -6.80 33.56 -28.80
C GLY E 298 -6.90 34.29 -27.48
N ASP E 299 -8.03 34.92 -27.21
CA ASP E 299 -8.25 35.66 -25.96
C ASP E 299 -8.97 34.80 -24.94
N VAL E 300 -8.48 33.58 -24.73
CA VAL E 300 -9.11 32.68 -23.77
C VAL E 300 -8.68 33.04 -22.35
N PHE E 301 -7.40 33.34 -22.15
CA PHE E 301 -6.92 33.70 -20.82
C PHE E 301 -7.26 35.14 -20.46
N TYR E 302 -7.46 36.01 -21.46
CA TYR E 302 -7.78 37.40 -21.19
C TYR E 302 -9.27 37.61 -20.94
N LEU E 303 -10.12 36.66 -21.32
CA LEU E 303 -11.55 36.81 -21.09
C LEU E 303 -11.94 36.56 -19.63
N HIS E 304 -11.25 35.64 -18.96
CA HIS E 304 -11.55 35.34 -17.57
C HIS E 304 -10.75 36.19 -16.59
N SER E 305 -9.59 36.71 -17.00
CA SER E 305 -8.79 37.54 -16.11
C SER E 305 -9.29 38.97 -16.05
N ARG E 306 -9.99 39.44 -17.09
CA ARG E 306 -10.49 40.80 -17.09
C ARG E 306 -11.73 40.95 -16.21
N LEU E 307 -12.58 39.92 -16.13
CA LEU E 307 -13.78 39.99 -15.31
C LEU E 307 -13.51 39.67 -13.84
N LEU E 308 -12.39 39.01 -13.54
CA LEU E 308 -12.06 38.67 -12.17
C LEU E 308 -11.20 39.72 -11.48
N GLU E 309 -10.51 40.56 -12.24
CA GLU E 309 -9.66 41.60 -11.66
C GLU E 309 -10.44 42.82 -11.21
N ARG E 310 -11.69 42.97 -11.64
CA ARG E 310 -12.50 44.12 -11.25
C ARG E 310 -13.03 43.99 -9.82
N ALA E 311 -13.11 42.78 -9.28
CA ALA E 311 -13.62 42.56 -7.92
C ALA E 311 -12.44 42.64 -6.96
N ALA E 312 -12.10 43.86 -6.55
CA ALA E 312 -11.01 44.11 -5.63
C ALA E 312 -11.50 45.00 -4.49
N LYS E 313 -10.63 45.18 -3.50
CA LYS E 313 -10.93 46.00 -2.33
C LYS E 313 -10.36 47.40 -2.54
N MET E 314 -11.22 48.40 -2.51
CA MET E 314 -10.78 49.78 -2.69
C MET E 314 -10.17 50.33 -1.40
N SER E 315 -9.52 51.47 -1.53
CA SER E 315 -8.87 52.13 -0.40
C SER E 315 -9.86 53.06 0.29
N ASP E 316 -9.38 53.84 1.26
CA ASP E 316 -10.24 54.78 1.98
C ASP E 316 -10.57 56.02 1.16
N ALA E 317 -9.75 56.35 0.16
CA ALA E 317 -10.00 57.53 -0.66
C ALA E 317 -11.01 57.28 -1.76
N ASN E 318 -11.34 56.02 -2.05
CA ASN E 318 -12.30 55.69 -3.09
C ASN E 318 -13.69 55.38 -2.54
N GLY E 319 -13.82 55.15 -1.24
CA GLY E 319 -15.11 54.86 -0.64
C GLY E 319 -15.03 53.80 0.44
N GLY E 320 -14.06 52.92 0.36
CA GLY E 320 -13.90 51.86 1.33
C GLY E 320 -14.67 50.60 1.05
N GLY E 321 -15.11 50.38 -0.18
CA GLY E 321 -15.86 49.19 -0.52
C GLY E 321 -14.99 48.09 -1.11
N SER E 322 -15.60 46.91 -1.26
CA SER E 322 -14.90 45.76 -1.81
C SER E 322 -15.90 44.89 -2.57
N LEU E 323 -15.38 43.93 -3.30
CA LEU E 323 -16.21 43.01 -4.08
C LEU E 323 -15.52 41.65 -4.13
N THR E 324 -16.28 40.60 -3.81
CA THR E 324 -15.78 39.24 -3.82
C THR E 324 -16.25 38.50 -5.07
N ALA E 325 -15.38 37.66 -5.61
CA ALA E 325 -15.67 36.89 -6.81
C ALA E 325 -15.53 35.41 -6.47
N LEU E 326 -16.63 34.67 -6.56
CA LEU E 326 -16.64 33.25 -6.26
C LEU E 326 -16.90 32.44 -7.53
N PRO E 327 -15.89 32.26 -8.39
CA PRO E 327 -16.11 31.49 -9.62
C PRO E 327 -15.93 30.00 -9.37
N VAL E 328 -16.90 29.21 -9.82
CA VAL E 328 -16.88 27.76 -9.67
C VAL E 328 -16.34 27.16 -10.95
N ILE E 329 -15.22 26.44 -10.85
CA ILE E 329 -14.58 25.80 -11.99
C ILE E 329 -14.99 24.34 -11.98
N GLU E 330 -15.84 23.95 -12.95
CA GLU E 330 -16.31 22.58 -13.06
C GLU E 330 -15.27 21.77 -13.82
N THR E 331 -14.54 20.93 -13.10
CA THR E 331 -13.51 20.11 -13.71
C THR E 331 -14.12 18.84 -14.32
N GLN E 332 -13.30 18.11 -15.06
CA GLN E 332 -13.75 16.89 -15.71
C GLN E 332 -13.77 15.73 -14.72
N GLY E 333 -12.63 15.06 -14.54
CA GLY E 333 -12.53 13.95 -13.62
C GLY E 333 -11.50 14.15 -12.54
N GLY E 334 -11.55 15.30 -11.87
CA GLY E 334 -10.61 15.61 -10.80
C GLY E 334 -9.28 16.18 -11.27
N ASP E 335 -9.10 16.40 -12.56
CA ASP E 335 -7.86 16.95 -13.09
C ASP E 335 -7.88 18.47 -12.94
N VAL E 336 -7.07 18.99 -12.01
CA VAL E 336 -7.01 20.43 -11.79
C VAL E 336 -6.01 21.13 -12.69
N SER E 337 -5.31 20.39 -13.55
CA SER E 337 -4.33 20.99 -14.45
C SER E 337 -4.76 20.85 -15.90
N ALA E 338 -5.97 21.30 -16.22
CA ALA E 338 -6.50 21.21 -17.58
C ALA E 338 -6.26 22.50 -18.34
N TYR E 339 -7.15 22.83 -19.27
CA TYR E 339 -7.02 24.03 -20.07
C TYR E 339 -7.73 25.22 -19.42
N ILE E 340 -9.01 25.06 -19.09
CA ILE E 340 -9.78 26.13 -18.46
C ILE E 340 -9.58 26.07 -16.94
N PRO E 341 -9.09 24.96 -16.41
CA PRO E 341 -8.88 24.88 -14.95
C PRO E 341 -7.61 25.59 -14.50
N THR E 342 -6.56 25.50 -15.32
CA THR E 342 -5.30 26.14 -14.98
C THR E 342 -5.32 27.65 -15.18
N ASN E 343 -6.17 28.16 -16.07
CA ASN E 343 -6.24 29.60 -16.29
C ASN E 343 -6.99 30.32 -15.18
N VAL E 344 -8.00 29.69 -14.59
CA VAL E 344 -8.76 30.33 -13.52
C VAL E 344 -8.06 30.22 -12.17
N ILE E 345 -7.23 29.19 -11.97
CA ILE E 345 -6.55 29.03 -10.70
C ILE E 345 -5.34 29.95 -10.61
N SER E 346 -4.68 30.24 -11.74
CA SER E 346 -3.51 31.11 -11.73
C SER E 346 -3.88 32.59 -11.61
N ILE E 347 -5.08 32.98 -12.03
CA ILE E 347 -5.49 34.37 -11.94
C ILE E 347 -6.15 34.72 -10.61
N THR E 348 -6.68 33.73 -9.90
CA THR E 348 -7.32 33.96 -8.61
C THR E 348 -6.32 33.84 -7.48
N ASP E 349 -6.67 34.42 -6.34
CA ASP E 349 -5.83 34.39 -5.14
C ASP E 349 -6.33 33.33 -4.17
N GLY E 350 -6.38 32.10 -4.65
CA GLY E 350 -6.84 30.97 -3.85
C GLY E 350 -7.87 30.15 -4.59
N GLN E 351 -7.94 28.86 -4.24
CA GLN E 351 -8.89 27.95 -4.85
C GLN E 351 -9.28 26.88 -3.86
N ILE E 352 -10.57 26.56 -3.81
CA ILE E 352 -11.11 25.55 -2.90
C ILE E 352 -11.38 24.30 -3.71
N PHE E 353 -10.60 23.25 -3.48
CA PHE E 353 -10.78 21.99 -4.19
C PHE E 353 -11.84 21.14 -3.52
N LEU E 354 -12.53 20.35 -4.35
CA LEU E 354 -13.60 19.46 -3.87
C LEU E 354 -13.48 18.13 -4.60
N GLU E 355 -13.11 17.09 -3.87
CA GLU E 355 -12.95 15.75 -4.44
C GLU E 355 -14.22 14.94 -4.24
N ALA E 356 -14.45 13.99 -5.15
CA ALA E 356 -15.62 13.13 -5.08
C ALA E 356 -15.43 11.93 -4.16
N GLU E 357 -14.20 11.66 -3.71
CA GLU E 357 -13.96 10.52 -2.83
C GLU E 357 -14.21 10.87 -1.37
N LEU E 358 -13.95 12.11 -0.96
CA LEU E 358 -14.17 12.51 0.42
C LEU E 358 -15.62 12.83 0.73
N PHE E 359 -16.45 13.04 -0.31
CA PHE E 359 -17.86 13.34 -0.08
C PHE E 359 -18.66 12.10 0.29
N TYR E 360 -18.23 10.92 -0.17
CA TYR E 360 -18.92 9.68 0.12
C TYR E 360 -18.47 9.03 1.42
N LYS E 361 -17.42 9.57 2.06
CA LYS E 361 -16.92 9.00 3.31
C LYS E 361 -17.64 9.55 4.53
N GLY E 362 -17.93 10.85 4.54
CA GLY E 362 -18.61 11.46 5.68
C GLY E 362 -18.26 12.92 5.86
N ILE E 363 -17.33 13.43 5.06
CA ILE E 363 -16.90 14.80 5.13
C ILE E 363 -17.93 15.66 4.41
N ARG E 364 -18.64 16.50 5.16
CA ARG E 364 -19.66 17.38 4.60
C ARG E 364 -19.31 18.83 4.91
N PRO E 365 -18.82 19.61 3.93
CA PRO E 365 -18.58 19.14 2.57
C PRO E 365 -17.16 18.63 2.36
N ALA E 366 -16.90 18.05 1.19
CA ALA E 366 -15.58 17.52 0.86
C ALA E 366 -14.64 18.68 0.52
N ILE E 367 -13.80 19.06 1.46
CA ILE E 367 -12.83 20.14 1.29
C ILE E 367 -11.47 19.63 1.70
N ASN E 368 -10.58 19.44 0.72
CA ASN E 368 -9.24 18.94 0.99
C ASN E 368 -8.39 20.07 1.58
N VAL E 369 -7.83 19.84 2.77
CA VAL E 369 -7.00 20.85 3.41
C VAL E 369 -5.62 20.90 2.77
N GLY E 370 -5.16 19.80 2.19
CA GLY E 370 -3.85 19.75 1.56
C GLY E 370 -3.79 20.30 0.16
N LEU E 371 -4.94 20.59 -0.45
CA LEU E 371 -5.00 21.11 -1.81
C LEU E 371 -5.55 22.53 -1.89
N SER E 372 -6.37 22.94 -0.92
CA SER E 372 -6.95 24.27 -0.91
C SER E 372 -6.13 25.18 0.00
N VAL E 373 -5.86 26.40 -0.47
CA VAL E 373 -5.08 27.37 0.29
C VAL E 373 -5.53 28.77 -0.12
N SER E 374 -5.27 29.73 0.77
CA SER E 374 -5.64 31.13 0.55
C SER E 374 -4.38 31.98 0.47
N ARG E 375 -4.37 32.92 -0.47
CA ARG E 375 -3.22 33.80 -0.64
C ARG E 375 -3.21 34.94 0.37
N VAL E 376 -4.35 35.25 0.99
CA VAL E 376 -4.40 36.33 1.97
C VAL E 376 -3.85 35.88 3.32
N GLY E 377 -4.05 34.61 3.67
CA GLY E 377 -3.57 34.10 4.94
C GLY E 377 -4.45 34.48 6.11
N SER E 378 -3.83 34.84 7.23
CA SER E 378 -4.55 35.23 8.43
C SER E 378 -4.74 36.74 8.53
N ALA E 379 -4.44 37.49 7.48
CA ALA E 379 -4.59 38.94 7.51
C ALA E 379 -6.03 39.38 7.32
N ALA E 380 -6.88 38.53 6.74
CA ALA E 380 -8.28 38.87 6.52
C ALA E 380 -9.20 37.97 7.35
N GLN E 381 -8.92 37.87 8.65
CA GLN E 381 -9.70 37.04 9.55
C GLN E 381 -9.82 37.75 10.89
N VAL E 382 -10.69 37.20 11.75
CA VAL E 382 -10.91 37.77 13.07
C VAL E 382 -9.77 37.35 13.99
N LYS E 383 -9.52 38.19 15.00
CA LYS E 383 -8.45 37.89 15.95
C LYS E 383 -8.82 36.77 16.91
N ALA E 384 -10.13 36.57 17.16
CA ALA E 384 -10.55 35.51 18.06
C ALA E 384 -10.41 34.14 17.42
N MET E 385 -10.71 34.04 16.13
CA MET E 385 -10.60 32.77 15.42
C MET E 385 -9.18 32.47 14.96
N LYS E 386 -8.31 33.48 14.93
CA LYS E 386 -6.93 33.24 14.50
C LYS E 386 -6.10 32.55 15.57
N GLN E 387 -6.51 32.64 16.85
CA GLN E 387 -5.75 31.99 17.91
C GLN E 387 -5.96 30.48 17.91
N VAL E 388 -7.15 30.01 17.54
CA VAL E 388 -7.42 28.58 17.50
C VAL E 388 -7.04 27.97 16.16
N ALA E 389 -6.99 28.77 15.09
CA ALA E 389 -6.62 28.25 13.78
C ALA E 389 -5.13 28.07 13.61
N GLY E 390 -4.31 28.66 14.50
CA GLY E 390 -2.87 28.50 14.37
C GLY E 390 -2.39 27.13 14.81
N SER E 391 -2.92 26.64 15.93
CA SER E 391 -2.53 25.32 16.43
C SER E 391 -3.19 24.18 15.67
N LEU E 392 -4.39 24.40 15.12
CA LEU E 392 -5.08 23.36 14.37
C LEU E 392 -4.49 23.13 12.98
N LYS E 393 -3.76 24.10 12.45
CA LYS E 393 -3.16 23.94 11.13
C LYS E 393 -1.98 22.98 11.17
N LEU E 394 -1.22 23.00 12.26
CA LEU E 394 -0.07 22.10 12.39
C LEU E 394 -0.49 20.67 12.72
N PHE E 395 -1.58 20.50 13.47
CA PHE E 395 -2.05 19.16 13.82
C PHE E 395 -2.76 18.49 12.65
N LEU E 396 -3.41 19.26 11.78
CA LEU E 396 -4.10 18.67 10.64
C LEU E 396 -3.13 18.27 9.53
N ALA E 397 -2.00 18.97 9.42
CA ALA E 397 -1.03 18.62 8.39
C ALA E 397 -0.19 17.40 8.77
N GLN E 398 0.09 17.21 10.06
CA GLN E 398 0.87 16.06 10.48
C GLN E 398 0.05 14.79 10.49
N TYR E 399 -1.26 14.88 10.73
CA TYR E 399 -2.12 13.71 10.75
C TYR E 399 -2.46 13.21 9.35
N ARG E 400 -2.34 14.06 8.33
CA ARG E 400 -2.65 13.63 6.98
C ARG E 400 -1.52 12.78 6.40
N GLU E 401 -0.28 13.11 6.72
CA GLU E 401 0.85 12.34 6.21
C GLU E 401 1.02 11.01 6.94
N VAL E 402 0.55 10.90 8.18
CA VAL E 402 0.65 9.68 8.96
C VAL E 402 -0.70 8.97 9.05
N ALA E 403 -1.61 9.24 8.10
CA ALA E 403 -2.93 8.61 8.10
C ALA E 403 -2.90 7.17 7.59
N ALA E 404 -1.79 6.73 6.99
CA ALA E 404 -1.70 5.38 6.48
C ALA E 404 -1.51 4.33 7.57
N PHE E 405 -1.15 4.76 8.78
CA PHE E 405 -0.95 3.85 9.90
C PHE E 405 -2.22 3.61 10.70
N ALA E 406 -3.37 4.06 10.21
CA ALA E 406 -4.62 3.86 10.93
C ALA E 406 -5.13 2.42 10.81
N GLN E 407 -4.71 1.68 9.78
CA GLN E 407 -5.16 0.31 9.62
C GLN E 407 -4.46 -0.65 10.58
N PHE E 408 -3.30 -0.27 11.10
CA PHE E 408 -2.55 -1.10 12.05
C PHE E 408 -2.52 -0.38 13.40
N GLY E 409 -3.64 -0.47 14.13
CA GLY E 409 -3.74 0.17 15.43
C GLY E 409 -3.06 -0.59 16.56
N SER E 410 -2.64 -1.83 16.31
CA SER E 410 -1.98 -2.64 17.32
C SER E 410 -0.48 -2.41 17.38
N ASP E 411 0.06 -1.54 16.53
CA ASP E 411 1.49 -1.24 16.51
C ASP E 411 1.75 0.26 16.65
N LEU E 412 0.85 0.97 17.30
CA LEU E 412 1.00 2.40 17.49
C LEU E 412 1.84 2.69 18.73
N ASP E 413 2.61 3.77 18.65
CA ASP E 413 3.47 4.20 19.74
C ASP E 413 2.76 5.27 20.56
N ALA E 414 3.52 6.03 21.36
CA ALA E 414 2.94 7.08 22.17
C ALA E 414 2.61 8.32 21.34
N SER E 415 3.53 8.73 20.47
CA SER E 415 3.30 9.89 19.63
C SER E 415 2.36 9.59 18.46
N THR E 416 2.29 8.33 18.04
CA THR E 416 1.42 7.96 16.93
C THR E 416 -0.04 7.87 17.37
N LYS E 417 -0.29 7.49 18.61
CA LYS E 417 -1.66 7.36 19.10
C LYS E 417 -2.28 8.71 19.42
N GLN E 418 -1.47 9.71 19.79
CA GLN E 418 -1.99 11.02 20.12
C GLN E 418 -2.36 11.81 18.86
N THR E 419 -1.62 11.63 17.77
CA THR E 419 -1.92 12.36 16.54
C THR E 419 -3.12 11.77 15.81
N LEU E 420 -3.36 10.46 15.94
CA LEU E 420 -4.49 9.84 15.27
C LEU E 420 -5.82 10.14 15.99
N SER E 421 -5.79 10.22 17.31
CA SER E 421 -7.02 10.52 18.05
C SER E 421 -7.41 11.98 17.93
N ARG E 422 -6.44 12.88 17.96
CA ARG E 422 -6.73 14.32 17.85
C ARG E 422 -7.05 14.72 16.42
N GLY E 423 -6.47 14.04 15.43
CA GLY E 423 -6.75 14.38 14.04
C GLY E 423 -8.11 13.91 13.57
N GLU E 424 -8.62 12.82 14.15
CA GLU E 424 -9.93 12.33 13.75
C GLU E 424 -11.05 13.15 14.35
N ARG E 425 -10.84 13.69 15.56
CA ARG E 425 -11.88 14.51 16.19
C ARG E 425 -11.93 15.91 15.61
N LEU E 426 -10.83 16.41 15.08
CA LEU E 426 -10.82 17.75 14.50
C LEU E 426 -11.45 17.78 13.12
N THR E 427 -11.36 16.67 12.37
CA THR E 427 -11.95 16.61 11.04
C THR E 427 -13.46 16.36 11.09
N GLN E 428 -13.93 15.63 12.09
CA GLN E 428 -15.36 15.35 12.22
C GLN E 428 -16.13 16.49 12.84
N LEU E 429 -15.47 17.35 13.63
CA LEU E 429 -16.17 18.46 14.26
C LEU E 429 -16.45 19.59 13.27
N LEU E 430 -15.64 19.70 12.21
CA LEU E 430 -15.84 20.75 11.21
C LEU E 430 -16.88 20.39 10.17
N LYS E 431 -17.38 19.15 10.17
CA LYS E 431 -18.38 18.73 9.20
C LYS E 431 -19.75 19.24 9.62
N GLN E 432 -20.34 20.10 8.79
CA GLN E 432 -21.66 20.67 9.07
C GLN E 432 -22.65 20.19 8.02
N LYS E 433 -23.94 20.32 8.36
CA LYS E 433 -25.00 19.90 7.46
C LYS E 433 -25.28 20.98 6.41
N GLN E 434 -26.21 20.67 5.52
CA GLN E 434 -26.58 21.60 4.46
C GLN E 434 -27.48 22.71 5.01
N TYR E 435 -27.18 23.94 4.61
CA TYR E 435 -27.95 25.12 5.05
C TYR E 435 -27.95 25.24 6.56
N SER E 436 -26.79 25.07 7.18
CA SER E 436 -26.63 25.15 8.63
C SER E 436 -25.32 25.85 8.95
N PRO E 437 -25.21 27.13 8.64
CA PRO E 437 -23.97 27.85 8.91
C PRO E 437 -23.89 28.33 10.36
N GLN E 438 -22.66 28.42 10.85
CA GLN E 438 -22.39 28.84 12.21
C GLN E 438 -21.74 30.23 12.21
N ALA E 439 -21.81 30.89 13.36
CA ALA E 439 -21.24 32.22 13.51
C ALA E 439 -19.78 32.13 13.95
N SER E 440 -19.17 33.28 14.18
CA SER E 440 -17.78 33.32 14.62
C SER E 440 -17.63 32.96 16.10
N GLU E 441 -18.67 33.18 16.90
CA GLU E 441 -18.60 32.86 18.32
C GLU E 441 -18.81 31.37 18.58
N GLU E 442 -19.63 30.71 17.77
CA GLU E 442 -19.87 29.28 17.96
C GLU E 442 -18.74 28.43 17.41
N GLN E 443 -18.02 28.92 16.40
CA GLN E 443 -16.92 28.16 15.81
C GLN E 443 -15.63 28.30 16.59
N VAL E 444 -15.50 29.35 17.41
CA VAL E 444 -14.29 29.57 18.21
C VAL E 444 -14.34 28.67 19.43
N PRO E 445 -15.53 28.34 19.95
CA PRO E 445 -15.60 27.47 21.14
C PRO E 445 -15.44 26.00 20.78
N VAL E 446 -15.83 25.63 19.56
CA VAL E 446 -15.71 24.24 19.14
C VAL E 446 -14.29 23.91 18.71
N ILE E 447 -13.56 24.88 18.17
CA ILE E 447 -12.19 24.63 17.74
C ILE E 447 -11.21 24.66 18.91
N TYR E 448 -11.54 25.33 20.01
CA TYR E 448 -10.65 25.37 21.16
C TYR E 448 -10.72 24.10 22.00
N ALA E 449 -11.85 23.39 21.96
CA ALA E 449 -11.99 22.17 22.73
C ALA E 449 -11.32 20.98 22.07
N GLY E 450 -11.07 21.03 20.77
CA GLY E 450 -10.43 19.93 20.07
C GLY E 450 -8.93 20.12 19.92
N VAL E 451 -8.47 21.36 19.97
CA VAL E 451 -7.05 21.64 19.84
C VAL E 451 -6.33 21.57 21.18
N ASN E 452 -7.04 21.81 22.29
CA ASN E 452 -6.40 21.75 23.60
C ASN E 452 -6.28 20.32 24.10
N GLY E 453 -7.33 19.52 23.93
CA GLY E 453 -7.31 18.14 24.38
C GLY E 453 -8.54 17.75 25.18
N PHE E 454 -9.59 18.57 25.09
CA PHE E 454 -10.83 18.31 25.81
C PHE E 454 -11.77 17.39 25.05
N LEU E 455 -11.46 17.05 23.80
CA LEU E 455 -12.30 16.17 23.00
C LEU E 455 -11.64 14.82 22.71
N ASP E 456 -10.46 14.56 23.28
CA ASP E 456 -9.78 13.29 23.03
C ASP E 456 -10.37 12.16 23.86
N ASN E 457 -11.01 12.48 24.99
CA ASN E 457 -11.60 11.45 25.84
C ASN E 457 -12.94 10.95 25.31
N ILE E 458 -13.59 11.70 24.43
CA ILE E 458 -14.88 11.30 23.87
C ILE E 458 -14.64 10.30 22.74
N PRO E 459 -15.65 9.56 22.32
CA PRO E 459 -15.48 8.58 21.23
C PRO E 459 -15.58 9.27 19.88
N ILE E 460 -15.34 8.48 18.82
CA ILE E 460 -15.41 9.00 17.47
C ILE E 460 -16.86 9.12 17.01
N GLU E 461 -17.73 8.21 17.46
CA GLU E 461 -19.13 8.24 17.07
C GLU E 461 -19.92 9.30 17.83
N ARG E 462 -19.41 9.78 18.96
CA ARG E 462 -20.08 10.79 19.77
C ARG E 462 -19.63 12.21 19.42
N ILE E 463 -18.99 12.41 18.28
CA ILE E 463 -18.52 13.72 17.86
C ILE E 463 -19.71 14.52 17.33
N PRO E 464 -20.74 13.87 16.80
CA PRO E 464 -21.89 14.62 16.28
C PRO E 464 -22.81 15.11 17.39
N GLU E 465 -22.93 14.31 18.46
CA GLU E 465 -23.79 14.69 19.57
C GLU E 465 -23.13 15.71 20.48
N PHE E 466 -21.79 15.75 20.50
CA PHE E 466 -21.08 16.70 21.35
C PHE E 466 -21.08 18.11 20.78
N GLU E 467 -21.29 18.26 19.48
CA GLU E 467 -21.29 19.60 18.88
C GLU E 467 -22.58 20.34 19.21
N GLU E 468 -23.70 19.64 19.29
CA GLU E 468 -24.97 20.28 19.60
C GLU E 468 -25.19 20.42 21.10
N GLN E 469 -24.54 19.58 21.91
CA GLN E 469 -24.70 19.66 23.36
C GLN E 469 -23.84 20.78 23.95
N PHE E 470 -22.65 21.01 23.40
CA PHE E 470 -21.78 22.05 23.91
C PHE E 470 -22.22 23.44 23.44
N ILE E 471 -22.88 23.52 22.28
CA ILE E 471 -23.32 24.82 21.79
C ILE E 471 -24.60 25.28 22.49
N ALA E 472 -25.46 24.33 22.88
CA ALA E 472 -26.69 24.70 23.58
C ALA E 472 -26.45 25.03 25.04
N TYR E 473 -25.48 24.38 25.67
CA TYR E 473 -25.20 24.64 27.08
C TYR E 473 -24.41 25.93 27.27
N LEU E 474 -23.67 26.37 26.24
CA LEU E 474 -22.90 27.60 26.34
C LEU E 474 -23.74 28.85 26.16
N LYS E 475 -24.95 28.72 25.61
CA LYS E 475 -25.83 29.86 25.40
C LYS E 475 -26.73 30.15 26.60
N ALA E 476 -26.79 29.25 27.58
CA ALA E 476 -27.62 29.45 28.75
C ALA E 476 -26.83 29.58 30.04
N ASN E 477 -25.65 28.96 30.14
CA ASN E 477 -24.82 29.04 31.34
C ASN E 477 -23.74 30.11 31.24
N GLU E 478 -22.95 30.09 30.16
CA GLU E 478 -21.90 31.08 29.98
C GLU E 478 -22.17 31.95 28.76
N GLY E 479 -23.24 32.75 28.82
CA GLY E 479 -23.58 33.63 27.71
C GLY E 479 -22.68 34.83 27.58
N ASP E 480 -21.97 35.21 28.64
CA ASP E 480 -21.08 36.36 28.59
C ASP E 480 -19.80 36.08 27.82
N ILE E 481 -19.38 34.82 27.71
CA ILE E 481 -18.16 34.51 27.00
C ILE E 481 -18.41 34.45 25.49
N LEU E 482 -19.61 34.06 25.07
CA LEU E 482 -19.92 33.99 23.65
C LEU E 482 -20.22 35.37 23.06
N GLU E 483 -20.81 36.27 23.85
CA GLU E 483 -21.11 37.60 23.35
C GLU E 483 -19.88 38.49 23.30
N ALA E 484 -18.89 38.25 24.15
CA ALA E 484 -17.69 39.07 24.15
C ALA E 484 -16.75 38.70 23.02
N ILE E 485 -16.80 37.45 22.54
CA ILE E 485 -15.92 37.04 21.46
C ILE E 485 -16.40 37.54 20.10
N ARG E 486 -17.68 37.89 19.97
CA ARG E 486 -18.23 38.38 18.71
C ARG E 486 -18.18 39.89 18.59
N THR E 487 -18.32 40.61 19.71
CA THR E 487 -18.30 42.07 19.67
C THR E 487 -16.87 42.59 19.58
N LYS E 488 -15.97 42.09 20.44
CA LYS E 488 -14.59 42.55 20.42
C LYS E 488 -13.80 41.89 19.30
N GLY E 489 -14.10 40.62 19.00
CA GLY E 489 -13.42 39.90 17.95
C GLY E 489 -12.05 39.35 18.32
N GLU E 490 -11.68 39.39 19.60
CA GLU E 490 -10.39 38.88 20.04
C GLU E 490 -10.52 38.11 21.35
N LEU E 491 -9.39 37.72 21.93
CA LEU E 491 -9.37 36.99 23.19
C LEU E 491 -8.23 37.50 24.04
N SER E 492 -8.55 38.02 25.23
CA SER E 492 -7.55 38.55 26.13
C SER E 492 -7.17 37.46 27.15
N SER E 493 -6.62 37.85 28.29
CA SER E 493 -6.22 36.88 29.30
C SER E 493 -7.41 36.38 30.11
N GLU E 494 -8.45 37.19 30.26
CA GLU E 494 -9.61 36.77 31.03
C GLU E 494 -10.52 35.84 30.22
N LEU E 495 -10.48 35.94 28.90
CA LEU E 495 -11.33 35.08 28.06
C LEU E 495 -10.75 33.67 27.94
N LEU E 496 -9.43 33.52 28.07
CA LEU E 496 -8.83 32.20 27.97
C LEU E 496 -9.03 31.37 29.23
N ASP E 497 -9.05 32.00 30.40
CA ASP E 497 -9.24 31.27 31.64
C ASP E 497 -10.70 30.87 31.86
N LYS E 498 -11.63 31.69 31.37
CA LYS E 498 -13.05 31.37 31.54
C LYS E 498 -13.51 30.30 30.56
N LEU E 499 -12.89 30.19 29.39
CA LEU E 499 -13.28 29.19 28.42
C LEU E 499 -12.77 27.80 28.78
N LYS E 500 -11.63 27.72 29.47
CA LYS E 500 -11.08 26.43 29.85
C LYS E 500 -11.81 25.82 31.04
N SER E 501 -12.36 26.66 31.93
CA SER E 501 -13.07 26.15 33.10
C SER E 501 -14.46 25.67 32.74
N ALA E 502 -15.10 26.28 31.75
CA ALA E 502 -16.44 25.87 31.35
C ALA E 502 -16.43 24.59 30.53
N THR E 503 -15.38 24.37 29.73
CA THR E 503 -15.31 23.17 28.92
C THR E 503 -14.91 21.95 29.73
N GLU E 504 -14.17 22.13 30.82
CA GLU E 504 -13.76 21.00 31.65
C GLU E 504 -14.89 20.50 32.53
N THR E 505 -15.80 21.37 32.95
CA THR E 505 -16.91 20.95 33.80
C THR E 505 -18.00 20.25 33.00
N PHE E 506 -18.14 20.56 31.71
CA PHE E 506 -19.15 19.93 30.88
C PHE E 506 -18.67 18.65 30.22
N VAL E 507 -17.37 18.34 30.28
CA VAL E 507 -16.84 17.13 29.67
C VAL E 507 -16.93 15.92 30.59
N ALA E 508 -17.36 16.10 31.84
CA ALA E 508 -17.47 15.01 32.79
C ALA E 508 -18.82 14.30 32.73
N THR E 509 -19.74 14.76 31.89
CA THR E 509 -21.05 14.14 31.76
C THR E 509 -21.34 13.76 30.31
N LYS F 4 -13.20 33.49 -53.53
CA LYS F 4 -13.80 33.35 -54.84
C LYS F 4 -12.96 34.04 -55.91
N ALA F 5 -12.13 35.00 -55.47
CA ALA F 5 -11.27 35.73 -56.39
C ALA F 5 -9.88 35.11 -56.46
N ALA F 6 -8.88 35.91 -56.81
CA ALA F 6 -7.51 35.41 -56.92
C ALA F 6 -6.54 36.47 -56.41
N PRO F 7 -5.27 36.12 -56.21
CA PRO F 7 -4.31 37.11 -55.71
C PRO F 7 -3.58 37.83 -56.85
N THR F 8 -2.27 37.96 -56.73
CA THR F 8 -1.44 38.63 -57.72
C THR F 8 -1.92 40.04 -58.01
N GLU F 9 -2.63 40.21 -59.14
CA GLU F 9 -3.15 41.52 -59.52
C GLU F 9 -4.36 41.83 -58.66
N VAL F 10 -4.20 42.79 -57.75
CA VAL F 10 -5.28 43.19 -56.85
C VAL F 10 -5.07 44.63 -56.39
N SER F 11 -5.98 45.52 -56.77
CA SER F 11 -5.94 46.93 -56.38
C SER F 11 -4.64 47.60 -56.79
N SER F 12 -3.59 47.42 -55.99
CA SER F 12 -2.30 48.06 -56.30
C SER F 12 -1.65 47.44 -57.52
N ILE F 13 -1.61 46.09 -57.58
CA ILE F 13 -1.00 45.41 -58.71
C ILE F 13 -1.89 45.36 -59.93
N LEU F 14 -3.16 45.78 -59.80
CA LEU F 14 -4.09 45.78 -60.93
C LEU F 14 -4.18 47.14 -61.61
N GLU F 15 -3.54 48.17 -61.08
CA GLU F 15 -3.56 49.50 -61.66
C GLU F 15 -2.26 49.86 -62.37
N SER F 16 -1.33 48.92 -62.49
CA SER F 16 -0.06 49.16 -63.15
C SER F 16 0.02 48.62 -64.57
N LYS F 17 -0.77 47.59 -64.88
CA LYS F 17 -0.76 47.02 -66.22
C LYS F 17 -1.69 47.74 -67.19
N ILE F 18 -2.54 48.64 -66.70
CA ILE F 18 -3.44 49.37 -67.58
C ILE F 18 -2.75 50.54 -68.29
N ARG F 19 -1.61 51.00 -67.78
CA ARG F 19 -0.89 52.11 -68.37
C ARG F 19 0.37 51.55 -69.02
N VAL F 21 1.54 51.68 -68.40
CA VAL F 21 2.78 51.16 -68.96
C VAL F 21 3.68 50.66 -67.84
N SER F 22 3.69 49.35 -67.61
CA SER F 22 4.51 48.74 -66.57
C SER F 22 5.88 48.37 -67.14
N ASP F 23 6.69 49.40 -67.37
CA ASP F 23 8.02 49.22 -67.91
C ASP F 23 9.06 49.91 -67.03
N GLU F 24 9.80 50.87 -67.61
CA GLU F 24 10.83 51.62 -66.90
C GLU F 24 11.86 50.68 -66.28
N ALA F 25 11.62 50.26 -65.04
CA ALA F 25 12.54 49.37 -64.37
C ALA F 25 12.41 47.95 -64.91
N ASN F 26 13.50 47.20 -64.80
CA ASN F 26 13.53 45.81 -65.27
C ASN F 26 12.83 44.93 -64.25
N LEU F 27 11.68 44.37 -64.64
CA LEU F 27 10.92 43.50 -63.75
C LEU F 27 11.40 42.06 -63.78
N ASP F 28 12.36 41.72 -64.64
CA ASP F 28 12.85 40.35 -64.71
C ASP F 28 13.79 40.02 -63.57
N GLU F 29 14.57 41.00 -63.09
CA GLU F 29 15.51 40.80 -62.00
C GLU F 29 15.10 41.50 -60.71
N THR F 30 14.46 42.66 -60.81
CA THR F 30 14.02 43.39 -59.63
C THR F 30 12.56 43.06 -59.34
N GLY F 31 11.87 43.94 -58.64
CA GLY F 31 10.47 43.71 -58.30
C GLY F 31 10.04 44.57 -57.15
N ARG F 32 8.73 44.80 -57.07
CA ARG F 32 8.13 45.61 -56.01
C ARG F 32 7.56 44.69 -54.94
N VAL F 33 7.84 45.03 -53.68
CA VAL F 33 7.37 44.24 -52.54
C VAL F 33 5.90 44.59 -52.31
N LEU F 34 5.01 43.62 -52.56
CA LEU F 34 3.58 43.83 -52.36
C LEU F 34 3.13 43.53 -50.95
N SER F 35 3.71 42.51 -50.31
CA SER F 35 3.33 42.14 -48.95
C SER F 35 4.55 41.58 -48.23
N VAL F 36 4.53 41.68 -46.91
CA VAL F 36 5.62 41.19 -46.07
C VAL F 36 5.05 40.81 -44.71
N GLY F 37 5.43 39.64 -44.22
CA GLY F 37 4.96 39.17 -42.92
C GLY F 37 5.29 37.73 -42.65
N ASP F 38 5.48 37.38 -41.37
CA ASP F 38 5.80 36.02 -40.95
C ASP F 38 7.06 35.51 -41.63
N GLY F 39 8.07 36.38 -41.76
CA GLY F 39 9.32 36.02 -42.38
C GLY F 39 9.25 35.79 -43.88
N ILE F 40 8.26 36.36 -44.56
CA ILE F 40 8.10 36.19 -46.00
C ILE F 40 8.01 37.56 -46.64
N ALA F 41 8.10 37.58 -47.96
CA ALA F 41 8.05 38.82 -48.75
C ALA F 41 7.51 38.48 -50.13
N ARG F 42 6.27 38.85 -50.40
CA ARG F 42 5.64 38.61 -51.69
C ARG F 42 6.04 39.71 -52.66
N VAL F 43 7.11 39.49 -53.40
CA VAL F 43 7.61 40.46 -54.37
C VAL F 43 6.85 40.30 -55.67
N PHE F 44 6.46 41.42 -56.28
CA PHE F 44 5.72 41.42 -57.52
C PHE F 44 6.72 41.56 -58.68
N GLY F 45 6.99 40.47 -59.37
CA GLY F 45 7.91 40.49 -60.48
C GLY F 45 8.84 39.29 -60.52
N LEU F 46 10.12 39.52 -60.82
CA LEU F 46 11.13 38.49 -60.90
C LEU F 46 10.73 37.40 -61.90
N ASN F 47 10.88 37.75 -63.18
CA ASN F 47 10.54 36.85 -64.28
C ASN F 47 11.72 35.96 -64.66
N ASN F 48 12.91 36.53 -64.75
CA ASN F 48 14.11 35.79 -65.11
C ASN F 48 14.87 35.26 -63.90
N CYS F 49 14.31 35.41 -62.70
CA CYS F 49 14.96 34.93 -61.49
C CYS F 49 14.78 33.42 -61.35
N GLN F 50 15.88 32.72 -61.10
CA GLN F 50 15.84 31.27 -60.95
C GLN F 50 15.35 30.89 -59.55
N ALA F 51 15.12 29.60 -59.37
CA ALA F 51 14.66 29.08 -58.09
C ALA F 51 15.80 29.04 -57.09
N GLU F 52 15.48 29.34 -55.82
CA GLU F 52 16.46 29.33 -54.73
C GLU F 52 17.62 30.28 -55.03
N GLU F 53 17.30 31.48 -55.50
CA GLU F 53 18.29 32.49 -55.84
C GLU F 53 18.38 33.54 -54.73
N LEU F 54 19.55 34.15 -54.60
CA LEU F 54 19.76 35.18 -53.59
C LEU F 54 19.17 36.50 -54.05
N VAL F 55 18.52 37.20 -53.12
CA VAL F 55 17.90 38.49 -53.38
C VAL F 55 18.41 39.49 -52.35
N GLU F 56 18.02 40.75 -52.53
CA GLU F 56 18.42 41.81 -51.63
C GLU F 56 17.34 42.89 -51.62
N PHE F 57 16.99 43.36 -50.42
CA PHE F 57 15.97 44.38 -50.27
C PHE F 57 16.59 45.77 -50.38
N ALA F 58 15.77 46.80 -50.20
CA ALA F 58 16.26 48.17 -50.28
C ALA F 58 17.01 48.60 -49.03
N SER F 59 16.72 47.98 -47.89
CA SER F 59 17.38 48.31 -46.63
C SER F 59 18.65 47.51 -46.41
N GLY F 60 18.95 46.52 -47.26
CA GLY F 60 20.14 45.71 -47.12
C GLY F 60 19.90 44.31 -46.62
N VAL F 61 18.64 43.88 -46.47
CA VAL F 61 18.33 42.54 -45.99
C VAL F 61 18.33 41.58 -47.17
N LYS F 62 18.94 40.41 -46.98
CA LYS F 62 19.01 39.41 -48.02
C LYS F 62 17.69 38.63 -48.10
N GLY F 63 17.48 37.99 -49.25
CA GLY F 63 16.29 37.21 -49.46
C GLY F 63 16.56 36.01 -50.35
N MET F 64 15.67 35.03 -50.28
CA MET F 64 15.77 33.80 -51.04
C MET F 64 14.41 33.51 -51.66
N ALA F 65 14.34 33.59 -53.00
CA ALA F 65 13.09 33.33 -53.71
C ALA F 65 12.83 31.83 -53.75
N LEU F 66 11.85 31.38 -52.97
CA LEU F 66 11.51 29.96 -52.93
C LEU F 66 10.54 29.59 -54.04
N ASN F 67 9.28 29.99 -53.89
CA ASN F 67 8.25 29.69 -54.88
C ASN F 67 8.19 30.80 -55.93
N LEU F 68 8.01 30.39 -57.18
CA LEU F 68 7.93 31.32 -58.32
C LEU F 68 6.65 31.00 -59.09
N GLU F 69 5.56 31.66 -58.72
CA GLU F 69 4.27 31.45 -59.37
C GLU F 69 4.05 32.51 -60.45
N PRO F 70 2.86 32.57 -61.03
CA PRO F 70 2.62 33.58 -62.08
C PRO F 70 2.17 34.92 -61.50
N GLY F 71 2.98 35.95 -61.70
CA GLY F 71 2.68 37.28 -61.21
C GLY F 71 3.26 37.60 -59.86
N GLN F 72 3.66 36.60 -59.08
CA GLN F 72 4.24 36.82 -57.76
C GLN F 72 5.39 35.85 -57.54
N VAL F 73 6.19 36.13 -56.52
CA VAL F 73 7.33 35.30 -56.19
C VAL F 73 7.57 35.36 -54.68
N GLY F 74 7.47 34.22 -54.01
CA GLY F 74 7.68 34.16 -52.58
C GLY F 74 9.14 34.22 -52.18
N ILE F 75 9.56 35.35 -51.61
CA ILE F 75 10.94 35.56 -51.18
C ILE F 75 11.00 35.38 -49.66
N VAL F 76 11.94 34.58 -49.20
CA VAL F 76 12.13 34.31 -47.77
C VAL F 76 13.24 35.22 -47.26
N LEU F 77 12.87 36.14 -46.38
CA LEU F 77 13.85 37.07 -45.80
C LEU F 77 14.70 36.37 -44.75
N PHE F 78 15.99 36.65 -44.77
CA PHE F 78 16.94 36.06 -43.84
C PHE F 78 17.20 36.95 -42.62
N GLY F 79 16.42 38.01 -42.44
CA GLY F 79 16.59 38.90 -41.30
C GLY F 79 15.29 39.27 -40.63
N SER F 80 15.24 40.45 -40.03
CA SER F 80 14.04 40.90 -39.34
C SER F 80 12.98 41.34 -40.35
N ASP F 81 11.73 41.37 -39.88
CA ASP F 81 10.61 41.77 -40.73
C ASP F 81 10.42 43.28 -40.79
N ARG F 82 11.16 44.05 -39.99
CA ARG F 82 11.03 45.50 -40.00
C ARG F 82 11.87 46.17 -41.07
N GLU F 83 12.73 45.42 -41.77
CA GLU F 83 13.57 45.96 -42.82
C GLU F 83 12.94 45.86 -44.20
N VAL F 84 11.69 45.42 -44.29
CA VAL F 84 10.98 45.28 -45.55
C VAL F 84 9.55 45.74 -45.36
N LYS F 85 9.12 46.73 -46.14
CA LYS F 85 7.78 47.28 -46.07
C LYS F 85 7.09 47.12 -47.42
N GLU F 86 5.84 47.59 -47.49
CA GLU F 86 5.07 47.49 -48.72
C GLU F 86 5.48 48.60 -49.68
N GLY F 87 5.83 48.21 -50.91
CA GLY F 87 6.24 49.15 -51.93
C GLY F 87 7.74 49.31 -52.09
N GLU F 88 8.54 48.49 -51.42
CA GLU F 88 9.99 48.59 -51.54
C GLU F 88 10.47 47.95 -52.84
N ILE F 89 11.64 48.39 -53.30
CA ILE F 89 12.25 47.88 -54.52
C ILE F 89 13.33 46.88 -54.14
N VAL F 90 13.16 45.64 -54.56
CA VAL F 90 14.10 44.57 -54.27
C VAL F 90 15.06 44.42 -55.45
N LYS F 91 16.10 43.60 -55.25
CA LYS F 91 17.08 43.36 -56.29
C LYS F 91 17.66 41.96 -56.12
N ARG F 92 17.95 41.31 -57.23
CA ARG F 92 18.51 39.97 -57.23
C ARG F 92 20.01 40.02 -57.51
N THR F 93 20.74 39.09 -56.89
CA THR F 93 22.18 39.02 -57.07
C THR F 93 22.59 38.27 -58.34
N GLY F 94 21.68 37.53 -58.96
CA GLY F 94 21.98 36.78 -60.16
C GLY F 94 22.43 35.36 -59.95
N LYS F 95 22.82 35.00 -58.73
CA LYS F 95 23.28 33.66 -58.41
C LYS F 95 22.35 33.02 -57.38
N ILE F 96 22.68 31.80 -56.96
CA ILE F 96 21.89 31.07 -55.98
C ILE F 96 22.41 31.38 -54.58
N VAL F 97 21.93 30.63 -53.59
CA VAL F 97 22.34 30.82 -52.20
C VAL F 97 23.72 30.20 -52.00
N ASP F 98 24.76 30.99 -52.21
CA ASP F 98 26.13 30.54 -52.05
C ASP F 98 26.77 31.20 -50.83
N VAL F 99 27.98 30.75 -50.51
CA VAL F 99 28.72 31.26 -49.36
C VAL F 99 30.21 31.22 -49.67
N PRO F 100 31.05 31.90 -48.90
CA PRO F 100 32.49 31.87 -49.18
C PRO F 100 33.15 30.62 -48.62
N ILE F 101 34.16 30.15 -49.34
CA ILE F 101 34.92 28.96 -48.96
C ILE F 101 36.38 29.17 -49.36
N GLY F 102 37.23 28.26 -48.93
CA GLY F 102 38.64 28.33 -49.23
C GLY F 102 39.52 28.20 -48.00
N PRO F 103 40.83 28.34 -48.17
CA PRO F 103 41.74 28.23 -47.02
C PRO F 103 41.91 29.52 -46.24
N GLY F 104 41.34 30.63 -46.70
CA GLY F 104 41.47 31.89 -45.99
C GLY F 104 40.46 32.11 -44.88
N MET F 105 39.52 31.19 -44.69
CA MET F 105 38.51 31.30 -43.66
C MET F 105 38.95 30.69 -42.33
N LEU F 106 40.15 30.13 -42.27
CA LEU F 106 40.64 29.52 -41.04
C LEU F 106 41.14 30.60 -40.09
N GLY F 107 40.50 30.72 -38.93
CA GLY F 107 40.87 31.71 -37.93
C GLY F 107 39.87 32.85 -37.75
N ARG F 108 38.72 32.80 -38.41
CA ARG F 108 37.71 33.84 -38.29
C ARG F 108 36.35 33.20 -38.03
N VAL F 109 35.48 33.96 -37.36
CA VAL F 109 34.14 33.51 -37.02
C VAL F 109 33.18 34.11 -38.05
N VAL F 110 32.62 33.27 -38.90
CA VAL F 110 31.69 33.70 -39.92
C VAL F 110 30.27 33.45 -39.45
N ASP F 111 29.29 33.92 -40.23
CA ASP F 111 27.89 33.73 -39.89
C ASP F 111 27.23 32.73 -40.82
N ALA F 112 25.95 32.96 -41.14
CA ALA F 112 25.22 32.06 -42.02
C ALA F 112 25.44 32.38 -43.50
N LEU F 113 25.64 33.65 -43.84
CA LEU F 113 25.86 34.06 -45.21
C LEU F 113 27.33 34.17 -45.58
N GLY F 114 28.24 33.94 -44.63
CA GLY F 114 29.66 34.01 -44.88
C GLY F 114 30.32 35.32 -44.49
N ASN F 115 29.56 36.25 -43.90
CA ASN F 115 30.15 37.53 -43.49
C ASN F 115 30.88 37.37 -42.16
N PRO F 116 31.99 38.08 -41.96
CA PRO F 116 32.72 37.97 -40.70
C PRO F 116 32.07 38.79 -39.60
N ILE F 117 32.03 38.21 -38.40
CA ILE F 117 31.45 38.85 -37.23
C ILE F 117 32.46 39.00 -36.10
N ASP F 118 33.72 38.68 -36.35
CA ASP F 118 34.77 38.77 -35.34
C ASP F 118 35.52 40.10 -35.38
N GLY F 119 35.32 40.91 -36.41
CA GLY F 119 36.01 42.17 -36.51
C GLY F 119 37.43 42.10 -37.03
N LYS F 120 37.78 41.03 -37.73
CA LYS F 120 39.12 40.85 -38.28
C LYS F 120 39.23 41.32 -39.73
N GLY F 121 38.19 41.97 -40.26
CA GLY F 121 38.21 42.44 -41.63
C GLY F 121 37.56 41.47 -42.58
N PRO F 122 37.92 41.55 -43.85
CA PRO F 122 37.34 40.64 -44.85
C PRO F 122 38.03 39.29 -44.87
N ILE F 123 37.35 38.31 -45.45
CA ILE F 123 37.85 36.96 -45.56
C ILE F 123 38.36 36.74 -46.98
N GLU F 124 39.61 36.28 -47.09
CA GLU F 124 40.23 36.02 -48.39
C GLU F 124 39.76 34.67 -48.90
N ALA F 125 38.59 34.66 -49.53
CA ALA F 125 38.03 33.44 -50.07
C ALA F 125 38.60 33.14 -51.46
N THR F 126 38.78 31.86 -51.74
CA THR F 126 39.33 31.41 -53.02
C THR F 126 38.25 30.94 -53.99
N GLY F 127 36.98 31.09 -53.64
CA GLY F 127 35.92 30.67 -54.54
C GLY F 127 34.57 30.98 -53.96
N TYR F 128 33.54 30.33 -54.52
CA TYR F 128 32.16 30.53 -54.07
C TYR F 128 31.40 29.25 -54.34
N ALA F 129 31.08 28.51 -53.27
CA ALA F 129 30.34 27.26 -53.36
C ALA F 129 28.91 27.46 -52.88
N ILE F 130 27.97 26.77 -53.52
CA ILE F 130 26.57 26.87 -53.17
C ILE F 130 26.30 26.06 -51.91
N ALA F 131 25.26 26.45 -51.18
CA ALA F 131 24.90 25.76 -49.94
C ALA F 131 24.15 24.46 -50.22
N GLN F 132 23.33 24.42 -51.28
CA GLN F 132 22.57 23.24 -51.63
C GLN F 132 23.34 22.46 -52.70
N LEU F 133 24.30 21.67 -52.24
CA LEU F 133 25.15 20.87 -53.12
C LEU F 133 24.80 19.40 -52.96
N LYS F 134 24.83 18.66 -54.07
CA LYS F 134 24.53 17.24 -54.06
C LYS F 134 25.70 16.44 -53.51
N ALA F 135 25.38 15.32 -52.88
CA ALA F 135 26.40 14.45 -52.31
C ALA F 135 27.03 13.58 -53.39
N PRO F 136 28.16 12.95 -53.09
CA PRO F 136 28.81 12.11 -54.09
C PRO F 136 28.16 10.74 -54.19
N GLY F 137 28.42 10.08 -55.31
CA GLY F 137 27.88 8.75 -55.58
C GLY F 137 28.76 7.65 -55.03
N ILE F 138 28.51 6.43 -55.52
CA ILE F 138 29.26 5.26 -55.09
C ILE F 138 30.56 5.07 -55.86
N LEU F 139 30.79 5.86 -56.91
CA LEU F 139 32.00 5.74 -57.71
C LEU F 139 33.08 6.67 -57.17
N PRO F 140 32.71 7.81 -56.59
CA PRO F 140 33.73 8.73 -56.06
C PRO F 140 33.86 8.64 -54.55
N ARG F 141 33.47 7.50 -53.98
CA ARG F 141 33.54 7.26 -52.55
C ARG F 141 34.39 6.03 -52.27
N ARG F 142 34.93 5.97 -51.05
CA ARG F 142 35.76 4.86 -50.61
C ARG F 142 35.44 4.54 -49.17
N SER F 143 36.07 3.47 -48.67
CA SER F 143 35.86 3.04 -47.29
C SER F 143 36.68 3.90 -46.34
N VAL F 144 36.17 4.04 -45.12
CA VAL F 144 36.83 4.84 -44.09
C VAL F 144 37.95 4.01 -43.47
N PHE F 145 39.18 4.47 -43.64
CA PHE F 145 40.35 3.78 -43.09
C PHE F 145 41.24 4.63 -42.20
N GLU F 146 41.11 5.96 -42.26
CA GLU F 146 41.95 6.81 -41.43
C GLU F 146 41.39 6.88 -40.00
N PRO F 147 42.26 7.06 -39.00
CA PRO F 147 41.78 7.13 -37.61
C PRO F 147 41.62 8.56 -37.14
N MET F 148 40.53 8.82 -36.42
CA MET F 148 40.23 10.15 -35.89
C MET F 148 40.38 10.11 -34.36
N GLN F 149 41.50 10.63 -33.87
CA GLN F 149 41.77 10.64 -32.44
C GLN F 149 40.97 11.76 -31.79
N THR F 150 40.16 11.42 -30.80
CA THR F 150 39.34 12.40 -30.09
C THR F 150 39.95 12.86 -28.78
N GLY F 151 40.88 12.11 -28.21
CA GLY F 151 41.52 12.46 -26.96
C GLY F 151 40.96 11.76 -25.74
N LEU F 152 39.68 11.39 -25.78
CA LEU F 152 39.06 10.73 -24.65
C LEU F 152 39.43 9.24 -24.63
N LYS F 153 39.62 8.71 -23.42
CA LYS F 153 39.98 7.31 -23.28
C LYS F 153 38.79 6.38 -23.46
N ALA F 154 37.58 6.86 -23.16
CA ALA F 154 36.38 6.06 -23.30
C ALA F 154 35.78 6.11 -24.70
N VAL F 155 36.28 6.98 -25.57
CA VAL F 155 35.78 7.09 -26.93
C VAL F 155 36.73 6.48 -27.96
N ASP F 156 38.04 6.50 -27.71
CA ASP F 156 39.00 5.93 -28.66
C ASP F 156 39.10 4.42 -28.55
N ALA F 157 38.64 3.84 -27.44
CA ALA F 157 38.69 2.39 -27.25
C ALA F 157 37.37 1.70 -27.48
N LEU F 158 36.25 2.37 -27.20
CA LEU F 158 34.93 1.79 -27.39
C LEU F 158 34.44 2.02 -28.82
N VAL F 159 33.74 3.14 -29.04
CA VAL F 159 33.21 3.48 -30.35
C VAL F 159 34.13 4.51 -31.00
N PRO F 160 35.15 4.10 -31.74
CA PRO F 160 36.05 5.06 -32.37
C PRO F 160 35.45 5.65 -33.64
N ILE F 161 35.93 6.84 -33.98
CA ILE F 161 35.47 7.56 -35.16
C ILE F 161 36.57 7.55 -36.21
N GLY F 162 36.16 7.76 -37.47
CA GLY F 162 37.10 7.77 -38.57
C GLY F 162 36.81 8.92 -39.52
N ARG F 163 37.74 9.13 -40.44
CA ARG F 163 37.61 10.19 -41.43
C ARG F 163 36.66 9.75 -42.54
N GLY F 164 35.53 10.45 -42.67
CA GLY F 164 34.53 10.14 -43.67
C GLY F 164 33.25 9.55 -43.13
N GLN F 165 33.20 9.24 -41.84
CA GLN F 165 32.01 8.66 -41.21
C GLN F 165 31.24 9.72 -40.46
N ARG F 166 29.99 9.39 -40.14
CA ARG F 166 29.08 10.28 -39.41
C ARG F 166 28.75 9.64 -38.07
N GLU F 167 29.26 10.24 -36.99
CA GLU F 167 29.04 9.75 -35.63
C GLU F 167 28.15 10.75 -34.91
N LEU F 168 26.94 10.31 -34.54
CA LEU F 168 26.00 11.17 -33.84
C LEU F 168 26.36 11.26 -32.35
N ILE F 169 25.79 12.27 -31.70
CA ILE F 169 26.02 12.49 -30.28
C ILE F 169 24.70 12.80 -29.59
N ILE F 170 23.88 11.78 -29.39
CA ILE F 170 22.59 11.96 -28.74
C ILE F 170 22.78 12.12 -27.23
N GLY F 171 21.75 12.63 -26.58
CA GLY F 171 21.79 12.84 -25.14
C GLY F 171 20.86 13.96 -24.74
N ASP F 172 20.75 14.13 -23.42
CA ASP F 172 19.91 15.17 -22.85
C ASP F 172 20.73 16.42 -22.58
N ARG F 173 20.16 17.35 -21.82
CA ARG F 173 20.87 18.59 -21.49
C ARG F 173 21.78 18.37 -20.29
N GLN F 174 22.97 18.99 -20.35
CA GLN F 174 23.99 18.90 -19.31
C GLN F 174 24.36 17.43 -19.04
N THR F 175 24.79 16.76 -20.10
CA THR F 175 25.18 15.36 -20.01
C THR F 175 26.57 15.15 -20.60
N GLY F 176 26.89 15.88 -21.67
CA GLY F 176 28.18 15.76 -22.31
C GLY F 176 28.09 15.73 -23.82
N LYS F 177 27.11 16.44 -24.38
CA LYS F 177 26.94 16.48 -25.83
C LYS F 177 27.96 17.42 -26.47
N THR F 178 28.00 18.67 -26.01
CA THR F 178 28.93 19.65 -26.56
C THR F 178 30.35 19.47 -26.04
N ALA F 179 30.53 18.74 -24.94
CA ALA F 179 31.86 18.53 -24.39
C ALA F 179 32.65 17.49 -25.19
N VAL F 180 31.96 16.57 -25.86
CA VAL F 180 32.66 15.56 -26.65
C VAL F 180 33.17 16.13 -27.96
N ALA F 181 32.46 17.11 -28.54
CA ALA F 181 32.90 17.70 -29.79
C ALA F 181 34.03 18.71 -29.59
N LEU F 182 34.08 19.35 -28.42
CA LEU F 182 35.14 20.33 -28.15
C LEU F 182 36.46 19.65 -27.83
N ASP F 183 36.43 18.45 -27.25
CA ASP F 183 37.66 17.75 -26.92
C ASP F 183 38.32 17.14 -28.13
N THR F 184 37.53 16.80 -29.17
CA THR F 184 38.10 16.20 -30.37
C THR F 184 38.79 17.24 -31.25
N ILE F 185 38.31 18.48 -31.23
CA ILE F 185 38.93 19.52 -32.06
C ILE F 185 40.22 20.02 -31.43
N LEU F 186 40.29 20.06 -30.10
CA LEU F 186 41.50 20.53 -29.42
C LEU F 186 42.60 19.47 -29.37
N ASN F 187 42.25 18.20 -29.60
CA ASN F 187 43.24 17.13 -29.57
C ASN F 187 43.98 16.96 -30.90
N GLN F 188 43.60 17.73 -31.92
CA GLN F 188 44.24 17.64 -33.23
C GLN F 188 45.42 18.59 -33.38
N LYS F 189 45.87 19.21 -32.29
CA LYS F 189 47.00 20.13 -32.35
C LYS F 189 48.34 19.42 -32.48
N ARG F 190 48.40 18.14 -32.12
CA ARG F 190 49.65 17.39 -32.21
C ARG F 190 49.97 16.98 -33.64
N TRP F 191 48.99 16.94 -34.53
CA TRP F 191 49.20 16.57 -35.91
C TRP F 191 49.07 17.73 -36.89
N ASN F 192 48.34 18.77 -36.54
CA ASN F 192 48.18 19.92 -37.42
C ASN F 192 49.34 20.91 -37.32
N ASP F 193 50.08 20.90 -36.22
CA ASP F 193 51.21 21.81 -36.05
C ASP F 193 52.49 21.29 -36.69
N GLY F 194 52.51 20.04 -37.13
CA GLY F 194 53.68 19.45 -37.77
C GLY F 194 53.71 19.69 -39.26
N ASN F 195 54.26 18.71 -39.98
CA ASN F 195 54.37 18.78 -41.43
C ASN F 195 53.54 17.72 -42.14
N ASP F 196 52.89 16.82 -41.39
CA ASP F 196 52.07 15.77 -41.99
C ASP F 196 50.71 16.35 -42.36
N GLU F 197 50.47 16.53 -43.65
CA GLU F 197 49.20 17.06 -44.12
C GLU F 197 48.09 16.03 -44.14
N SER F 198 48.43 14.74 -44.20
CA SER F 198 47.41 13.71 -44.22
C SER F 198 46.85 13.42 -42.83
N LYS F 199 47.63 13.70 -41.78
CA LYS F 199 47.18 13.47 -40.41
C LYS F 199 46.43 14.65 -39.81
N LYS F 200 46.49 15.82 -40.45
CA LYS F 200 45.80 16.99 -39.93
C LYS F 200 44.32 16.93 -40.26
N LEU F 201 43.51 17.59 -39.44
CA LEU F 201 42.06 17.63 -39.63
C LEU F 201 41.56 19.00 -39.21
N TYR F 202 40.98 19.73 -40.16
CA TYR F 202 40.46 21.06 -39.87
C TYR F 202 39.08 20.96 -39.24
N CYS F 203 38.91 21.59 -38.09
CA CYS F 203 37.63 21.57 -37.39
C CYS F 203 36.67 22.57 -38.02
N VAL F 204 35.37 22.33 -37.80
CA VAL F 204 34.33 23.18 -38.33
C VAL F 204 33.16 23.23 -37.35
N TYR F 205 33.27 24.08 -36.33
CA TYR F 205 32.22 24.22 -35.33
C TYR F 205 31.09 25.09 -35.89
N VAL F 206 29.88 24.55 -35.89
CA VAL F 206 28.70 25.26 -36.39
C VAL F 206 27.73 25.37 -35.22
N ALA F 207 27.85 26.46 -34.46
CA ALA F 207 26.98 26.70 -33.31
C ALA F 207 25.64 27.23 -33.81
N VAL F 208 24.65 26.35 -33.88
CA VAL F 208 23.31 26.70 -34.36
C VAL F 208 22.35 26.53 -33.19
N GLY F 209 21.59 27.58 -32.88
CA GLY F 209 20.63 27.56 -31.81
C GLY F 209 21.18 27.93 -30.44
N GLN F 210 22.49 28.14 -30.33
CA GLN F 210 23.09 28.49 -29.05
C GLN F 210 22.87 29.97 -28.75
N LYS F 211 23.17 30.35 -27.51
CA LYS F 211 23.01 31.73 -27.07
C LYS F 211 24.18 32.58 -27.56
N ARG F 212 24.07 33.89 -27.36
CA ARG F 212 25.12 34.81 -27.78
C ARG F 212 26.31 34.77 -26.83
N SER F 213 26.08 34.55 -25.54
CA SER F 213 27.18 34.50 -24.59
C SER F 213 27.93 33.17 -24.64
N THR F 214 27.26 32.10 -25.08
CA THR F 214 27.90 30.79 -25.14
C THR F 214 28.82 30.67 -26.35
N VAL F 215 28.54 31.42 -27.43
CA VAL F 215 29.38 31.34 -28.62
C VAL F 215 30.66 32.15 -28.43
N ALA F 216 30.61 33.24 -27.67
CA ALA F 216 31.81 34.06 -27.45
C ALA F 216 32.73 33.43 -26.42
N GLN F 217 32.19 32.69 -25.45
CA GLN F 217 33.03 32.06 -24.44
C GLN F 217 33.74 30.82 -24.96
N LEU F 218 33.14 30.12 -25.92
CA LEU F 218 33.76 28.92 -26.47
C LEU F 218 34.88 29.26 -27.45
N VAL F 219 34.82 30.42 -28.09
CA VAL F 219 35.87 30.78 -29.04
C VAL F 219 37.11 31.30 -28.32
N GLN F 220 36.96 31.80 -27.10
CA GLN F 220 38.10 32.31 -26.35
C GLN F 220 38.92 31.19 -25.72
N THR F 221 38.28 30.05 -25.43
CA THR F 221 38.99 28.94 -24.82
C THR F 221 39.84 28.18 -25.84
N LEU F 222 39.42 28.15 -27.11
CA LEU F 222 40.18 27.44 -28.13
C LEU F 222 41.37 28.24 -28.61
N GLU F 223 41.31 29.57 -28.52
CA GLU F 223 42.43 30.41 -28.96
C GLU F 223 43.58 30.41 -27.97
N GLN F 224 43.28 30.16 -26.69
CA GLN F 224 44.33 30.15 -25.67
C GLN F 224 45.12 28.85 -25.66
N ASN F 225 44.60 27.78 -26.24
CA ASN F 225 45.27 26.49 -26.29
C ASN F 225 45.81 26.17 -27.68
N ASP F 226 45.92 27.18 -28.54
CA ASP F 226 46.42 27.02 -29.92
C ASP F 226 45.56 26.01 -30.68
N ALA F 227 44.29 26.36 -30.85
CA ALA F 227 43.36 25.50 -31.57
C ALA F 227 42.38 26.26 -32.44
N MET F 228 42.41 27.59 -32.45
CA MET F 228 41.50 28.39 -33.26
C MET F 228 42.14 28.90 -34.54
N LYS F 229 43.40 28.55 -34.79
CA LYS F 229 44.09 29.00 -36.01
C LYS F 229 43.71 28.17 -37.22
N TYR F 230 43.22 26.94 -37.02
CA TYR F 230 42.83 26.05 -38.11
C TYR F 230 41.47 25.44 -37.82
N SER F 231 40.49 26.29 -37.51
CA SER F 231 39.13 25.85 -37.22
C SER F 231 38.16 26.93 -37.63
N ILE F 232 37.12 26.54 -38.35
CA ILE F 232 36.09 27.47 -38.82
C ILE F 232 34.96 27.51 -37.81
N VAL F 233 34.49 28.70 -37.49
CA VAL F 233 33.41 28.92 -36.54
C VAL F 233 32.25 29.56 -37.28
N VAL F 234 31.09 28.89 -37.25
CA VAL F 234 29.88 29.37 -37.90
C VAL F 234 28.92 29.81 -36.81
N ALA F 235 28.88 31.12 -36.55
CA ALA F 235 28.01 31.68 -35.52
C ALA F 235 26.58 31.77 -36.05
N ALA F 236 25.63 31.18 -35.31
CA ALA F 236 24.22 31.20 -35.69
C ALA F 236 23.39 31.13 -34.39
N THR F 237 23.18 32.30 -33.79
CA THR F 237 22.41 32.40 -32.57
C THR F 237 20.91 32.32 -32.87
N ALA F 238 20.12 32.21 -31.80
CA ALA F 238 18.67 32.12 -31.92
C ALA F 238 18.00 33.49 -32.00
N SER F 239 18.76 34.58 -31.91
CA SER F 239 18.19 35.91 -31.98
C SER F 239 18.01 36.41 -33.41
N GLU F 240 18.41 35.64 -34.40
CA GLU F 240 18.28 36.04 -35.80
C GLU F 240 16.98 35.47 -36.37
N ALA F 241 16.86 35.41 -37.69
CA ALA F 241 15.66 34.89 -38.32
C ALA F 241 15.70 33.37 -38.37
N ALA F 242 14.58 32.78 -38.81
CA ALA F 242 14.47 31.33 -38.92
C ALA F 242 15.22 30.84 -40.16
N PRO F 243 15.39 31.70 -41.17
CA PRO F 243 16.11 31.26 -42.37
C PRO F 243 17.61 31.23 -42.18
N LEU F 244 18.11 31.98 -41.21
CA LEU F 244 19.54 32.02 -40.95
C LEU F 244 20.00 30.80 -40.17
N GLN F 245 19.18 30.34 -39.22
CA GLN F 245 19.56 29.17 -38.42
C GLN F 245 19.35 27.87 -39.18
N TYR F 246 18.37 27.83 -40.10
CA TYR F 246 18.13 26.62 -40.87
C TYR F 246 19.18 26.41 -41.96
N LEU F 247 19.73 27.50 -42.49
CA LEU F 247 20.74 27.43 -43.54
C LEU F 247 22.16 27.37 -42.98
N ALA F 248 22.32 27.28 -41.66
CA ALA F 248 23.65 27.21 -41.06
C ALA F 248 24.26 25.84 -41.30
N PRO F 249 23.45 24.79 -41.44
CA PRO F 249 24.02 23.46 -41.69
C PRO F 249 24.47 23.30 -43.14
N PHE F 250 23.79 23.98 -44.07
CA PHE F 250 24.15 23.89 -45.47
C PHE F 250 25.32 24.80 -45.81
N THR F 251 25.47 25.92 -45.11
CA THR F 251 26.58 26.83 -45.38
C THR F 251 27.89 26.33 -44.78
N ALA F 252 27.82 25.62 -43.66
CA ALA F 252 29.04 25.10 -43.04
C ALA F 252 29.57 23.88 -43.76
N CYS F 253 28.71 23.13 -44.46
CA CYS F 253 29.15 21.96 -45.19
C CYS F 253 29.82 22.30 -46.50
N ALA F 254 29.53 23.50 -47.05
CA ALA F 254 30.14 23.89 -48.31
C ALA F 254 31.56 24.40 -48.11
N ILE F 255 31.85 24.97 -46.95
CA ILE F 255 33.21 25.47 -46.69
C ILE F 255 34.16 24.34 -46.35
N ALA F 256 33.68 23.30 -45.66
CA ALA F 256 34.52 22.17 -45.30
C ALA F 256 34.70 21.18 -46.45
N GLU F 257 33.87 21.27 -47.49
CA GLU F 257 33.99 20.37 -48.63
C GLU F 257 35.13 20.74 -49.58
N TRP F 258 35.70 21.95 -49.44
CA TRP F 258 36.79 22.34 -50.31
C TRP F 258 38.09 21.63 -49.95
N PHE F 259 38.28 21.31 -48.67
CA PHE F 259 39.49 20.62 -48.25
C PHE F 259 39.46 19.14 -48.58
N ARG F 260 38.26 18.53 -48.59
CA ARG F 260 38.16 17.10 -48.90
C ARG F 260 38.30 16.83 -50.39
N ASP F 261 37.97 17.81 -51.23
CA ASP F 261 38.08 17.66 -52.68
C ASP F 261 39.45 18.01 -53.22
N ASN F 262 40.37 18.49 -52.37
CA ASN F 262 41.70 18.86 -52.79
C ASN F 262 42.81 17.97 -52.21
N GLY F 263 42.58 17.38 -51.04
CA GLY F 263 43.58 16.52 -50.43
C GLY F 263 43.82 16.83 -48.97
N LYS F 264 42.75 16.93 -48.19
CA LYS F 264 42.85 17.22 -46.77
C LYS F 264 41.63 16.66 -46.06
N HIS F 265 41.75 16.53 -44.74
CA HIS F 265 40.67 16.02 -43.90
C HIS F 265 39.95 17.17 -43.21
N ALA F 266 38.66 16.98 -42.98
CA ALA F 266 37.82 17.98 -42.33
C ALA F 266 36.93 17.31 -41.30
N LEU F 267 36.55 18.07 -40.28
CA LEU F 267 35.69 17.58 -39.20
C LEU F 267 34.64 18.64 -38.91
N ILE F 268 33.38 18.33 -39.22
CA ILE F 268 32.27 19.24 -39.01
C ILE F 268 31.52 18.82 -37.75
N VAL F 269 31.15 19.81 -36.94
CA VAL F 269 30.42 19.57 -35.69
C VAL F 269 29.16 20.42 -35.75
N TYR F 270 28.02 19.79 -36.01
CA TYR F 270 26.73 20.47 -36.11
C TYR F 270 26.07 20.43 -34.74
N ASP F 271 26.34 21.47 -33.93
CA ASP F 271 25.79 21.59 -32.59
C ASP F 271 24.78 22.73 -32.58
N ASP F 272 23.49 22.38 -32.46
CA ASP F 272 23.07 21.00 -32.34
C ASP F 272 22.09 20.62 -33.45
N LEU F 273 21.85 19.31 -33.60
CA LEU F 273 20.93 18.86 -34.63
C LEU F 273 19.48 19.10 -34.23
N SER F 274 19.19 19.19 -32.94
CA SER F 274 17.82 19.43 -32.50
C SER F 274 17.42 20.89 -32.68
N LYS F 275 18.38 21.81 -32.63
CA LYS F 275 18.06 23.22 -32.81
C LYS F 275 17.83 23.57 -34.27
N GLN F 276 18.39 22.79 -35.20
CA GLN F 276 18.19 23.08 -36.61
C GLN F 276 16.82 22.61 -37.09
N ALA F 277 16.23 21.62 -36.44
CA ALA F 277 14.92 21.13 -36.84
C ALA F 277 13.81 22.05 -36.39
N VAL F 278 14.01 22.81 -35.32
CA VAL F 278 12.98 23.72 -34.84
C VAL F 278 12.95 25.00 -35.68
N ALA F 279 14.08 25.39 -36.25
CA ALA F 279 14.12 26.60 -37.07
C ALA F 279 13.53 26.36 -38.46
N TYR F 280 13.66 25.15 -38.99
CA TYR F 280 13.10 24.87 -40.31
C TYR F 280 11.58 24.69 -40.26
N ARG F 281 11.05 24.21 -39.14
CA ARG F 281 9.62 24.03 -38.99
C ARG F 281 8.88 25.35 -38.75
N GLN F 282 9.58 26.38 -38.30
CA GLN F 282 8.92 27.66 -38.06
C GLN F 282 8.62 28.38 -39.37
N LEU F 283 9.53 28.30 -40.34
CA LEU F 283 9.30 28.95 -41.63
C LEU F 283 8.32 28.18 -42.49
N SER F 284 8.22 26.86 -42.30
CA SER F 284 7.28 26.06 -43.08
C SER F 284 5.87 26.16 -42.55
N LEU F 285 5.70 26.44 -41.26
CA LEU F 285 4.35 26.56 -40.70
C LEU F 285 3.69 27.87 -41.09
N LEU F 286 4.48 28.90 -41.39
CA LEU F 286 3.94 30.20 -41.78
C LEU F 286 3.58 30.27 -43.26
N LEU F 287 4.00 29.29 -44.06
CA LEU F 287 3.70 29.27 -45.48
C LEU F 287 2.53 28.35 -45.82
N ARG F 288 1.72 27.99 -44.83
CA ARG F 288 0.56 27.12 -45.00
C ARG F 288 0.97 25.77 -45.60
N ARG F 289 1.48 24.91 -44.72
CA ARG F 289 1.93 23.59 -45.12
C ARG F 289 1.27 22.53 -44.24
N PRO F 290 1.40 21.26 -44.57
CA PRO F 290 0.78 20.20 -43.76
C PRO F 290 1.72 19.74 -42.67
N PRO F 291 1.28 19.80 -41.41
CA PRO F 291 2.15 19.36 -40.31
C PRO F 291 2.00 17.87 -39.99
N GLY F 292 3.10 17.13 -40.05
CA GLY F 292 3.05 15.71 -39.77
C GLY F 292 3.14 15.39 -38.29
N ARG F 293 4.21 14.71 -37.89
CA ARG F 293 4.41 14.33 -36.49
C ARG F 293 5.23 15.39 -35.78
N GLU F 294 4.84 15.68 -34.53
CA GLU F 294 5.51 16.67 -33.68
C GLU F 294 5.55 18.05 -34.34
N ALA F 295 4.49 18.39 -35.06
CA ALA F 295 4.36 19.68 -35.74
C ALA F 295 5.54 19.93 -36.69
N TYR F 296 5.79 18.95 -37.56
CA TYR F 296 6.88 19.04 -38.53
C TYR F 296 6.36 18.77 -39.93
N PRO F 297 7.03 19.28 -40.96
CA PRO F 297 6.59 19.07 -42.33
C PRO F 297 7.03 17.70 -42.84
N GLY F 298 6.62 17.39 -44.07
CA GLY F 298 6.97 16.12 -44.68
C GLY F 298 8.42 16.03 -45.12
N ASP F 299 9.08 17.16 -45.32
CA ASP F 299 10.47 17.21 -45.75
C ASP F 299 11.43 17.38 -44.59
N VAL F 300 11.06 16.92 -43.40
CA VAL F 300 11.92 17.05 -42.23
C VAL F 300 13.06 16.03 -42.29
N PHE F 301 12.77 14.82 -42.78
CA PHE F 301 13.80 13.79 -42.86
C PHE F 301 14.74 14.02 -44.04
N TYR F 302 14.28 14.71 -45.08
CA TYR F 302 15.13 14.97 -46.24
C TYR F 302 16.12 16.10 -46.01
N LEU F 303 15.86 16.98 -45.04
CA LEU F 303 16.77 18.08 -44.78
C LEU F 303 18.02 17.63 -44.03
N HIS F 304 17.89 16.63 -43.14
CA HIS F 304 19.03 16.14 -42.38
C HIS F 304 19.78 15.03 -43.10
N SER F 305 19.12 14.30 -44.00
CA SER F 305 19.78 13.22 -44.72
C SER F 305 20.60 13.73 -45.88
N ARG F 306 20.23 14.88 -46.45
CA ARG F 306 20.98 15.44 -47.57
CA ARG F 306 20.98 15.44 -47.57
C ARG F 306 22.25 16.14 -47.12
N LEU F 307 22.23 16.79 -45.95
CA LEU F 307 23.41 17.48 -45.45
C LEU F 307 24.43 16.54 -44.82
N LEU F 308 24.01 15.37 -44.36
CA LEU F 308 24.93 14.41 -43.76
C LEU F 308 25.51 13.43 -44.77
N GLU F 309 24.92 13.31 -45.95
CA GLU F 309 25.42 12.39 -46.96
C GLU F 309 26.64 12.93 -47.69
N ARG F 310 26.87 14.24 -47.65
CA ARG F 310 28.03 14.83 -48.32
C ARG F 310 29.31 14.63 -47.55
N ALA F 311 29.24 14.34 -46.24
CA ALA F 311 30.42 14.13 -45.42
C ALA F 311 30.84 12.66 -45.53
N ALA F 312 31.52 12.34 -46.64
CA ALA F 312 32.00 11.00 -46.90
C ALA F 312 33.48 11.04 -47.23
N LYS F 313 34.06 9.86 -47.41
CA LYS F 313 35.48 9.72 -47.73
C LYS F 313 35.63 9.46 -49.22
N MET F 314 36.40 10.31 -49.89
CA MET F 314 36.61 10.17 -51.32
C MET F 314 37.66 9.09 -51.60
N SER F 315 37.76 8.72 -52.87
CA SER F 315 38.70 7.70 -53.30
C SER F 315 40.04 8.36 -53.67
N ASP F 316 40.95 7.58 -54.25
CA ASP F 316 42.25 8.10 -54.64
C ASP F 316 42.20 8.94 -55.91
N ALA F 317 41.17 8.76 -56.73
CA ALA F 317 41.04 9.52 -57.97
C ALA F 317 40.37 10.87 -57.77
N ASN F 318 39.83 11.14 -56.59
CA ASN F 318 39.16 12.41 -56.31
C ASN F 318 39.99 13.33 -55.43
N GLY F 319 41.12 12.86 -54.90
CA GLY F 319 41.96 13.68 -54.06
C GLY F 319 42.44 12.97 -52.81
N GLY F 320 41.62 12.07 -52.29
CA GLY F 320 41.96 11.31 -51.10
C GLY F 320 41.51 11.93 -49.80
N GLY F 321 40.72 13.00 -49.83
CA GLY F 321 40.26 13.63 -48.62
C GLY F 321 38.99 13.02 -48.07
N SER F 322 38.58 13.51 -46.90
CA SER F 322 37.38 13.01 -46.24
C SER F 322 36.79 14.13 -45.40
N LEU F 323 35.54 13.94 -44.99
CA LEU F 323 34.82 14.92 -44.17
C LEU F 323 34.07 14.17 -43.08
N THR F 324 34.35 14.53 -41.82
CA THR F 324 33.71 13.91 -40.67
C THR F 324 32.60 14.79 -40.15
N ALA F 325 31.47 14.17 -39.81
CA ALA F 325 30.30 14.87 -39.29
C ALA F 325 30.03 14.42 -37.87
N LEU F 326 29.85 15.40 -36.97
CA LEU F 326 29.59 15.13 -35.55
C LEU F 326 28.33 15.88 -35.15
N PRO F 327 27.15 15.28 -35.34
CA PRO F 327 25.90 15.95 -34.98
C PRO F 327 25.46 15.61 -33.56
N VAL F 328 25.09 16.65 -32.82
CA VAL F 328 24.64 16.53 -31.44
C VAL F 328 23.13 16.59 -31.42
N ILE F 329 22.49 15.57 -30.87
CA ILE F 329 21.04 15.47 -30.77
C ILE F 329 20.65 15.71 -29.32
N GLU F 330 19.75 16.68 -29.10
CA GLU F 330 19.29 17.03 -27.76
C GLU F 330 17.96 16.30 -27.51
N THR F 331 18.02 15.27 -26.66
CA THR F 331 16.83 14.50 -26.33
C THR F 331 16.10 15.12 -25.14
N GLN F 332 14.79 14.85 -25.08
CA GLN F 332 13.94 15.37 -24.01
C GLN F 332 13.68 14.22 -23.03
N GLY F 333 14.52 14.13 -22.00
CA GLY F 333 14.36 13.10 -21.01
C GLY F 333 14.84 11.72 -21.45
N GLY F 334 15.81 11.66 -22.36
CA GLY F 334 16.31 10.39 -22.83
C GLY F 334 15.43 9.67 -23.81
N ASP F 335 14.50 10.38 -24.46
CA ASP F 335 13.59 9.78 -25.43
C ASP F 335 14.34 9.60 -26.75
N VAL F 336 14.90 8.41 -26.95
CA VAL F 336 15.64 8.12 -28.18
C VAL F 336 14.74 7.75 -29.34
N SER F 337 13.45 7.47 -29.09
CA SER F 337 12.50 7.09 -30.12
C SER F 337 11.57 8.25 -30.49
N ALA F 338 12.13 9.43 -30.71
CA ALA F 338 11.34 10.60 -31.06
C ALA F 338 11.27 10.73 -32.58
N TYR F 339 10.74 11.87 -33.06
CA TYR F 339 10.63 12.08 -34.50
C TYR F 339 11.94 12.58 -35.09
N ILE F 340 12.65 13.44 -34.37
CA ILE F 340 13.92 13.98 -34.84
C ILE F 340 15.05 13.06 -34.40
N PRO F 341 14.82 12.18 -33.43
CA PRO F 341 15.90 11.28 -32.98
C PRO F 341 16.02 10.05 -33.86
N THR F 342 14.90 9.62 -34.45
CA THR F 342 14.91 8.44 -35.31
C THR F 342 15.44 8.76 -36.71
N ASN F 343 15.32 10.01 -37.15
CA ASN F 343 15.81 10.37 -38.47
C ASN F 343 17.32 10.57 -38.49
N VAL F 344 17.90 11.00 -37.38
CA VAL F 344 19.35 11.21 -37.34
C VAL F 344 20.09 9.90 -37.09
N ILE F 345 19.45 8.95 -36.41
CA ILE F 345 20.09 7.67 -36.13
C ILE F 345 20.03 6.73 -37.32
N SER F 346 19.09 6.91 -38.23
CA SER F 346 18.96 6.06 -39.41
C SER F 346 19.80 6.54 -40.58
N ILE F 347 20.46 7.69 -40.47
CA ILE F 347 21.28 8.21 -41.55
C ILE F 347 22.76 8.26 -41.19
N THR F 348 23.12 8.19 -39.91
CA THR F 348 24.50 8.23 -39.48
C THR F 348 25.02 6.82 -39.21
N ASP F 349 26.33 6.64 -39.35
CA ASP F 349 26.96 5.35 -39.11
C ASP F 349 27.48 5.28 -37.67
N GLY F 350 26.54 5.16 -36.75
CA GLY F 350 26.84 5.09 -35.34
C GLY F 350 26.37 6.32 -34.59
N GLN F 351 26.32 6.19 -33.26
CA GLN F 351 25.89 7.27 -32.39
C GLN F 351 26.57 7.13 -31.04
N ILE F 352 26.59 8.23 -30.30
CA ILE F 352 27.19 8.28 -28.97
C ILE F 352 26.10 8.73 -28.01
N PHE F 353 25.49 7.78 -27.30
CA PHE F 353 24.44 8.10 -26.34
C PHE F 353 25.05 8.66 -25.06
N LEU F 354 24.48 9.76 -24.57
CA LEU F 354 24.93 10.41 -23.35
C LEU F 354 23.79 10.39 -22.34
N GLU F 355 23.82 9.40 -21.44
CA GLU F 355 22.79 9.27 -20.42
C GLU F 355 22.99 10.29 -19.31
N ALA F 356 21.89 10.80 -18.78
CA ALA F 356 21.92 11.78 -17.71
C ALA F 356 22.00 11.15 -16.32
N GLU F 357 21.88 9.83 -16.21
CA GLU F 357 21.95 9.18 -14.91
C GLU F 357 23.38 9.02 -14.44
N LEU F 358 24.28 8.60 -15.32
CA LEU F 358 25.68 8.42 -14.96
C LEU F 358 26.48 9.72 -15.00
N PHE F 359 25.93 10.79 -15.59
CA PHE F 359 26.65 12.04 -15.65
C PHE F 359 26.62 12.80 -14.33
N TYR F 360 25.63 12.54 -13.48
CA TYR F 360 25.51 13.19 -12.19
C TYR F 360 26.23 12.45 -11.07
N LYS F 361 26.76 11.25 -11.35
CA LYS F 361 27.46 10.48 -10.35
C LYS F 361 28.98 10.66 -10.40
N GLY F 362 29.50 11.34 -11.41
CA GLY F 362 30.91 11.58 -11.55
C GLY F 362 31.54 10.95 -12.79
N ILE F 363 30.83 10.07 -13.48
CA ILE F 363 31.36 9.41 -14.67
C ILE F 363 31.28 10.38 -15.85
N ARG F 364 32.33 11.17 -16.04
CA ARG F 364 32.39 12.14 -17.12
C ARG F 364 33.43 11.70 -18.14
N PRO F 365 33.06 11.48 -19.41
CA PRO F 365 31.68 11.63 -19.90
C PRO F 365 30.88 10.34 -19.79
N ALA F 366 29.57 10.47 -19.59
CA ALA F 366 28.69 9.31 -19.47
C ALA F 366 28.42 8.68 -20.82
N ILE F 367 29.27 7.74 -21.23
CA ILE F 367 29.14 7.05 -22.51
C ILE F 367 28.65 5.64 -22.21
N ASN F 368 27.44 5.32 -22.67
CA ASN F 368 26.86 4.00 -22.45
C ASN F 368 27.47 3.00 -23.43
N VAL F 369 28.04 1.91 -22.90
CA VAL F 369 28.65 0.91 -23.77
C VAL F 369 27.58 0.03 -24.41
N GLY F 370 26.40 -0.09 -23.79
CA GLY F 370 25.33 -0.89 -24.34
C GLY F 370 24.43 -0.18 -25.33
N LEU F 371 24.65 1.11 -25.56
CA LEU F 371 23.85 1.89 -26.50
C LEU F 371 24.67 2.51 -27.62
N SER F 372 25.85 3.05 -27.31
CA SER F 372 26.70 3.66 -28.32
C SER F 372 27.51 2.58 -29.04
N VAL F 373 27.59 2.70 -30.36
CA VAL F 373 28.31 1.76 -31.21
C VAL F 373 28.86 2.50 -32.42
N SER F 374 29.78 1.87 -33.14
CA SER F 374 30.40 2.45 -34.31
C SER F 374 30.38 1.43 -35.44
N ARG F 375 29.88 1.84 -36.61
CA ARG F 375 29.81 0.93 -37.74
C ARG F 375 31.17 0.78 -38.42
N VAL F 376 31.76 1.90 -38.84
CA VAL F 376 33.06 1.89 -39.49
C VAL F 376 34.12 2.41 -38.54
N GLY F 377 34.08 1.93 -37.30
CA GLY F 377 35.04 2.35 -36.29
C GLY F 377 36.05 1.28 -35.94
N SER F 378 35.79 0.05 -36.38
CA SER F 378 36.70 -1.05 -36.10
C SER F 378 37.91 -1.01 -37.01
N ALA F 379 37.69 -0.84 -38.33
CA ALA F 379 38.79 -0.79 -39.28
C ALA F 379 39.45 0.57 -39.34
N ALA F 380 38.78 1.62 -38.87
CA ALA F 380 39.33 2.98 -38.87
C ALA F 380 39.88 3.37 -37.52
N GLN F 381 40.60 2.47 -36.86
CA GLN F 381 41.19 2.72 -35.55
C GLN F 381 42.66 2.31 -35.56
N VAL F 382 43.36 2.65 -34.49
CA VAL F 382 44.77 2.31 -34.36
C VAL F 382 44.92 0.85 -33.97
N LYS F 383 45.99 0.22 -34.46
CA LYS F 383 46.24 -1.18 -34.16
C LYS F 383 46.80 -1.38 -32.76
N ALA F 384 47.45 -0.35 -32.20
CA ALA F 384 48.01 -0.46 -30.86
C ALA F 384 46.94 -0.38 -29.78
N MET F 385 45.93 0.46 -29.97
CA MET F 385 44.86 0.60 -28.98
C MET F 385 43.87 -0.54 -29.05
N LYS F 386 43.68 -1.13 -30.23
CA LYS F 386 42.74 -2.24 -30.36
C LYS F 386 43.31 -3.56 -29.87
N GLN F 387 44.63 -3.71 -29.90
CA GLN F 387 45.25 -4.95 -29.45
C GLN F 387 45.33 -5.00 -27.92
N VAL F 388 45.52 -3.85 -27.27
CA VAL F 388 45.61 -3.82 -25.81
C VAL F 388 44.22 -3.90 -25.18
N ALA F 389 43.19 -3.43 -25.88
CA ALA F 389 41.82 -3.45 -25.37
C ALA F 389 41.03 -4.60 -25.99
N GLY F 390 41.42 -5.82 -25.63
CA GLY F 390 40.76 -7.01 -26.15
C GLY F 390 39.42 -7.21 -25.47
N SER F 391 38.34 -7.22 -26.26
CA SER F 391 36.98 -7.41 -25.75
C SER F 391 36.63 -6.36 -24.71
N LEU F 392 36.97 -5.10 -24.99
CA LEU F 392 36.68 -4.02 -24.05
C LEU F 392 35.23 -3.57 -24.13
N LYS F 393 34.62 -3.63 -25.32
CA LYS F 393 33.24 -3.21 -25.47
C LYS F 393 32.27 -4.25 -24.93
N LEU F 394 32.61 -5.54 -25.04
CA LEU F 394 31.73 -6.59 -24.54
C LEU F 394 31.81 -6.73 -23.02
N PHE F 395 32.97 -6.49 -22.43
CA PHE F 395 33.11 -6.61 -20.99
C PHE F 395 32.53 -5.41 -20.25
N LEU F 396 32.47 -4.25 -20.91
CA LEU F 396 31.92 -3.06 -20.27
C LEU F 396 30.40 -3.12 -20.18
N ALA F 397 29.75 -3.71 -21.18
CA ALA F 397 28.29 -3.81 -21.17
C ALA F 397 27.80 -4.90 -20.22
N GLN F 398 28.56 -5.98 -20.08
CA GLN F 398 28.14 -7.07 -19.20
C GLN F 398 28.41 -6.75 -17.74
N TYR F 399 29.35 -5.86 -17.44
CA TYR F 399 29.65 -5.51 -16.06
C TYR F 399 28.62 -4.54 -15.49
N ARG F 400 27.93 -3.80 -16.36
CA ARG F 400 26.92 -2.85 -15.89
C ARG F 400 25.62 -3.54 -15.50
N GLU F 401 25.27 -4.63 -16.19
CA GLU F 401 24.02 -5.33 -15.87
C GLU F 401 24.18 -6.23 -14.66
N VAL F 402 25.38 -6.72 -14.38
CA VAL F 402 25.58 -7.58 -13.22
C VAL F 402 25.72 -6.75 -11.94
N ALA F 403 26.23 -5.53 -12.03
CA ALA F 403 26.38 -4.68 -10.86
C ALA F 403 25.07 -4.06 -10.41
N ALA F 404 24.10 -3.91 -11.32
CA ALA F 404 22.82 -3.31 -10.96
C ALA F 404 21.91 -4.29 -10.21
N PHE F 405 22.14 -5.58 -10.34
CA PHE F 405 21.32 -6.59 -9.68
C PHE F 405 22.02 -7.20 -8.47
N ALA F 406 23.22 -6.72 -8.10
CA ALA F 406 23.94 -7.25 -6.96
C ALA F 406 24.01 -6.22 -5.84
N LEU F 412 27.16 -12.46 -3.01
CA LEU F 412 28.57 -12.23 -3.33
C LEU F 412 29.26 -13.53 -3.72
N ASP F 413 29.17 -13.89 -5.00
CA ASP F 413 29.80 -15.11 -5.49
C ASP F 413 31.27 -14.85 -5.83
N ALA F 414 31.97 -15.95 -6.15
CA ALA F 414 33.39 -15.84 -6.50
C ALA F 414 33.57 -15.31 -7.92
N SER F 415 32.69 -15.67 -8.84
CA SER F 415 32.80 -15.20 -10.22
C SER F 415 32.34 -13.76 -10.37
N THR F 416 31.37 -13.33 -9.56
CA THR F 416 30.87 -11.96 -9.64
C THR F 416 31.80 -10.96 -8.98
N LYS F 417 32.67 -11.40 -8.07
CA LYS F 417 33.59 -10.49 -7.41
C LYS F 417 34.74 -10.09 -8.32
N GLN F 418 35.13 -10.95 -9.25
CA GLN F 418 36.23 -10.63 -10.16
C GLN F 418 35.80 -9.65 -11.23
N THR F 419 34.56 -9.74 -11.69
CA THR F 419 34.07 -8.83 -12.73
C THR F 419 33.72 -7.46 -12.17
N LEU F 420 33.35 -7.39 -10.88
CA LEU F 420 33.01 -6.11 -10.28
C LEU F 420 34.23 -5.29 -9.92
N SER F 421 35.34 -5.95 -9.56
CA SER F 421 36.55 -5.23 -9.21
C SER F 421 37.29 -4.73 -10.45
N ARG F 422 37.27 -5.52 -11.53
CA ARG F 422 37.95 -5.10 -12.75
C ARG F 422 37.15 -4.08 -13.54
N GLY F 423 35.81 -4.11 -13.42
CA GLY F 423 34.98 -3.16 -14.14
C GLY F 423 34.96 -1.78 -13.53
N GLU F 424 35.14 -1.69 -12.20
CA GLU F 424 35.14 -0.39 -11.54
C GLU F 424 36.43 0.38 -11.78
N ARG F 425 37.56 -0.31 -11.90
CA ARG F 425 38.83 0.37 -12.14
C ARG F 425 38.97 0.83 -13.58
N LEU F 426 38.34 0.13 -14.52
CA LEU F 426 38.42 0.53 -15.92
C LEU F 426 37.55 1.73 -16.24
N THR F 427 36.42 1.88 -15.55
CA THR F 427 35.53 3.01 -15.80
C THR F 427 36.07 4.30 -15.19
N GLN F 428 36.75 4.22 -14.04
CA GLN F 428 37.30 5.41 -13.42
C GLN F 428 38.56 5.90 -14.11
N LEU F 429 39.36 4.98 -14.66
CA LEU F 429 40.59 5.38 -15.33
C LEU F 429 40.31 5.98 -16.71
N LEU F 430 39.23 5.57 -17.37
CA LEU F 430 38.89 6.09 -18.68
C LEU F 430 38.16 7.43 -18.61
N LYS F 431 37.73 7.86 -17.43
CA LYS F 431 37.04 9.14 -17.28
C LYS F 431 38.06 10.25 -17.10
N GLN F 432 38.17 11.11 -18.11
CA GLN F 432 39.09 12.23 -18.08
C GLN F 432 38.36 13.51 -17.73
N LYS F 433 39.13 14.55 -17.43
CA LYS F 433 38.58 15.85 -17.07
C LYS F 433 38.32 16.67 -18.33
N GLN F 434 37.80 17.89 -18.13
CA GLN F 434 37.51 18.78 -19.24
C GLN F 434 38.79 19.40 -19.78
N TYR F 435 38.90 19.45 -21.11
CA TYR F 435 40.06 20.02 -21.80
C TYR F 435 41.35 19.32 -21.36
N SER F 436 41.31 17.99 -21.34
CA SER F 436 42.47 17.16 -20.96
C SER F 436 42.53 15.94 -21.86
N PRO F 437 42.86 16.14 -23.13
CA PRO F 437 42.93 15.02 -24.07
C PRO F 437 44.28 14.32 -24.02
N GLN F 438 44.25 13.01 -24.29
CA GLN F 438 45.44 12.18 -24.30
C GLN F 438 45.72 11.71 -25.72
N ALA F 439 46.97 11.30 -25.94
CA ALA F 439 47.42 10.82 -27.24
C ALA F 439 47.14 9.32 -27.37
N SER F 440 47.58 8.75 -28.49
CA SER F 440 47.36 7.32 -28.72
C SER F 440 48.39 6.47 -28.00
N GLU F 441 49.56 7.04 -27.67
CA GLU F 441 50.58 6.28 -26.96
C GLU F 441 50.35 6.26 -25.45
N GLU F 442 49.74 7.31 -24.91
CA GLU F 442 49.47 7.36 -23.48
C GLU F 442 48.20 6.60 -23.11
N GLN F 443 47.25 6.50 -24.03
CA GLN F 443 46.01 5.78 -23.77
C GLN F 443 46.15 4.28 -23.97
N VAL F 444 47.19 3.83 -24.66
CA VAL F 444 47.42 2.41 -24.90
C VAL F 444 48.11 1.80 -23.68
N PRO F 445 48.83 2.59 -22.89
CA PRO F 445 49.50 2.03 -21.70
C PRO F 445 48.57 1.97 -20.50
N VAL F 446 47.56 2.84 -20.48
CA VAL F 446 46.62 2.86 -19.36
C VAL F 446 45.52 1.81 -19.57
N ILE F 447 45.16 1.52 -20.82
CA ILE F 447 44.12 0.53 -21.07
C ILE F 447 44.65 -0.90 -21.02
N TYR F 448 45.97 -1.09 -21.12
CA TYR F 448 46.53 -2.44 -21.07
C TYR F 448 46.74 -2.91 -19.64
N ALA F 449 46.83 -1.98 -18.68
CA ALA F 449 47.01 -2.36 -17.28
C ALA F 449 45.70 -2.74 -16.63
N GLY F 450 44.61 -2.09 -17.02
CA GLY F 450 43.30 -2.39 -16.45
C GLY F 450 42.65 -3.63 -17.01
N VAL F 451 43.08 -4.10 -18.18
CA VAL F 451 42.50 -5.30 -18.77
C VAL F 451 43.31 -6.55 -18.47
N ASN F 452 44.56 -6.41 -18.01
CA ASN F 452 45.41 -7.54 -17.69
C ASN F 452 45.44 -7.86 -16.20
N GLY F 453 44.75 -7.07 -15.38
CA GLY F 453 44.73 -7.31 -13.95
C GLY F 453 45.81 -6.60 -13.17
N PHE F 454 46.47 -5.61 -13.76
CA PHE F 454 47.53 -4.88 -13.07
C PHE F 454 47.01 -3.76 -12.18
N LEU F 455 45.73 -3.42 -12.28
CA LEU F 455 45.13 -2.36 -11.48
C LEU F 455 44.11 -2.89 -10.48
N ASP F 456 44.02 -4.21 -10.31
CA ASP F 456 43.06 -4.78 -9.36
C ASP F 456 43.54 -4.68 -7.92
N ASN F 457 44.86 -4.60 -7.71
CA ASN F 457 45.40 -4.50 -6.35
C ASN F 457 45.36 -3.08 -5.82
N ILE F 458 45.15 -2.08 -6.68
CA ILE F 458 45.10 -0.69 -6.25
C ILE F 458 43.71 -0.40 -5.69
N PRO F 459 43.54 0.70 -4.95
CA PRO F 459 42.21 1.01 -4.40
C PRO F 459 41.35 1.71 -5.43
N ILE F 460 40.09 1.94 -5.04
CA ILE F 460 39.13 2.61 -5.92
C ILE F 460 39.39 4.10 -5.95
N GLU F 461 39.78 4.69 -4.82
CA GLU F 461 40.05 6.12 -4.76
C GLU F 461 41.39 6.50 -5.36
N ARG F 462 42.29 5.53 -5.54
CA ARG F 462 43.61 5.78 -6.12
C ARG F 462 43.64 5.55 -7.62
N ILE F 463 42.50 5.56 -8.28
CA ILE F 463 42.43 5.34 -9.73
C ILE F 463 42.90 6.60 -10.44
N PRO F 464 42.67 7.78 -9.89
CA PRO F 464 43.12 9.01 -10.56
C PRO F 464 44.61 9.27 -10.36
N GLU F 465 45.15 8.83 -9.23
CA GLU F 465 46.56 9.01 -8.96
C GLU F 465 47.44 7.99 -9.69
N PHE F 466 46.88 6.83 -10.02
CA PHE F 466 47.64 5.81 -10.73
C PHE F 466 47.81 6.12 -12.21
N GLU F 467 46.90 6.90 -12.80
CA GLU F 467 47.00 7.24 -14.21
C GLU F 467 48.06 8.30 -14.46
N GLU F 468 48.20 9.25 -13.53
CA GLU F 468 49.20 10.30 -13.69
C GLU F 468 50.61 9.82 -13.35
N GLN F 469 50.73 8.84 -12.45
CA GLN F 469 52.05 8.34 -12.08
C GLN F 469 52.59 7.37 -13.12
N PHE F 470 51.72 6.61 -13.79
CA PHE F 470 52.17 5.67 -14.81
C PHE F 470 52.53 6.36 -16.12
N ILE F 471 51.91 7.50 -16.42
CA ILE F 471 52.21 8.20 -17.65
C ILE F 471 53.53 8.97 -17.53
N ALA F 472 53.85 9.48 -16.34
CA ALA F 472 55.08 10.22 -16.15
C ALA F 472 56.29 9.30 -16.07
N TYR F 473 56.14 8.12 -15.49
CA TYR F 473 57.26 7.19 -15.38
C TYR F 473 57.57 6.50 -16.71
N LEU F 474 56.58 6.41 -17.60
CA LEU F 474 56.78 5.77 -18.90
C LEU F 474 57.33 6.74 -19.95
N LYS F 475 57.52 8.01 -19.61
CA LYS F 475 58.04 9.00 -20.54
C LYS F 475 59.47 9.41 -20.22
N ALA F 476 60.12 8.76 -19.25
CA ALA F 476 61.48 9.10 -18.87
C ALA F 476 62.31 7.83 -18.66
N ASN F 477 61.69 6.78 -18.16
CA ASN F 477 62.37 5.51 -17.91
C ASN F 477 62.17 4.50 -19.03
N GLU F 478 61.23 4.74 -19.94
CA GLU F 478 60.97 3.83 -21.05
C GLU F 478 60.43 4.64 -22.23
N GLY F 479 61.25 5.55 -22.75
CA GLY F 479 60.85 6.38 -23.87
C GLY F 479 60.83 5.65 -25.20
N ASP F 480 61.52 4.51 -25.30
CA ASP F 480 61.55 3.75 -26.53
C ASP F 480 60.26 2.98 -26.78
N ILE F 481 59.50 2.66 -25.73
CA ILE F 481 58.25 1.93 -25.92
C ILE F 481 57.10 2.88 -26.24
N LEU F 482 57.14 4.10 -25.73
CA LEU F 482 56.07 5.06 -26.01
C LEU F 482 56.19 5.66 -27.41
N GLU F 483 57.42 5.83 -27.91
CA GLU F 483 57.60 6.39 -29.24
C GLU F 483 57.35 5.37 -30.35
N ALA F 484 57.49 4.08 -30.04
CA ALA F 484 57.26 3.05 -31.04
C ALA F 484 55.78 2.77 -31.25
N ILE F 485 54.95 3.03 -30.24
CA ILE F 485 53.52 2.79 -30.37
C ILE F 485 52.82 3.91 -31.14
N ARG F 486 53.42 5.09 -31.22
CA ARG F 486 52.82 6.21 -31.93
C ARG F 486 53.30 6.32 -33.37
N THR F 487 54.54 5.91 -33.64
CA THR F 487 55.07 5.99 -35.01
C THR F 487 54.62 4.79 -35.85
N LYS F 488 54.78 3.58 -35.32
CA LYS F 488 54.37 2.39 -36.05
C LYS F 488 52.87 2.17 -35.98
N GLY F 489 52.26 2.44 -34.82
CA GLY F 489 50.84 2.27 -34.63
C GLY F 489 50.40 0.88 -34.23
N GLU F 490 51.33 -0.04 -34.03
CA GLU F 490 51.01 -1.41 -33.63
C GLU F 490 52.05 -1.90 -32.65
N LEU F 491 51.80 -3.09 -32.10
CA LEU F 491 52.69 -3.71 -31.13
C LEU F 491 52.87 -5.18 -31.50
N SER F 492 54.12 -5.60 -31.70
CA SER F 492 54.41 -6.99 -32.07
C SER F 492 54.74 -7.80 -30.83
N SER F 493 55.60 -8.82 -30.99
CA SER F 493 55.98 -9.65 -29.86
C SER F 493 56.97 -8.94 -28.94
N GLU F 494 57.85 -8.12 -29.51
CA GLU F 494 58.83 -7.41 -28.70
C GLU F 494 58.21 -6.21 -27.98
N LEU F 495 57.21 -5.57 -28.57
CA LEU F 495 56.58 -4.43 -27.94
C LEU F 495 55.61 -4.84 -26.84
N LEU F 496 55.01 -6.03 -26.95
CA LEU F 496 54.07 -6.49 -25.94
C LEU F 496 54.78 -6.99 -24.69
N ASP F 497 55.98 -7.56 -24.84
CA ASP F 497 56.72 -8.05 -23.69
C ASP F 497 57.36 -6.92 -22.88
N LYS F 498 57.73 -5.82 -23.54
CA LYS F 498 58.35 -4.71 -22.84
C LYS F 498 57.33 -3.88 -22.05
N LEU F 499 56.07 -3.86 -22.51
CA LEU F 499 55.05 -3.09 -21.81
C LEU F 499 54.55 -3.80 -20.55
N LYS F 500 54.60 -5.13 -20.54
CA LYS F 500 54.14 -5.88 -19.37
C LYS F 500 55.16 -5.86 -18.24
N SER F 501 56.45 -5.75 -18.58
CA SER F 501 57.48 -5.72 -17.54
C SER F 501 57.58 -4.36 -16.87
N ALA F 502 57.29 -3.29 -17.60
CA ALA F 502 57.37 -1.95 -17.02
C ALA F 502 56.17 -1.63 -16.14
N THR F 503 55.01 -2.19 -16.46
CA THR F 503 53.82 -1.93 -15.66
C THR F 503 53.80 -2.73 -14.37
N GLU F 504 54.44 -3.91 -14.36
CA GLU F 504 54.46 -4.72 -13.15
C GLU F 504 55.46 -4.21 -12.13
N THR F 505 56.57 -3.62 -12.58
CA THR F 505 57.56 -3.10 -11.65
C THR F 505 57.15 -1.77 -11.04
N PHE F 506 56.34 -0.98 -11.75
CA PHE F 506 55.89 0.31 -11.24
C PHE F 506 54.68 0.19 -10.32
N VAL F 507 53.92 -0.89 -10.43
CA VAL F 507 52.74 -1.06 -9.58
C VAL F 507 53.11 -1.53 -8.17
N ALA F 508 54.27 -2.14 -8.00
CA ALA F 508 54.71 -2.61 -6.69
C ALA F 508 55.46 -1.56 -5.90
N THR F 509 55.71 -0.39 -6.48
CA THR F 509 56.44 0.67 -5.78
C THR F 509 55.56 1.92 -5.63
N SER G 12 -24.03 43.20 -83.74
CA SER G 12 -25.19 42.51 -83.19
C SER G 12 -24.78 41.26 -82.42
N ILE G 13 -25.73 40.66 -81.72
CA ILE G 13 -25.44 39.46 -80.94
C ILE G 13 -25.41 38.22 -81.84
N LEU G 14 -26.24 38.21 -82.89
CA LEU G 14 -26.29 37.06 -83.79
C LEU G 14 -25.12 37.03 -84.76
N GLU G 15 -24.51 38.18 -85.06
CA GLU G 15 -23.38 38.21 -85.98
C GLU G 15 -22.07 37.82 -85.31
N SER G 16 -21.97 38.02 -83.99
CA SER G 16 -20.75 37.66 -83.29
C SER G 16 -20.65 36.16 -83.02
N LYS G 17 -21.80 35.49 -82.87
CA LYS G 17 -21.79 34.04 -82.61
C LYS G 17 -21.55 33.22 -83.87
N ILE G 18 -21.77 33.79 -85.05
CA ILE G 18 -21.56 33.06 -86.29
C ILE G 18 -20.09 32.96 -86.66
N ARG G 19 -19.26 33.90 -86.19
CA ARG G 19 -17.84 33.90 -86.49
C ARG G 19 -17.00 33.33 -85.35
N GLY G 20 -17.63 32.83 -84.30
CA GLY G 20 -16.91 32.26 -83.17
C GLY G 20 -17.76 31.37 -82.30
N VAL G 21 -17.98 31.79 -81.05
CA VAL G 21 -18.78 31.05 -80.08
C VAL G 21 -18.21 29.65 -79.90
N SER G 22 -19.09 28.66 -79.83
CA SER G 22 -18.68 27.27 -79.66
C SER G 22 -19.46 26.42 -80.66
N ASP G 23 -19.57 25.12 -80.38
CA ASP G 23 -20.26 24.16 -81.20
C ASP G 23 -21.50 23.65 -80.44
N GLU G 24 -21.81 22.36 -80.60
CA GLU G 24 -22.96 21.76 -79.93
C GLU G 24 -22.61 21.40 -78.49
N ALA G 25 -22.52 20.10 -78.21
CA ALA G 25 -22.19 19.59 -76.88
C ALA G 25 -23.14 20.15 -75.82
N ASN G 26 -24.35 19.60 -75.76
CA ASN G 26 -25.33 20.06 -74.78
C ASN G 26 -24.96 19.58 -73.39
N LEU G 27 -25.16 20.46 -72.41
CA LEU G 27 -24.84 20.17 -71.01
C LEU G 27 -26.02 19.56 -70.26
N ASP G 28 -27.07 19.15 -70.96
CA ASP G 28 -28.23 18.56 -70.30
C ASP G 28 -27.95 17.12 -69.85
N GLU G 29 -27.63 16.25 -70.81
CA GLU G 29 -27.34 14.85 -70.52
C GLU G 29 -25.86 14.52 -70.62
N THR G 30 -25.02 15.50 -70.95
CA THR G 30 -23.58 15.29 -71.08
C THR G 30 -22.86 16.42 -70.34
N GLY G 31 -21.53 16.41 -70.43
CA GLY G 31 -20.73 17.41 -69.77
C GLY G 31 -19.27 17.26 -70.15
N ARG G 32 -18.52 18.34 -69.92
CA ARG G 32 -17.10 18.40 -70.20
C ARG G 32 -16.31 18.35 -68.90
N VAL G 33 -15.28 17.50 -68.86
CA VAL G 33 -14.45 17.36 -67.68
C VAL G 33 -13.45 18.51 -67.66
N LEU G 34 -13.57 19.38 -66.66
CA LEU G 34 -12.67 20.52 -66.54
C LEU G 34 -11.39 20.18 -65.79
N SER G 35 -11.48 19.35 -64.75
CA SER G 35 -10.33 18.95 -63.97
C SER G 35 -10.55 17.55 -63.42
N VAL G 36 -9.49 16.74 -63.41
CA VAL G 36 -9.55 15.38 -62.91
C VAL G 36 -8.21 15.03 -62.30
N GLY G 37 -8.24 14.18 -61.28
CA GLY G 37 -7.04 13.76 -60.60
C GLY G 37 -7.28 13.14 -59.24
N ASP G 38 -6.49 12.11 -58.91
CA ASP G 38 -6.61 11.40 -57.63
C ASP G 38 -8.01 10.83 -57.44
N GLY G 39 -8.58 10.28 -58.51
CA GLY G 39 -9.90 9.70 -58.49
C GLY G 39 -11.04 10.67 -58.74
N ILE G 40 -10.92 11.90 -58.23
CA ILE G 40 -11.97 12.90 -58.43
C ILE G 40 -11.93 13.42 -59.86
N ALA G 41 -13.07 13.91 -60.32
CA ALA G 41 -13.18 14.45 -61.68
C ALA G 41 -14.26 15.52 -61.68
N ARG G 42 -13.85 16.78 -61.81
CA ARG G 42 -14.78 17.90 -61.83
C ARG G 42 -15.29 18.09 -63.26
N VAL G 43 -16.54 17.71 -63.49
CA VAL G 43 -17.17 17.82 -64.80
C VAL G 43 -17.99 19.10 -64.85
N PHE G 44 -17.72 19.95 -65.83
CA PHE G 44 -18.44 21.21 -65.99
C PHE G 44 -19.68 20.96 -66.82
N GLY G 45 -20.83 20.91 -66.16
CA GLY G 45 -22.09 20.67 -66.84
C GLY G 45 -23.00 19.72 -66.10
N LEU G 46 -23.73 18.87 -66.84
CA LEU G 46 -24.65 17.89 -66.28
C LEU G 46 -25.70 18.57 -65.41
N ASN G 47 -26.66 19.20 -66.09
CA ASN G 47 -27.73 19.91 -65.39
C ASN G 47 -28.87 18.96 -65.02
N ASN G 48 -29.19 18.01 -65.89
CA ASN G 48 -30.26 17.05 -65.66
C ASN G 48 -29.78 15.79 -64.95
N CYS G 49 -28.51 15.73 -64.55
CA CYS G 49 -27.99 14.56 -63.87
C CYS G 49 -28.40 14.58 -62.40
N GLN G 50 -28.94 13.47 -61.92
CA GLN G 50 -29.37 13.37 -60.54
C GLN G 50 -28.19 13.03 -59.63
N ALA G 51 -28.45 13.04 -58.33
CA ALA G 51 -27.43 12.73 -57.34
C ALA G 51 -27.17 11.23 -57.28
N GLU G 52 -25.89 10.88 -57.12
CA GLU G 52 -25.45 9.48 -57.04
C GLU G 52 -25.88 8.70 -58.28
N GLU G 53 -25.63 9.30 -59.44
CA GLU G 53 -25.97 8.69 -60.73
C GLU G 53 -24.72 8.16 -61.41
N LEU G 54 -24.91 7.11 -62.21
CA LEU G 54 -23.80 6.50 -62.95
C LEU G 54 -23.45 7.35 -64.15
N VAL G 55 -22.20 7.79 -64.23
CA VAL G 55 -21.71 8.62 -65.33
C VAL G 55 -20.71 7.81 -66.14
N GLU G 56 -20.74 7.98 -67.46
CA GLU G 56 -19.86 7.27 -68.37
C GLU G 56 -19.01 8.30 -69.11
N PHE G 57 -17.68 8.14 -69.02
CA PHE G 57 -16.76 9.05 -69.68
C PHE G 57 -16.53 8.61 -71.13
N ALA G 58 -15.76 9.41 -71.86
CA ALA G 58 -15.46 9.10 -73.25
C ALA G 58 -14.39 8.04 -73.41
N SER G 59 -13.57 7.81 -72.39
CA SER G 59 -12.52 6.80 -72.45
C SER G 59 -13.00 5.42 -72.06
N GLY G 60 -14.12 5.31 -71.37
CA GLY G 60 -14.67 4.02 -70.95
C GLY G 60 -14.72 3.82 -69.44
N VAL G 61 -14.18 4.74 -68.66
CA VAL G 61 -14.19 4.60 -67.20
C VAL G 61 -15.52 5.12 -66.66
N LYS G 62 -16.09 4.40 -65.70
CA LYS G 62 -17.36 4.80 -65.11
C LYS G 62 -17.13 5.85 -64.02
N GLY G 63 -18.19 6.61 -63.74
CA GLY G 63 -18.11 7.64 -62.73
C GLY G 63 -19.42 7.73 -61.96
N MET G 64 -19.32 8.35 -60.78
CA MET G 64 -20.47 8.54 -59.90
C MET G 64 -20.46 9.98 -59.41
N ALA G 65 -21.44 10.77 -59.85
CA ALA G 65 -21.54 12.17 -59.46
C ALA G 65 -22.13 12.24 -58.06
N LEU G 66 -21.27 12.52 -57.07
CA LEU G 66 -21.70 12.62 -55.69
C LEU G 66 -21.78 14.05 -55.17
N ASN G 67 -21.02 14.98 -55.78
CA ASN G 67 -21.02 16.38 -55.39
C ASN G 67 -21.51 17.22 -56.56
N LEU G 68 -22.68 17.83 -56.41
CA LEU G 68 -23.28 18.67 -57.43
C LEU G 68 -23.23 20.12 -56.98
N GLU G 69 -22.51 20.95 -57.72
CA GLU G 69 -22.39 22.36 -57.40
C GLU G 69 -23.23 23.19 -58.35
N PRO G 70 -22.97 24.50 -58.46
CA PRO G 70 -23.76 25.34 -59.36
C PRO G 70 -23.05 25.60 -60.69
N GLY G 71 -21.73 25.45 -60.68
CA GLY G 71 -20.94 25.69 -61.88
C GLY G 71 -20.25 24.45 -62.38
N GLN G 72 -19.97 23.50 -61.49
CA GLN G 72 -19.30 22.26 -61.83
C GLN G 72 -20.04 21.10 -61.16
N VAL G 73 -19.51 19.89 -61.34
CA VAL G 73 -20.10 18.69 -60.76
C VAL G 73 -19.00 17.69 -60.45
N GLY G 74 -18.74 17.48 -59.15
CA GLY G 74 -17.70 16.55 -58.73
C GLY G 74 -18.14 15.11 -58.85
N ILE G 75 -17.50 14.36 -59.75
CA ILE G 75 -17.80 12.95 -59.98
C ILE G 75 -16.60 12.13 -59.56
N VAL G 76 -16.86 11.00 -58.90
CA VAL G 76 -15.81 10.10 -58.43
C VAL G 76 -15.69 8.95 -59.43
N LEU G 77 -14.48 8.76 -59.96
CA LEU G 77 -14.23 7.70 -60.92
C LEU G 77 -14.14 6.34 -60.23
N PHE G 78 -14.69 5.32 -60.87
CA PHE G 78 -14.69 3.97 -60.34
C PHE G 78 -13.49 3.14 -60.83
N GLY G 79 -12.56 3.76 -61.55
CA GLY G 79 -11.39 3.05 -62.03
C GLY G 79 -10.14 3.89 -62.01
N SER G 80 -9.37 3.86 -63.10
CA SER G 80 -8.13 4.60 -63.22
C SER G 80 -8.39 5.92 -63.92
N ASP G 81 -7.74 6.99 -63.44
CA ASP G 81 -7.88 8.32 -64.00
C ASP G 81 -6.75 8.67 -64.96
N ARG G 82 -6.04 7.67 -65.47
CA ARG G 82 -4.94 7.91 -66.39
C ARG G 82 -5.41 8.21 -67.82
N GLU G 83 -6.62 7.78 -68.17
CA GLU G 83 -7.16 8.01 -69.51
C GLU G 83 -8.09 9.22 -69.58
N VAL G 84 -8.47 9.78 -68.44
CA VAL G 84 -9.35 10.95 -68.41
C VAL G 84 -8.50 12.21 -68.35
N LYS G 85 -8.75 13.13 -69.27
CA LYS G 85 -8.03 14.39 -69.35
C LYS G 85 -9.02 15.56 -69.29
N GLU G 86 -8.50 16.76 -69.48
CA GLU G 86 -9.34 17.95 -69.45
C GLU G 86 -10.05 18.13 -70.78
N GLY G 87 -11.37 18.33 -70.72
CA GLY G 87 -12.17 18.51 -71.91
C GLY G 87 -12.82 17.25 -72.45
N GLU G 88 -12.78 16.14 -71.71
CA GLU G 88 -13.36 14.90 -72.17
C GLU G 88 -14.87 14.91 -71.96
N ILE G 89 -15.58 14.22 -72.85
CA ILE G 89 -17.04 14.13 -72.78
C ILE G 89 -17.43 13.14 -71.69
N VAL G 90 -18.36 13.54 -70.83
CA VAL G 90 -18.84 12.72 -69.73
C VAL G 90 -20.35 12.60 -69.91
N LYS G 91 -20.80 11.46 -70.45
CA LYS G 91 -22.22 11.23 -70.68
C LYS G 91 -22.87 10.64 -69.43
N ARG G 92 -24.18 10.84 -69.31
CA ARG G 92 -24.95 10.34 -68.18
C ARG G 92 -25.79 9.14 -68.62
N THR G 93 -25.82 8.11 -67.78
CA THR G 93 -26.59 6.92 -68.09
C THR G 93 -28.07 7.08 -67.79
N GLY G 94 -28.45 8.04 -66.95
CA GLY G 94 -29.83 8.27 -66.62
C GLY G 94 -30.33 7.53 -65.39
N LYS G 95 -29.58 6.56 -64.89
CA LYS G 95 -29.95 5.80 -63.71
C LYS G 95 -28.98 6.06 -62.58
N ILE G 96 -29.27 5.48 -61.41
CA ILE G 96 -28.43 5.64 -60.24
C ILE G 96 -27.42 4.52 -60.19
N VAL G 97 -26.68 4.42 -59.08
CA VAL G 97 -25.67 3.38 -58.90
C VAL G 97 -26.36 2.07 -58.54
N ASP G 98 -26.63 1.24 -59.53
CA ASP G 98 -27.28 -0.05 -59.34
C ASP G 98 -26.28 -1.17 -59.54
N VAL G 99 -26.72 -2.39 -59.21
CA VAL G 99 -25.89 -3.59 -59.35
C VAL G 99 -26.78 -4.78 -59.70
N PRO G 100 -26.21 -5.89 -60.15
CA PRO G 100 -27.03 -7.05 -60.50
C PRO G 100 -27.39 -7.88 -59.27
N ILE G 101 -28.51 -8.59 -59.37
CA ILE G 101 -29.02 -9.44 -58.31
C ILE G 101 -29.78 -10.59 -58.95
N GLY G 102 -30.17 -11.56 -58.11
CA GLY G 102 -30.89 -12.71 -58.58
C GLY G 102 -30.26 -14.01 -58.13
N PRO G 103 -30.87 -15.14 -58.52
CA PRO G 103 -30.33 -16.45 -58.12
C PRO G 103 -29.18 -16.94 -59.00
N GLY G 104 -28.91 -16.28 -60.13
CA GLY G 104 -27.85 -16.68 -61.02
C GLY G 104 -26.48 -16.15 -60.67
N MET G 105 -26.36 -15.35 -59.61
CA MET G 105 -25.07 -14.80 -59.21
C MET G 105 -24.28 -15.73 -58.31
N LEU G 106 -24.87 -16.84 -57.87
CA LEU G 106 -24.18 -17.79 -57.00
C LEU G 106 -23.25 -18.66 -57.84
N GLY G 107 -21.95 -18.58 -57.55
CA GLY G 107 -20.96 -19.35 -58.27
C GLY G 107 -19.95 -18.53 -59.07
N ARG G 108 -20.00 -17.20 -59.00
CA ARG G 108 -19.07 -16.36 -59.73
C ARG G 108 -18.59 -15.23 -58.84
N VAL G 109 -17.32 -14.88 -58.97
CA VAL G 109 -16.72 -13.81 -58.17
C VAL G 109 -16.99 -12.50 -58.90
N VAL G 110 -18.00 -11.76 -58.42
CA VAL G 110 -18.37 -10.48 -59.02
C VAL G 110 -17.54 -9.37 -58.38
N ASP G 111 -17.61 -8.17 -58.96
CA ASP G 111 -16.86 -7.03 -58.45
C ASP G 111 -17.78 -6.10 -57.67
N ALA G 112 -17.48 -4.81 -57.68
CA ALA G 112 -18.28 -3.81 -56.98
C ALA G 112 -19.41 -3.24 -57.82
N LEU G 113 -19.42 -3.52 -59.13
CA LEU G 113 -20.46 -3.02 -60.02
C LEU G 113 -21.26 -4.13 -60.68
N GLY G 114 -21.02 -5.39 -60.30
CA GLY G 114 -21.73 -6.52 -60.87
C GLY G 114 -21.02 -7.19 -62.03
N ASN G 115 -19.83 -6.74 -62.40
CA ASN G 115 -19.12 -7.36 -63.52
C ASN G 115 -18.41 -8.64 -63.05
N PRO G 116 -18.36 -9.67 -63.88
CA PRO G 116 -17.70 -10.92 -63.48
C PRO G 116 -16.19 -10.80 -63.63
N ILE G 117 -15.47 -11.20 -62.59
CA ILE G 117 -14.00 -11.15 -62.58
C ILE G 117 -13.38 -12.54 -62.55
N ASP G 118 -14.19 -13.59 -62.55
CA ASP G 118 -13.67 -14.96 -62.52
C ASP G 118 -13.46 -15.55 -63.91
N GLY G 119 -13.94 -14.88 -64.96
CA GLY G 119 -13.76 -15.39 -66.30
C GLY G 119 -14.77 -16.43 -66.73
N LYS G 120 -16.00 -16.33 -66.22
CA LYS G 120 -17.06 -17.28 -66.57
C LYS G 120 -18.09 -16.68 -67.52
N GLY G 121 -17.73 -15.60 -68.22
CA GLY G 121 -18.63 -14.96 -69.14
C GLY G 121 -19.54 -13.97 -68.46
N PRO G 122 -20.78 -13.87 -68.93
CA PRO G 122 -21.74 -12.93 -68.34
C PRO G 122 -22.45 -13.54 -67.14
N ILE G 123 -23.04 -12.66 -66.34
CA ILE G 123 -23.78 -13.04 -65.14
C ILE G 123 -25.26 -13.07 -65.47
N GLU G 124 -25.92 -14.19 -65.15
CA GLU G 124 -27.35 -14.35 -65.40
C GLU G 124 -28.13 -13.63 -64.31
N ALA G 125 -28.36 -12.34 -64.52
CA ALA G 125 -29.08 -11.52 -63.56
C ALA G 125 -30.58 -11.53 -63.88
N THR G 126 -31.39 -11.61 -62.83
CA THR G 126 -32.84 -11.62 -62.96
C THR G 126 -33.47 -10.28 -62.61
N GLY G 127 -32.69 -9.30 -62.16
CA GLY G 127 -33.23 -8.01 -61.81
C GLY G 127 -32.11 -6.99 -61.67
N TYR G 128 -32.52 -5.76 -61.37
CA TYR G 128 -31.58 -4.65 -61.20
C TYR G 128 -31.96 -3.88 -59.95
N ALA G 129 -31.17 -4.02 -58.89
CA ALA G 129 -31.42 -3.35 -57.63
C ALA G 129 -30.37 -2.28 -57.39
N ILE G 130 -30.78 -1.19 -56.74
CA ILE G 130 -29.86 -0.09 -56.45
C ILE G 130 -28.99 -0.45 -55.26
N ALA G 131 -27.84 0.24 -55.16
CA ALA G 131 -26.92 -0.02 -54.06
C ALA G 131 -27.39 0.66 -52.77
N GLN G 132 -27.80 1.92 -52.85
CA GLN G 132 -28.27 2.67 -51.69
C GLN G 132 -29.77 2.44 -51.55
N LEU G 133 -30.13 1.37 -50.86
CA LEU G 133 -31.52 1.02 -50.63
C LEU G 133 -31.91 1.27 -49.18
N LYS G 134 -33.21 1.45 -48.96
CA LYS G 134 -33.73 1.71 -47.62
C LYS G 134 -33.79 0.42 -46.82
N ALA G 135 -33.63 0.55 -45.51
CA ALA G 135 -33.67 -0.59 -44.60
C ALA G 135 -35.11 -0.95 -44.27
N PRO G 136 -35.32 -2.06 -43.57
CA PRO G 136 -36.68 -2.46 -43.22
C PRO G 136 -37.19 -1.71 -42.00
N GLY G 137 -38.51 -1.51 -41.98
CA GLY G 137 -39.15 -0.81 -40.90
C GLY G 137 -39.42 -1.71 -39.70
N ILE G 138 -40.08 -1.12 -38.71
CA ILE G 138 -40.42 -1.87 -37.49
C ILE G 138 -41.65 -2.75 -37.69
N LEU G 139 -42.47 -2.48 -38.69
CA LEU G 139 -43.66 -3.27 -38.94
C LEU G 139 -43.33 -4.45 -39.86
N PRO G 140 -42.26 -4.36 -40.65
CA PRO G 140 -41.92 -5.48 -41.54
C PRO G 140 -40.76 -6.31 -41.01
N ARG G 141 -40.63 -6.36 -39.69
CA ARG G 141 -39.58 -7.12 -39.04
C ARG G 141 -40.16 -7.95 -37.90
N ARG G 142 -39.52 -9.09 -37.63
CA ARG G 142 -39.94 -10.00 -36.58
C ARG G 142 -38.75 -10.32 -35.68
N SER G 143 -38.98 -11.16 -34.68
CA SER G 143 -37.94 -11.54 -33.75
C SER G 143 -37.04 -12.61 -34.36
N VAL G 144 -35.79 -12.62 -33.94
CA VAL G 144 -34.80 -13.58 -34.42
C VAL G 144 -35.04 -14.90 -33.68
N PHE G 145 -35.69 -15.84 -34.35
CA PHE G 145 -35.99 -17.14 -33.76
C PHE G 145 -35.26 -18.30 -34.42
N GLU G 146 -34.69 -18.10 -35.61
CA GLU G 146 -33.98 -19.17 -36.29
C GLU G 146 -32.60 -19.37 -35.70
N PRO G 147 -31.95 -20.49 -36.02
CA PRO G 147 -30.61 -20.74 -35.49
C PRO G 147 -29.55 -20.84 -36.58
N MET G 148 -28.50 -20.04 -36.48
CA MET G 148 -27.41 -20.02 -37.45
C MET G 148 -26.27 -20.87 -36.92
N GLN G 149 -26.18 -22.11 -37.39
CA GLN G 149 -25.13 -23.03 -36.97
C GLN G 149 -23.82 -22.63 -37.63
N THR G 150 -22.87 -22.13 -36.84
CA THR G 150 -21.58 -21.70 -37.36
C THR G 150 -20.57 -22.84 -37.45
N GLY G 151 -20.76 -23.92 -36.70
CA GLY G 151 -19.86 -25.06 -36.70
C GLY G 151 -18.92 -25.10 -35.52
N LEU G 152 -18.56 -23.95 -34.96
CA LEU G 152 -17.66 -23.90 -33.82
C LEU G 152 -18.39 -24.25 -32.53
N LYS G 153 -17.73 -25.00 -31.66
CA LYS G 153 -18.35 -25.40 -30.40
C LYS G 153 -18.36 -24.26 -29.38
N ALA G 154 -17.39 -23.35 -29.46
CA ALA G 154 -17.31 -22.22 -28.53
C ALA G 154 -18.21 -21.06 -28.93
N VAL G 155 -18.72 -21.04 -30.15
CA VAL G 155 -19.60 -19.97 -30.61
C VAL G 155 -21.07 -20.37 -30.57
N ASP G 156 -21.39 -21.65 -30.77
CA ASP G 156 -22.78 -22.09 -30.75
C ASP G 156 -23.34 -22.23 -29.33
N ALA G 157 -22.47 -22.39 -28.33
CA ALA G 157 -22.91 -22.53 -26.95
C ALA G 157 -22.87 -21.23 -26.16
N LEU G 158 -21.94 -20.33 -26.49
CA LEU G 158 -21.83 -19.06 -25.78
C LEU G 158 -22.64 -17.98 -26.46
N VAL G 159 -22.03 -17.27 -27.41
CA VAL G 159 -22.70 -16.20 -28.14
C VAL G 159 -23.29 -16.77 -29.42
N PRO G 160 -24.48 -17.38 -29.36
CA PRO G 160 -25.07 -17.95 -30.58
C PRO G 160 -25.78 -16.89 -31.40
N ILE G 161 -25.52 -16.92 -32.71
CA ILE G 161 -26.12 -15.96 -33.63
C ILE G 161 -27.29 -16.62 -34.34
N GLY G 162 -28.21 -15.80 -34.83
CA GLY G 162 -29.38 -16.28 -35.55
C GLY G 162 -29.53 -15.57 -36.88
N ARG G 163 -30.54 -16.02 -37.64
CA ARG G 163 -30.83 -15.46 -38.95
C ARG G 163 -31.54 -14.12 -38.77
N GLY G 164 -30.87 -13.04 -39.16
CA GLY G 164 -31.43 -11.70 -39.04
C GLY G 164 -30.69 -10.79 -38.10
N GLN G 165 -29.78 -11.30 -37.28
CA GLN G 165 -29.03 -10.48 -36.35
C GLN G 165 -27.69 -10.06 -36.96
N ARG G 166 -27.07 -9.06 -36.33
CA ARG G 166 -25.78 -8.53 -36.78
C ARG G 166 -24.76 -8.79 -35.69
N GLU G 167 -23.85 -9.73 -35.94
CA GLU G 167 -22.80 -10.10 -35.01
C GLU G 167 -21.46 -9.56 -35.51
N LEU G 168 -20.82 -8.73 -34.69
CA LEU G 168 -19.54 -8.14 -35.05
C LEU G 168 -18.40 -9.08 -34.68
N ILE G 169 -17.26 -8.87 -35.34
CA ILE G 169 -16.06 -9.68 -35.10
C ILE G 169 -14.86 -8.77 -34.91
N ILE G 170 -14.72 -8.19 -33.73
CA ILE G 170 -13.60 -7.30 -33.44
C ILE G 170 -12.38 -8.12 -33.09
N GLY G 171 -11.20 -7.55 -33.35
CA GLY G 171 -9.95 -8.23 -33.07
C GLY G 171 -8.82 -7.64 -33.86
N ASP G 172 -7.61 -8.09 -33.53
CA ASP G 172 -6.41 -7.64 -34.19
C ASP G 172 -6.13 -8.51 -35.41
N ARG G 173 -4.99 -8.28 -36.06
CA ARG G 173 -4.62 -9.06 -37.24
C ARG G 173 -4.04 -10.40 -36.84
N GLN G 174 -4.33 -11.42 -37.66
CA GLN G 174 -3.84 -12.79 -37.43
C GLN G 174 -4.29 -13.30 -36.07
N THR G 175 -5.58 -13.15 -35.78
CA THR G 175 -6.14 -13.61 -34.52
C THR G 175 -7.38 -14.48 -34.66
N GLY G 176 -8.05 -14.47 -35.80
CA GLY G 176 -9.23 -15.29 -35.99
C GLY G 176 -10.44 -14.50 -36.45
N LYS G 177 -10.20 -13.37 -37.12
CA LYS G 177 -11.29 -12.54 -37.61
C LYS G 177 -11.91 -13.13 -38.86
N THR G 178 -11.09 -13.38 -39.89
CA THR G 178 -11.59 -13.95 -41.13
C THR G 178 -11.85 -15.44 -41.03
N ALA G 179 -11.27 -16.11 -40.03
CA ALA G 179 -11.49 -17.55 -39.89
C ALA G 179 -12.85 -17.87 -39.29
N VAL G 180 -13.44 -16.93 -38.56
CA VAL G 180 -14.75 -17.19 -37.96
C VAL G 180 -15.86 -17.06 -39.00
N ALA G 181 -15.72 -16.15 -39.97
CA ALA G 181 -16.73 -15.98 -41.00
C ALA G 181 -16.64 -17.06 -42.07
N LEU G 182 -15.45 -17.62 -42.29
CA LEU G 182 -15.30 -18.66 -43.30
C LEU G 182 -15.80 -20.02 -42.82
N ASP G 183 -15.78 -20.25 -41.50
CA ASP G 183 -16.24 -21.52 -40.96
C ASP G 183 -17.76 -21.60 -40.92
N THR G 184 -18.44 -20.47 -40.83
CA THR G 184 -19.90 -20.47 -40.79
C THR G 184 -20.51 -20.71 -42.17
N ILE G 185 -19.82 -20.30 -43.23
CA ILE G 185 -20.35 -20.51 -44.57
C ILE G 185 -20.18 -21.96 -45.01
N LEU G 186 -19.09 -22.61 -44.60
CA LEU G 186 -18.86 -24.00 -44.98
C LEU G 186 -19.68 -24.98 -44.15
N ASN G 187 -20.21 -24.54 -43.01
CA ASN G 187 -21.00 -25.41 -42.15
C ASN G 187 -22.45 -25.55 -42.62
N GLN G 188 -22.87 -24.74 -43.59
CA GLN G 188 -24.24 -24.78 -44.11
C GLN G 188 -24.37 -25.73 -45.30
N LYS G 189 -23.39 -26.59 -45.54
CA LYS G 189 -23.46 -27.51 -46.67
C LYS G 189 -24.39 -28.68 -46.40
N ARG G 190 -24.68 -28.97 -45.13
CA ARG G 190 -25.57 -30.08 -44.81
C ARG G 190 -27.04 -29.74 -45.04
N TRP G 191 -27.39 -28.44 -45.06
CA TRP G 191 -28.76 -28.02 -45.28
C TRP G 191 -29.00 -27.46 -46.68
N ASN G 192 -27.95 -26.99 -47.36
CA ASN G 192 -28.10 -26.44 -48.70
C ASN G 192 -28.04 -27.51 -49.78
N ASP G 193 -27.45 -28.67 -49.50
CA ASP G 193 -27.36 -29.74 -50.48
C ASP G 193 -28.63 -30.56 -50.58
N GLY G 194 -29.56 -30.43 -49.64
CA GLY G 194 -30.80 -31.17 -49.69
C GLY G 194 -31.89 -30.48 -50.47
N ASN G 195 -33.10 -30.43 -49.90
CA ASN G 195 -34.23 -29.80 -50.56
C ASN G 195 -34.97 -28.81 -49.66
N ASP G 196 -34.59 -28.68 -48.39
CA ASP G 196 -35.25 -27.76 -47.48
C ASP G 196 -34.71 -26.35 -47.73
N GLU G 197 -35.56 -25.49 -48.30
CA GLU G 197 -35.16 -24.12 -48.58
C GLU G 197 -35.22 -23.22 -47.35
N SER G 198 -35.98 -23.61 -46.32
CA SER G 198 -36.09 -22.81 -45.11
C SER G 198 -34.87 -22.95 -44.20
N LYS G 199 -34.14 -24.05 -44.30
CA LYS G 199 -32.96 -24.28 -43.48
C LYS G 199 -31.66 -23.87 -44.16
N LYS G 200 -31.68 -23.67 -45.47
CA LYS G 200 -30.47 -23.28 -46.20
C LYS G 200 -30.21 -21.78 -46.04
N LEU G 201 -28.93 -21.44 -45.97
CA LEU G 201 -28.49 -20.05 -45.83
C LEU G 201 -27.39 -19.78 -46.83
N TYR G 202 -27.66 -18.88 -47.78
CA TYR G 202 -26.67 -18.54 -48.79
C TYR G 202 -25.64 -17.56 -48.23
N CYS G 203 -24.37 -17.79 -48.58
CA CYS G 203 -23.28 -16.95 -48.12
C CYS G 203 -23.07 -15.78 -49.07
N VAL G 204 -22.46 -14.72 -48.54
CA VAL G 204 -22.17 -13.52 -49.33
C VAL G 204 -20.92 -12.86 -48.80
N TYR G 205 -19.75 -13.37 -49.21
CA TYR G 205 -18.48 -12.82 -48.77
C TYR G 205 -18.16 -11.55 -49.56
N VAL G 206 -17.90 -10.46 -48.84
CA VAL G 206 -17.57 -9.17 -49.44
C VAL G 206 -16.17 -8.81 -48.96
N ALA G 207 -15.16 -9.26 -49.71
CA ALA G 207 -13.76 -8.99 -49.37
C ALA G 207 -13.42 -7.58 -49.81
N VAL G 208 -13.40 -6.65 -48.86
CA VAL G 208 -13.08 -5.25 -49.12
C VAL G 208 -11.80 -4.90 -48.39
N GLY G 209 -10.83 -4.33 -49.11
CA GLY G 209 -9.57 -3.94 -48.53
C GLY G 209 -8.51 -5.03 -48.53
N GLN G 210 -8.85 -6.26 -48.91
CA GLN G 210 -7.90 -7.35 -48.93
C GLN G 210 -7.01 -7.26 -50.17
N LYS G 211 -5.95 -8.06 -50.18
CA LYS G 211 -5.01 -8.10 -51.29
C LYS G 211 -5.52 -9.02 -52.39
N ARG G 212 -4.73 -9.16 -53.45
CA ARG G 212 -5.12 -10.02 -54.57
C ARG G 212 -4.90 -11.49 -54.24
N SER G 213 -3.89 -11.82 -53.43
CA SER G 213 -3.63 -13.21 -53.08
C SER G 213 -4.58 -13.72 -52.00
N THR G 214 -5.15 -12.81 -51.20
CA THR G 214 -6.07 -13.24 -50.15
C THR G 214 -7.45 -13.58 -50.71
N VAL G 215 -7.87 -12.92 -51.78
CA VAL G 215 -9.18 -13.20 -52.35
C VAL G 215 -9.16 -14.48 -53.18
N ALA G 216 -8.02 -14.80 -53.80
CA ALA G 216 -7.93 -16.00 -54.60
C ALA G 216 -7.76 -17.25 -53.75
N GLN G 217 -7.16 -17.12 -52.56
CA GLN G 217 -6.96 -18.28 -51.69
C GLN G 217 -8.26 -18.68 -50.98
N LEU G 218 -9.11 -17.71 -50.66
CA LEU G 218 -10.37 -18.02 -49.98
C LEU G 218 -11.41 -18.62 -50.92
N VAL G 219 -11.36 -18.24 -52.20
CA VAL G 219 -12.34 -18.78 -53.14
C VAL G 219 -11.95 -20.19 -53.59
N GLN G 220 -10.66 -20.53 -53.52
CA GLN G 220 -10.22 -21.86 -53.94
C GLN G 220 -10.51 -22.92 -52.87
N THR G 221 -10.55 -22.52 -51.60
CA THR G 221 -10.82 -23.48 -50.53
C THR G 221 -12.30 -23.82 -50.44
N LEU G 222 -13.18 -22.90 -50.82
CA LEU G 222 -14.61 -23.15 -50.76
C LEU G 222 -15.10 -24.00 -51.93
N GLU G 223 -14.42 -23.93 -53.07
CA GLU G 223 -14.82 -24.72 -54.23
C GLU G 223 -14.44 -26.18 -54.10
N GLN G 224 -13.39 -26.48 -53.32
CA GLN G 224 -12.96 -27.86 -53.14
C GLN G 224 -13.77 -28.60 -52.08
N ASN G 225 -14.52 -27.88 -51.24
CA ASN G 225 -15.33 -28.48 -50.20
C ASN G 225 -16.82 -28.38 -50.48
N ASP G 226 -17.19 -28.14 -51.75
CA ASP G 226 -18.59 -28.03 -52.17
C ASP G 226 -19.31 -26.92 -51.39
N ALA G 227 -18.80 -25.70 -51.53
CA ALA G 227 -19.38 -24.56 -50.84
C ALA G 227 -19.42 -23.29 -51.67
N MET G 228 -18.82 -23.25 -52.86
CA MET G 228 -18.82 -22.07 -53.70
C MET G 228 -19.99 -22.04 -54.68
N LYS G 229 -20.82 -23.07 -54.71
CA LYS G 229 -21.96 -23.11 -55.61
C LYS G 229 -23.12 -22.24 -55.14
N TYR G 230 -23.19 -21.94 -53.85
CA TYR G 230 -24.25 -21.13 -53.27
C TYR G 230 -23.65 -20.03 -52.39
N SER G 231 -22.65 -19.34 -52.92
CA SER G 231 -21.99 -18.26 -52.19
C SER G 231 -21.57 -17.19 -53.18
N ILE G 232 -21.86 -15.93 -52.84
CA ILE G 232 -21.53 -14.79 -53.69
C ILE G 232 -20.22 -14.18 -53.19
N VAL G 233 -19.28 -13.98 -54.10
CA VAL G 233 -17.97 -13.41 -53.79
C VAL G 233 -17.89 -12.03 -54.40
N VAL G 234 -17.70 -11.01 -53.57
CA VAL G 234 -17.60 -9.63 -54.00
C VAL G 234 -16.13 -9.25 -53.96
N ALA G 235 -15.50 -9.24 -55.13
CA ALA G 235 -14.08 -8.89 -55.24
C ALA G 235 -13.92 -7.38 -55.17
N ALA G 236 -13.18 -6.90 -54.15
CA ALA G 236 -12.94 -5.48 -53.96
C ALA G 236 -11.57 -5.32 -53.30
N THR G 237 -10.53 -5.39 -54.13
CA THR G 237 -9.17 -5.25 -53.64
C THR G 237 -8.83 -3.79 -53.39
N ALA G 238 -7.68 -3.56 -52.76
CA ALA G 238 -7.22 -2.22 -52.45
C ALA G 238 -6.46 -1.57 -53.60
N SER G 239 -6.24 -2.29 -54.70
CA SER G 239 -5.51 -1.74 -55.84
C SER G 239 -6.41 -0.97 -56.80
N GLU G 240 -7.72 -0.93 -56.54
CA GLU G 240 -8.65 -0.21 -57.41
C GLU G 240 -8.82 1.22 -56.88
N ALA G 241 -9.89 1.90 -57.29
CA ALA G 241 -10.14 3.25 -56.86
C ALA G 241 -10.79 3.26 -55.47
N ALA G 242 -10.93 4.46 -54.91
CA ALA G 242 -11.53 4.64 -53.60
C ALA G 242 -13.04 4.50 -53.69
N PRO G 243 -13.63 4.77 -54.86
CA PRO G 243 -15.09 4.66 -54.99
C PRO G 243 -15.55 3.21 -55.10
N LEU G 244 -14.66 2.32 -55.55
CA LEU G 244 -15.01 0.91 -55.69
C LEU G 244 -14.98 0.20 -54.34
N GLN G 245 -14.01 0.53 -53.49
CA GLN G 245 -13.93 -0.10 -52.18
C GLN G 245 -14.96 0.44 -51.20
N TYR G 246 -15.35 1.71 -51.35
CA TYR G 246 -16.34 2.29 -50.45
C TYR G 246 -17.75 1.81 -50.77
N LEU G 247 -18.01 1.50 -52.03
CA LEU G 247 -19.33 1.02 -52.45
C LEU G 247 -19.44 -0.50 -52.43
N ALA G 248 -18.48 -1.20 -51.83
CA ALA G 248 -18.50 -2.65 -51.76
C ALA G 248 -19.54 -3.11 -50.75
N PRO G 249 -19.83 -2.31 -49.71
CA PRO G 249 -20.83 -2.73 -48.73
C PRO G 249 -22.26 -2.54 -49.22
N PHE G 250 -22.52 -1.50 -50.01
CA PHE G 250 -23.87 -1.27 -50.52
C PHE G 250 -24.20 -2.18 -51.70
N THR G 251 -23.19 -2.56 -52.49
CA THR G 251 -23.44 -3.43 -53.64
C THR G 251 -23.62 -4.89 -53.21
N ALA G 252 -22.94 -5.32 -52.14
CA ALA G 252 -23.08 -6.69 -51.69
C ALA G 252 -24.38 -6.91 -50.92
N CYS G 253 -24.93 -5.85 -50.33
CA CYS G 253 -26.17 -5.97 -49.58
C CYS G 253 -27.39 -6.01 -50.49
N ALA G 254 -27.26 -5.49 -51.72
CA ALA G 254 -28.38 -5.49 -52.65
C ALA G 254 -28.59 -6.86 -53.29
N ILE G 255 -27.52 -7.63 -53.47
CA ILE G 255 -27.65 -8.95 -54.08
C ILE G 255 -28.19 -9.96 -53.07
N ALA G 256 -27.82 -9.83 -51.80
CA ALA G 256 -28.31 -10.75 -50.78
C ALA G 256 -29.72 -10.42 -50.31
N GLU G 257 -30.21 -9.22 -50.61
CA GLU G 257 -31.56 -8.84 -50.19
C GLU G 257 -32.64 -9.45 -51.08
N TRP G 258 -32.27 -9.97 -52.26
CA TRP G 258 -33.28 -10.57 -53.13
C TRP G 258 -33.74 -11.92 -52.61
N PHE G 259 -32.86 -12.65 -51.92
CA PHE G 259 -33.24 -13.96 -51.38
C PHE G 259 -34.06 -13.83 -50.10
N ARG G 260 -33.84 -12.77 -49.33
CA ARG G 260 -34.59 -12.58 -48.09
C ARG G 260 -36.00 -12.08 -48.34
N ASP G 261 -36.23 -11.39 -49.46
CA ASP G 261 -37.54 -10.87 -49.80
C ASP G 261 -38.40 -11.88 -50.56
N ASN G 262 -37.87 -13.07 -50.86
CA ASN G 262 -38.62 -14.09 -51.58
C ASN G 262 -39.01 -15.28 -50.71
N GLY G 263 -38.14 -15.69 -49.78
CA GLY G 263 -38.44 -16.82 -48.92
C GLY G 263 -37.23 -17.66 -48.61
N LYS G 264 -36.04 -17.06 -48.68
CA LYS G 264 -34.79 -17.75 -48.40
C LYS G 264 -33.98 -16.96 -47.38
N HIS G 265 -32.93 -17.58 -46.86
CA HIS G 265 -32.05 -16.98 -45.88
C HIS G 265 -30.72 -16.62 -46.53
N ALA G 266 -30.13 -15.52 -46.08
CA ALA G 266 -28.86 -15.04 -46.60
C ALA G 266 -27.91 -14.74 -45.44
N LEU G 267 -26.62 -14.70 -45.76
CA LEU G 267 -25.58 -14.43 -44.76
C LEU G 267 -24.50 -13.60 -45.42
N ILE G 268 -24.42 -12.32 -45.06
CA ILE G 268 -23.43 -11.40 -45.61
C ILE G 268 -22.26 -11.30 -44.64
N VAL G 269 -21.06 -11.15 -45.19
CA VAL G 269 -19.83 -11.05 -44.41
C VAL G 269 -19.05 -9.85 -44.92
N TYR G 270 -19.13 -8.74 -44.21
CA TYR G 270 -18.42 -7.51 -44.58
C TYR G 270 -17.03 -7.55 -43.97
N ASP G 271 -16.06 -8.07 -44.71
CA ASP G 271 -14.68 -8.18 -44.27
C ASP G 271 -13.83 -7.24 -45.12
N ASP G 272 -13.36 -6.15 -44.51
CA ASP G 272 -13.63 -5.87 -43.10
C ASP G 272 -14.30 -4.51 -42.95
N LEU G 273 -14.78 -4.23 -41.74
CA LEU G 273 -15.44 -2.95 -41.49
C LEU G 273 -14.43 -1.81 -41.35
N SER G 274 -13.18 -2.14 -41.01
CA SER G 274 -12.17 -1.09 -40.87
C SER G 274 -11.66 -0.62 -42.23
N LYS G 275 -11.72 -1.48 -43.25
CA LYS G 275 -11.25 -1.10 -44.57
C LYS G 275 -12.28 -0.24 -45.30
N GLN G 276 -13.56 -0.36 -44.95
CA GLN G 276 -14.60 0.43 -45.61
C GLN G 276 -14.60 1.87 -45.13
N ALA G 277 -14.17 2.12 -43.89
CA ALA G 277 -14.15 3.48 -43.37
C ALA G 277 -13.00 4.30 -43.95
N VAL G 278 -11.88 3.66 -44.28
CA VAL G 278 -10.75 4.39 -44.85
C VAL G 278 -10.99 4.72 -46.32
N ALA G 279 -11.79 3.91 -47.02
CA ALA G 279 -12.06 4.17 -48.43
C ALA G 279 -13.06 5.30 -48.62
N TYR G 280 -13.98 5.48 -47.67
CA TYR G 280 -14.97 6.54 -47.79
C TYR G 280 -14.37 7.91 -47.47
N ARG G 281 -13.39 7.95 -46.57
CA ARG G 281 -12.75 9.21 -46.21
C ARG G 281 -11.76 9.70 -47.26
N GLN G 282 -11.27 8.81 -48.12
CA GLN G 282 -10.32 9.21 -49.15
C GLN G 282 -11.02 9.93 -50.30
N LEU G 283 -12.21 9.46 -50.68
CA LEU G 283 -12.95 10.08 -51.78
C LEU G 283 -13.61 11.38 -51.34
N SER G 284 -13.96 11.51 -50.06
CA SER G 284 -14.60 12.73 -49.58
C SER G 284 -13.59 13.86 -49.35
N LEU G 285 -12.34 13.52 -49.05
CA LEU G 285 -11.32 14.54 -48.82
C LEU G 285 -10.85 15.17 -50.12
N LEU G 286 -10.93 14.45 -51.23
CA LEU G 286 -10.50 14.96 -52.53
C LEU G 286 -11.59 15.73 -53.25
N LEU G 287 -12.82 15.75 -52.74
CA LEU G 287 -13.93 16.47 -53.36
C LEU G 287 -14.17 17.82 -52.70
N ARG G 288 -13.17 18.38 -52.02
CA ARG G 288 -13.27 19.67 -51.35
C ARG G 288 -14.41 19.67 -50.33
N ARG G 289 -14.20 18.93 -49.25
CA ARG G 289 -15.17 18.81 -48.18
C ARG G 289 -14.47 18.93 -46.83
N PRO G 290 -15.17 19.42 -45.81
CA PRO G 290 -14.54 19.57 -44.49
C PRO G 290 -14.51 18.24 -43.76
N PRO G 291 -13.42 17.94 -43.07
CA PRO G 291 -13.31 16.67 -42.34
C PRO G 291 -13.93 16.77 -40.95
N GLY G 292 -13.93 15.63 -40.26
CA GLY G 292 -14.48 15.57 -38.92
C GLY G 292 -13.47 15.16 -37.88
N ARG G 293 -13.65 13.99 -37.28
CA ARG G 293 -12.76 13.47 -36.27
C ARG G 293 -11.84 12.41 -36.87
N GLU G 294 -10.56 12.44 -36.45
CA GLU G 294 -9.55 11.49 -36.92
C GLU G 294 -9.41 11.54 -38.44
N ALA G 295 -9.51 12.74 -39.01
CA ALA G 295 -9.39 12.96 -40.44
C ALA G 295 -10.38 12.11 -41.23
N TYR G 296 -11.64 12.11 -40.78
CA TYR G 296 -12.68 11.34 -41.45
C TYR G 296 -13.86 12.24 -41.81
N PRO G 297 -14.87 11.72 -42.46
CA PRO G 297 -16.03 12.55 -42.83
C PRO G 297 -16.95 12.78 -41.64
N GLY G 298 -17.95 13.64 -41.86
CA GLY G 298 -18.89 13.94 -40.81
C GLY G 298 -19.86 12.80 -40.55
N ASP G 299 -20.34 12.16 -41.61
CA ASP G 299 -21.28 11.03 -41.49
C ASP G 299 -20.54 9.70 -41.46
N VAL G 300 -19.61 9.56 -40.53
CA VAL G 300 -18.84 8.32 -40.41
C VAL G 300 -19.67 7.24 -39.74
N PHE G 301 -20.44 7.59 -38.71
CA PHE G 301 -21.27 6.61 -38.02
C PHE G 301 -22.53 6.28 -38.80
N TYR G 302 -22.99 7.19 -39.66
CA TYR G 302 -24.20 6.95 -40.44
C TYR G 302 -23.95 6.03 -41.63
N LEU G 303 -22.71 5.90 -42.08
CA LEU G 303 -22.41 5.04 -43.22
C LEU G 303 -22.42 3.56 -42.84
N HIS G 304 -21.93 3.22 -41.65
CA HIS G 304 -21.90 1.83 -41.21
C HIS G 304 -23.20 1.38 -40.57
N SER G 305 -23.99 2.31 -40.01
CA SER G 305 -25.25 1.94 -39.38
C SER G 305 -26.36 1.74 -40.40
N ARG G 306 -26.27 2.40 -41.55
CA ARG G 306 -27.30 2.26 -42.58
C ARG G 306 -27.17 0.95 -43.35
N LEU G 307 -25.94 0.50 -43.60
CA LEU G 307 -25.74 -0.74 -44.33
C LEU G 307 -26.00 -1.98 -43.49
N LEU G 308 -25.90 -1.88 -42.17
CA LEU G 308 -26.14 -3.01 -41.29
C LEU G 308 -27.59 -3.10 -40.82
N GLU G 309 -28.36 -2.03 -40.95
CA GLU G 309 -29.76 -2.05 -40.52
C GLU G 309 -30.66 -2.79 -41.50
N ARG G 310 -30.23 -2.95 -42.75
CA ARG G 310 -31.05 -3.64 -43.74
C ARG G 310 -31.02 -5.16 -43.58
N ALA G 311 -30.02 -5.69 -42.89
CA ALA G 311 -29.90 -7.14 -42.68
C ALA G 311 -30.66 -7.51 -41.41
N ALA G 312 -31.98 -7.60 -41.54
CA ALA G 312 -32.85 -7.93 -40.43
C ALA G 312 -33.80 -9.05 -40.86
N LYS G 313 -34.35 -9.74 -39.86
CA LYS G 313 -35.27 -10.84 -40.11
C LYS G 313 -36.66 -10.28 -40.42
N MET G 314 -37.21 -10.68 -41.56
CA MET G 314 -38.53 -10.22 -41.96
C MET G 314 -39.62 -11.01 -41.23
N SER G 315 -40.85 -10.52 -41.35
CA SER G 315 -42.00 -11.15 -40.72
C SER G 315 -42.59 -12.21 -41.65
N ASP G 316 -43.72 -12.78 -41.26
CA ASP G 316 -44.38 -13.80 -42.08
C ASP G 316 -45.10 -13.21 -43.28
N ALA G 317 -45.47 -11.94 -43.24
CA ALA G 317 -46.17 -11.31 -44.35
C ALA G 317 -45.23 -10.76 -45.42
N ASN G 318 -43.93 -10.75 -45.16
CA ASN G 318 -42.95 -10.25 -46.13
C ASN G 318 -42.21 -11.36 -46.85
N GLY G 319 -42.48 -12.62 -46.51
CA GLY G 319 -41.81 -13.73 -47.16
C GLY G 319 -41.21 -14.71 -46.18
N GLY G 320 -40.82 -14.23 -45.00
CA GLY G 320 -40.22 -15.07 -43.99
C GLY G 320 -38.72 -15.23 -44.08
N GLY G 321 -38.05 -14.41 -44.88
CA GLY G 321 -36.61 -14.52 -45.01
C GLY G 321 -35.86 -13.68 -44.00
N SER G 322 -34.53 -13.82 -44.02
CA SER G 322 -33.67 -13.08 -43.11
C SER G 322 -32.31 -12.89 -43.76
N LEU G 323 -31.51 -12.00 -43.17
CA LEU G 323 -30.17 -11.70 -43.67
C LEU G 323 -29.24 -11.51 -42.48
N THR G 324 -28.18 -12.31 -42.42
CA THR G 324 -27.20 -12.24 -41.35
C THR G 324 -26.01 -11.39 -41.79
N ALA G 325 -25.56 -10.52 -40.91
CA ALA G 325 -24.43 -9.64 -41.18
C ALA G 325 -23.27 -10.00 -40.25
N LEU G 326 -22.09 -10.23 -40.85
CA LEU G 326 -20.89 -10.60 -40.11
C LEU G 326 -19.81 -9.56 -40.41
N PRO G 327 -19.80 -8.45 -39.69
CA PRO G 327 -18.78 -7.43 -39.94
C PRO G 327 -17.55 -7.61 -39.06
N VAL G 328 -16.38 -7.71 -39.68
CA VAL G 328 -15.12 -7.90 -38.96
C VAL G 328 -14.48 -6.53 -38.74
N ILE G 329 -14.04 -6.28 -37.51
CA ILE G 329 -13.43 -5.02 -37.13
C ILE G 329 -11.95 -5.27 -36.85
N GLU G 330 -11.08 -4.65 -37.64
CA GLU G 330 -9.64 -4.80 -37.48
C GLU G 330 -9.16 -3.77 -36.45
N THR G 331 -8.71 -4.25 -35.30
CA THR G 331 -8.23 -3.38 -34.24
C THR G 331 -6.72 -3.20 -34.34
N GLN G 332 -6.19 -2.35 -33.45
CA GLN G 332 -4.76 -2.05 -33.39
C GLN G 332 -4.30 -2.25 -31.95
N GLY G 333 -3.75 -3.44 -31.66
CA GLY G 333 -3.27 -3.73 -30.33
C GLY G 333 -4.35 -4.00 -29.30
N GLY G 334 -5.53 -4.43 -29.73
CA GLY G 334 -6.61 -4.70 -28.79
C GLY G 334 -7.37 -3.48 -28.33
N ASP G 335 -7.15 -2.32 -28.95
CA ASP G 335 -7.86 -1.10 -28.58
C ASP G 335 -9.24 -1.14 -29.21
N VAL G 336 -10.26 -1.21 -28.36
CA VAL G 336 -11.65 -1.25 -28.82
C VAL G 336 -12.32 0.08 -28.51
N SER G 337 -11.56 1.02 -27.94
CA SER G 337 -12.05 2.34 -27.58
C SER G 337 -11.61 3.39 -28.61
N ALA G 338 -11.61 3.02 -29.88
CA ALA G 338 -11.22 3.91 -30.96
C ALA G 338 -12.45 4.63 -31.51
N TYR G 339 -12.30 5.24 -32.68
CA TYR G 339 -13.40 5.95 -33.32
C TYR G 339 -14.25 5.04 -34.20
N ILE G 340 -13.61 4.18 -34.98
CA ILE G 340 -14.32 3.25 -35.87
C ILE G 340 -14.64 1.98 -35.10
N PRO G 341 -13.98 1.73 -33.97
CA PRO G 341 -14.27 0.50 -33.20
C PRO G 341 -15.50 0.65 -32.32
N THR G 342 -15.65 1.82 -31.69
CA THR G 342 -16.79 2.06 -30.82
C THR G 342 -18.06 2.38 -31.60
N ASN G 343 -17.94 2.82 -32.86
CA ASN G 343 -19.12 3.14 -33.64
C ASN G 343 -19.81 1.88 -34.17
N VAL G 344 -19.03 0.86 -34.51
CA VAL G 344 -19.61 -0.38 -35.02
C VAL G 344 -20.09 -1.31 -33.91
N ILE G 345 -19.55 -1.16 -32.70
CA ILE G 345 -19.95 -2.02 -31.60
C ILE G 345 -21.26 -1.58 -30.96
N SER G 346 -21.66 -0.32 -31.15
CA SER G 346 -22.89 0.20 -30.59
C SER G 346 -24.03 0.22 -31.60
N ILE G 347 -23.88 -0.46 -32.73
CA ILE G 347 -24.91 -0.51 -33.75
C ILE G 347 -25.32 -1.95 -34.00
N THR G 348 -24.39 -2.87 -33.77
CA THR G 348 -24.64 -4.30 -33.97
C THR G 348 -25.20 -4.92 -32.69
N ASP G 349 -25.87 -6.06 -32.86
CA ASP G 349 -26.46 -6.79 -31.73
C ASP G 349 -25.48 -7.84 -31.23
N GLY G 350 -24.43 -7.34 -30.58
CA GLY G 350 -23.39 -8.20 -30.04
C GLY G 350 -22.11 -8.12 -30.87
N GLN G 351 -21.02 -8.59 -30.25
CA GLN G 351 -19.72 -8.59 -30.90
C GLN G 351 -18.92 -9.78 -30.39
N ILE G 352 -17.97 -10.23 -31.21
CA ILE G 352 -17.10 -11.36 -30.89
C ILE G 352 -15.69 -10.81 -30.76
N PHE G 353 -15.23 -10.66 -29.52
CA PHE G 353 -13.89 -10.15 -29.27
C PHE G 353 -12.86 -11.25 -29.49
N LEU G 354 -11.87 -10.96 -30.33
CA LEU G 354 -10.80 -11.90 -30.66
C LEU G 354 -9.48 -11.33 -30.12
N GLU G 355 -9.10 -11.79 -28.93
CA GLU G 355 -7.87 -11.33 -28.30
C GLU G 355 -6.66 -12.02 -28.92
N ALA G 356 -5.52 -11.32 -28.88
CA ALA G 356 -4.28 -11.84 -29.43
C ALA G 356 -3.43 -12.57 -28.38
N GLU G 357 -3.87 -12.61 -27.13
CA GLU G 357 -3.10 -13.31 -26.10
C GLU G 357 -3.39 -14.79 -26.09
N LEU G 358 -4.66 -15.18 -26.18
CA LEU G 358 -5.04 -16.59 -26.19
C LEU G 358 -4.92 -17.24 -27.56
N PHE G 359 -4.72 -16.45 -28.62
CA PHE G 359 -4.59 -17.02 -29.95
C PHE G 359 -3.19 -17.57 -30.20
N TYR G 360 -2.18 -17.03 -29.53
CA TYR G 360 -0.82 -17.51 -29.72
C TYR G 360 -0.49 -18.73 -28.86
N LYS G 361 -1.24 -18.94 -27.78
CA LYS G 361 -0.98 -20.09 -26.91
C LYS G 361 -1.50 -21.39 -27.51
N GLY G 362 -2.46 -21.34 -28.42
CA GLY G 362 -3.03 -22.52 -29.05
C GLY G 362 -4.54 -22.65 -28.93
N ILE G 363 -5.19 -21.81 -28.13
CA ILE G 363 -6.64 -21.88 -27.97
C ILE G 363 -7.31 -21.22 -29.16
N ARG G 364 -7.47 -21.97 -30.24
CA ARG G 364 -8.11 -21.44 -31.44
C ARG G 364 -9.55 -21.91 -31.53
N PRO G 365 -10.53 -21.00 -31.68
CA PRO G 365 -10.29 -19.56 -31.78
C PRO G 365 -10.33 -18.86 -30.43
N ALA G 366 -9.55 -17.79 -30.28
CA ALA G 366 -9.51 -17.04 -29.03
C ALA G 366 -10.76 -16.20 -28.86
N ILE G 367 -11.80 -16.79 -28.29
CA ILE G 367 -13.07 -16.11 -28.04
C ILE G 367 -13.19 -15.89 -26.54
N ASN G 368 -13.13 -14.62 -26.13
CA ASN G 368 -13.24 -14.28 -24.72
C ASN G 368 -14.69 -14.39 -24.28
N VAL G 369 -14.94 -15.23 -23.27
CA VAL G 369 -16.31 -15.40 -22.78
C VAL G 369 -16.74 -14.22 -21.92
N GLY G 370 -15.78 -13.53 -21.29
CA GLY G 370 -16.12 -12.39 -20.46
C GLY G 370 -16.29 -11.08 -21.20
N LEU G 371 -15.97 -11.03 -22.49
CA LEU G 371 -16.10 -9.83 -23.30
C LEU G 371 -17.12 -9.97 -24.43
N SER G 372 -17.15 -11.11 -25.10
CA SER G 372 -18.09 -11.33 -26.19
C SER G 372 -19.43 -11.78 -25.65
N VAL G 373 -20.51 -11.16 -26.14
CA VAL G 373 -21.87 -11.49 -25.71
C VAL G 373 -22.80 -11.35 -26.90
N SER G 374 -23.99 -11.94 -26.77
CA SER G 374 -25.00 -11.92 -27.81
C SER G 374 -26.25 -11.24 -27.26
N ARG G 375 -26.83 -10.34 -28.07
CA ARG G 375 -28.03 -9.63 -27.66
C ARG G 375 -29.30 -10.44 -27.87
N VAL G 376 -29.23 -11.52 -28.65
CA VAL G 376 -30.42 -12.34 -28.89
C VAL G 376 -30.68 -13.28 -27.72
N GLY G 377 -29.62 -13.72 -27.03
CA GLY G 377 -29.77 -14.62 -25.91
C GLY G 377 -29.91 -16.07 -26.32
N SER G 378 -30.77 -16.81 -25.64
CA SER G 378 -31.00 -18.22 -25.93
C SER G 378 -32.09 -18.44 -26.97
N ALA G 379 -32.70 -17.38 -27.49
CA ALA G 379 -33.76 -17.52 -28.48
C ALA G 379 -33.22 -17.84 -29.87
N ALA G 380 -31.96 -17.49 -30.15
CA ALA G 380 -31.34 -17.73 -31.45
C ALA G 380 -30.59 -19.05 -31.49
N GLN G 381 -30.71 -19.89 -30.47
CA GLN G 381 -30.04 -21.17 -30.41
C GLN G 381 -31.05 -22.31 -30.45
N VAL G 382 -30.56 -23.51 -30.71
CA VAL G 382 -31.42 -24.68 -30.78
C VAL G 382 -31.76 -25.15 -29.37
N LYS G 383 -32.85 -25.93 -29.28
CA LYS G 383 -33.28 -26.45 -27.98
C LYS G 383 -32.44 -27.61 -27.50
N ALA G 384 -31.73 -28.29 -28.41
CA ALA G 384 -30.90 -29.41 -28.02
C ALA G 384 -29.60 -28.95 -27.37
N MET G 385 -28.99 -27.89 -27.90
CA MET G 385 -27.74 -27.38 -27.34
C MET G 385 -27.97 -26.56 -26.08
N LYS G 386 -29.17 -25.99 -25.92
CA LYS G 386 -29.47 -25.19 -24.75
C LYS G 386 -29.83 -26.04 -23.54
N GLN G 387 -30.24 -27.29 -23.75
CA GLN G 387 -30.60 -28.15 -22.62
C GLN G 387 -29.36 -28.79 -22.00
N VAL G 388 -28.45 -29.32 -22.82
CA VAL G 388 -27.25 -29.94 -22.31
C VAL G 388 -26.22 -28.93 -21.85
N ALA G 389 -26.25 -27.71 -22.39
CA ALA G 389 -25.30 -26.68 -21.99
C ALA G 389 -26.03 -25.44 -21.48
N GLY G 390 -26.93 -25.62 -20.52
CA GLY G 390 -27.66 -24.49 -19.99
C GLY G 390 -26.85 -23.63 -19.04
N SER G 391 -25.81 -24.21 -18.44
CA SER G 391 -24.95 -23.51 -17.50
C SER G 391 -23.56 -23.25 -18.09
N LEU G 392 -23.48 -23.12 -19.43
CA LEU G 392 -22.19 -22.87 -20.06
C LEU G 392 -21.72 -21.44 -19.84
N LYS G 393 -22.65 -20.48 -19.82
CA LYS G 393 -22.27 -19.09 -19.62
C LYS G 393 -21.87 -18.80 -18.18
N LEU G 394 -22.40 -19.57 -17.22
CA LEU G 394 -22.04 -19.37 -15.83
C LEU G 394 -20.78 -20.13 -15.43
N PHE G 395 -20.45 -21.21 -16.14
CA PHE G 395 -19.25 -21.97 -15.83
C PHE G 395 -17.98 -21.27 -16.30
N LEU G 396 -18.08 -20.40 -17.29
CA LEU G 396 -16.89 -19.70 -17.78
C LEU G 396 -16.46 -18.60 -16.82
N ALA G 397 -17.41 -17.96 -16.14
CA ALA G 397 -17.06 -16.90 -15.19
C ALA G 397 -16.52 -17.46 -13.88
N GLN G 398 -16.98 -18.64 -13.47
CA GLN G 398 -16.50 -19.24 -12.23
C GLN G 398 -15.14 -19.88 -12.39
N TYR G 399 -14.85 -20.43 -13.58
CA TYR G 399 -13.56 -21.07 -13.82
C TYR G 399 -12.44 -20.07 -14.05
N ARG G 400 -12.77 -18.83 -14.41
CA ARG G 400 -11.74 -17.83 -14.63
C ARG G 400 -11.19 -17.28 -13.31
N GLU G 401 -12.05 -17.18 -12.29
CA GLU G 401 -11.60 -16.68 -11.00
C GLU G 401 -10.86 -17.74 -10.20
N VAL G 402 -11.17 -19.02 -10.41
CA VAL G 402 -10.50 -20.10 -9.68
C VAL G 402 -9.18 -20.49 -10.32
N ALA G 403 -8.95 -20.16 -11.58
CA ALA G 403 -7.70 -20.50 -12.23
C ALA G 403 -6.55 -19.62 -11.78
N ALA G 404 -6.84 -18.39 -11.35
CA ALA G 404 -5.79 -17.48 -10.89
C ALA G 404 -5.34 -17.78 -9.48
N PHE G 405 -6.10 -18.58 -8.72
CA PHE G 405 -5.73 -18.92 -7.35
C PHE G 405 -4.64 -19.98 -7.28
N ALA G 406 -4.40 -20.70 -8.38
CA ALA G 406 -3.35 -21.73 -8.37
C ALA G 406 -1.96 -21.13 -8.43
N GLN G 407 -1.82 -19.91 -8.92
CA GLN G 407 -0.51 -19.25 -9.02
C GLN G 407 -0.18 -18.41 -7.79
N PHE G 408 -0.94 -18.55 -6.70
CA PHE G 408 -0.69 -17.81 -5.48
C PHE G 408 -0.15 -18.66 -4.35
N GLY G 409 -0.23 -19.99 -4.47
CA GLY G 409 0.27 -20.90 -3.45
C GLY G 409 -0.81 -21.65 -2.71
N SER G 410 -2.09 -21.35 -2.95
CA SER G 410 -3.17 -22.03 -2.26
C SER G 410 -3.40 -23.40 -2.89
N ASP G 411 -3.42 -24.44 -2.04
CA ASP G 411 -3.65 -25.81 -2.49
C ASP G 411 -4.80 -26.46 -1.73
N LEU G 412 -5.58 -25.66 -1.01
CA LEU G 412 -6.71 -26.20 -0.26
C LEU G 412 -7.98 -26.19 -1.10
N ASP G 413 -9.11 -25.86 -0.48
CA ASP G 413 -10.41 -25.81 -1.16
C ASP G 413 -10.74 -27.14 -1.82
N ALA G 414 -11.20 -28.11 -1.01
CA ALA G 414 -11.54 -29.43 -1.56
C ALA G 414 -12.83 -29.37 -2.38
N SER G 415 -13.74 -28.45 -2.06
CA SER G 415 -14.99 -28.35 -2.80
C SER G 415 -14.79 -27.67 -4.15
N THR G 416 -13.73 -26.88 -4.30
CA THR G 416 -13.45 -26.19 -5.55
C THR G 416 -12.55 -26.99 -6.48
N LYS G 417 -12.21 -28.23 -6.12
CA LYS G 417 -11.35 -29.04 -6.99
C LYS G 417 -12.12 -29.58 -8.19
N GLN G 418 -13.43 -29.80 -8.04
CA GLN G 418 -14.23 -30.31 -9.15
C GLN G 418 -14.48 -29.25 -10.21
N THR G 419 -14.69 -27.99 -9.80
CA THR G 419 -14.94 -26.92 -10.76
C THR G 419 -13.66 -26.47 -11.46
N LEU G 420 -12.51 -26.55 -10.79
CA LEU G 420 -11.27 -26.15 -11.41
C LEU G 420 -10.78 -27.18 -12.43
N SER G 421 -11.10 -28.45 -12.20
CA SER G 421 -10.68 -29.50 -13.13
C SER G 421 -11.62 -29.58 -14.34
N ARG G 422 -12.90 -29.26 -14.15
CA ARG G 422 -13.85 -29.31 -15.25
C ARG G 422 -13.75 -28.09 -16.16
N GLY G 423 -13.21 -26.98 -15.67
CA GLY G 423 -13.09 -25.80 -16.51
C GLY G 423 -11.97 -25.89 -17.52
N GLU G 424 -10.90 -26.63 -17.19
CA GLU G 424 -9.78 -26.78 -18.12
C GLU G 424 -10.11 -27.75 -19.25
N ARG G 425 -10.88 -28.80 -18.97
CA ARG G 425 -11.23 -29.76 -20.01
C ARG G 425 -12.33 -29.24 -20.93
N LEU G 426 -13.16 -28.31 -20.45
CA LEU G 426 -14.22 -27.77 -21.28
C LEU G 426 -13.70 -26.76 -22.30
N THR G 427 -12.64 -26.03 -21.96
CA THR G 427 -12.09 -25.05 -22.90
C THR G 427 -11.31 -25.71 -24.03
N GLN G 428 -10.64 -26.83 -23.75
CA GLN G 428 -9.88 -27.52 -24.79
C GLN G 428 -10.78 -28.32 -25.72
N LEU G 429 -11.91 -28.82 -25.22
CA LEU G 429 -12.82 -29.59 -26.06
C LEU G 429 -13.60 -28.70 -27.02
N LEU G 430 -13.86 -27.46 -26.65
CA LEU G 430 -14.60 -26.54 -27.51
C LEU G 430 -13.72 -25.90 -28.58
N LYS G 431 -12.40 -26.02 -28.47
CA LYS G 431 -11.50 -25.44 -29.46
C LYS G 431 -11.36 -26.39 -30.64
N GLN G 432 -11.94 -26.02 -31.77
CA GLN G 432 -11.90 -26.82 -32.99
C GLN G 432 -10.79 -26.33 -33.90
N LYS G 433 -10.44 -27.17 -34.88
CA LYS G 433 -9.40 -26.84 -35.83
C LYS G 433 -9.97 -26.03 -36.98
N GLN G 434 -9.11 -25.66 -37.92
CA GLN G 434 -9.53 -24.88 -39.08
C GLN G 434 -10.22 -25.78 -40.10
N TYR G 435 -11.32 -25.27 -40.66
CA TYR G 435 -12.12 -26.00 -41.66
C TYR G 435 -12.59 -27.35 -41.11
N SER G 436 -13.08 -27.34 -39.87
CA SER G 436 -13.57 -28.55 -39.21
C SER G 436 -14.83 -28.21 -38.42
N PRO G 437 -15.92 -27.88 -39.11
CA PRO G 437 -17.15 -27.53 -38.41
C PRO G 437 -17.93 -28.76 -37.97
N GLN G 438 -18.63 -28.60 -36.85
CA GLN G 438 -19.44 -29.67 -36.27
C GLN G 438 -20.93 -29.32 -36.39
N ALA G 439 -21.75 -30.36 -36.39
CA ALA G 439 -23.20 -30.19 -36.50
C ALA G 439 -23.81 -30.06 -35.10
N SER G 440 -25.14 -29.98 -35.06
CA SER G 440 -25.83 -29.87 -33.78
C SER G 440 -25.91 -31.19 -33.04
N GLU G 441 -25.81 -32.31 -33.75
CA GLU G 441 -25.87 -33.62 -33.12
C GLU G 441 -24.54 -34.01 -32.47
N GLU G 442 -23.42 -33.55 -33.04
CA GLU G 442 -22.12 -33.88 -32.48
C GLU G 442 -21.70 -32.92 -31.38
N GLN G 443 -22.25 -31.70 -31.39
CA GLN G 443 -21.90 -30.72 -30.37
C GLN G 443 -22.74 -30.85 -29.11
N VAL G 444 -23.89 -31.53 -29.20
CA VAL G 444 -24.76 -31.71 -28.03
C VAL G 444 -24.22 -32.86 -27.19
N PRO G 445 -23.54 -33.84 -27.78
CA PRO G 445 -23.00 -34.94 -26.98
C PRO G 445 -21.68 -34.60 -26.33
N VAL G 446 -20.94 -33.66 -26.91
CA VAL G 446 -19.66 -33.26 -26.35
C VAL G 446 -19.86 -32.26 -25.21
N ILE G 447 -20.90 -31.44 -25.27
CA ILE G 447 -21.14 -30.47 -24.21
C ILE G 447 -21.83 -31.09 -23.00
N TYR G 448 -22.48 -32.24 -23.16
CA TYR G 448 -23.15 -32.89 -22.05
C TYR G 448 -22.17 -33.68 -21.18
N ALA G 449 -21.10 -34.20 -21.77
CA ALA G 449 -20.12 -34.97 -21.01
C ALA G 449 -19.11 -34.08 -20.30
N GLY G 450 -19.02 -32.80 -20.65
CA GLY G 450 -18.10 -31.90 -20.01
C GLY G 450 -18.73 -31.04 -18.93
N VAL G 451 -20.06 -30.91 -18.98
CA VAL G 451 -20.79 -30.12 -18.00
C VAL G 451 -21.34 -30.96 -16.85
N ASN G 452 -21.54 -32.26 -17.05
CA ASN G 452 -22.07 -33.14 -16.02
C ASN G 452 -20.98 -33.79 -15.17
N GLY G 453 -19.71 -33.56 -15.50
CA GLY G 453 -18.61 -34.13 -14.76
C GLY G 453 -18.09 -35.46 -15.27
N PHE G 454 -18.51 -35.88 -16.46
CA PHE G 454 -18.05 -37.15 -17.02
C PHE G 454 -16.65 -37.04 -17.62
N LEU G 455 -16.19 -35.84 -17.94
CA LEU G 455 -14.87 -35.63 -18.52
C LEU G 455 -13.83 -35.18 -17.49
N ASP G 456 -14.19 -35.18 -16.21
CA ASP G 456 -13.25 -34.76 -15.18
C ASP G 456 -12.25 -35.85 -14.84
N ASN G 457 -12.59 -37.11 -15.08
CA ASN G 457 -11.70 -38.23 -14.80
C ASN G 457 -10.75 -38.54 -15.95
N ILE G 458 -10.89 -37.87 -17.08
CA ILE G 458 -10.03 -38.10 -18.23
C ILE G 458 -8.83 -37.16 -18.14
N PRO G 459 -7.80 -37.34 -18.97
CA PRO G 459 -6.63 -36.47 -18.90
C PRO G 459 -6.82 -35.21 -19.74
N ILE G 460 -5.93 -34.25 -19.52
CA ILE G 460 -5.98 -33.00 -20.26
C ILE G 460 -5.41 -33.16 -21.67
N GLU G 461 -4.40 -34.01 -21.84
CA GLU G 461 -3.80 -34.22 -23.15
C GLU G 461 -4.65 -35.12 -24.04
N ARG G 462 -5.56 -35.91 -23.46
CA ARG G 462 -6.42 -36.80 -24.23
C ARG G 462 -7.77 -36.17 -24.54
N ILE G 463 -7.88 -34.85 -24.49
CA ILE G 463 -9.14 -34.16 -24.76
C ILE G 463 -9.36 -34.14 -26.28
N PRO G 464 -8.30 -34.14 -27.08
CA PRO G 464 -8.50 -34.13 -28.54
C PRO G 464 -8.91 -35.48 -29.08
N GLU G 465 -8.38 -36.55 -28.50
CA GLU G 465 -8.70 -37.90 -28.94
C GLU G 465 -10.05 -38.38 -28.45
N PHE G 466 -10.55 -37.80 -27.35
CA PHE G 466 -11.86 -38.20 -26.81
C PHE G 466 -13.02 -37.67 -27.63
N GLU G 467 -12.82 -36.58 -28.37
CA GLU G 467 -13.91 -36.02 -29.17
C GLU G 467 -14.14 -36.86 -30.43
N GLU G 468 -13.07 -37.38 -31.03
CA GLU G 468 -13.21 -38.19 -32.23
C GLU G 468 -13.69 -39.60 -31.92
N GLN G 469 -13.35 -40.13 -30.74
CA GLN G 469 -13.78 -41.47 -30.37
C GLN G 469 -15.23 -41.52 -29.94
N PHE G 470 -15.74 -40.43 -29.35
CA PHE G 470 -17.13 -40.40 -28.91
C PHE G 470 -18.09 -40.19 -30.07
N ILE G 471 -17.66 -39.46 -31.11
CA ILE G 471 -18.54 -39.23 -32.25
C ILE G 471 -18.58 -40.45 -33.18
N ALA G 472 -17.51 -41.24 -33.20
CA ALA G 472 -17.47 -42.42 -34.05
C ALA G 472 -18.27 -43.58 -33.46
N TYR G 473 -18.29 -43.70 -32.14
CA TYR G 473 -19.04 -44.79 -31.51
C TYR G 473 -20.54 -44.53 -31.50
N LEU G 474 -20.95 -43.27 -31.56
CA LEU G 474 -22.37 -42.94 -31.57
C LEU G 474 -22.99 -43.01 -32.96
N LYS G 475 -22.19 -43.21 -34.01
CA LYS G 475 -22.70 -43.29 -35.37
C LYS G 475 -22.83 -44.73 -35.87
N ALA G 476 -22.24 -45.71 -35.18
CA ALA G 476 -22.32 -47.10 -35.57
C ALA G 476 -23.03 -47.99 -34.56
N ASN G 477 -23.06 -47.61 -33.28
CA ASN G 477 -23.73 -48.41 -32.27
C ASN G 477 -25.09 -47.82 -31.93
N GLU G 478 -25.10 -46.69 -31.22
CA GLU G 478 -26.34 -46.02 -30.84
C GLU G 478 -26.61 -44.85 -31.79
N GLY G 479 -26.93 -45.23 -33.04
CA GLY G 479 -27.21 -44.23 -34.06
C GLY G 479 -28.57 -43.57 -33.92
N ASP G 480 -29.46 -44.17 -33.13
CA ASP G 480 -30.79 -43.59 -32.95
C ASP G 480 -30.77 -42.35 -32.07
N ILE G 481 -29.76 -42.20 -31.21
CA ILE G 481 -29.69 -41.03 -30.35
C ILE G 481 -29.14 -39.82 -31.10
N LEU G 482 -28.27 -40.04 -32.09
CA LEU G 482 -27.71 -38.93 -32.85
C LEU G 482 -28.69 -38.39 -33.87
N GLU G 483 -29.55 -39.24 -34.43
CA GLU G 483 -30.52 -38.78 -35.43
C GLU G 483 -31.72 -38.08 -34.78
N ALA G 484 -31.98 -38.37 -33.50
CA ALA G 484 -33.11 -37.73 -32.82
C ALA G 484 -32.78 -36.30 -32.38
N ILE G 485 -31.51 -36.01 -32.14
CA ILE G 485 -31.13 -34.66 -31.71
C ILE G 485 -31.05 -33.69 -32.88
N ARG G 486 -30.92 -34.18 -34.11
CA ARG G 486 -30.84 -33.32 -35.28
C ARG G 486 -32.19 -33.11 -35.95
N THR G 487 -33.07 -34.12 -35.91
CA THR G 487 -34.38 -33.97 -36.53
C THR G 487 -35.35 -33.20 -35.63
N LYS G 488 -35.48 -33.63 -34.36
CA LYS G 488 -36.37 -32.95 -33.44
C LYS G 488 -35.76 -31.66 -32.90
N GLY G 489 -34.44 -31.64 -32.70
CA GLY G 489 -33.78 -30.45 -32.20
C GLY G 489 -33.91 -30.22 -30.71
N GLU G 490 -34.36 -31.22 -29.95
CA GLU G 490 -34.52 -31.08 -28.52
C GLU G 490 -34.31 -32.45 -27.87
N LEU G 491 -34.43 -32.49 -26.55
CA LEU G 491 -34.26 -33.72 -25.77
C LEU G 491 -35.27 -33.72 -24.64
N SER G 492 -36.13 -34.74 -24.61
CA SER G 492 -37.14 -34.86 -23.57
C SER G 492 -36.65 -35.74 -22.43
N SER G 493 -37.57 -36.46 -21.80
CA SER G 493 -37.19 -37.34 -20.69
C SER G 493 -36.55 -38.62 -21.19
N GLU G 494 -36.99 -39.12 -22.34
CA GLU G 494 -36.42 -40.35 -22.89
C GLU G 494 -35.06 -40.12 -23.52
N LEU G 495 -34.83 -38.94 -24.11
CA LEU G 495 -33.55 -38.64 -24.72
C LEU G 495 -32.48 -38.30 -23.70
N LEU G 496 -32.87 -37.78 -22.53
CA LEU G 496 -31.90 -37.43 -21.51
C LEU G 496 -31.38 -38.66 -20.77
N ASP G 497 -32.21 -39.69 -20.61
CA ASP G 497 -31.78 -40.89 -19.91
C ASP G 497 -30.89 -41.77 -20.79
N LYS G 498 -31.13 -41.79 -22.11
CA LYS G 498 -30.32 -42.60 -23.00
C LYS G 498 -28.95 -41.99 -23.25
N LEU G 499 -28.86 -40.66 -23.25
CA LEU G 499 -27.58 -40.00 -23.49
C LEU G 499 -26.66 -40.08 -22.28
N LYS G 500 -27.22 -40.11 -21.07
CA LYS G 500 -26.39 -40.18 -19.87
C LYS G 500 -25.84 -41.58 -19.64
N SER G 501 -26.58 -42.61 -20.03
CA SER G 501 -26.12 -43.98 -19.84
C SER G 501 -25.07 -44.38 -20.86
N ALA G 502 -25.14 -43.83 -22.07
CA ALA G 502 -24.16 -44.17 -23.10
C ALA G 502 -22.85 -43.44 -22.91
N THR G 503 -22.87 -42.27 -22.26
CA THR G 503 -21.64 -41.52 -22.03
C THR G 503 -20.84 -42.07 -20.87
N GLU G 504 -21.50 -42.68 -19.88
CA GLU G 504 -20.79 -43.25 -18.74
C GLU G 504 -20.13 -44.57 -19.06
N THR G 505 -20.75 -45.38 -19.92
CA THR G 505 -20.18 -46.67 -20.29
C THR G 505 -19.07 -46.55 -21.32
N PHE G 506 -19.03 -45.46 -22.08
CA PHE G 506 -18.01 -45.27 -23.09
C PHE G 506 -16.71 -44.68 -22.54
N VAL G 507 -16.70 -44.29 -21.26
CA VAL G 507 -15.48 -43.72 -20.67
C VAL G 507 -14.48 -44.80 -20.28
N ALA G 508 -14.93 -46.04 -20.10
CA ALA G 508 -14.04 -47.14 -19.72
C ALA G 508 -13.68 -48.00 -20.92
N THR G 509 -13.23 -47.36 -21.99
CA THR G 509 -12.84 -48.04 -23.24
C THR G 509 -13.97 -48.92 -23.77
N ALA H 3 -52.62 30.08 -55.46
CA ALA H 3 -51.95 30.32 -54.19
C ALA H 3 -50.53 30.83 -54.40
N GLY H 4 -50.01 31.56 -53.41
CA GLY H 4 -48.68 32.11 -53.48
C GLY H 4 -47.65 31.19 -52.86
N PRO H 5 -47.39 30.05 -53.50
CA PRO H 5 -46.41 29.10 -52.95
C PRO H 5 -44.99 29.53 -53.32
N ALA H 6 -44.10 29.49 -52.33
CA ALA H 6 -42.69 29.87 -52.53
C ALA H 6 -41.98 28.70 -53.19
N SER H 7 -41.83 28.76 -54.51
CA SER H 7 -41.17 27.70 -55.26
C SER H 7 -39.69 28.02 -55.39
N GLY H 8 -38.85 27.03 -55.06
CA GLY H 8 -37.41 27.21 -55.13
C GLY H 8 -36.74 26.26 -56.10
N LYS H 9 -35.50 26.56 -56.48
CA LYS H 9 -34.73 25.74 -57.41
C LYS H 9 -33.49 25.21 -56.70
N ILE H 10 -33.22 23.92 -56.87
CA ILE H 10 -32.05 23.30 -56.25
C ILE H 10 -30.80 23.69 -57.03
N ARG H 11 -29.84 24.28 -56.33
CA ARG H 11 -28.59 24.71 -56.93
C ARG H 11 -27.39 23.90 -56.49
N ALA H 12 -27.40 23.33 -55.29
CA ALA H 12 -26.31 22.53 -54.78
C ALA H 12 -26.84 21.38 -53.95
N VAL H 13 -26.16 20.25 -54.02
CA VAL H 13 -26.56 19.05 -53.30
C VAL H 13 -25.34 18.19 -53.02
N ILE H 14 -24.85 18.22 -51.78
CA ILE H 14 -23.69 17.47 -51.35
C ILE H 14 -24.02 16.85 -50.00
N GLY H 15 -24.42 15.58 -50.01
CA GLY H 15 -24.78 14.92 -48.76
C GLY H 15 -26.18 15.29 -48.33
N ALA H 16 -26.36 15.50 -47.02
CA ALA H 16 -27.66 15.86 -46.47
C ALA H 16 -28.00 17.33 -46.71
N VAL H 17 -27.01 18.17 -46.89
CA VAL H 17 -27.25 19.60 -47.11
C VAL H 17 -27.60 19.84 -48.57
N VAL H 18 -28.64 20.62 -48.81
CA VAL H 18 -29.11 20.92 -50.15
C VAL H 18 -29.47 22.41 -50.20
N ASP H 19 -28.77 23.16 -51.05
CA ASP H 19 -29.01 24.59 -51.20
C ASP H 19 -30.13 24.83 -52.20
N VAL H 20 -31.17 25.54 -51.77
CA VAL H 20 -32.31 25.86 -52.60
C VAL H 20 -32.29 27.35 -52.90
N GLN H 21 -32.48 27.71 -54.18
CA GLN H 21 -32.48 29.09 -54.62
C GLN H 21 -33.91 29.48 -54.99
N PHE H 22 -34.42 30.50 -54.30
CA PHE H 22 -35.77 31.00 -54.52
C PHE H 22 -35.70 32.41 -55.10
N GLU H 23 -36.80 33.14 -55.00
CA GLU H 23 -36.88 34.50 -55.52
C GLU H 23 -36.52 35.51 -54.43
N GLN H 24 -36.43 36.77 -54.84
CA GLN H 24 -36.09 37.84 -53.91
C GLN H 24 -37.33 38.26 -53.13
N GLY H 25 -37.27 38.15 -51.80
CA GLY H 25 -38.37 38.49 -50.94
C GLY H 25 -39.27 37.35 -50.56
N GLU H 26 -39.37 36.32 -51.40
CA GLU H 26 -40.20 35.16 -51.14
C GLU H 26 -39.40 33.98 -50.57
N LEU H 27 -38.26 34.25 -49.94
CA LEU H 27 -37.45 33.19 -49.37
C LEU H 27 -38.01 32.75 -48.03
N PRO H 28 -37.89 31.47 -47.70
CA PRO H 28 -38.40 30.98 -46.41
C PRO H 28 -37.46 31.30 -45.27
N ALA H 29 -38.00 31.19 -44.06
CA ALA H 29 -37.25 31.47 -42.84
C ALA H 29 -36.52 30.21 -42.39
N ILE H 30 -35.89 30.29 -41.22
CA ILE H 30 -35.15 29.17 -40.66
C ILE H 30 -36.13 28.18 -40.03
N LEU H 31 -35.73 26.91 -40.01
CA LEU H 31 -36.53 25.83 -39.44
C LEU H 31 -37.90 25.74 -40.13
N ASN H 32 -37.87 25.77 -41.47
CA ASN H 32 -39.08 25.70 -42.28
C ASN H 32 -39.04 24.45 -43.13
N ALA H 33 -40.14 23.71 -43.17
CA ALA H 33 -40.22 22.49 -43.95
C ALA H 33 -40.41 22.81 -45.43
N LEU H 34 -39.58 22.22 -46.28
CA LEU H 34 -39.63 22.43 -47.71
C LEU H 34 -39.99 21.11 -48.38
N THR H 35 -41.11 21.10 -49.11
CA THR H 35 -41.57 19.91 -49.80
C THR H 35 -40.89 19.79 -51.16
N ILE H 36 -40.76 18.54 -51.62
CA ILE H 36 -40.13 18.26 -52.90
C ILE H 36 -40.77 17.02 -53.52
N ASP H 37 -41.27 17.15 -54.75
CA ASP H 37 -41.91 16.04 -55.43
C ASP H 37 -40.84 15.11 -56.01
N GLN H 38 -40.94 13.83 -55.67
CA GLN H 38 -40.03 12.80 -56.13
C GLN H 38 -40.74 11.93 -57.17
N GLY H 39 -40.37 10.65 -57.25
CA GLY H 39 -40.97 9.74 -58.20
C GLY H 39 -41.99 8.81 -57.57
N ASN H 40 -41.92 8.66 -56.25
CA ASN H 40 -42.83 7.79 -55.53
C ASN H 40 -44.04 8.60 -55.05
N ASN H 41 -44.86 8.01 -54.18
CA ASN H 41 -46.04 8.67 -53.65
C ASN H 41 -45.75 9.52 -52.42
N GLN H 42 -44.52 9.49 -51.91
CA GLN H 42 -44.17 10.27 -50.74
C GLN H 42 -43.59 11.63 -51.14
N LYS H 43 -42.77 12.20 -50.27
CA LYS H 43 -42.15 13.49 -50.54
C LYS H 43 -40.78 13.54 -49.85
N LEU H 44 -40.03 14.60 -50.15
CA LEU H 44 -38.70 14.81 -49.59
C LEU H 44 -38.76 16.05 -48.71
N VAL H 45 -38.85 15.84 -47.40
CA VAL H 45 -38.90 16.94 -46.45
C VAL H 45 -37.51 17.51 -46.25
N LEU H 46 -37.41 18.84 -46.25
CA LEU H 46 -36.14 19.53 -46.07
C LEU H 46 -36.33 20.70 -45.12
N GLU H 47 -35.52 20.75 -44.07
CA GLU H 47 -35.58 21.81 -43.08
C GLU H 47 -34.51 22.86 -43.38
N VAL H 48 -34.92 24.12 -43.42
CA VAL H 48 -33.99 25.21 -43.70
C VAL H 48 -33.17 25.48 -42.44
N ALA H 49 -31.84 25.38 -42.57
CA ALA H 49 -30.94 25.62 -41.44
C ALA H 49 -30.48 27.07 -41.40
N GLN H 50 -29.76 27.51 -42.42
CA GLN H 50 -29.25 28.87 -42.50
C GLN H 50 -29.50 29.40 -43.91
N HIS H 51 -29.10 30.66 -44.12
CA HIS H 51 -29.26 31.33 -45.40
C HIS H 51 -27.90 31.82 -45.87
N LEU H 52 -27.45 31.33 -47.02
CA LEU H 52 -26.15 31.74 -47.56
C LEU H 52 -26.21 33.10 -48.23
N GLY H 53 -27.38 33.56 -48.63
CA GLY H 53 -27.53 34.85 -49.28
C GLY H 53 -27.76 34.72 -50.78
N GLU H 54 -27.95 35.88 -51.40
CA GLU H 54 -28.18 35.98 -52.84
C GLU H 54 -29.38 35.14 -53.27
N ASN H 55 -30.49 35.29 -52.54
CA ASN H 55 -31.73 34.58 -52.80
C ASN H 55 -31.51 33.06 -52.78
N ALA H 56 -30.81 32.60 -51.75
CA ALA H 56 -30.53 31.18 -51.59
C ALA H 56 -30.34 30.87 -50.12
N VAL H 57 -30.85 29.71 -49.70
CA VAL H 57 -30.75 29.27 -48.31
C VAL H 57 -30.39 27.80 -48.29
N ARG H 58 -29.49 27.42 -47.39
CA ARG H 58 -29.05 26.03 -47.27
C ARG H 58 -30.06 25.25 -46.43
N ALA H 59 -30.60 24.18 -47.01
CA ALA H 59 -31.57 23.32 -46.33
C ALA H 59 -30.98 21.95 -46.07
N ILE H 60 -31.44 21.32 -45.01
CA ILE H 60 -30.99 19.99 -44.60
C ILE H 60 -32.11 19.01 -44.88
N ALA H 61 -31.84 18.02 -45.73
CA ALA H 61 -32.84 17.02 -46.08
C ALA H 61 -33.00 16.01 -44.94
N MET H 62 -34.26 15.62 -44.70
CA MET H 62 -34.59 14.65 -43.67
C MET H 62 -34.68 13.22 -44.18
N ASP H 63 -34.22 12.97 -45.40
CA ASP H 63 -34.27 11.63 -45.97
C ASP H 63 -33.14 11.41 -46.95
N GLY H 64 -33.34 10.53 -47.93
CA GLY H 64 -32.31 10.25 -48.91
C GLY H 64 -32.24 11.34 -49.96
N THR H 65 -31.04 11.85 -50.21
CA THR H 65 -30.81 12.91 -51.18
C THR H 65 -30.50 12.37 -52.58
N GLU H 66 -30.58 11.06 -52.78
CA GLU H 66 -30.30 10.47 -54.08
C GLU H 66 -31.49 10.65 -55.01
N GLY H 67 -31.23 11.16 -56.21
CA GLY H 67 -32.26 11.40 -57.19
C GLY H 67 -32.59 12.85 -57.46
N LEU H 68 -31.98 13.78 -56.73
CA LEU H 68 -32.24 15.20 -56.91
C LEU H 68 -31.26 15.77 -57.94
N VAL H 69 -31.80 16.50 -58.91
CA VAL H 69 -31.01 17.10 -59.96
C VAL H 69 -30.94 18.61 -59.73
N ARG H 70 -30.07 19.28 -60.48
CA ARG H 70 -29.89 20.72 -60.38
C ARG H 70 -31.02 21.41 -61.14
N GLY H 71 -31.89 22.10 -60.42
CA GLY H 71 -33.00 22.80 -61.00
C GLY H 71 -34.38 22.23 -60.73
N GLN H 72 -34.53 21.37 -59.72
CA GLN H 72 -35.82 20.79 -59.41
C GLN H 72 -36.68 21.77 -58.61
N THR H 73 -37.98 21.53 -58.62
CA THR H 73 -38.92 22.38 -57.91
C THR H 73 -38.90 22.04 -56.42
N VAL H 74 -38.82 23.09 -55.59
CA VAL H 74 -38.79 22.95 -54.14
C VAL H 74 -39.80 23.95 -53.58
N VAL H 75 -40.99 23.45 -53.23
CA VAL H 75 -42.05 24.29 -52.69
C VAL H 75 -41.90 24.35 -51.17
N ASP H 76 -42.27 25.49 -50.60
CA ASP H 76 -42.19 25.71 -49.16
C ASP H 76 -43.57 25.56 -48.53
N THR H 77 -43.61 24.97 -47.34
CA THR H 77 -44.88 24.78 -46.64
C THR H 77 -45.34 26.02 -45.91
N GLY H 78 -44.44 26.97 -45.64
CA GLY H 78 -44.77 28.20 -44.95
C GLY H 78 -44.51 28.17 -43.46
N ALA H 79 -44.59 27.01 -42.84
CA ALA H 79 -44.36 26.87 -41.40
C ALA H 79 -43.27 25.84 -41.14
N PRO H 80 -43.18 25.32 -39.92
CA PRO H 80 -42.14 24.32 -39.63
C PRO H 80 -42.61 22.90 -39.91
N ILE H 81 -41.93 21.91 -39.32
CA ILE H 81 -42.28 20.50 -39.50
C ILE H 81 -43.47 20.21 -38.59
N SER H 82 -44.66 20.12 -39.17
CA SER H 82 -45.87 19.85 -38.41
C SER H 82 -45.96 18.36 -38.09
N VAL H 83 -46.42 18.05 -36.88
CA VAL H 83 -46.57 16.67 -36.44
C VAL H 83 -47.97 16.49 -35.86
N PRO H 84 -48.52 15.28 -35.87
CA PRO H 84 -49.87 15.06 -35.32
C PRO H 84 -49.82 14.94 -33.81
N VAL H 85 -50.68 15.70 -33.14
CA VAL H 85 -50.77 15.69 -31.69
C VAL H 85 -52.18 15.27 -31.28
N GLY H 86 -52.36 15.09 -29.98
CA GLY H 86 -53.64 14.70 -29.43
C GLY H 86 -53.68 13.23 -29.05
N ARG H 87 -54.91 12.71 -28.98
CA ARG H 87 -55.12 11.32 -28.61
C ARG H 87 -55.00 10.37 -29.80
N GLY H 88 -54.93 10.91 -31.03
CA GLY H 88 -54.82 10.05 -32.20
C GLY H 88 -53.43 9.49 -32.45
N THR H 89 -52.41 10.08 -31.83
CA THR H 89 -51.04 9.60 -32.00
C THR H 89 -50.68 8.46 -31.06
N LEU H 90 -51.54 8.13 -30.11
CA LEU H 90 -51.26 7.04 -29.18
C LEU H 90 -51.55 5.70 -29.85
N GLY H 91 -50.55 4.82 -29.82
CA GLY H 91 -50.67 3.50 -30.42
C GLY H 91 -50.16 3.38 -31.83
N ARG H 92 -49.87 4.50 -32.50
CA ARG H 92 -49.38 4.50 -33.86
C ARG H 92 -47.89 4.84 -33.88
N ILE H 93 -47.20 4.36 -34.90
CA ILE H 93 -45.77 4.60 -35.07
C ILE H 93 -45.59 5.81 -35.99
N ILE H 94 -45.25 6.95 -35.40
CA ILE H 94 -45.06 8.17 -36.16
C ILE H 94 -43.59 8.29 -36.56
N ASN H 95 -43.32 9.12 -37.56
CA ASN H 95 -41.99 9.35 -38.07
C ASN H 95 -41.50 10.74 -37.64
N VAL H 96 -40.44 11.21 -38.29
CA VAL H 96 -39.89 12.52 -37.96
C VAL H 96 -40.71 13.63 -38.61
N VAL H 97 -41.41 13.33 -39.72
CA VAL H 97 -42.21 14.34 -40.40
C VAL H 97 -43.68 14.29 -39.99
N GLY H 98 -44.06 13.37 -39.09
CA GLY H 98 -45.43 13.27 -38.66
C GLY H 98 -46.29 12.32 -39.46
N GLU H 99 -45.69 11.36 -40.16
CA GLU H 99 -46.44 10.40 -40.95
C GLU H 99 -46.46 9.04 -40.28
N PRO H 100 -47.48 8.22 -40.55
CA PRO H 100 -47.54 6.90 -39.92
C PRO H 100 -46.65 5.89 -40.64
N ILE H 101 -46.02 5.03 -39.86
CA ILE H 101 -45.13 4.00 -40.40
C ILE H 101 -45.52 2.64 -39.84
N ASP H 102 -46.78 2.51 -39.42
CA ASP H 102 -47.30 1.27 -38.87
C ASP H 102 -48.29 0.57 -39.78
N GLU H 103 -48.55 1.13 -40.98
CA GLU H 103 -49.48 0.54 -41.94
C GLU H 103 -50.87 0.38 -41.32
N ARG H 104 -51.36 1.44 -40.68
CA ARG H 104 -52.67 1.44 -40.05
C ARG H 104 -53.48 2.66 -40.46
N GLY H 105 -53.30 3.13 -41.69
CA GLY H 105 -54.01 4.27 -42.19
C GLY H 105 -53.40 5.58 -41.74
N PRO H 106 -54.07 6.68 -42.02
CA PRO H 106 -53.55 7.99 -41.62
C PRO H 106 -54.00 8.38 -40.22
N ILE H 107 -53.20 9.26 -39.60
CA ILE H 107 -53.48 9.75 -38.25
C ILE H 107 -54.55 10.83 -38.35
N GLU H 108 -55.75 10.51 -37.88
CA GLU H 108 -56.87 11.45 -37.90
C GLU H 108 -56.72 12.42 -36.74
N CYS H 109 -55.95 13.49 -36.97
CA CYS H 109 -55.71 14.52 -35.97
C CYS H 109 -56.41 15.80 -36.36
N LYS H 110 -56.98 16.49 -35.36
CA LYS H 110 -57.69 17.74 -35.61
C LYS H 110 -56.73 18.93 -35.69
N GLN H 111 -55.60 18.85 -35.02
CA GLN H 111 -54.62 19.93 -35.02
C GLN H 111 -53.23 19.36 -35.30
N ARG H 112 -52.34 20.22 -35.76
CA ARG H 112 -50.96 19.84 -36.07
C ARG H 112 -50.04 20.95 -35.60
N ASN H 113 -49.28 20.68 -34.54
CA ASN H 113 -48.36 21.65 -33.98
C ASN H 113 -46.97 21.49 -34.60
N PRO H 114 -46.17 22.54 -34.58
CA PRO H 114 -44.82 22.45 -35.15
C PRO H 114 -43.83 21.83 -34.18
N ILE H 115 -42.75 21.31 -34.77
CA ILE H 115 -41.72 20.66 -33.96
C ILE H 115 -40.80 21.70 -33.32
N HIS H 116 -40.64 22.86 -33.96
CA HIS H 116 -39.78 23.91 -33.43
C HIS H 116 -40.62 24.88 -32.61
N ALA H 117 -40.33 24.94 -31.30
CA ALA H 117 -41.06 25.82 -30.39
C ALA H 117 -40.12 26.29 -29.30
N ASP H 118 -40.48 27.42 -28.69
CA ASP H 118 -39.68 27.99 -27.62
C ASP H 118 -39.92 27.24 -26.31
N PRO H 119 -38.97 27.32 -25.39
CA PRO H 119 -39.13 26.62 -24.10
C PRO H 119 -39.88 27.49 -23.10
N PRO H 120 -40.06 27.01 -21.88
CA PRO H 120 -40.77 27.81 -20.87
C PRO H 120 -39.89 28.88 -20.27
N SER H 121 -40.54 29.91 -19.72
CA SER H 121 -39.85 31.01 -19.10
C SER H 121 -39.50 30.67 -17.65
N PHE H 122 -38.85 31.62 -16.97
CA PHE H 122 -38.46 31.41 -15.58
C PHE H 122 -39.64 31.59 -14.63
N VAL H 123 -40.65 32.37 -15.03
CA VAL H 123 -41.81 32.58 -14.17
C VAL H 123 -42.83 31.45 -14.27
N GLU H 124 -42.77 30.65 -15.33
CA GLU H 124 -43.69 29.54 -15.52
C GLU H 124 -43.16 28.22 -14.96
N GLN H 125 -41.97 28.22 -14.35
CA GLN H 125 -41.41 27.01 -13.79
C GLN H 125 -42.03 26.71 -12.43
N SER H 126 -42.28 25.42 -12.18
CA SER H 126 -42.87 24.95 -10.94
C SER H 126 -41.94 23.91 -10.32
N THR H 127 -41.35 24.25 -9.18
CA THR H 127 -40.44 23.33 -8.50
C THR H 127 -41.22 22.30 -7.71
N GLU H 128 -40.63 21.12 -7.56
CA GLU H 128 -41.24 20.02 -6.83
C GLU H 128 -40.15 19.21 -6.14
N ALA H 129 -40.57 18.35 -5.22
CA ALA H 129 -39.64 17.50 -4.48
C ALA H 129 -40.30 16.16 -4.16
N GLU H 130 -41.01 15.59 -5.13
CA GLU H 130 -41.69 14.32 -4.96
C GLU H 130 -40.83 13.19 -5.52
N VAL H 131 -40.82 12.06 -4.83
CA VAL H 131 -40.06 10.89 -5.24
C VAL H 131 -40.94 9.97 -6.07
N LEU H 132 -40.33 9.22 -6.97
CA LEU H 132 -41.03 8.29 -7.85
C LEU H 132 -40.44 6.89 -7.65
N GLU H 133 -41.28 5.96 -7.23
CA GLU H 133 -40.84 4.58 -7.00
C GLU H 133 -40.74 3.85 -8.33
N THR H 134 -39.59 3.23 -8.57
CA THR H 134 -39.35 2.48 -9.80
C THR H 134 -39.44 0.97 -9.62
N GLY H 135 -39.04 0.45 -8.47
CA GLY H 135 -39.09 -0.97 -8.19
C GLY H 135 -37.74 -1.61 -7.94
N ILE H 136 -36.66 -0.96 -8.34
CA ILE H 136 -35.32 -1.52 -8.15
C ILE H 136 -34.84 -1.18 -6.73
N LYS H 137 -33.98 -2.05 -6.20
CA LYS H 137 -33.45 -1.84 -4.86
C LYS H 137 -32.34 -0.81 -4.83
N VAL H 138 -31.60 -0.65 -5.94
CA VAL H 138 -30.52 0.33 -6.00
C VAL H 138 -30.98 1.70 -6.48
N VAL H 139 -32.23 1.84 -6.91
CA VAL H 139 -32.75 3.12 -7.38
C VAL H 139 -33.61 3.74 -6.29
N ASP H 140 -34.18 2.90 -5.43
CA ASP H 140 -35.03 3.36 -4.33
C ASP H 140 -34.26 3.63 -3.06
N LEU H 141 -32.95 3.44 -3.06
CA LEU H 141 -32.12 3.67 -1.88
C LEU H 141 -30.98 4.65 -2.14
N LEU H 142 -30.39 4.64 -3.33
CA LEU H 142 -29.30 5.54 -3.66
C LEU H 142 -29.82 6.83 -4.28
N ALA H 143 -29.88 6.88 -5.61
CA ALA H 143 -30.36 8.05 -6.32
C ALA H 143 -31.83 7.88 -6.64
N PRO H 144 -32.74 8.52 -5.90
CA PRO H 144 -34.17 8.35 -6.21
C PRO H 144 -34.61 9.26 -7.34
N TYR H 145 -35.50 8.74 -8.19
CA TYR H 145 -36.01 9.49 -9.32
C TYR H 145 -37.07 10.48 -8.87
N ALA H 146 -36.98 11.70 -9.40
CA ALA H 146 -37.93 12.76 -9.07
C ALA H 146 -39.10 12.75 -10.03
N ARG H 147 -40.29 13.00 -9.49
CA ARG H 147 -41.51 13.02 -10.29
C ARG H 147 -41.60 14.34 -11.06
N GLY H 148 -41.69 14.26 -12.38
CA GLY H 148 -41.77 15.44 -13.21
C GLY H 148 -40.45 16.04 -13.63
N GLY H 149 -39.33 15.38 -13.33
CA GLY H 149 -38.02 15.88 -13.67
C GLY H 149 -37.37 15.06 -14.78
N LYS H 150 -36.13 15.43 -15.08
CA LYS H 150 -35.35 14.77 -16.11
C LYS H 150 -34.45 13.70 -15.48
N ILE H 151 -34.52 12.49 -16.03
CA ILE H 151 -33.73 11.36 -15.55
C ILE H 151 -32.77 10.95 -16.64
N GLY H 152 -31.51 10.72 -16.27
CA GLY H 152 -30.50 10.32 -17.23
C GLY H 152 -29.81 9.03 -16.86
N LEU H 153 -29.92 8.02 -17.72
CA LEU H 153 -29.31 6.71 -17.49
C LEU H 153 -28.01 6.66 -18.29
N PHE H 154 -26.93 7.14 -17.69
CA PHE H 154 -25.63 7.15 -18.34
C PHE H 154 -25.02 5.75 -18.32
N GLY H 155 -24.30 5.43 -19.39
CA GLY H 155 -23.66 4.13 -19.49
C GLY H 155 -22.99 3.97 -20.83
N GLY H 156 -22.10 2.99 -20.90
CA GLY H 156 -21.35 2.71 -22.11
C GLY H 156 -22.08 1.71 -23.00
N ALA H 157 -21.33 1.22 -23.99
CA ALA H 157 -21.87 0.26 -24.94
C ALA H 157 -21.79 -1.15 -24.35
N GLY H 158 -22.94 -1.80 -24.21
CA GLY H 158 -22.99 -3.13 -23.66
C GLY H 158 -23.02 -3.20 -22.14
N VAL H 159 -23.42 -2.12 -21.48
CA VAL H 159 -23.48 -2.08 -20.02
C VAL H 159 -24.89 -2.35 -19.51
N GLY H 160 -25.91 -1.82 -20.19
CA GLY H 160 -27.28 -2.03 -19.78
C GLY H 160 -28.12 -0.77 -19.88
N LYS H 161 -27.97 -0.03 -20.99
CA LYS H 161 -28.73 1.20 -21.18
C LYS H 161 -30.10 0.95 -21.78
N THR H 162 -30.21 0.03 -22.75
CA THR H 162 -31.50 -0.26 -23.36
C THR H 162 -32.36 -1.15 -22.47
N VAL H 163 -31.75 -1.98 -21.63
CA VAL H 163 -32.52 -2.85 -20.75
C VAL H 163 -33.04 -2.09 -19.54
N PHE H 164 -32.42 -0.95 -19.21
CA PHE H 164 -32.87 -0.18 -18.06
C PHE H 164 -34.13 0.61 -18.37
N ILE H 165 -34.27 1.10 -19.61
CA ILE H 165 -35.45 1.88 -19.97
C ILE H 165 -36.64 0.96 -20.24
N GLN H 166 -36.39 -0.27 -20.67
CA GLN H 166 -37.49 -1.20 -20.95
C GLN H 166 -38.07 -1.82 -19.69
N GLU H 167 -37.23 -2.03 -18.67
CA GLU H 167 -37.72 -2.63 -17.43
C GLU H 167 -38.50 -1.62 -16.59
N LEU H 168 -38.14 -0.34 -16.65
CA LEU H 168 -38.84 0.67 -15.87
C LEU H 168 -40.18 1.04 -16.49
N ILE H 169 -40.34 0.87 -17.80
CA ILE H 169 -41.60 1.22 -18.46
C ILE H 169 -42.66 0.15 -18.26
N ASN H 170 -42.27 -1.07 -17.89
CA ASN H 170 -43.22 -2.16 -17.67
C ASN H 170 -43.74 -2.22 -16.24
N ASN H 171 -43.32 -1.29 -15.37
CA ASN H 171 -43.78 -1.28 -13.99
C ASN H 171 -44.12 0.12 -13.48
N ILE H 172 -43.95 1.16 -14.29
CA ILE H 172 -44.26 2.52 -13.85
C ILE H 172 -45.18 3.17 -14.87
N ALA H 173 -44.87 3.02 -16.16
CA ALA H 173 -45.67 3.59 -17.22
C ALA H 173 -46.97 2.83 -17.46
N LYS H 174 -47.02 1.55 -17.10
CA LYS H 174 -48.22 0.74 -17.29
C LYS H 174 -49.26 0.96 -16.21
N ALA H 175 -48.90 1.58 -15.09
CA ALA H 175 -49.83 1.83 -14.00
C ALA H 175 -49.98 3.32 -13.70
N HIS H 176 -49.46 4.19 -14.55
CA HIS H 176 -49.56 5.63 -14.35
C HIS H 176 -50.89 6.15 -14.90
N GLY H 177 -51.28 7.34 -14.42
CA GLY H 177 -52.52 7.94 -14.86
C GLY H 177 -52.42 8.62 -16.22
N GLY H 178 -51.24 9.16 -16.55
CA GLY H 178 -51.04 9.84 -17.81
C GLY H 178 -50.65 8.87 -18.92
N PHE H 179 -50.27 9.45 -20.05
CA PHE H 179 -49.87 8.69 -21.22
C PHE H 179 -48.36 8.76 -21.41
N SER H 180 -47.81 7.72 -22.02
CA SER H 180 -46.38 7.63 -22.27
C SER H 180 -46.04 8.19 -23.65
N VAL H 181 -44.74 8.40 -23.88
CA VAL H 181 -44.26 8.92 -25.15
C VAL H 181 -42.87 8.35 -25.43
N PHE H 182 -42.83 7.14 -25.99
CA PHE H 182 -41.57 6.48 -26.31
C PHE H 182 -41.08 7.00 -27.66
N THR H 183 -40.12 7.94 -27.63
CA THR H 183 -39.55 8.54 -28.83
C THR H 183 -38.10 8.08 -28.93
N GLY H 184 -37.85 7.09 -29.78
CA GLY H 184 -36.51 6.57 -29.97
C GLY H 184 -35.74 7.29 -31.06
N VAL H 185 -34.58 7.83 -30.71
CA VAL H 185 -33.72 8.55 -31.65
C VAL H 185 -32.35 7.87 -31.65
N GLY H 186 -31.92 7.44 -32.83
CA GLY H 186 -30.62 6.78 -32.94
C GLY H 186 -30.57 5.38 -32.37
N GLU H 187 -31.67 4.62 -32.47
CA GLU H 187 -31.72 3.28 -31.95
C GLU H 187 -31.33 2.29 -33.05
N ARG H 188 -31.79 1.04 -32.96
CA ARG H 188 -31.50 0.01 -33.93
C ARG H 188 -32.77 -0.43 -34.64
N THR H 189 -32.59 -1.26 -35.67
CA THR H 189 -33.75 -1.75 -36.42
C THR H 189 -34.49 -2.83 -35.65
N ARG H 190 -33.75 -3.69 -34.93
CA ARG H 190 -34.38 -4.75 -34.16
C ARG H 190 -34.97 -4.26 -32.85
N GLU H 191 -34.50 -3.13 -32.32
CA GLU H 191 -35.03 -2.61 -31.07
C GLU H 191 -36.38 -1.94 -31.25
N GLY H 192 -36.70 -1.48 -32.46
CA GLY H 192 -37.98 -0.84 -32.69
C GLY H 192 -39.11 -1.83 -32.82
N ASN H 193 -38.84 -2.99 -33.40
CA ASN H 193 -39.87 -4.01 -33.58
C ASN H 193 -40.15 -4.77 -32.30
N ASP H 194 -39.14 -4.92 -31.43
CA ASP H 194 -39.33 -5.65 -30.18
C ASP H 194 -40.06 -4.81 -29.13
N LEU H 195 -39.93 -3.49 -29.20
CA LEU H 195 -40.59 -2.62 -28.23
C LEU H 195 -42.08 -2.47 -28.53
N TYR H 196 -42.48 -2.52 -29.80
CA TYR H 196 -43.88 -2.40 -30.14
C TYR H 196 -44.66 -3.68 -29.88
N ARG H 197 -44.01 -4.84 -30.01
CA ARG H 197 -44.69 -6.10 -29.76
C ARG H 197 -44.85 -6.40 -28.28
N GLU H 198 -43.96 -5.87 -27.44
CA GLU H 198 -44.06 -6.12 -26.00
C GLU H 198 -45.13 -5.25 -25.35
N MET H 199 -45.41 -4.08 -25.90
CA MET H 199 -46.43 -3.20 -25.33
C MET H 199 -47.84 -3.64 -25.68
N LYS H 200 -48.01 -4.41 -26.76
CA LYS H 200 -49.34 -4.86 -27.15
C LYS H 200 -49.81 -6.04 -26.30
N GLU H 201 -48.89 -6.88 -25.83
CA GLU H 201 -49.26 -8.02 -25.01
C GLU H 201 -49.42 -7.68 -23.54
N THR H 202 -49.05 -6.47 -23.12
CA THR H 202 -49.16 -6.06 -21.73
C THR H 202 -50.29 -5.07 -21.50
N GLY H 203 -50.87 -4.49 -22.54
CA GLY H 203 -51.95 -3.54 -22.41
C GLY H 203 -51.55 -2.08 -22.51
N VAL H 204 -50.39 -1.78 -23.09
CA VAL H 204 -49.95 -0.39 -23.23
C VAL H 204 -50.38 0.19 -24.57
N ILE H 205 -50.39 -0.62 -25.62
CA ILE H 205 -50.78 -0.18 -26.96
C ILE H 205 -51.83 -1.16 -27.47
N ASN H 206 -53.09 -0.71 -27.54
CA ASN H 206 -54.19 -1.53 -28.01
C ASN H 206 -54.61 -1.05 -29.40
N LEU H 207 -54.56 -1.97 -30.36
CA LEU H 207 -54.95 -1.62 -31.73
C LEU H 207 -56.45 -1.52 -31.91
N GLU H 208 -57.22 -2.24 -31.08
CA GLU H 208 -58.67 -2.23 -31.16
C GLU H 208 -59.32 -1.57 -29.95
N GLY H 209 -58.54 -1.08 -29.00
CA GLY H 209 -59.10 -0.44 -27.82
C GLY H 209 -58.55 0.96 -27.58
N GLU H 210 -57.89 1.16 -26.45
CA GLU H 210 -57.32 2.45 -26.09
C GLU H 210 -55.86 2.27 -25.74
N SER H 211 -55.02 3.19 -26.22
CA SER H 211 -53.59 3.16 -25.96
C SER H 211 -53.18 4.42 -25.21
N LYS H 212 -52.05 4.31 -24.50
CA LYS H 212 -51.50 5.42 -23.72
C LYS H 212 -50.00 5.50 -23.89
N VAL H 213 -49.51 5.24 -25.10
CA VAL H 213 -48.09 5.28 -25.39
C VAL H 213 -47.87 5.71 -26.84
N ALA H 214 -47.18 6.83 -27.02
CA ALA H 214 -46.91 7.35 -28.36
C ALA H 214 -45.58 6.82 -28.88
N LEU H 215 -45.62 6.19 -30.05
CA LEU H 215 -44.43 5.63 -30.67
C LEU H 215 -43.93 6.55 -31.76
N VAL H 216 -42.66 6.93 -31.68
CA VAL H 216 -42.02 7.82 -32.66
C VAL H 216 -40.81 7.08 -33.22
N PHE H 217 -40.88 6.74 -34.50
CA PHE H 217 -39.79 6.03 -35.15
C PHE H 217 -38.66 6.99 -35.51
N GLY H 218 -37.52 6.42 -35.90
CA GLY H 218 -36.36 7.22 -36.26
C GLY H 218 -35.08 6.70 -35.64
N GLN H 219 -34.57 5.59 -36.18
CA GLN H 219 -33.34 4.99 -35.67
C GLN H 219 -32.15 5.53 -36.47
N MET H 220 -31.09 4.74 -36.57
CA MET H 220 -29.90 5.13 -37.31
C MET H 220 -29.91 4.66 -38.76
N ASN H 221 -31.04 4.14 -39.24
CA ASN H 221 -31.14 3.67 -40.62
C ASN H 221 -31.39 4.79 -41.61
N GLU H 222 -31.75 5.99 -41.14
CA GLU H 222 -32.01 7.11 -42.02
C GLU H 222 -30.76 7.97 -42.17
N PRO H 223 -30.89 9.21 -42.62
CA PRO H 223 -29.70 10.07 -42.78
C PRO H 223 -29.47 10.89 -41.53
N PRO H 224 -28.64 11.94 -41.62
CA PRO H 224 -28.38 12.77 -40.43
C PRO H 224 -29.47 13.77 -40.14
N GLY H 225 -30.34 14.09 -41.11
CA GLY H 225 -31.40 15.05 -40.87
C GLY H 225 -32.57 14.48 -40.09
N ALA H 226 -32.88 13.20 -40.30
CA ALA H 226 -33.99 12.59 -39.58
C ALA H 226 -33.62 12.22 -38.14
N ARG H 227 -32.33 11.98 -37.88
CA ARG H 227 -31.91 11.63 -36.52
C ARG H 227 -31.87 12.84 -35.60
N ALA H 228 -31.48 14.00 -36.13
CA ALA H 228 -31.41 15.21 -35.31
C ALA H 228 -32.80 15.78 -35.04
N ARG H 229 -33.75 15.57 -35.95
CA ARG H 229 -35.11 16.08 -35.81
C ARG H 229 -36.04 15.08 -35.14
N VAL H 230 -35.53 13.93 -34.70
CA VAL H 230 -36.39 12.94 -34.06
C VAL H 230 -36.72 13.34 -32.63
N ALA H 231 -35.85 14.10 -31.97
CA ALA H 231 -36.10 14.53 -30.61
C ALA H 231 -37.14 15.64 -30.53
N LEU H 232 -37.18 16.51 -31.54
CA LEU H 232 -38.16 17.60 -31.54
C LEU H 232 -39.55 17.12 -31.95
N THR H 233 -39.63 16.10 -32.80
CA THR H 233 -40.93 15.60 -33.23
C THR H 233 -41.60 14.77 -32.14
N GLY H 234 -40.81 14.01 -31.37
CA GLY H 234 -41.39 13.22 -30.30
C GLY H 234 -41.78 14.03 -29.09
N LEU H 235 -41.08 15.14 -28.83
CA LEU H 235 -41.39 15.98 -27.69
C LEU H 235 -42.58 16.91 -27.94
N THR H 236 -42.98 17.08 -29.20
CA THR H 236 -44.12 17.95 -29.49
C THR H 236 -45.43 17.28 -29.13
N ILE H 237 -45.52 15.95 -29.23
CA ILE H 237 -46.75 15.25 -28.90
C ILE H 237 -46.91 15.13 -27.39
N ALA H 238 -45.80 15.01 -26.65
CA ALA H 238 -45.89 14.89 -25.20
C ALA H 238 -46.13 16.24 -24.53
N GLU H 239 -45.72 17.33 -25.17
CA GLU H 239 -45.92 18.66 -24.58
C GLU H 239 -47.37 19.12 -24.70
N TYR H 240 -48.11 18.62 -25.69
CA TYR H 240 -49.50 19.02 -25.86
C TYR H 240 -50.42 18.35 -24.84
N PHE H 241 -50.06 17.16 -24.37
CA PHE H 241 -50.88 16.46 -23.39
C PHE H 241 -50.72 16.99 -21.98
N ARG H 242 -49.63 17.73 -21.72
CA ARG H 242 -49.39 18.29 -20.39
C ARG H 242 -49.77 19.77 -20.28
N ASP H 243 -49.94 20.46 -21.41
CA ASP H 243 -50.30 21.87 -21.41
C ASP H 243 -51.76 22.09 -21.81
N GLU H 244 -52.22 21.46 -22.89
CA GLU H 244 -53.61 21.64 -23.32
C GLU H 244 -54.55 20.70 -22.57
N GLU H 245 -54.11 19.46 -22.32
CA GLU H 245 -54.94 18.49 -21.62
C GLU H 245 -54.63 18.42 -20.13
N GLY H 246 -53.39 18.68 -19.73
CA GLY H 246 -53.02 18.63 -18.33
C GLY H 246 -52.87 17.23 -17.78
N GLN H 247 -51.89 16.49 -18.31
CA GLN H 247 -51.64 15.12 -17.88
C GLN H 247 -50.14 14.93 -17.65
N ASP H 248 -49.82 14.03 -16.73
CA ASP H 248 -48.43 13.72 -16.39
C ASP H 248 -47.86 12.82 -17.47
N VAL H 249 -47.24 13.43 -18.48
CA VAL H 249 -46.65 12.68 -19.58
C VAL H 249 -45.31 12.12 -19.16
N LEU H 250 -44.89 11.06 -19.84
CA LEU H 250 -43.61 10.39 -19.57
C LEU H 250 -42.89 10.19 -20.90
N LEU H 251 -41.86 11.01 -21.14
CA LEU H 251 -41.09 10.94 -22.37
C LEU H 251 -39.90 10.00 -22.18
N PHE H 252 -39.82 8.97 -23.02
CA PHE H 252 -38.75 7.99 -22.99
C PHE H 252 -37.91 8.15 -24.25
N VAL H 253 -36.70 8.69 -24.10
CA VAL H 253 -35.79 8.92 -25.21
C VAL H 253 -34.68 7.88 -25.14
N ASP H 254 -34.42 7.21 -26.27
CA ASP H 254 -33.37 6.19 -26.33
C ASP H 254 -32.78 6.24 -27.74
N ASN H 255 -31.56 6.79 -27.84
CA ASN H 255 -30.83 7.30 -26.68
C ASN H 255 -30.73 8.82 -26.74
N ILE H 256 -30.36 9.42 -25.60
CA ILE H 256 -30.22 10.87 -25.55
C ILE H 256 -28.91 11.35 -26.15
N PHE H 257 -27.91 10.48 -26.26
CA PHE H 257 -26.63 10.87 -26.84
C PHE H 257 -26.66 10.94 -28.36
N ARG H 258 -27.69 10.39 -28.99
CA ARG H 258 -27.78 10.41 -30.44
C ARG H 258 -28.24 11.76 -30.97
N PHE H 259 -28.80 12.62 -30.12
CA PHE H 259 -29.26 13.94 -30.58
C PHE H 259 -28.07 14.89 -30.80
N THR H 260 -27.04 14.79 -29.95
CA THR H 260 -25.88 15.65 -30.10
C THR H 260 -24.94 15.18 -31.20
N GLN H 261 -24.86 13.86 -31.43
CA GLN H 261 -23.99 13.32 -32.47
C GLN H 261 -24.57 13.49 -33.87
N ALA H 262 -25.90 13.63 -33.98
CA ALA H 262 -26.50 13.80 -35.30
C ALA H 262 -26.28 15.20 -35.85
N GLY H 263 -26.20 16.20 -34.98
CA GLY H 263 -25.99 17.56 -35.45
C GLY H 263 -24.55 17.83 -35.88
N SER H 264 -23.60 17.08 -35.33
CA SER H 264 -22.20 17.27 -35.68
C SER H 264 -21.84 16.58 -37.00
N GLU H 265 -22.70 15.70 -37.50
CA GLU H 265 -22.40 15.02 -38.76
C GLU H 265 -22.63 15.93 -39.96
N VAL H 266 -23.57 16.88 -39.85
CA VAL H 266 -23.87 17.81 -40.92
C VAL H 266 -23.36 19.21 -40.61
N SER H 267 -22.64 19.38 -39.50
CA SER H 267 -22.12 20.69 -39.14
C SER H 267 -20.89 21.07 -39.96
N ALA H 268 -20.17 20.09 -40.49
CA ALA H 268 -18.99 20.38 -41.30
C ALA H 268 -19.36 20.85 -42.71
N LEU H 269 -20.47 20.37 -43.25
CA LEU H 269 -20.91 20.76 -44.58
C LEU H 269 -21.78 22.01 -44.58
N LEU H 270 -22.15 22.54 -43.41
CA LEU H 270 -22.97 23.73 -43.31
C LEU H 270 -22.16 25.01 -43.19
N GLY H 271 -20.83 24.90 -43.09
CA GLY H 271 -19.99 26.07 -42.97
C GLY H 271 -19.58 26.42 -41.56
N ARG H 272 -19.58 25.46 -40.64
CA ARG H 272 -19.19 25.70 -39.26
C ARG H 272 -17.87 25.01 -38.95
N ILE H 273 -17.10 25.61 -38.06
CA ILE H 273 -15.80 25.08 -37.66
C ILE H 273 -16.01 23.98 -36.62
N PRO H 274 -15.14 22.98 -36.55
CA PRO H 274 -15.32 21.92 -35.57
C PRO H 274 -14.85 22.34 -34.19
N SER H 275 -15.44 21.71 -33.18
CA SER H 275 -15.09 22.00 -31.79
C SER H 275 -14.12 20.96 -31.24
N ALA H 276 -14.37 20.52 -30.01
CA ALA H 276 -13.51 19.53 -29.37
C ALA H 276 -14.03 18.12 -29.63
N VAL H 277 -13.09 17.20 -29.85
CA VAL H 277 -13.40 15.79 -30.11
C VAL H 277 -14.31 15.66 -31.33
N GLY H 278 -14.10 16.53 -32.32
CA GLY H 278 -14.90 16.47 -33.53
C GLY H 278 -16.36 16.81 -33.34
N TYR H 279 -16.67 17.78 -32.48
CA TYR H 279 -18.03 18.19 -32.23
C TYR H 279 -18.30 19.54 -32.89
N GLN H 280 -19.55 20.00 -32.77
CA GLN H 280 -19.96 21.27 -33.34
C GLN H 280 -19.77 22.40 -32.33
N PRO H 281 -19.71 23.64 -32.80
CA PRO H 281 -19.52 24.76 -31.86
C PRO H 281 -20.77 25.08 -31.06
N THR H 282 -21.95 24.76 -31.57
CA THR H 282 -23.21 25.03 -30.90
C THR H 282 -23.70 23.80 -30.13
N LEU H 283 -22.82 23.20 -29.33
CA LEU H 283 -23.20 22.02 -28.56
C LEU H 283 -24.02 22.39 -27.34
N ALA H 284 -23.62 23.43 -26.62
CA ALA H 284 -24.35 23.85 -25.43
C ALA H 284 -25.63 24.61 -25.77
N THR H 285 -25.74 25.17 -26.97
CA THR H 285 -26.94 25.91 -27.34
C THR H 285 -28.03 24.98 -27.87
N ASP H 286 -27.64 23.94 -28.61
CA ASP H 286 -28.62 23.01 -29.15
C ASP H 286 -29.14 22.04 -28.08
N MET H 287 -28.30 21.67 -27.12
CA MET H 287 -28.73 20.76 -26.07
C MET H 287 -29.62 21.44 -25.03
N GLY H 288 -29.41 22.74 -24.80
CA GLY H 288 -30.21 23.46 -23.82
C GLY H 288 -31.58 23.88 -24.31
N LEU H 289 -31.76 24.02 -25.63
CA LEU H 289 -33.05 24.41 -26.17
C LEU H 289 -34.06 23.28 -26.16
N LEU H 290 -33.60 22.04 -26.21
CA LEU H 290 -34.50 20.88 -26.21
C LEU H 290 -34.72 20.29 -24.83
N GLN H 291 -33.77 20.48 -23.90
CA GLN H 291 -33.92 19.93 -22.56
C GLN H 291 -34.76 20.84 -21.67
N GLU H 292 -34.79 22.13 -21.94
CA GLU H 292 -35.58 23.07 -21.14
C GLU H 292 -37.07 22.99 -21.43
N ARG H 293 -37.44 22.54 -22.62
CA ARG H 293 -38.85 22.45 -22.98
C ARG H 293 -39.53 21.21 -22.41
N ILE H 294 -38.76 20.22 -21.98
CA ILE H 294 -39.32 18.99 -21.41
C ILE H 294 -39.22 19.06 -19.89
N THR H 295 -39.77 20.11 -19.30
CA THR H 295 -39.75 20.32 -17.87
C THR H 295 -41.19 20.25 -17.33
N THR H 296 -41.37 20.71 -16.10
CA THR H 296 -42.67 20.73 -15.43
C THR H 296 -43.09 22.18 -15.21
N THR H 297 -44.22 22.55 -15.77
CA THR H 297 -44.76 23.90 -15.66
C THR H 297 -45.99 23.88 -14.75
N ARG H 298 -46.79 24.96 -14.80
CA ARG H 298 -47.99 25.05 -13.99
C ARG H 298 -49.17 24.30 -14.57
N LYS H 299 -49.10 23.91 -15.85
CA LYS H 299 -50.20 23.19 -16.48
C LYS H 299 -50.10 21.68 -16.29
N GLY H 300 -48.89 21.15 -16.16
CA GLY H 300 -48.72 19.72 -15.98
C GLY H 300 -47.25 19.39 -15.80
N SER H 301 -47.01 18.13 -15.47
CA SER H 301 -45.66 17.62 -15.24
C SER H 301 -45.23 16.75 -16.42
N VAL H 302 -43.91 16.52 -16.50
CA VAL H 302 -43.34 15.71 -17.56
C VAL H 302 -42.08 15.03 -17.05
N THR H 303 -42.19 13.74 -16.74
CA THR H 303 -41.07 12.96 -16.23
C THR H 303 -40.31 12.38 -17.42
N SER H 304 -39.19 13.00 -17.76
CA SER H 304 -38.36 12.57 -18.88
C SER H 304 -37.38 11.51 -18.39
N VAL H 305 -37.42 10.32 -19.00
CA VAL H 305 -36.53 9.23 -18.61
C VAL H 305 -35.63 8.89 -19.79
N GLN H 306 -34.77 9.83 -20.17
CA GLN H 306 -33.85 9.61 -21.27
C GLN H 306 -32.66 8.76 -20.83
N ALA H 307 -31.93 8.25 -21.82
CA ALA H 307 -30.76 7.41 -21.59
C ALA H 307 -29.59 7.98 -22.36
N VAL H 308 -28.52 8.33 -21.66
CA VAL H 308 -27.31 8.88 -22.25
C VAL H 308 -26.32 7.75 -22.52
N TYR H 309 -25.64 7.81 -23.66
CA TYR H 309 -24.66 6.80 -24.06
C TYR H 309 -23.27 7.42 -23.99
N VAL H 310 -22.45 6.92 -23.10
CA VAL H 310 -21.08 7.41 -22.92
C VAL H 310 -20.22 6.91 -24.08
N PRO H 311 -19.31 7.72 -24.61
CA PRO H 311 -18.46 7.29 -25.72
C PRO H 311 -17.31 6.42 -25.22
N ALA H 312 -17.45 5.11 -25.40
CA ALA H 312 -16.43 4.13 -24.97
C ALA H 312 -16.11 4.27 -23.49
N ASP H 313 -17.15 4.42 -22.68
CA ASP H 313 -17.04 4.56 -21.22
C ASP H 313 -16.14 5.75 -20.87
N ASP H 314 -16.67 6.95 -21.11
CA ASP H 314 -15.96 8.20 -20.83
C ASP H 314 -16.98 9.26 -20.46
N LEU H 315 -16.97 9.69 -19.20
CA LEU H 315 -17.90 10.70 -18.73
C LEU H 315 -17.38 12.12 -18.89
N THR H 316 -16.15 12.29 -19.38
CA THR H 316 -15.55 13.60 -19.58
C THR H 316 -15.69 14.08 -21.03
N ASP H 317 -16.61 13.51 -21.79
CA ASP H 317 -16.81 13.89 -23.17
C ASP H 317 -17.69 15.14 -23.25
N PRO H 318 -17.81 15.75 -24.44
CA PRO H 318 -18.64 16.95 -24.57
C PRO H 318 -20.12 16.67 -24.70
N ALA H 319 -20.52 15.42 -24.90
CA ALA H 319 -21.93 15.07 -25.04
C ALA H 319 -22.44 14.43 -23.75
N PRO H 320 -21.55 14.07 -22.83
CA PRO H 320 -22.01 13.45 -21.58
C PRO H 320 -21.96 14.41 -20.41
N ALA H 321 -20.93 15.27 -20.38
CA ALA H 321 -20.79 16.24 -19.30
C ALA H 321 -21.73 17.43 -19.44
N THR H 322 -22.19 17.72 -20.66
CA THR H 322 -23.10 18.84 -20.87
C THR H 322 -24.54 18.52 -20.51
N THR H 323 -24.89 17.24 -20.42
CA THR H 323 -26.25 16.82 -20.09
C THR H 323 -26.42 16.49 -18.61
N PHE H 324 -25.35 16.57 -17.81
CA PHE H 324 -25.44 16.26 -16.40
C PHE H 324 -25.99 17.43 -15.58
N ALA H 325 -25.97 18.64 -16.12
CA ALA H 325 -26.46 19.81 -15.42
C ALA H 325 -27.95 20.08 -15.67
N HIS H 326 -28.57 19.30 -16.56
CA HIS H 326 -29.99 19.46 -16.89
C HIS H 326 -30.77 18.20 -16.54
N LEU H 327 -30.36 17.52 -15.46
CA LEU H 327 -31.02 16.31 -15.02
C LEU H 327 -31.00 16.25 -13.50
N ASP H 328 -32.13 15.85 -12.91
CA ASP H 328 -32.23 15.75 -11.45
C ASP H 328 -31.56 14.48 -10.95
N ALA H 329 -31.99 13.32 -11.46
CA ALA H 329 -31.45 12.03 -11.06
C ALA H 329 -30.61 11.47 -12.21
N THR H 330 -29.37 11.10 -11.89
CA THR H 330 -28.43 10.56 -12.88
C THR H 330 -28.08 9.14 -12.47
N THR H 331 -28.42 8.17 -13.31
CA THR H 331 -28.14 6.76 -13.07
C THR H 331 -26.96 6.35 -13.95
N VAL H 332 -25.76 6.63 -13.45
CA VAL H 332 -24.54 6.30 -14.19
C VAL H 332 -24.21 4.83 -14.00
N LEU H 333 -23.89 4.16 -15.11
CA LEU H 333 -23.54 2.74 -15.10
C LEU H 333 -22.05 2.57 -15.41
N SER H 334 -21.47 1.53 -14.83
CA SER H 334 -20.06 1.22 -15.01
C SER H 334 -19.90 -0.12 -15.70
N ARG H 335 -18.82 -0.24 -16.49
CA ARG H 335 -18.55 -1.48 -17.21
C ARG H 335 -17.85 -2.51 -16.35
N GLY H 336 -17.31 -2.12 -15.19
CA GLY H 336 -16.65 -3.07 -14.33
C GLY H 336 -17.58 -3.87 -13.45
N ILE H 337 -18.73 -3.28 -13.08
CA ILE H 337 -19.68 -3.99 -12.24
C ILE H 337 -20.55 -4.96 -13.04
N SER H 338 -20.66 -4.76 -14.35
CA SER H 338 -21.48 -5.64 -15.19
C SER H 338 -20.81 -6.98 -15.46
N GLU H 339 -19.48 -7.04 -15.39
CA GLU H 339 -18.75 -8.28 -15.63
C GLU H 339 -18.66 -9.17 -14.40
N LEU H 340 -18.99 -8.65 -13.22
CA LEU H 340 -18.93 -9.42 -11.99
C LEU H 340 -20.22 -10.17 -11.68
N GLY H 341 -21.33 -9.79 -12.30
CA GLY H 341 -22.61 -10.44 -12.08
C GLY H 341 -23.70 -9.54 -11.54
N ILE H 342 -23.44 -8.25 -11.37
CA ILE H 342 -24.44 -7.31 -10.86
C ILE H 342 -25.41 -6.97 -11.99
N TYR H 343 -26.67 -7.33 -11.80
CA TYR H 343 -27.70 -7.06 -12.80
C TYR H 343 -28.77 -6.15 -12.19
N PRO H 344 -28.81 -4.86 -12.55
CA PRO H 344 -27.88 -4.24 -13.50
C PRO H 344 -26.68 -3.60 -12.80
N ALA H 345 -25.74 -3.08 -13.59
CA ALA H 345 -24.53 -2.45 -13.06
C ALA H 345 -24.88 -1.01 -12.64
N VAL H 346 -25.40 -0.89 -11.42
CA VAL H 346 -25.78 0.40 -10.85
C VAL H 346 -24.67 0.87 -9.92
N ASP H 347 -24.12 2.04 -10.21
CA ASP H 347 -23.05 2.58 -9.39
C ASP H 347 -23.63 3.17 -8.11
N PRO H 348 -23.20 2.70 -6.93
CA PRO H 348 -23.75 3.26 -5.68
C PRO H 348 -23.08 4.54 -5.23
N LEU H 349 -21.97 4.93 -5.85
CA LEU H 349 -21.26 6.16 -5.48
C LEU H 349 -21.27 7.22 -6.57
N ASP H 350 -21.35 6.83 -7.84
CA ASP H 350 -21.36 7.79 -8.93
C ASP H 350 -22.76 8.34 -9.22
N SER H 351 -23.80 7.62 -8.80
CA SER H 351 -25.16 8.07 -9.04
C SER H 351 -25.59 9.05 -7.95
N LYS H 352 -26.12 10.20 -8.37
CA LYS H 352 -26.57 11.23 -7.45
C LYS H 352 -27.93 11.75 -7.89
N SER H 353 -28.67 12.28 -6.93
CA SER H 353 -30.00 12.83 -7.20
C SER H 353 -30.29 13.96 -6.23
N ARG H 354 -31.26 14.80 -6.59
CA ARG H 354 -31.64 15.93 -5.75
C ARG H 354 -32.65 15.56 -4.68
N LEU H 355 -33.25 14.37 -4.75
CA LEU H 355 -34.22 13.92 -3.77
C LEU H 355 -33.60 13.06 -2.68
N LEU H 356 -32.28 13.01 -2.58
CA LEU H 356 -31.59 12.21 -1.57
C LEU H 356 -31.21 13.09 -0.36
N ASP H 357 -32.24 13.60 0.30
CA ASP H 357 -32.07 14.46 1.46
C ASP H 357 -32.92 13.92 2.61
N VAL H 358 -32.78 14.56 3.78
CA VAL H 358 -33.53 14.15 4.97
C VAL H 358 -34.88 14.83 5.07
N SER H 359 -35.15 15.85 4.24
CA SER H 359 -36.42 16.56 4.27
C SER H 359 -37.41 16.05 3.22
N VAL H 360 -36.98 15.18 2.31
CA VAL H 360 -37.84 14.63 1.27
C VAL H 360 -38.11 13.15 1.50
N VAL H 361 -37.08 12.40 1.88
CA VAL H 361 -37.24 10.96 2.13
C VAL H 361 -37.37 10.63 3.60
N GLY H 362 -37.13 11.59 4.49
CA GLY H 362 -37.24 11.36 5.92
C GLY H 362 -35.89 11.16 6.59
N GLN H 363 -35.91 11.17 7.92
CA GLN H 363 -34.69 10.98 8.69
C GLN H 363 -34.24 9.53 8.71
N GLU H 364 -35.19 8.58 8.58
CA GLU H 364 -34.82 7.18 8.60
C GLU H 364 -34.20 6.75 7.27
N HIS H 365 -34.70 7.28 6.16
CA HIS H 365 -34.17 6.92 4.86
C HIS H 365 -32.85 7.65 4.56
N TYR H 366 -32.60 8.77 5.24
CA TYR H 366 -31.35 9.50 5.01
C TYR H 366 -30.17 8.82 5.67
N ASP H 367 -30.39 8.16 6.81
CA ASP H 367 -29.30 7.46 7.49
C ASP H 367 -28.91 6.17 6.79
N VAL H 368 -29.86 5.52 6.12
CA VAL H 368 -29.54 4.28 5.43
C VAL H 368 -28.78 4.55 4.14
N ALA H 369 -29.04 5.68 3.48
CA ALA H 369 -28.32 6.02 2.25
C ALA H 369 -26.90 6.47 2.54
N THR H 370 -26.69 7.16 3.67
CA THR H 370 -25.36 7.61 4.03
C THR H 370 -24.50 6.48 4.58
N GLY H 371 -25.13 5.51 5.25
CA GLY H 371 -24.36 4.39 5.79
C GLY H 371 -23.95 3.39 4.72
N VAL H 372 -24.75 3.23 3.67
CA VAL H 372 -24.40 2.30 2.60
C VAL H 372 -23.33 2.90 1.71
N GLN H 373 -23.31 4.22 1.55
CA GLN H 373 -22.29 4.86 0.71
C GLN H 373 -20.95 4.92 1.43
N GLN H 374 -20.95 5.02 2.76
CA GLN H 374 -19.70 5.06 3.50
C GLN H 374 -19.04 3.70 3.57
N THR H 375 -19.83 2.63 3.62
CA THR H 375 -19.25 1.28 3.67
C THR H 375 -18.71 0.85 2.31
N LEU H 376 -19.34 1.30 1.22
CA LEU H 376 -18.87 0.93 -0.11
C LEU H 376 -17.63 1.73 -0.50
N GLN H 377 -17.52 2.97 -0.05
CA GLN H 377 -16.35 3.78 -0.37
C GLN H 377 -15.14 3.35 0.45
N ALA H 378 -15.34 2.87 1.67
CA ALA H 378 -14.23 2.43 2.51
C ALA H 378 -13.68 1.08 2.07
N TYR H 379 -14.48 0.28 1.35
CA TYR H 379 -14.01 -1.02 0.88
C TYR H 379 -13.04 -0.90 -0.29
N LYS H 380 -13.07 0.21 -1.02
CA LYS H 380 -12.15 0.38 -2.15
C LYS H 380 -10.74 0.67 -1.67
N SER H 381 -10.59 1.38 -0.55
CA SER H 381 -9.27 1.68 -0.03
C SER H 381 -8.65 0.47 0.66
N LEU H 382 -9.47 -0.38 1.29
CA LEU H 382 -8.96 -1.56 1.96
C LEU H 382 -8.67 -2.70 1.00
N GLN H 383 -9.24 -2.68 -0.21
CA GLN H 383 -8.99 -3.74 -1.17
C GLN H 383 -7.62 -3.60 -1.83
N ASP H 384 -7.06 -2.39 -1.82
CA ASP H 384 -5.75 -2.19 -2.43
C ASP H 384 -4.63 -2.72 -1.54
N ILE H 385 -4.84 -2.72 -0.22
CA ILE H 385 -3.82 -3.23 0.69
C ILE H 385 -3.82 -4.76 0.77
N ILE H 386 -4.94 -5.40 0.44
CA ILE H 386 -4.99 -6.86 0.48
C ILE H 386 -4.32 -7.50 -0.73
N ALA H 387 -4.14 -6.75 -1.82
CA ALA H 387 -3.50 -7.28 -3.01
C ALA H 387 -1.99 -7.26 -2.93
N ILE H 388 -1.41 -6.61 -1.92
CA ILE H 388 0.03 -6.53 -1.76
C ILE H 388 0.48 -7.10 -0.41
N LEU H 389 -0.31 -6.89 0.63
CA LEU H 389 0.02 -7.39 1.98
C LEU H 389 -0.78 -8.63 2.35
N GLY H 390 -2.05 -8.70 1.96
CA GLY H 390 -2.89 -9.84 2.27
C GLY H 390 -3.96 -9.48 3.29
N MET H 391 -4.60 -10.53 3.80
CA MET H 391 -5.65 -10.38 4.80
C MET H 391 -5.12 -10.39 6.23
N ASP H 392 -3.81 -10.49 6.42
CA ASP H 392 -3.24 -10.51 7.75
C ASP H 392 -3.18 -9.11 8.37
N GLU H 393 -3.19 -8.06 7.55
CA GLU H 393 -3.14 -6.70 8.04
C GLU H 393 -4.48 -6.19 8.54
N LEU H 394 -5.58 -6.88 8.22
CA LEU H 394 -6.90 -6.47 8.67
C LEU H 394 -7.16 -6.93 10.09
N SER H 395 -7.82 -6.08 10.87
CA SER H 395 -8.15 -6.37 12.25
C SER H 395 -9.57 -6.94 12.34
N GLU H 396 -10.21 -6.77 13.49
CA GLU H 396 -11.57 -7.27 13.66
C GLU H 396 -12.59 -6.38 12.97
N GLN H 397 -12.36 -5.07 12.97
CA GLN H 397 -13.29 -4.15 12.32
C GLN H 397 -13.15 -4.15 10.81
N ASP H 398 -11.94 -4.35 10.29
CA ASP H 398 -11.73 -4.37 8.86
C ASP H 398 -12.19 -5.68 8.23
N LYS H 399 -12.22 -6.77 9.01
CA LYS H 399 -12.66 -8.05 8.47
C LYS H 399 -14.18 -8.09 8.31
N LEU H 400 -14.91 -7.49 9.24
CA LEU H 400 -16.36 -7.48 9.16
C LEU H 400 -16.86 -6.49 8.11
N THR H 401 -16.09 -5.45 7.82
CA THR H 401 -16.53 -4.48 6.82
C THR H 401 -16.35 -5.02 5.40
N VAL H 402 -15.40 -5.95 5.20
CA VAL H 402 -15.19 -6.51 3.88
C VAL H 402 -16.29 -7.51 3.54
N GLU H 403 -16.81 -8.22 4.53
CA GLU H 403 -17.87 -9.19 4.28
C GLU H 403 -19.22 -8.51 4.13
N ARG H 404 -19.42 -7.36 4.79
CA ARG H 404 -20.69 -6.65 4.69
C ARG H 404 -20.78 -5.85 3.40
N ALA H 405 -19.65 -5.48 2.81
CA ALA H 405 -19.68 -4.71 1.57
C ALA H 405 -19.96 -5.59 0.36
N ARG H 406 -19.59 -6.87 0.43
CA ARG H 406 -19.84 -7.77 -0.70
C ARG H 406 -21.30 -8.21 -0.75
N LYS H 407 -21.93 -8.39 0.42
CA LYS H 407 -23.33 -8.82 0.44
C LYS H 407 -24.27 -7.65 0.14
N ILE H 408 -23.86 -6.42 0.42
CA ILE H 408 -24.72 -5.27 0.16
C ILE H 408 -24.73 -4.93 -1.34
N GLN H 409 -23.64 -5.24 -2.05
CA GLN H 409 -23.59 -4.94 -3.47
C GLN H 409 -24.41 -5.92 -4.29
N ARG H 410 -24.48 -7.19 -3.85
CA ARG H 410 -25.26 -8.19 -4.58
C ARG H 410 -26.73 -8.16 -4.22
N PHE H 411 -27.10 -7.56 -3.08
CA PHE H 411 -28.50 -7.49 -2.69
C PHE H 411 -29.27 -6.44 -3.47
N LEU H 412 -28.59 -5.41 -3.97
CA LEU H 412 -29.26 -4.36 -4.74
C LEU H 412 -29.51 -4.76 -6.18
N SER H 413 -28.93 -5.85 -6.66
CA SER H 413 -29.11 -6.31 -8.04
C SER H 413 -30.27 -7.30 -8.07
N GLN H 414 -31.41 -6.87 -8.59
CA GLN H 414 -32.59 -7.71 -8.69
C GLN H 414 -32.82 -8.12 -10.13
N PRO H 415 -33.47 -9.27 -10.36
CA PRO H 415 -33.73 -9.72 -11.73
C PRO H 415 -34.90 -8.96 -12.34
N PHE H 416 -34.65 -8.33 -13.49
CA PHE H 416 -35.69 -7.57 -14.16
C PHE H 416 -36.65 -8.50 -14.90
N ALA H 417 -37.83 -7.96 -15.20
CA ALA H 417 -38.84 -8.75 -15.91
C ALA H 417 -38.55 -8.86 -17.41
N VAL H 418 -37.90 -7.85 -17.98
CA VAL H 418 -37.59 -7.89 -19.41
C VAL H 418 -36.33 -8.70 -19.70
N ALA H 419 -35.49 -8.94 -18.69
CA ALA H 419 -34.25 -9.70 -18.86
C ALA H 419 -34.40 -11.14 -18.40
N GLU H 420 -35.58 -11.74 -18.60
CA GLU H 420 -35.80 -13.12 -18.20
C GLU H 420 -35.20 -14.12 -19.18
N VAL H 421 -34.93 -13.72 -20.42
CA VAL H 421 -34.35 -14.63 -21.40
C VAL H 421 -32.85 -14.79 -21.22
N PHE H 422 -32.19 -13.85 -20.54
CA PHE H 422 -30.76 -13.93 -20.32
C PHE H 422 -30.38 -14.43 -18.93
N THR H 423 -31.24 -14.20 -17.93
CA THR H 423 -30.97 -14.65 -16.57
C THR H 423 -31.56 -16.01 -16.27
N GLY H 424 -32.80 -16.25 -16.69
CA GLY H 424 -33.45 -17.52 -16.44
C GLY H 424 -34.44 -17.48 -15.29
N ILE H 425 -34.12 -16.71 -14.25
CA ILE H 425 -35.00 -16.60 -13.09
C ILE H 425 -36.14 -15.64 -13.39
N GLU H 426 -37.13 -15.63 -12.50
CA GLU H 426 -38.28 -14.76 -12.67
C GLU H 426 -37.96 -13.35 -12.20
N GLY H 427 -38.80 -12.40 -12.63
CA GLY H 427 -38.63 -11.00 -12.27
C GLY H 427 -39.22 -10.70 -10.90
N LYS H 428 -38.49 -9.91 -10.12
CA LYS H 428 -38.91 -9.52 -8.78
C LYS H 428 -38.96 -8.01 -8.69
N LEU H 429 -40.00 -7.49 -8.02
CA LEU H 429 -40.20 -6.06 -7.84
C LEU H 429 -40.34 -5.76 -6.35
N VAL H 430 -39.40 -4.97 -5.82
CA VAL H 430 -39.40 -4.59 -4.42
C VAL H 430 -39.96 -3.18 -4.28
N ARG H 431 -40.69 -2.95 -3.20
CA ARG H 431 -41.28 -1.64 -2.95
C ARG H 431 -40.26 -0.71 -2.29
N LEU H 432 -40.69 0.52 -2.02
CA LEU H 432 -39.81 1.49 -1.39
C LEU H 432 -39.66 1.24 0.10
N LYS H 433 -40.71 0.74 0.76
CA LYS H 433 -40.63 0.48 2.19
C LYS H 433 -39.89 -0.81 2.50
N ASP H 434 -39.91 -1.78 1.59
CA ASP H 434 -39.22 -3.04 1.83
C ASP H 434 -37.72 -2.93 1.57
N THR H 435 -37.31 -2.00 0.69
CA THR H 435 -35.89 -1.83 0.39
C THR H 435 -35.16 -1.07 1.50
N ILE H 436 -35.85 -0.16 2.18
CA ILE H 436 -35.20 0.60 3.24
C ILE H 436 -35.10 -0.22 4.52
N ALA H 437 -36.05 -1.13 4.75
CA ALA H 437 -36.01 -1.96 5.95
C ALA H 437 -35.00 -3.09 5.84
N SER H 438 -34.75 -3.59 4.63
CA SER H 438 -33.79 -4.68 4.46
C SER H 438 -32.35 -4.18 4.51
N PHE H 439 -32.09 -2.95 4.07
CA PHE H 439 -30.74 -2.42 4.09
C PHE H 439 -30.32 -1.97 5.48
N LYS H 440 -31.27 -1.56 6.32
CA LYS H 440 -30.94 -1.12 7.67
C LYS H 440 -30.68 -2.29 8.61
N ALA H 441 -31.29 -3.45 8.34
CA ALA H 441 -31.07 -4.61 9.20
C ALA H 441 -29.76 -5.31 8.91
N VAL H 442 -29.27 -5.23 7.67
CA VAL H 442 -28.01 -5.88 7.33
C VAL H 442 -26.82 -5.05 7.81
N LEU H 443 -26.99 -3.74 7.96
CA LEU H 443 -25.91 -2.88 8.42
C LEU H 443 -25.75 -2.87 9.93
N GLU H 444 -26.75 -3.39 10.67
CA GLU H 444 -26.67 -3.41 12.13
C GLU H 444 -26.03 -4.69 12.66
N GLY H 445 -26.24 -5.82 12.00
CA GLY H 445 -25.67 -7.08 12.44
C GLY H 445 -26.71 -8.17 12.62
N LYS H 446 -27.82 -8.08 11.87
CA LYS H 446 -28.88 -9.07 11.97
C LYS H 446 -28.77 -10.15 10.90
N TYR H 447 -27.98 -9.93 9.86
CA TYR H 447 -27.81 -10.89 8.77
C TYR H 447 -26.33 -11.15 8.52
N ASP H 448 -25.53 -11.14 9.58
CA ASP H 448 -24.09 -11.38 9.45
C ASP H 448 -23.75 -12.85 9.30
N HIS H 449 -24.62 -13.75 9.76
CA HIS H 449 -24.37 -15.18 9.67
C HIS H 449 -24.77 -15.77 8.33
N LEU H 450 -25.50 -15.02 7.51
CA LEU H 450 -25.93 -15.51 6.21
C LEU H 450 -24.80 -15.41 5.19
N PRO H 451 -24.88 -16.18 4.12
CA PRO H 451 -23.83 -16.13 3.09
C PRO H 451 -24.09 -15.02 2.07
N GLU H 452 -23.10 -14.85 1.19
CA GLU H 452 -23.20 -13.82 0.16
C GLU H 452 -24.02 -14.26 -1.04
N ASN H 453 -24.23 -15.57 -1.21
CA ASN H 453 -25.02 -16.08 -2.32
C ASN H 453 -26.51 -16.01 -2.08
N ALA H 454 -26.95 -15.80 -0.84
CA ALA H 454 -28.38 -15.73 -0.55
C ALA H 454 -28.97 -14.38 -0.94
N PHE H 455 -28.16 -13.33 -1.02
CA PHE H 455 -28.64 -12.02 -1.39
C PHE H 455 -28.46 -11.71 -2.87
N TYR H 456 -27.65 -12.49 -3.58
CA TYR H 456 -27.43 -12.25 -5.00
C TYR H 456 -28.63 -12.70 -5.81
N MET H 457 -29.14 -11.80 -6.66
CA MET H 457 -30.29 -12.06 -7.52
C MET H 457 -31.51 -12.46 -6.69
N VAL H 458 -31.87 -11.58 -5.75
CA VAL H 458 -32.99 -11.77 -4.85
C VAL H 458 -33.79 -10.48 -4.78
N GLY H 459 -34.85 -10.49 -3.99
CA GLY H 459 -35.70 -9.32 -3.84
C GLY H 459 -35.38 -8.51 -2.59
N GLY H 460 -36.27 -8.55 -1.61
CA GLY H 460 -36.11 -7.83 -0.37
C GLY H 460 -35.57 -8.72 0.74
N ILE H 461 -36.06 -8.47 1.96
CA ILE H 461 -35.61 -9.26 3.10
C ILE H 461 -36.28 -10.63 3.15
N GLU H 462 -37.43 -10.81 2.49
CA GLU H 462 -38.11 -12.09 2.51
C GLU H 462 -37.45 -13.09 1.57
N ASP H 463 -36.93 -12.63 0.44
CA ASP H 463 -36.28 -13.53 -0.51
C ASP H 463 -34.87 -13.92 -0.10
N VAL H 464 -34.24 -13.14 0.78
CA VAL H 464 -32.89 -13.46 1.22
C VAL H 464 -32.89 -14.57 2.27
N VAL H 465 -33.97 -14.67 3.06
CA VAL H 465 -34.04 -15.72 4.08
C VAL H 465 -34.44 -17.05 3.47
N ALA H 466 -35.21 -17.05 2.39
CA ALA H 466 -35.63 -18.29 1.76
C ALA H 466 -34.53 -18.89 0.89
N LYS H 467 -33.63 -18.06 0.36
CA LYS H 467 -32.55 -18.57 -0.47
C LYS H 467 -31.43 -19.19 0.35
N ALA H 468 -31.28 -18.78 1.61
CA ALA H 468 -30.23 -19.32 2.46
C ALA H 468 -30.58 -20.70 2.99
N GLU H 469 -31.86 -20.97 3.26
CA GLU H 469 -32.27 -22.28 3.77
C GLU H 469 -32.33 -23.33 2.67
N LYS H 470 -32.62 -22.92 1.43
CA LYS H 470 -32.70 -23.87 0.33
C LYS H 470 -31.32 -24.25 -0.20
N ILE H 471 -30.32 -23.37 -0.05
CA ILE H 471 -28.98 -23.68 -0.54
C ILE H 471 -28.22 -24.58 0.42
N ALA H 472 -28.61 -24.63 1.69
CA ALA H 472 -27.94 -25.46 2.67
C ALA H 472 -28.49 -26.89 2.72
N ALA H 473 -29.55 -27.18 1.98
CA ALA H 473 -30.14 -28.52 1.98
C ALA H 473 -29.68 -29.31 0.76
N PRO I 5 2.00 64.95 -40.36
CA PRO I 5 1.79 63.65 -39.74
C PRO I 5 1.02 62.68 -40.63
N ALA I 6 1.40 61.40 -40.61
CA ALA I 6 0.73 60.40 -41.43
C ALA I 6 -0.56 59.96 -40.74
N SER I 7 -1.68 60.19 -41.40
CA SER I 7 -2.99 59.82 -40.88
C SER I 7 -3.53 58.59 -41.59
N GLY I 8 -4.41 57.85 -40.90
CA GLY I 8 -5.00 56.66 -41.46
C GLY I 8 -6.45 56.53 -41.04
N LYS I 9 -7.13 55.58 -41.69
CA LYS I 9 -8.53 55.30 -41.43
C LYS I 9 -8.69 53.84 -41.02
N ILE I 10 -9.53 53.61 -40.01
CA ILE I 10 -9.79 52.26 -39.52
C ILE I 10 -10.75 51.56 -40.47
N ARG I 11 -10.34 50.39 -40.98
CA ARG I 11 -11.15 49.61 -41.89
C ARG I 11 -11.78 48.38 -41.27
N ALA I 12 -11.10 47.76 -40.30
CA ALA I 12 -11.62 46.57 -39.64
C ALA I 12 -11.32 46.64 -38.16
N VAL I 13 -12.18 46.01 -37.36
CA VAL I 13 -12.04 46.00 -35.91
C VAL I 13 -12.64 44.71 -35.36
N ILE I 14 -11.83 43.65 -35.29
CA ILE I 14 -12.29 42.37 -34.77
C ILE I 14 -11.53 42.03 -33.50
N GLY I 15 -11.96 42.63 -32.39
CA GLY I 15 -11.29 42.37 -31.11
C GLY I 15 -10.02 43.18 -30.99
N ALA I 16 -8.91 42.50 -30.67
CA ALA I 16 -7.64 43.17 -30.53
C ALA I 16 -6.99 43.50 -31.87
N VAL I 17 -7.35 42.81 -32.93
CA VAL I 17 -6.79 43.05 -34.26
C VAL I 17 -7.59 44.15 -34.92
N VAL I 18 -6.91 45.24 -35.30
CA VAL I 18 -7.53 46.38 -35.96
C VAL I 18 -6.72 46.71 -37.20
N ASP I 19 -7.37 46.73 -38.35
CA ASP I 19 -6.73 47.03 -39.62
C ASP I 19 -6.89 48.51 -39.93
N VAL I 20 -5.80 49.15 -40.34
CA VAL I 20 -5.78 50.57 -40.68
C VAL I 20 -5.33 50.71 -42.12
N GLN I 21 -6.00 51.61 -42.86
CA GLN I 21 -5.69 51.87 -44.25
C GLN I 21 -5.05 53.25 -44.38
N PHE I 22 -3.88 53.28 -45.01
CA PHE I 22 -3.13 54.52 -45.22
C PHE I 22 -3.11 54.86 -46.71
N GLU I 23 -2.24 55.80 -47.07
CA GLU I 23 -2.09 56.25 -48.44
C GLU I 23 -0.94 55.53 -49.12
N GLN I 24 -0.71 55.84 -50.38
CA GLN I 24 0.37 55.23 -51.16
C GLN I 24 1.68 55.95 -50.86
N GLY I 25 2.66 55.23 -50.33
CA GLY I 25 3.95 55.77 -50.00
C GLY I 25 4.11 56.24 -48.57
N GLU I 26 3.00 56.51 -47.88
CA GLU I 26 3.03 56.97 -46.50
C GLU I 26 2.59 55.88 -45.52
N LEU I 27 2.77 54.62 -45.91
CA LEU I 27 2.38 53.51 -45.05
C LEU I 27 3.45 53.26 -43.99
N PRO I 28 3.04 52.80 -42.80
CA PRO I 28 4.01 52.55 -41.74
C PRO I 28 4.71 51.21 -41.93
N ALA I 29 5.83 51.06 -41.22
CA ALA I 29 6.64 49.84 -41.28
C ALA I 29 6.16 48.87 -40.22
N ILE I 30 6.91 47.78 -40.02
CA ILE I 30 6.57 46.78 -39.02
C ILE I 30 6.97 47.27 -37.64
N LEU I 31 6.24 46.81 -36.62
CA LEU I 31 6.49 47.18 -35.22
C LEU I 31 6.44 48.69 -35.04
N ASN I 32 5.39 49.31 -35.59
CA ASN I 32 5.18 50.75 -35.51
C ASN I 32 3.98 51.04 -34.64
N ALA I 33 4.16 51.94 -33.67
CA ALA I 33 3.08 52.31 -32.77
C ALA I 33 2.16 53.32 -33.44
N LEU I 34 0.85 53.05 -33.41
CA LEU I 34 -0.15 53.93 -34.00
C LEU I 34 -0.97 54.59 -32.89
N THR I 35 -1.13 55.90 -32.99
CA THR I 35 -1.89 56.66 -32.00
C THR I 35 -3.36 56.74 -32.40
N ILE I 36 -4.22 56.75 -31.40
CA ILE I 36 -5.67 56.82 -31.63
C ILE I 36 -6.31 57.58 -30.48
N ASP I 37 -7.02 58.66 -30.80
CA ASP I 37 -7.68 59.47 -29.79
C ASP I 37 -8.98 58.81 -29.36
N GLN I 38 -9.21 58.74 -28.04
CA GLN I 38 -10.42 58.14 -27.51
C GLN I 38 -11.16 59.11 -26.60
N GLY I 39 -11.99 58.59 -25.70
CA GLY I 39 -12.74 59.43 -24.79
C GLY I 39 -11.99 59.73 -23.51
N ASN I 40 -12.14 58.86 -22.50
CA ASN I 40 -11.46 59.06 -21.24
C ASN I 40 -9.98 58.70 -21.29
N ASN I 41 -9.59 57.83 -22.21
CA ASN I 41 -8.19 57.44 -22.33
C ASN I 41 -7.39 58.50 -23.05
N GLN I 42 -6.06 58.45 -22.88
CA GLN I 42 -5.18 59.42 -23.51
C GLN I 42 -4.95 59.08 -24.98
N LYS I 43 -4.32 57.94 -25.25
CA LYS I 43 -4.04 57.51 -26.61
C LYS I 43 -4.00 55.99 -26.65
N LEU I 44 -4.70 55.41 -27.63
CA LEU I 44 -4.75 53.97 -27.80
C LEU I 44 -3.58 53.53 -28.67
N VAL I 45 -2.64 52.81 -28.08
CA VAL I 45 -1.47 52.33 -28.81
C VAL I 45 -1.86 51.11 -29.63
N LEU I 46 -1.31 51.02 -30.84
CA LEU I 46 -1.58 49.91 -31.74
C LEU I 46 -0.30 49.58 -32.49
N GLU I 47 0.35 48.48 -32.12
CA GLU I 47 1.58 48.06 -32.77
C GLU I 47 1.28 47.38 -34.10
N VAL I 48 2.00 47.76 -35.14
CA VAL I 48 1.81 47.19 -36.47
C VAL I 48 2.44 45.81 -36.51
N ALA I 49 1.73 44.86 -37.11
CA ALA I 49 2.22 43.49 -37.22
C ALA I 49 2.77 43.23 -38.62
N GLN I 50 1.90 43.23 -39.62
CA GLN I 50 2.30 42.99 -41.00
C GLN I 50 1.41 43.79 -41.93
N HIS I 51 1.78 43.81 -43.20
CA HIS I 51 1.04 44.52 -44.24
C HIS I 51 0.32 43.51 -45.11
N LEU I 52 -1.01 43.66 -45.24
CA LEU I 52 -1.82 42.78 -46.04
C LEU I 52 -1.91 43.20 -47.50
N GLY I 53 -1.37 44.37 -47.85
CA GLY I 53 -1.40 44.85 -49.21
C GLY I 53 -2.57 45.79 -49.47
N GLU I 54 -2.55 46.38 -50.67
CA GLU I 54 -3.59 47.31 -51.11
C GLU I 54 -3.72 48.49 -50.16
N ASN I 55 -2.59 49.05 -49.74
CA ASN I 55 -2.54 50.19 -48.82
C ASN I 55 -3.28 49.87 -47.52
N ALA I 56 -2.95 48.72 -46.93
CA ALA I 56 -3.56 48.29 -45.68
C ALA I 56 -2.57 47.43 -44.92
N VAL I 57 -2.56 47.59 -43.60
CA VAL I 57 -1.66 46.83 -42.72
C VAL I 57 -2.41 46.53 -41.43
N ARG I 58 -2.38 45.26 -41.02
CA ARG I 58 -3.05 44.84 -39.80
C ARG I 58 -2.22 45.22 -38.58
N ALA I 59 -2.90 45.73 -37.54
CA ALA I 59 -2.25 46.14 -36.31
C ALA I 59 -2.96 45.50 -35.12
N ILE I 60 -2.25 45.42 -34.01
CA ILE I 60 -2.76 44.83 -32.77
C ILE I 60 -2.81 45.93 -31.72
N ALA I 61 -4.01 46.20 -31.20
CA ALA I 61 -4.18 47.22 -30.19
C ALA I 61 -3.69 46.72 -28.83
N MET I 62 -3.12 47.64 -28.05
CA MET I 62 -2.61 47.32 -26.72
C MET I 62 -3.57 47.69 -25.61
N ASP I 63 -4.83 47.96 -25.94
CA ASP I 63 -5.83 48.32 -24.94
C ASP I 63 -7.19 47.82 -25.43
N GLY I 64 -8.25 48.38 -24.85
CA GLY I 64 -9.60 47.98 -25.25
C GLY I 64 -10.02 48.69 -26.52
N THR I 65 -10.52 47.91 -27.49
CA THR I 65 -10.97 48.44 -28.77
C THR I 65 -12.49 48.63 -28.82
N GLU I 66 -13.14 48.72 -27.66
CA GLU I 66 -14.57 48.90 -27.61
C GLU I 66 -14.93 50.36 -27.87
N GLY I 67 -15.87 50.58 -28.79
CA GLY I 67 -16.31 51.91 -29.14
C GLY I 67 -15.71 52.48 -30.41
N LEU I 68 -14.82 51.76 -31.07
CA LEU I 68 -14.21 52.24 -32.30
C LEU I 68 -15.14 51.99 -33.48
N VAL I 69 -15.32 53.02 -34.30
CA VAL I 69 -16.18 52.92 -35.47
C VAL I 69 -15.30 52.78 -36.71
N ARG I 70 -15.93 52.43 -37.84
CA ARG I 70 -15.22 52.26 -39.10
C ARG I 70 -15.01 53.62 -39.75
N GLY I 71 -13.77 54.12 -39.70
CA GLY I 71 -13.46 55.40 -40.29
C GLY I 71 -12.86 56.38 -39.30
N GLN I 72 -12.32 55.86 -38.20
CA GLN I 72 -11.72 56.71 -37.18
C GLN I 72 -10.33 57.16 -37.61
N THR I 73 -9.88 58.27 -37.03
CA THR I 73 -8.57 58.82 -37.34
C THR I 73 -7.49 58.04 -36.60
N VAL I 74 -6.48 57.57 -37.34
CA VAL I 74 -5.38 56.80 -36.80
C VAL I 74 -4.08 57.48 -37.21
N VAL I 75 -3.45 58.19 -36.29
CA VAL I 75 -2.21 58.89 -36.55
C VAL I 75 -1.04 57.95 -36.31
N ASP I 76 0.02 58.12 -37.11
CA ASP I 76 1.22 57.30 -37.01
C ASP I 76 2.30 58.07 -36.27
N THR I 77 2.95 57.41 -35.31
CA THR I 77 4.02 58.05 -34.54
C THR I 77 5.34 58.10 -35.28
N GLY I 78 5.52 57.25 -36.30
CA GLY I 78 6.74 57.23 -37.08
C GLY I 78 7.80 56.28 -36.58
N ALA I 79 7.68 55.76 -35.35
CA ALA I 79 8.65 54.83 -34.80
C ALA I 79 7.94 53.74 -34.02
N PRO I 80 8.65 53.04 -33.12
CA PRO I 80 8.00 51.97 -32.34
C PRO I 80 7.38 52.50 -31.05
N ILE I 81 7.07 51.60 -30.13
CA ILE I 81 6.46 51.96 -28.85
C ILE I 81 7.58 52.50 -27.95
N SER I 82 7.71 53.82 -27.88
CA SER I 82 8.73 54.44 -27.05
C SER I 82 8.32 54.44 -25.58
N VAL I 83 9.32 54.41 -24.71
CA VAL I 83 9.08 54.40 -23.27
C VAL I 83 10.08 55.32 -22.59
N PRO I 84 9.78 55.79 -21.38
CA PRO I 84 10.70 56.68 -20.67
C PRO I 84 11.81 55.88 -19.99
N VAL I 85 13.05 56.31 -20.20
CA VAL I 85 14.21 55.66 -19.63
C VAL I 85 15.00 56.69 -18.82
N GLY I 86 15.98 56.20 -18.08
CA GLY I 86 16.83 57.03 -17.26
C GLY I 86 16.54 56.85 -15.77
N ARG I 87 16.94 57.86 -15.01
CA ARG I 87 16.74 57.86 -13.56
C ARG I 87 15.38 58.38 -13.14
N GLY I 88 14.58 58.90 -14.07
CA GLY I 88 13.26 59.41 -13.72
C GLY I 88 12.20 58.34 -13.58
N THR I 89 12.45 57.14 -14.06
CA THR I 89 11.50 56.04 -13.97
C THR I 89 11.66 55.22 -12.69
N LEU I 90 12.62 55.56 -11.83
CA LEU I 90 12.83 54.83 -10.60
C LEU I 90 11.81 55.27 -9.56
N GLY I 91 11.06 54.31 -9.02
CA GLY I 91 10.05 54.59 -8.02
C GLY I 91 8.66 54.82 -8.56
N ARG I 92 8.49 54.88 -9.88
CA ARG I 92 7.20 55.11 -10.50
C ARG I 92 6.72 53.84 -11.18
N ILE I 93 5.40 53.68 -11.25
CA ILE I 93 4.78 52.52 -11.87
C ILE I 93 4.51 52.85 -13.33
N ILE I 94 5.31 52.29 -14.23
CA ILE I 94 5.16 52.53 -15.65
C ILE I 94 4.32 51.41 -16.25
N ASN I 95 3.87 51.61 -17.50
CA ASN I 95 3.06 50.61 -18.19
C ASN I 95 3.78 50.09 -19.43
N VAL I 96 3.04 49.45 -20.33
CA VAL I 96 3.65 48.92 -21.54
C VAL I 96 3.89 50.00 -22.59
N VAL I 97 3.18 51.12 -22.52
CA VAL I 97 3.34 52.22 -23.47
C VAL I 97 4.21 53.32 -22.91
N GLY I 98 4.80 53.14 -21.74
CA GLY I 98 5.64 54.14 -21.14
C GLY I 98 4.92 55.24 -20.40
N GLU I 99 3.68 54.99 -19.97
CA GLU I 99 2.90 55.99 -19.25
C GLU I 99 2.84 55.65 -17.76
N PRO I 100 2.70 56.66 -16.90
CA PRO I 100 2.64 56.37 -15.46
C PRO I 100 1.25 55.92 -15.04
N ILE I 101 1.22 54.95 -14.11
CA ILE I 101 -0.03 54.41 -13.61
C ILE I 101 -0.01 54.46 -12.09
N ASP I 102 0.77 55.36 -11.52
CA ASP I 102 0.89 55.51 -10.08
C ASP I 102 0.26 56.81 -9.57
N GLU I 103 -0.27 57.65 -10.46
CA GLU I 103 -0.90 58.92 -10.08
C GLU I 103 0.07 59.80 -9.30
N ARG I 104 1.29 59.94 -9.82
CA ARG I 104 2.33 60.74 -9.18
C ARG I 104 2.96 61.71 -10.19
N GLY I 105 2.20 62.13 -11.19
CA GLY I 105 2.69 63.04 -12.19
C GLY I 105 3.37 62.32 -13.34
N PRO I 106 3.73 63.08 -14.38
CA PRO I 106 4.39 62.46 -15.53
C PRO I 106 5.88 62.29 -15.31
N ILE I 107 6.45 61.30 -15.98
CA ILE I 107 7.87 61.00 -15.88
C ILE I 107 8.63 61.99 -16.76
N GLU I 108 9.34 62.91 -16.12
CA GLU I 108 10.12 63.93 -16.84
C GLU I 108 11.42 63.29 -17.31
N CYS I 109 11.37 62.70 -18.50
CA CYS I 109 12.52 62.05 -19.09
C CYS I 109 13.11 62.90 -20.20
N LYS I 110 14.44 62.84 -20.35
CA LYS I 110 15.11 63.62 -21.37
C LYS I 110 14.99 62.98 -22.74
N GLN I 111 15.04 61.65 -22.81
CA GLN I 111 14.93 60.93 -24.06
C GLN I 111 13.98 59.76 -23.89
N ARG I 112 13.53 59.21 -25.02
CA ARG I 112 12.61 58.08 -25.04
C ARG I 112 13.14 57.05 -26.01
N ASN I 113 13.48 55.85 -25.50
CA ASN I 113 13.98 54.78 -26.35
C ASN I 113 12.86 53.85 -26.76
N PRO I 114 12.96 53.26 -27.95
CA PRO I 114 11.91 52.34 -28.41
C PRO I 114 12.06 50.96 -27.80
N ILE I 115 10.93 50.26 -27.69
CA ILE I 115 10.93 48.91 -27.13
C ILE I 115 11.43 47.87 -28.11
N HIS I 116 11.34 48.14 -29.42
CA HIS I 116 11.78 47.21 -30.45
C HIS I 116 13.16 47.65 -30.92
N ALA I 117 14.19 46.91 -30.51
CA ALA I 117 15.56 47.21 -30.88
C ALA I 117 16.34 45.91 -31.02
N ASP I 118 17.44 45.98 -31.76
CA ASP I 118 18.29 44.81 -31.97
C ASP I 118 19.15 44.56 -30.75
N PRO I 119 19.69 43.35 -30.62
CA PRO I 119 20.54 43.03 -29.47
C PRO I 119 22.00 43.31 -29.78
N PRO I 120 22.92 42.83 -28.95
CA PRO I 120 24.34 43.07 -29.20
C PRO I 120 24.89 42.12 -30.24
N SER I 121 25.97 42.57 -30.89
CA SER I 121 26.63 41.78 -31.93
C SER I 121 27.60 40.78 -31.30
N PHE I 122 28.26 40.01 -32.16
CA PHE I 122 29.22 39.02 -31.68
C PHE I 122 30.56 39.63 -31.29
N VAL I 123 30.90 40.81 -31.82
CA VAL I 123 32.16 41.46 -31.48
C VAL I 123 32.05 42.35 -30.24
N GLU I 124 30.83 42.67 -29.81
CA GLU I 124 30.62 43.51 -28.64
C GLU I 124 30.16 42.72 -27.42
N GLN I 125 30.27 41.40 -27.46
CA GLN I 125 29.86 40.57 -26.34
C GLN I 125 31.05 40.24 -25.45
N SER I 126 30.75 39.67 -24.28
CA SER I 126 31.79 39.31 -23.32
C SER I 126 32.44 37.99 -23.73
N THR I 127 33.77 38.00 -23.79
CA THR I 127 34.51 36.80 -24.17
C THR I 127 34.70 35.82 -23.01
N GLU I 128 34.44 36.25 -21.77
CA GLU I 128 34.57 35.40 -20.60
C GLU I 128 33.34 35.54 -19.73
N ALA I 129 32.95 34.44 -19.10
CA ALA I 129 31.79 34.41 -18.22
C ALA I 129 32.20 34.78 -16.81
N GLU I 130 31.70 35.92 -16.34
CA GLU I 130 32.00 36.41 -15.00
C GLU I 130 30.88 36.06 -14.03
N VAL I 131 31.24 35.94 -12.76
CA VAL I 131 30.29 35.62 -11.70
C VAL I 131 29.75 36.91 -11.10
N LEU I 132 28.49 36.87 -10.68
CA LEU I 132 27.82 38.02 -10.08
C LEU I 132 27.64 37.77 -8.60
N GLU I 133 28.22 38.64 -7.78
CA GLU I 133 28.13 38.52 -6.32
C GLU I 133 26.78 39.01 -5.86
N THR I 134 26.00 38.13 -5.23
CA THR I 134 24.67 38.46 -4.74
C THR I 134 24.66 38.82 -3.26
N GLY I 135 25.64 38.37 -2.49
CA GLY I 135 25.71 38.65 -1.07
C GLY I 135 25.24 37.53 -0.17
N ILE I 136 24.51 36.56 -0.72
CA ILE I 136 24.02 35.43 0.08
C ILE I 136 25.11 34.37 0.17
N LYS I 137 25.07 33.61 1.27
CA LYS I 137 26.05 32.55 1.46
C LYS I 137 25.72 31.30 0.67
N VAL I 138 24.43 31.02 0.43
CA VAL I 138 24.03 29.85 -0.34
C VAL I 138 23.98 30.11 -1.83
N VAL I 139 24.16 31.36 -2.26
CA VAL I 139 24.13 31.69 -3.68
C VAL I 139 25.52 31.98 -4.24
N ASP I 140 26.44 32.50 -3.42
CA ASP I 140 27.79 32.79 -3.88
C ASP I 140 28.71 31.58 -3.87
N LEU I 141 28.29 30.48 -3.25
CA LEU I 141 29.09 29.26 -3.18
C LEU I 141 28.52 28.14 -4.03
N LEU I 142 27.21 27.91 -3.96
CA LEU I 142 26.57 26.86 -4.74
C LEU I 142 26.31 27.31 -6.18
N ALA I 143 25.06 27.64 -6.48
CA ALA I 143 24.69 28.09 -7.82
C ALA I 143 25.04 29.57 -7.98
N PRO I 144 26.21 29.89 -8.53
CA PRO I 144 26.57 31.30 -8.71
C PRO I 144 25.91 31.88 -9.94
N TYR I 145 25.49 33.14 -9.82
CA TYR I 145 24.83 33.83 -10.92
C TYR I 145 25.87 34.40 -11.88
N ALA I 146 25.61 34.26 -13.18
CA ALA I 146 26.51 34.75 -14.21
C ALA I 146 26.21 36.22 -14.51
N ARG I 147 27.27 36.95 -14.84
CA ARG I 147 27.16 38.38 -15.16
C ARG I 147 26.65 38.52 -16.59
N GLY I 148 25.37 38.83 -16.72
CA GLY I 148 24.75 38.99 -18.02
C GLY I 148 23.98 37.80 -18.52
N GLY I 149 23.40 36.99 -17.64
CA GLY I 149 22.63 35.83 -18.07
C GLY I 149 21.23 35.79 -17.49
N LYS I 150 20.62 34.62 -17.51
CA LYS I 150 19.27 34.42 -16.99
C LYS I 150 19.30 33.45 -15.82
N ILE I 151 18.51 33.74 -14.80
CA ILE I 151 18.42 32.90 -13.61
C ILE I 151 16.95 32.59 -13.34
N GLY I 152 16.63 31.31 -13.18
CA GLY I 152 15.27 30.89 -12.93
C GLY I 152 14.96 30.76 -11.45
N LEU I 153 13.94 31.47 -10.99
CA LEU I 153 13.52 31.44 -9.58
C LEU I 153 12.25 30.59 -9.49
N PHE I 154 12.43 29.31 -9.22
CA PHE I 154 11.32 28.36 -9.10
C PHE I 154 10.97 28.18 -7.63
N GLY I 155 9.68 28.27 -7.32
CA GLY I 155 9.23 28.12 -5.95
C GLY I 155 7.74 28.27 -5.87
N GLY I 156 7.19 27.83 -4.73
CA GLY I 156 5.76 27.90 -4.49
C GLY I 156 5.37 29.19 -3.80
N ALA I 157 4.16 29.17 -3.23
CA ALA I 157 3.61 30.33 -2.54
C ALA I 157 3.98 30.26 -1.06
N GLY I 158 4.54 31.36 -0.54
CA GLY I 158 4.94 31.40 0.85
C GLY I 158 6.25 30.73 1.16
N VAL I 159 7.14 30.61 0.16
CA VAL I 159 8.43 29.98 0.36
C VAL I 159 9.50 31.06 0.53
N GLY I 160 9.30 32.20 -0.12
CA GLY I 160 10.25 33.29 -0.03
C GLY I 160 10.65 33.85 -1.39
N LYS I 161 9.66 34.02 -2.27
CA LYS I 161 9.92 34.53 -3.61
C LYS I 161 10.00 36.06 -3.63
N THR I 162 9.09 36.74 -2.92
CA THR I 162 9.10 38.20 -2.89
C THR I 162 10.21 38.74 -1.99
N VAL I 163 10.61 37.98 -0.97
CA VAL I 163 11.66 38.45 -0.07
C VAL I 163 13.04 38.28 -0.71
N PHE I 164 13.19 37.33 -1.64
CA PHE I 164 14.48 37.12 -2.28
C PHE I 164 14.75 38.17 -3.35
N ILE I 165 13.70 38.73 -3.94
CA ILE I 165 13.90 39.75 -4.97
C ILE I 165 14.21 41.11 -4.35
N GLN I 166 13.70 41.38 -3.15
CA GLN I 166 13.96 42.66 -2.50
C GLN I 166 15.34 42.71 -1.86
N GLU I 167 15.83 41.58 -1.34
CA GLU I 167 17.13 41.56 -0.71
C GLU I 167 18.26 41.57 -1.73
N LEU I 168 18.03 41.00 -2.92
CA LEU I 168 19.07 40.97 -3.94
C LEU I 168 19.24 42.32 -4.62
N ILE I 169 18.17 43.11 -4.71
CA ILE I 169 18.27 44.42 -5.35
C ILE I 169 18.95 45.43 -4.44
N ASN I 170 18.76 45.31 -3.13
CA ASN I 170 19.38 46.25 -2.20
C ASN I 170 20.86 45.95 -1.98
N ASN I 171 21.26 44.68 -2.06
CA ASN I 171 22.66 44.32 -1.88
C ASN I 171 23.49 44.65 -3.10
N ILE I 172 22.89 44.60 -4.30
CA ILE I 172 23.65 44.90 -5.51
C ILE I 172 23.83 46.41 -5.69
N ALA I 173 22.90 47.20 -5.17
CA ALA I 173 23.00 48.66 -5.30
C ALA I 173 23.98 49.26 -4.30
N LYS I 174 24.30 48.55 -3.21
CA LYS I 174 25.23 49.04 -2.21
C LYS I 174 26.64 48.52 -2.39
N ALA I 175 26.80 47.31 -2.92
CA ALA I 175 28.12 46.73 -3.13
C ALA I 175 28.65 46.95 -4.54
N HIS I 176 27.76 47.07 -5.53
CA HIS I 176 28.15 47.28 -6.91
C HIS I 176 27.58 48.53 -7.54
N GLY I 177 26.50 49.08 -7.00
CA GLY I 177 25.91 50.29 -7.56
C GLY I 177 25.07 50.06 -8.79
N GLY I 178 24.19 49.07 -8.76
CA GLY I 178 23.33 48.76 -9.89
C GLY I 178 21.86 48.83 -9.50
N PHE I 179 21.04 49.37 -10.39
CA PHE I 179 19.62 49.49 -10.15
C PHE I 179 18.89 48.21 -10.56
N SER I 180 17.59 48.18 -10.31
CA SER I 180 16.76 47.03 -10.63
C SER I 180 15.58 47.48 -11.48
N VAL I 181 14.89 46.50 -12.07
CA VAL I 181 13.73 46.77 -12.92
C VAL I 181 12.76 45.61 -12.81
N PHE I 182 11.73 45.77 -11.98
CA PHE I 182 10.71 44.74 -11.78
C PHE I 182 9.64 44.90 -12.85
N THR I 183 9.56 43.93 -13.75
CA THR I 183 8.58 43.93 -14.84
C THR I 183 7.62 42.77 -14.61
N GLY I 184 6.57 43.02 -13.82
CA GLY I 184 5.59 42.00 -13.53
C GLY I 184 4.62 41.77 -14.66
N VAL I 185 5.04 41.00 -15.66
CA VAL I 185 4.21 40.69 -16.81
C VAL I 185 3.29 39.52 -16.48
N GLY I 186 2.01 39.67 -16.76
CA GLY I 186 1.05 38.62 -16.48
C GLY I 186 0.71 38.44 -15.03
N GLU I 187 0.89 39.48 -14.21
CA GLU I 187 0.58 39.39 -12.79
C GLU I 187 -0.92 39.62 -12.56
N ARG I 188 -1.32 39.53 -11.30
CA ARG I 188 -2.72 39.72 -10.92
C ARG I 188 -2.95 41.17 -10.46
N THR I 189 -4.21 41.48 -10.17
CA THR I 189 -4.55 42.82 -9.73
C THR I 189 -4.16 43.05 -8.28
N ARG I 190 -4.35 42.03 -7.43
CA ARG I 190 -3.99 42.16 -6.01
C ARG I 190 -2.50 42.02 -5.76
N GLU I 191 -1.77 41.34 -6.65
CA GLU I 191 -0.33 41.17 -6.47
C GLU I 191 0.44 42.44 -6.84
N GLY I 192 -0.13 43.29 -7.68
CA GLY I 192 0.55 44.51 -8.06
C GLY I 192 0.49 45.58 -6.99
N ASN I 193 -0.62 45.64 -6.26
CA ASN I 193 -0.77 46.65 -5.21
C ASN I 193 -0.03 46.26 -3.95
N ASP I 194 0.12 44.97 -3.67
CA ASP I 194 0.82 44.53 -2.47
C ASP I 194 2.34 44.62 -2.63
N LEU I 195 2.84 44.54 -3.86
CA LEU I 195 4.27 44.62 -4.09
C LEU I 195 4.80 46.05 -3.98
N TYR I 196 3.97 47.04 -4.33
CA TYR I 196 4.40 48.43 -4.26
C TYR I 196 4.39 48.96 -2.83
N ARG I 197 3.44 48.49 -2.00
CA ARG I 197 3.37 48.96 -0.62
C ARG I 197 4.41 48.29 0.27
N GLU I 198 4.85 47.08 -0.09
CA GLU I 198 5.86 46.39 0.71
C GLU I 198 7.26 46.91 0.46
N MET I 199 7.52 47.42 -0.74
CA MET I 199 8.85 47.95 -1.07
C MET I 199 9.10 49.32 -0.47
N LYS I 200 8.05 50.08 -0.17
CA LYS I 200 8.22 51.41 0.41
C LYS I 200 8.54 51.35 1.90
N GLU I 201 8.06 50.31 2.60
CA GLU I 201 8.33 50.17 4.03
C GLU I 201 9.68 49.56 4.33
N THR I 202 10.36 48.99 3.32
CA THR I 202 11.67 48.39 3.53
C THR I 202 12.83 49.28 3.11
N GLY I 203 12.58 50.24 2.23
CA GLY I 203 13.62 51.14 1.76
C GLY I 203 14.06 50.95 0.32
N VAL I 204 13.28 50.23 -0.48
CA VAL I 204 13.65 50.00 -1.88
C VAL I 204 13.12 51.10 -2.79
N ILE I 205 11.87 51.53 -2.57
CA ILE I 205 11.24 52.58 -3.35
C ILE I 205 10.88 53.71 -2.41
N ASN I 206 11.54 54.86 -2.58
CA ASN I 206 11.31 56.03 -1.76
C ASN I 206 10.65 57.12 -2.59
N LEU I 207 9.53 57.64 -2.10
CA LEU I 207 8.82 58.69 -2.83
C LEU I 207 9.49 60.05 -2.66
N GLU I 208 10.03 60.32 -1.46
CA GLU I 208 10.70 61.58 -1.20
C GLU I 208 12.22 61.48 -1.22
N GLY I 209 12.78 60.29 -1.05
CA GLY I 209 14.21 60.12 -1.07
C GLY I 209 14.75 59.73 -2.43
N GLU I 210 15.46 58.61 -2.50
CA GLU I 210 16.04 58.12 -3.73
C GLU I 210 15.66 56.66 -3.92
N SER I 211 15.07 56.34 -5.06
CA SER I 211 14.65 54.98 -5.36
C SER I 211 15.80 54.19 -6.00
N LYS I 212 15.58 52.88 -6.16
CA LYS I 212 16.61 52.03 -6.76
C LYS I 212 16.03 50.89 -7.58
N VAL I 213 14.73 50.85 -7.84
CA VAL I 213 14.12 49.78 -8.61
C VAL I 213 12.94 50.35 -9.38
N ALA I 214 12.82 49.95 -10.64
CA ALA I 214 11.74 50.42 -11.50
C ALA I 214 10.54 49.47 -11.41
N LEU I 215 9.35 50.05 -11.52
CA LEU I 215 8.10 49.31 -11.46
C LEU I 215 7.41 49.39 -12.82
N VAL I 216 7.13 48.24 -13.41
CA VAL I 216 6.48 48.13 -14.71
C VAL I 216 5.18 47.35 -14.51
N PHE I 217 4.04 48.03 -14.66
CA PHE I 217 2.75 47.39 -14.50
C PHE I 217 2.40 46.57 -15.74
N GLY I 218 1.88 45.37 -15.50
CA GLY I 218 1.51 44.49 -16.59
C GLY I 218 0.58 43.37 -16.17
N GLN I 219 -0.65 43.73 -15.78
CA GLN I 219 -1.62 42.75 -15.35
C GLN I 219 -2.23 42.02 -16.56
N MET I 220 -2.97 40.96 -16.28
CA MET I 220 -3.62 40.16 -17.30
C MET I 220 -5.04 40.64 -17.61
N ASN I 221 -5.44 41.80 -17.10
CA ASN I 221 -6.77 42.32 -17.36
C ASN I 221 -6.87 43.09 -18.67
N GLU I 222 -5.76 43.28 -19.37
CA GLU I 222 -5.78 44.01 -20.64
C GLU I 222 -5.93 43.03 -21.80
N PRO I 223 -5.59 43.44 -23.02
CA PRO I 223 -5.73 42.54 -24.16
C PRO I 223 -4.45 41.74 -24.37
N PRO I 224 -4.30 41.09 -25.53
CA PRO I 224 -3.08 40.30 -25.76
C PRO I 224 -1.87 41.14 -26.18
N GLY I 225 -2.09 42.37 -26.65
CA GLY I 225 -0.97 43.20 -27.07
C GLY I 225 -0.23 43.84 -25.92
N ALA I 226 -0.91 44.12 -24.81
CA ALA I 226 -0.27 44.74 -23.66
C ALA I 226 0.53 43.72 -22.85
N ARG I 227 0.08 42.47 -22.80
CA ARG I 227 0.79 41.45 -22.04
C ARG I 227 2.04 40.97 -22.76
N ALA I 228 2.01 40.91 -24.09
CA ALA I 228 3.18 40.46 -24.84
C ALA I 228 4.26 41.54 -24.92
N ARG I 229 3.87 42.81 -24.92
CA ARG I 229 4.80 43.92 -24.99
C ARG I 229 5.28 44.39 -23.61
N VAL I 230 4.88 43.70 -22.54
CA VAL I 230 5.31 44.12 -21.20
C VAL I 230 6.76 43.73 -20.97
N ALA I 231 7.25 42.68 -21.64
CA ALA I 231 8.64 42.26 -21.46
C ALA I 231 9.59 43.19 -22.18
N LEU I 232 9.17 43.78 -23.30
CA LEU I 232 10.04 44.68 -24.04
C LEU I 232 10.12 46.07 -23.40
N THR I 233 9.06 46.47 -22.68
CA THR I 233 9.07 47.78 -22.03
C THR I 233 9.95 47.77 -20.79
N GLY I 234 9.97 46.66 -20.05
CA GLY I 234 10.80 46.59 -18.86
C GLY I 234 12.26 46.37 -19.17
N LEU I 235 12.56 45.67 -20.27
CA LEU I 235 13.95 45.41 -20.65
C LEU I 235 14.61 46.63 -21.29
N THR I 236 13.83 47.58 -21.81
CA THR I 236 14.42 48.76 -22.43
C THR I 236 14.92 49.75 -21.40
N ILE I 237 14.28 49.80 -20.22
CA ILE I 237 14.72 50.72 -19.18
C ILE I 237 15.96 50.20 -18.47
N ALA I 238 16.11 48.87 -18.35
CA ALA I 238 17.28 48.30 -17.69
C ALA I 238 18.50 48.30 -18.59
N GLU I 239 18.30 48.24 -19.91
CA GLU I 239 19.43 48.24 -20.84
C GLU I 239 20.04 49.62 -21.04
N TYR I 240 19.29 50.68 -20.72
CA TYR I 240 19.82 52.03 -20.89
C TYR I 240 20.82 52.38 -19.79
N PHE I 241 20.69 51.78 -18.61
CA PHE I 241 21.61 52.07 -17.52
C PHE I 241 22.96 51.38 -17.68
N ARG I 242 23.04 50.35 -18.52
CA ARG I 242 24.28 49.63 -18.75
C ARG I 242 25.05 50.11 -19.97
N ASP I 243 24.38 50.77 -20.91
CA ASP I 243 25.05 51.27 -22.11
C ASP I 243 25.42 52.74 -22.01
N GLU I 244 24.62 53.54 -21.33
CA GLU I 244 24.89 54.97 -21.17
C GLU I 244 25.60 55.29 -19.86
N GLU I 245 25.20 54.66 -18.76
CA GLU I 245 25.82 54.89 -17.46
C GLU I 245 26.81 53.81 -17.06
N GLY I 246 26.62 52.58 -17.52
CA GLY I 246 27.51 51.50 -17.18
C GLY I 246 27.28 50.95 -15.78
N GLN I 247 26.25 50.11 -15.63
CA GLN I 247 25.93 49.53 -14.34
C GLN I 247 25.31 48.15 -14.57
N ASP I 248 25.58 47.23 -13.64
CA ASP I 248 25.06 45.87 -13.72
C ASP I 248 23.62 45.87 -13.22
N VAL I 249 22.69 46.09 -14.14
CA VAL I 249 21.27 46.12 -13.79
C VAL I 249 20.74 44.69 -13.68
N LEU I 250 19.65 44.54 -12.91
CA LEU I 250 19.01 43.26 -12.69
C LEU I 250 17.54 43.37 -13.10
N LEU I 251 17.15 42.59 -14.10
CA LEU I 251 15.78 42.59 -14.59
C LEU I 251 15.01 41.43 -13.99
N PHE I 252 13.77 41.69 -13.59
CA PHE I 252 12.90 40.69 -12.99
C PHE I 252 11.62 40.57 -13.81
N VAL I 253 11.32 39.37 -14.27
CA VAL I 253 10.14 39.09 -15.08
C VAL I 253 9.32 38.06 -14.32
N ASP I 254 8.31 38.52 -13.59
CA ASP I 254 7.43 37.65 -12.82
C ASP I 254 6.05 37.65 -13.46
N ASN I 255 5.69 36.53 -14.08
CA ASN I 255 6.55 35.36 -14.15
C ASN I 255 7.06 35.14 -15.57
N ILE I 256 7.99 34.19 -15.72
CA ILE I 256 8.55 33.90 -17.04
C ILE I 256 7.58 33.12 -17.91
N PHE I 257 6.64 32.39 -17.31
CA PHE I 257 5.68 31.61 -18.09
C PHE I 257 4.61 32.50 -18.73
N ARG I 258 4.41 33.71 -18.22
CA ARG I 258 3.41 34.60 -18.78
C ARG I 258 3.87 35.26 -20.07
N PHE I 259 5.18 35.32 -20.31
CA PHE I 259 5.69 35.92 -21.54
C PHE I 259 5.52 35.01 -22.75
N THR I 260 5.66 33.69 -22.55
CA THR I 260 5.51 32.76 -23.67
C THR I 260 4.04 32.55 -24.03
N GLN I 261 3.14 32.62 -23.05
CA GLN I 261 1.72 32.43 -23.33
C GLN I 261 1.09 33.67 -23.95
N ALA I 262 1.63 34.85 -23.66
CA ALA I 262 1.09 36.08 -24.23
C ALA I 262 1.49 36.25 -25.69
N GLY I 263 2.63 35.71 -26.10
CA GLY I 263 3.05 35.84 -27.47
C GLY I 263 2.27 34.96 -28.43
N SER I 264 1.84 33.79 -27.97
CA SER I 264 1.08 32.88 -28.82
C SER I 264 -0.38 33.29 -28.95
N GLU I 265 -0.88 34.16 -28.06
CA GLU I 265 -2.27 34.59 -28.15
C GLU I 265 -2.48 35.62 -29.26
N VAL I 266 -1.52 36.52 -29.44
CA VAL I 266 -1.66 37.53 -30.49
C VAL I 266 -1.34 36.94 -31.86
N SER I 267 -0.53 35.88 -31.91
CA SER I 267 -0.19 35.27 -33.19
C SER I 267 -1.30 34.35 -33.70
N ALA I 268 -2.03 33.71 -32.80
CA ALA I 268 -3.12 32.81 -33.21
C ALA I 268 -4.35 33.59 -33.68
N LEU I 269 -4.54 34.80 -33.19
CA LEU I 269 -5.69 35.61 -33.58
C LEU I 269 -5.46 36.40 -34.86
N LEU I 270 -4.23 36.40 -35.39
CA LEU I 270 -3.92 37.12 -36.61
C LEU I 270 -4.01 36.25 -37.86
N GLY I 271 -3.88 34.94 -37.72
CA GLY I 271 -3.95 34.02 -38.85
C GLY I 271 -2.86 32.97 -38.88
N ARG I 272 -1.95 32.94 -37.92
CA ARG I 272 -0.89 31.94 -37.92
C ARG I 272 -1.40 30.62 -37.37
N ILE I 273 -0.83 29.53 -37.90
CA ILE I 273 -1.21 28.19 -37.48
C ILE I 273 -0.46 27.83 -36.20
N PRO I 274 -1.01 26.96 -35.36
CA PRO I 274 -0.32 26.60 -34.12
C PRO I 274 0.79 25.58 -34.37
N SER I 275 1.63 25.42 -33.34
CA SER I 275 2.74 24.48 -33.42
C SER I 275 2.44 23.22 -32.62
N ALA I 276 3.15 23.03 -31.51
CA ALA I 276 2.98 21.87 -30.65
C ALA I 276 2.43 22.30 -29.30
N VAL I 277 1.51 21.50 -28.76
CA VAL I 277 0.88 21.74 -27.46
C VAL I 277 0.20 23.10 -27.45
N GLY I 278 -0.39 23.47 -28.58
CA GLY I 278 -1.10 24.73 -28.67
C GLY I 278 -0.23 25.96 -28.58
N TYR I 279 1.01 25.88 -29.05
CA TYR I 279 1.93 27.01 -29.03
C TYR I 279 2.06 27.63 -30.42
N GLN I 280 2.65 28.82 -30.45
CA GLN I 280 2.84 29.53 -31.70
C GLN I 280 4.00 28.93 -32.50
N PRO I 281 4.06 29.20 -33.80
CA PRO I 281 5.15 28.64 -34.62
C PRO I 281 6.49 29.32 -34.37
N THR I 282 6.50 30.59 -33.99
CA THR I 282 7.74 31.31 -33.73
C THR I 282 8.06 31.32 -32.24
N LEU I 283 8.18 30.11 -31.68
CA LEU I 283 8.48 29.98 -30.26
C LEU I 283 9.96 30.26 -29.97
N ALA I 284 10.86 29.77 -30.83
CA ALA I 284 12.28 29.99 -30.64
C ALA I 284 12.73 31.38 -31.07
N THR I 285 11.93 32.07 -31.90
CA THR I 285 12.29 33.39 -32.37
C THR I 285 11.82 34.50 -31.42
N ASP I 286 10.65 34.33 -30.81
CA ASP I 286 10.14 35.35 -29.89
C ASP I 286 10.88 35.31 -28.55
N MET I 287 11.21 34.12 -28.06
CA MET I 287 11.90 34.01 -26.79
C MET I 287 13.38 34.39 -26.90
N GLY I 288 13.97 34.22 -28.08
CA GLY I 288 15.37 34.57 -28.27
C GLY I 288 15.62 36.04 -28.53
N LEU I 289 14.60 36.78 -28.96
CA LEU I 289 14.77 38.20 -29.24
C LEU I 289 14.83 39.04 -27.97
N LEU I 290 14.24 38.56 -26.87
CA LEU I 290 14.24 39.30 -25.61
C LEU I 290 15.27 38.78 -24.61
N GLN I 291 15.73 37.54 -24.78
CA GLN I 291 16.71 36.98 -23.86
C GLN I 291 18.14 37.36 -24.23
N GLU I 292 18.40 37.61 -25.52
CA GLU I 292 19.74 37.98 -25.96
C GLU I 292 20.07 39.44 -25.67
N ARG I 293 19.06 40.28 -25.44
CA ARG I 293 19.31 41.69 -25.15
C ARG I 293 19.84 41.92 -23.75
N ILE I 294 19.62 40.98 -22.84
CA ILE I 294 20.09 41.12 -21.45
C ILE I 294 21.42 40.38 -21.30
N THR I 295 22.44 40.83 -22.03
CA THR I 295 23.75 40.21 -21.97
C THR I 295 24.78 41.17 -21.39
N THR I 296 26.06 40.87 -21.59
CA THR I 296 27.15 41.70 -21.09
C THR I 296 27.85 42.37 -22.27
N THR I 297 27.96 43.70 -22.20
CA THR I 297 28.59 44.50 -23.24
C THR I 297 29.93 45.04 -22.72
N ARG I 298 30.49 45.99 -23.47
CA ARG I 298 31.77 46.58 -23.08
C ARG I 298 31.62 47.64 -21.99
N LYS I 299 30.42 48.17 -21.79
CA LYS I 299 30.18 49.19 -20.77
C LYS I 299 29.48 48.64 -19.53
N GLY I 300 28.66 47.61 -19.68
CA GLY I 300 27.97 47.06 -18.54
C GLY I 300 27.30 45.74 -18.90
N SER I 301 26.56 45.21 -17.93
CA SER I 301 25.84 43.96 -18.09
C SER I 301 24.40 44.14 -17.65
N VAL I 302 23.60 43.10 -17.87
CA VAL I 302 22.18 43.12 -17.52
C VAL I 302 21.75 41.71 -17.11
N THR I 303 21.65 41.47 -15.81
CA THR I 303 21.23 40.17 -15.31
C THR I 303 19.72 40.02 -15.38
N SER I 304 19.27 38.77 -15.47
CA SER I 304 17.85 38.44 -15.54
C SER I 304 17.52 37.43 -14.46
N VAL I 305 16.49 37.73 -13.67
CA VAL I 305 16.06 36.85 -12.59
C VAL I 305 14.57 36.59 -12.72
N GLN I 306 14.17 35.91 -13.80
CA GLN I 306 12.77 35.61 -14.02
C GLN I 306 12.35 34.37 -13.25
N ALA I 307 11.05 34.24 -13.03
CA ALA I 307 10.47 33.11 -12.30
C ALA I 307 9.85 32.16 -13.32
N VAL I 308 10.55 31.09 -13.62
CA VAL I 308 10.08 30.10 -14.59
C VAL I 308 9.05 29.19 -13.90
N TYR I 309 7.91 29.00 -14.56
CA TYR I 309 6.84 28.15 -14.05
C TYR I 309 6.62 27.00 -15.00
N VAL I 310 6.71 25.77 -14.49
CA VAL I 310 6.53 24.57 -15.30
C VAL I 310 5.04 24.38 -15.59
N PRO I 311 4.67 23.91 -16.78
CA PRO I 311 3.25 23.71 -17.09
C PRO I 311 2.77 22.34 -16.63
N ALA I 312 1.96 22.33 -15.57
CA ALA I 312 1.41 21.11 -14.99
C ALA I 312 2.52 20.14 -14.59
N ASP I 313 3.60 20.69 -14.02
CA ASP I 313 4.76 19.90 -13.57
C ASP I 313 5.34 19.07 -14.72
N ASP I 314 5.81 19.78 -15.75
CA ASP I 314 6.40 19.15 -16.93
C ASP I 314 7.53 20.04 -17.42
N LEU I 315 8.76 19.53 -17.35
CA LEU I 315 9.94 20.28 -17.79
C LEU I 315 10.24 20.08 -19.27
N THR I 316 9.59 19.13 -19.93
CA THR I 316 9.82 18.86 -21.34
C THR I 316 8.72 19.45 -22.23
N ASP I 317 8.04 20.49 -21.76
CA ASP I 317 6.98 21.13 -22.53
C ASP I 317 7.58 22.17 -23.46
N PRO I 318 6.75 22.83 -24.27
CA PRO I 318 7.28 23.85 -25.19
C PRO I 318 7.58 25.19 -24.53
N ALA I 319 7.01 25.46 -23.35
CA ALA I 319 7.25 26.71 -22.65
C ALA I 319 8.30 26.52 -21.57
N PRO I 320 8.67 25.28 -21.26
CA PRO I 320 9.68 25.06 -20.22
C PRO I 320 11.06 24.77 -20.80
N ALA I 321 11.10 24.00 -21.89
CA ALA I 321 12.36 23.66 -22.52
C ALA I 321 12.93 24.81 -23.35
N THR I 322 12.09 25.73 -23.81
CA THR I 322 12.59 26.85 -24.60
C THR I 322 13.25 27.91 -23.74
N THR I 323 12.79 28.11 -22.51
CA THR I 323 13.36 29.10 -21.62
C THR I 323 14.53 28.57 -20.81
N PHE I 324 14.68 27.25 -20.71
CA PHE I 324 15.78 26.66 -19.94
C PHE I 324 17.08 26.62 -20.72
N ALA I 325 17.04 26.81 -22.03
CA ALA I 325 18.26 26.79 -22.84
C ALA I 325 19.11 28.04 -22.68
N HIS I 326 18.49 29.16 -22.31
CA HIS I 326 19.20 30.43 -22.13
C HIS I 326 19.46 30.76 -20.67
N LEU I 327 18.98 29.95 -19.74
CA LEU I 327 19.18 30.20 -18.32
C LEU I 327 20.54 29.67 -17.90
N ASP I 328 21.38 30.56 -17.34
CA ASP I 328 22.70 30.16 -16.90
C ASP I 328 22.68 29.65 -15.46
N ALA I 329 21.85 30.24 -14.62
CA ALA I 329 21.74 29.85 -13.22
C ALA I 329 20.29 29.48 -12.91
N THR I 330 20.08 28.96 -11.70
CA THR I 330 18.76 28.55 -11.26
C THR I 330 18.68 28.68 -9.74
N THR I 331 17.62 29.34 -9.27
CA THR I 331 17.39 29.54 -7.84
C THR I 331 16.12 28.79 -7.45
N VAL I 332 16.28 27.48 -7.23
CA VAL I 332 15.14 26.63 -6.86
C VAL I 332 14.86 26.81 -5.38
N LEU I 333 13.60 27.11 -5.06
CA LEU I 333 13.16 27.31 -3.68
C LEU I 333 12.13 26.22 -3.36
N SER I 334 12.61 25.10 -2.82
CA SER I 334 11.73 23.99 -2.49
C SER I 334 11.00 24.26 -1.17
N ARG I 335 9.98 23.45 -0.91
CA ARG I 335 9.17 23.57 0.29
C ARG I 335 9.67 22.68 1.43
N GLY I 336 10.89 22.12 1.30
CA GLY I 336 11.40 21.26 2.35
C GLY I 336 11.92 22.02 3.55
N ILE I 337 12.47 23.21 3.34
CA ILE I 337 12.99 24.02 4.44
C ILE I 337 11.89 24.93 4.97
N SER I 338 12.04 26.23 4.75
CA SER I 338 11.07 27.24 5.19
C SER I 338 10.81 27.15 6.68
N GLU I 339 9.88 26.28 7.08
CA GLU I 339 9.55 26.11 8.50
C GLU I 339 10.54 25.22 9.24
N LEU I 340 11.51 24.63 8.54
CA LEU I 340 12.48 23.77 9.20
C LEU I 340 13.53 24.57 9.97
N GLY I 341 13.76 25.82 9.60
CA GLY I 341 14.74 26.64 10.29
C GLY I 341 15.82 27.18 9.38
N ILE I 342 15.45 27.49 8.14
CA ILE I 342 16.38 28.02 7.14
C ILE I 342 15.78 29.29 6.57
N TYR I 343 16.55 30.37 6.59
CA TYR I 343 16.11 31.67 6.07
C TYR I 343 17.09 32.15 5.01
N PRO I 344 16.75 32.08 3.71
CA PRO I 344 15.47 31.55 3.23
C PRO I 344 15.55 30.08 2.84
N ALA I 345 14.48 29.57 2.22
CA ALA I 345 14.42 28.17 1.79
C ALA I 345 15.16 28.05 0.46
N VAL I 346 16.47 27.88 0.55
CA VAL I 346 17.35 27.75 -0.61
C VAL I 346 17.89 26.31 -0.63
N ASP I 347 17.55 25.58 -1.70
CA ASP I 347 18.00 24.20 -1.82
C ASP I 347 19.46 24.17 -2.27
N PRO I 348 20.36 23.52 -1.52
CA PRO I 348 21.77 23.48 -1.94
C PRO I 348 22.07 22.42 -2.97
N LEU I 349 21.15 21.50 -3.25
CA LEU I 349 21.36 20.44 -4.22
C LEU I 349 20.50 20.58 -5.46
N ASP I 350 19.34 21.24 -5.37
CA ASP I 350 18.48 21.40 -6.53
C ASP I 350 18.85 22.63 -7.35
N SER I 351 19.42 23.65 -6.72
CA SER I 351 19.81 24.88 -7.42
C SER I 351 21.17 24.65 -8.07
N LYS I 352 21.20 24.61 -9.40
CA LYS I 352 22.42 24.41 -10.16
C LYS I 352 22.66 25.60 -11.08
N SER I 353 23.91 25.72 -11.53
CA SER I 353 24.30 26.80 -12.42
C SER I 353 25.45 26.34 -13.29
N ARG I 354 25.56 26.96 -14.47
CA ARG I 354 26.61 26.62 -15.42
C ARG I 354 27.92 27.35 -15.15
N LEU I 355 27.92 28.33 -14.26
CA LEU I 355 29.11 29.09 -13.93
C LEU I 355 29.86 28.54 -12.72
N LEU I 356 29.48 27.36 -12.23
CA LEU I 356 30.13 26.74 -11.08
C LEU I 356 31.19 25.75 -11.53
N ASP I 357 32.18 26.26 -12.23
CA ASP I 357 33.29 25.46 -12.75
C ASP I 357 34.61 25.98 -12.19
N VAL I 358 35.69 25.24 -12.50
CA VAL I 358 37.02 25.62 -12.03
C VAL I 358 37.71 26.61 -12.95
N SER I 359 37.17 26.86 -14.13
CA SER I 359 37.76 27.80 -15.09
C SER I 359 37.04 29.14 -15.12
N VAL I 360 36.08 29.36 -14.22
CA VAL I 360 35.35 30.61 -14.16
C VAL I 360 35.43 31.18 -12.75
N VAL I 361 35.43 30.30 -11.75
CA VAL I 361 35.50 30.72 -10.36
C VAL I 361 36.85 30.45 -9.73
N GLY I 362 37.72 29.70 -10.39
CA GLY I 362 39.03 29.39 -9.87
C GLY I 362 39.09 28.00 -9.23
N GLN I 363 40.32 27.59 -8.92
CA GLN I 363 40.52 26.28 -8.30
C GLN I 363 40.16 26.30 -6.82
N GLU I 364 40.22 27.45 -6.16
CA GLU I 364 39.89 27.53 -4.75
C GLU I 364 38.39 27.48 -4.52
N HIS I 365 37.61 28.16 -5.38
CA HIS I 365 36.17 28.16 -5.24
C HIS I 365 35.53 26.85 -5.71
N TYR I 366 36.21 26.14 -6.62
CA TYR I 366 35.67 24.88 -7.11
C TYR I 366 35.82 23.76 -6.09
N ASP I 367 36.87 23.82 -5.27
CA ASP I 367 37.07 22.78 -4.26
C ASP I 367 36.13 22.96 -3.08
N VAL I 368 35.79 24.20 -2.73
CA VAL I 368 34.87 24.43 -1.61
C VAL I 368 33.43 24.13 -2.01
N ALA I 369 33.08 24.32 -3.28
CA ALA I 369 31.72 24.03 -3.71
C ALA I 369 31.49 22.54 -3.90
N THR I 370 32.53 21.78 -4.27
CA THR I 370 32.38 20.35 -4.44
C THR I 370 32.34 19.63 -3.10
N GLY I 371 33.03 20.15 -2.10
CA GLY I 371 33.02 19.51 -0.79
C GLY I 371 31.73 19.73 -0.03
N VAL I 372 31.12 20.90 -0.18
CA VAL I 372 29.87 21.17 0.52
C VAL I 372 28.70 20.45 -0.14
N GLN I 373 28.77 20.24 -1.47
CA GLN I 373 27.68 19.55 -2.16
C GLN I 373 27.75 18.05 -1.91
N GLN I 374 28.94 17.50 -1.67
CA GLN I 374 29.05 16.07 -1.41
C GLN I 374 28.58 15.70 -0.01
N THR I 375 28.81 16.60 0.97
CA THR I 375 28.38 16.31 2.33
C THR I 375 26.87 16.47 2.49
N LEU I 376 26.27 17.40 1.75
CA LEU I 376 24.83 17.60 1.83
C LEU I 376 24.06 16.51 1.10
N GLN I 377 24.65 15.93 0.06
CA GLN I 377 23.97 14.87 -0.69
C GLN I 377 24.01 13.54 0.06
N ALA I 378 25.09 13.30 0.83
CA ALA I 378 25.19 12.05 1.57
C ALA I 378 24.30 12.07 2.82
N TYR I 379 24.10 13.24 3.42
CA TYR I 379 23.26 13.34 4.61
C TYR I 379 21.77 13.26 4.26
N LYS I 380 21.39 13.70 3.06
CA LYS I 380 19.98 13.65 2.68
C LYS I 380 19.56 12.24 2.31
N SER I 381 20.46 11.47 1.68
CA SER I 381 20.12 10.10 1.30
C SER I 381 20.17 9.14 2.48
N LEU I 382 20.88 9.50 3.55
CA LEU I 382 20.97 8.66 4.74
C LEU I 382 19.93 9.01 5.80
N GLN I 383 18.93 9.83 5.45
CA GLN I 383 17.91 10.19 6.43
C GLN I 383 16.91 9.06 6.63
N ASP I 384 16.74 8.19 5.64
CA ASP I 384 15.80 7.08 5.76
C ASP I 384 16.35 5.97 6.66
N ILE I 385 17.68 5.86 6.77
CA ILE I 385 18.27 4.83 7.62
C ILE I 385 18.53 5.31 9.05
N ILE I 386 18.60 6.62 9.26
CA ILE I 386 18.83 7.13 10.61
C ILE I 386 17.56 7.07 11.45
N ALA I 387 16.39 7.15 10.81
CA ALA I 387 15.12 7.09 11.52
C ALA I 387 14.70 5.67 11.87
N ILE I 388 15.29 4.66 11.24
CA ILE I 388 14.96 3.27 11.53
C ILE I 388 16.06 2.54 12.29
N LEU I 389 17.28 3.07 12.32
CA LEU I 389 18.38 2.45 13.02
C LEU I 389 19.02 3.33 14.08
N GLY I 390 18.47 4.53 14.31
CA GLY I 390 19.02 5.42 15.31
C GLY I 390 20.18 6.25 14.79
N MET I 391 20.84 6.94 15.71
CA MET I 391 21.98 7.78 15.41
C MET I 391 23.29 7.25 15.95
N ASP I 392 23.26 6.28 16.87
CA ASP I 392 24.46 5.71 17.45
C ASP I 392 24.90 4.42 16.77
N GLU I 393 24.12 3.90 15.84
CA GLU I 393 24.46 2.66 15.13
C GLU I 393 25.12 2.96 13.79
N LEU I 394 26.26 3.64 13.88
CA LEU I 394 27.04 4.02 12.71
C LEU I 394 28.52 3.81 13.01
N SER I 395 29.36 4.07 12.00
CA SER I 395 30.79 3.91 12.14
C SER I 395 31.42 5.22 12.63
N GLU I 396 32.75 5.27 12.61
CA GLU I 396 33.45 6.47 13.06
C GLU I 396 33.42 7.57 12.00
N GLN I 397 33.49 7.19 10.72
CA GLN I 397 33.47 8.18 9.65
C GLN I 397 32.07 8.70 9.38
N ASP I 398 31.03 7.89 9.66
CA ASP I 398 29.66 8.32 9.42
C ASP I 398 29.15 9.23 10.54
N LYS I 399 29.69 9.10 11.74
CA LYS I 399 29.24 9.93 12.85
C LYS I 399 29.82 11.34 12.78
N LEU I 400 31.05 11.48 12.27
CA LEU I 400 31.67 12.80 12.18
C LEU I 400 31.10 13.59 11.00
N THR I 401 30.72 12.91 9.92
CA THR I 401 30.17 13.62 8.76
C THR I 401 28.72 14.03 8.99
N VAL I 402 27.99 13.32 9.84
CA VAL I 402 26.59 13.67 10.11
C VAL I 402 26.50 14.88 11.03
N GLU I 403 27.49 15.07 11.91
CA GLU I 403 27.45 16.20 12.82
C GLU I 403 27.84 17.50 12.12
N ARG I 404 28.73 17.41 11.13
CA ARG I 404 29.16 18.59 10.39
C ARG I 404 28.16 19.00 9.32
N ALA I 405 27.30 18.08 8.86
CA ALA I 405 26.32 18.41 7.84
C ALA I 405 25.14 19.20 8.39
N ARG I 406 24.85 19.07 9.69
CA ARG I 406 23.74 19.81 10.26
C ARG I 406 24.08 21.28 10.45
N LYS I 407 25.33 21.58 10.82
CA LYS I 407 25.75 22.96 11.01
C LYS I 407 26.05 23.67 9.69
N ILE I 408 26.39 22.92 8.64
CA ILE I 408 26.69 23.54 7.35
C ILE I 408 25.41 23.94 6.63
N GLN I 409 24.29 23.29 6.94
CA GLN I 409 23.03 23.63 6.27
C GLN I 409 22.44 24.91 6.82
N ARG I 410 22.71 25.22 8.09
CA ARG I 410 22.20 26.45 8.70
C ARG I 410 23.16 27.63 8.58
N PHE I 411 24.42 27.38 8.22
CA PHE I 411 25.38 28.47 8.09
C PHE I 411 25.18 29.25 6.80
N LEU I 412 24.65 28.60 5.75
CA LEU I 412 24.42 29.27 4.49
C LEU I 412 23.14 30.11 4.47
N SER I 413 22.27 29.96 5.47
CA SER I 413 21.02 30.71 5.56
C SER I 413 21.25 31.91 6.47
N GLN I 414 21.67 33.03 5.88
CA GLN I 414 21.92 34.25 6.64
C GLN I 414 20.69 35.15 6.63
N PRO I 415 20.55 36.02 7.63
CA PRO I 415 19.38 36.92 7.66
C PRO I 415 19.59 38.12 6.76
N PHE I 416 18.59 38.41 5.93
CA PHE I 416 18.66 39.53 5.01
C PHE I 416 18.38 40.85 5.74
N ALA I 417 18.66 41.95 5.05
CA ALA I 417 18.44 43.27 5.64
C ALA I 417 16.97 43.66 5.63
N VAL I 418 16.19 43.19 4.65
CA VAL I 418 14.77 43.51 4.57
C VAL I 418 13.90 42.56 5.38
N ALA I 419 14.47 41.49 5.93
CA ALA I 419 13.72 40.52 6.72
C ALA I 419 14.05 40.63 8.21
N GLU I 420 14.40 41.83 8.67
CA GLU I 420 14.74 42.02 10.07
C GLU I 420 13.51 42.13 10.96
N VAL I 421 12.34 42.43 10.38
CA VAL I 421 11.11 42.55 11.17
C VAL I 421 10.41 41.21 11.37
N PHE I 422 10.88 40.14 10.74
CA PHE I 422 10.28 38.82 10.86
C PHE I 422 11.09 37.86 11.71
N THR I 423 12.42 38.00 11.73
CA THR I 423 13.28 37.13 12.51
C THR I 423 13.90 37.80 13.72
N GLY I 424 14.11 39.12 13.68
CA GLY I 424 14.68 39.84 14.79
C GLY I 424 16.19 40.00 14.74
N ILE I 425 16.87 39.29 13.84
CA ILE I 425 18.32 39.38 13.74
C ILE I 425 18.68 40.48 12.74
N GLU I 426 19.93 40.92 12.80
CA GLU I 426 20.41 41.96 11.90
C GLU I 426 20.73 41.38 10.52
N GLY I 427 20.81 42.27 9.54
CA GLY I 427 21.11 41.86 8.18
C GLY I 427 22.60 41.68 7.97
N LYS I 428 22.99 40.51 7.47
CA LYS I 428 24.39 40.18 7.21
C LYS I 428 24.61 40.08 5.71
N LEU I 429 25.61 40.80 5.21
CA LEU I 429 25.95 40.81 3.78
C LEU I 429 27.37 40.26 3.65
N VAL I 430 27.46 38.94 3.45
CA VAL I 430 28.77 38.29 3.31
C VAL I 430 29.24 38.43 1.87
N ARG I 431 30.53 38.67 1.70
CA ARG I 431 31.12 38.82 0.38
C ARG I 431 31.49 37.46 -0.19
N LEU I 432 32.13 37.48 -1.37
CA LEU I 432 32.54 36.23 -2.02
C LEU I 432 33.78 35.64 -1.37
N LYS I 433 34.69 36.48 -0.88
CA LYS I 433 35.91 35.98 -0.25
C LYS I 433 35.66 35.50 1.17
N ASP I 434 34.69 36.09 1.86
CA ASP I 434 34.40 35.68 3.23
C ASP I 434 33.57 34.39 3.29
N THR I 435 32.78 34.13 2.25
CA THR I 435 31.96 32.92 2.23
C THR I 435 32.78 31.68 1.87
N ILE I 436 33.83 31.86 1.06
CA ILE I 436 34.65 30.71 0.67
C ILE I 436 35.62 30.33 1.78
N ALA I 437 36.05 31.30 2.60
CA ALA I 437 36.98 31.01 3.69
C ALA I 437 36.28 30.38 4.89
N SER I 438 35.01 30.70 5.10
CA SER I 438 34.28 30.14 6.23
C SER I 438 33.85 28.70 5.98
N PHE I 439 33.54 28.35 4.73
CA PHE I 439 33.13 26.99 4.41
C PHE I 439 34.30 26.03 4.37
N LYS I 440 35.50 26.51 4.05
CA LYS I 440 36.66 25.64 3.97
C LYS I 440 37.21 25.31 5.36
N ALA I 441 37.02 26.20 6.34
CA ALA I 441 37.51 25.94 7.69
C ALA I 441 36.62 24.96 8.45
N VAL I 442 35.33 24.91 8.12
CA VAL I 442 34.43 24.01 8.82
C VAL I 442 34.57 22.58 8.31
N LEU I 443 34.98 22.42 7.05
CA LEU I 443 35.16 21.09 6.48
C LEU I 443 36.50 20.46 6.81
N GLU I 444 37.45 21.24 7.32
CA GLU I 444 38.78 20.74 7.66
C GLU I 444 38.88 20.30 9.11
N GLY I 445 37.95 20.69 9.96
CA GLY I 445 37.98 20.33 11.36
C GLY I 445 38.34 21.44 12.32
N LYS I 446 38.31 22.70 11.87
CA LYS I 446 38.65 23.81 12.75
C LYS I 446 37.47 24.28 13.59
N TYR I 447 36.25 23.95 13.19
CA TYR I 447 35.04 24.33 13.92
C TYR I 447 34.20 23.10 14.27
N ASP I 448 34.87 22.00 14.59
CA ASP I 448 34.16 20.77 14.94
C ASP I 448 33.67 20.77 16.38
N HIS I 449 34.26 21.57 17.25
CA HIS I 449 33.85 21.64 18.65
C HIS I 449 32.75 22.67 18.89
N LEU I 450 32.34 23.41 17.88
CA LEU I 450 31.30 24.41 18.03
C LEU I 450 29.92 23.75 18.01
N PRO I 451 28.90 24.44 18.51
CA PRO I 451 27.55 23.87 18.52
C PRO I 451 26.87 24.02 17.16
N GLU I 452 25.75 23.31 17.02
CA GLU I 452 24.99 23.35 15.77
C GLU I 452 24.15 24.61 15.66
N ASN I 453 23.78 25.22 16.79
CA ASN I 453 22.97 26.43 16.78
C ASN I 453 23.80 27.71 16.67
N ALA I 454 25.13 27.60 16.71
CA ALA I 454 25.98 28.77 16.61
C ALA I 454 26.12 29.29 15.18
N PHE I 455 25.84 28.45 14.19
CA PHE I 455 25.93 28.84 12.79
C PHE I 455 24.60 29.26 12.19
N TYR I 456 23.50 29.03 12.89
CA TYR I 456 22.19 29.40 12.38
C TYR I 456 21.99 30.91 12.47
N MET I 457 21.42 31.49 11.41
CA MET I 457 21.15 32.93 11.34
C MET I 457 22.43 33.74 11.54
N VAL I 458 23.47 33.36 10.79
CA VAL I 458 24.77 34.03 10.86
C VAL I 458 25.40 34.01 9.47
N GLY I 459 26.36 34.91 9.27
CA GLY I 459 27.05 34.99 8.00
C GLY I 459 28.52 35.38 8.13
N GLY I 460 29.40 34.55 7.60
CA GLY I 460 30.82 34.81 7.65
C GLY I 460 31.51 34.02 8.76
N ILE I 461 32.84 34.01 8.70
CA ILE I 461 33.62 33.30 9.71
C ILE I 461 33.73 34.07 11.02
N GLU I 462 33.59 35.39 10.99
CA GLU I 462 33.68 36.18 12.20
C GLU I 462 32.39 36.12 13.02
N ASP I 463 31.26 35.88 12.37
CA ASP I 463 29.98 35.81 13.08
C ASP I 463 29.79 34.49 13.80
N VAL I 464 30.47 33.43 13.36
CA VAL I 464 30.32 32.13 14.03
C VAL I 464 31.14 32.07 15.31
N VAL I 465 32.24 32.82 15.39
CA VAL I 465 33.06 32.79 16.58
C VAL I 465 32.47 33.69 17.67
N ALA I 466 31.76 34.76 17.30
CA ALA I 466 31.18 35.64 18.29
C ALA I 466 29.86 35.10 18.83
N LYS I 467 29.16 34.27 18.06
CA LYS I 467 27.89 33.72 18.52
C LYS I 467 28.09 32.47 19.36
N ALA I 468 29.20 31.75 19.16
CA ALA I 468 29.44 30.54 19.94
C ALA I 468 29.97 30.86 21.33
N GLU I 469 30.77 31.92 21.45
CA GLU I 469 31.33 32.30 22.75
C GLU I 469 30.32 33.04 23.63
N LYS I 470 29.29 33.64 23.02
CA LYS I 470 28.28 34.37 23.78
C LYS I 470 27.04 33.54 24.08
N ILE I 471 26.95 32.32 23.56
CA ILE I 471 25.79 31.48 23.82
C ILE I 471 25.89 30.82 25.19
N ALA I 472 27.07 30.32 25.55
CA ALA I 472 27.25 29.68 26.84
C ALA I 472 27.52 30.70 27.94
N ALA I 473 28.49 31.58 27.73
CA ALA I 473 28.84 32.59 28.72
C ALA I 473 28.66 33.99 28.13
N GLY J 4 7.16 16.95 -84.70
CA GLY J 4 6.92 17.90 -83.63
C GLY J 4 6.17 17.30 -82.45
N PRO J 5 6.81 17.24 -81.30
CA PRO J 5 6.17 16.68 -80.10
C PRO J 5 5.34 17.75 -79.39
N ALA J 6 4.68 17.32 -78.31
CA ALA J 6 3.84 18.21 -77.52
C ALA J 6 4.74 19.04 -76.60
N SER J 7 4.79 20.35 -76.84
CA SER J 7 5.60 21.26 -76.06
C SER J 7 4.71 22.06 -75.11
N GLY J 8 5.23 22.31 -73.90
CA GLY J 8 4.49 23.06 -72.90
C GLY J 8 5.35 24.17 -72.31
N LYS J 9 4.72 24.95 -71.43
CA LYS J 9 5.38 26.07 -70.77
C LYS J 9 5.15 25.97 -69.27
N ILE J 10 6.20 26.26 -68.51
CA ILE J 10 6.13 26.19 -67.05
C ILE J 10 5.43 27.45 -66.54
N ARG J 11 4.40 27.26 -65.73
CA ARG J 11 3.63 28.36 -65.16
C ARG J 11 3.88 28.58 -63.68
N ALA J 12 4.09 27.50 -62.91
CA ALA J 12 4.35 27.62 -61.49
C ALA J 12 5.30 26.51 -61.06
N VAL J 13 6.09 26.80 -60.02
CA VAL J 13 7.06 25.85 -59.50
C VAL J 13 7.23 26.07 -58.01
N ILE J 14 6.77 25.12 -57.20
CA ILE J 14 6.87 25.20 -55.75
C ILE J 14 7.41 23.85 -55.27
N GLY J 15 8.73 23.73 -55.21
CA GLY J 15 9.34 22.49 -54.77
C GLY J 15 9.34 21.46 -55.89
N ALA J 16 8.84 20.27 -55.60
CA ALA J 16 8.80 19.20 -56.58
C ALA J 16 7.63 19.34 -57.54
N VAL J 17 6.61 20.12 -57.21
CA VAL J 17 5.45 20.32 -58.07
C VAL J 17 5.76 21.43 -59.06
N VAL J 18 5.61 21.12 -60.35
CA VAL J 18 5.85 22.07 -61.43
C VAL J 18 4.63 22.06 -62.34
N ASP J 19 3.92 23.18 -62.39
CA ASP J 19 2.73 23.30 -63.23
C ASP J 19 3.14 23.62 -64.66
N VAL J 20 2.76 22.75 -65.59
CA VAL J 20 3.08 22.91 -67.00
C VAL J 20 1.81 23.32 -67.73
N GLN J 21 1.86 24.44 -68.45
CA GLN J 21 0.73 24.96 -69.20
C GLN J 21 0.98 24.71 -70.68
N PHE J 22 0.19 23.82 -71.28
CA PHE J 22 0.32 23.50 -72.70
C PHE J 22 -0.42 24.52 -73.55
N GLU J 23 0.22 24.99 -74.62
CA GLU J 23 -0.40 25.96 -75.50
C GLU J 23 -1.42 25.32 -76.44
N GLN J 24 -1.20 24.07 -76.83
CA GLN J 24 -2.10 23.37 -77.73
C GLN J 24 -3.20 22.67 -76.94
N GLY J 25 -4.19 22.15 -77.67
CA GLY J 25 -5.30 21.45 -77.04
C GLY J 25 -5.00 20.02 -76.66
N GLU J 26 -3.94 19.44 -77.20
CA GLU J 26 -3.56 18.06 -76.89
C GLU J 26 -2.68 18.07 -75.65
N LEU J 27 -3.32 17.98 -74.49
CA LEU J 27 -2.61 17.97 -73.22
C LEU J 27 -2.13 16.57 -72.88
N PRO J 28 -1.16 16.46 -71.98
CA PRO J 28 -0.65 15.14 -71.61
C PRO J 28 -1.55 14.46 -70.59
N ALA J 29 -1.46 13.12 -70.58
CA ALA J 29 -2.25 12.31 -69.66
C ALA J 29 -1.55 12.18 -68.32
N ILE J 30 -2.15 11.41 -67.42
CA ILE J 30 -1.59 11.20 -66.09
C ILE J 30 -0.46 10.19 -66.18
N LEU J 31 0.50 10.31 -65.26
CA LEU J 31 1.67 9.42 -65.19
C LEU J 31 2.44 9.41 -66.51
N ASN J 32 2.68 10.61 -67.05
CA ASN J 32 3.40 10.77 -68.30
C ASN J 32 4.73 11.46 -68.05
N ALA J 33 5.79 10.95 -68.67
CA ALA J 33 7.12 11.51 -68.51
C ALA J 33 7.26 12.78 -69.34
N LEU J 34 7.75 13.85 -68.72
CA LEU J 34 7.95 15.13 -69.37
C LEU J 34 9.41 15.52 -69.31
N THR J 35 9.93 16.06 -70.41
CA THR J 35 11.31 16.48 -70.52
C THR J 35 11.42 17.99 -70.30
N ILE J 36 12.58 18.41 -69.80
CA ILE J 36 12.84 19.82 -69.53
C ILE J 36 14.32 20.11 -69.72
N ASP J 37 14.67 20.72 -70.85
CA ASP J 37 16.06 21.03 -71.14
C ASP J 37 16.51 22.23 -70.32
N GLN J 38 17.76 22.18 -69.84
CA GLN J 38 18.32 23.26 -69.04
C GLN J 38 19.73 23.60 -69.50
N GLY J 39 20.69 22.72 -69.21
CA GLY J 39 22.07 22.95 -69.61
C GLY J 39 23.06 22.14 -68.80
N ASN J 40 22.86 20.81 -68.75
CA ASN J 40 23.77 19.97 -67.98
C ASN J 40 23.90 18.57 -68.58
N ASN J 41 23.47 18.35 -69.82
CA ASN J 41 23.55 17.05 -70.48
C ASN J 41 22.81 15.98 -69.68
N GLN J 42 21.64 16.33 -69.16
CA GLN J 42 20.84 15.40 -68.37
C GLN J 42 19.36 15.77 -68.44
N LYS J 43 19.07 17.05 -68.64
CA LYS J 43 17.70 17.58 -68.74
C LYS J 43 16.99 17.26 -67.42
N LEU J 44 15.70 16.91 -67.45
CA LEU J 44 14.97 16.59 -66.24
C LEU J 44 13.82 15.65 -66.59
N VAL J 45 13.32 14.96 -65.58
CA VAL J 45 12.22 14.01 -65.72
C VAL J 45 11.09 14.47 -64.82
N LEU J 46 9.95 14.79 -65.43
CA LEU J 46 8.76 15.25 -64.71
C LEU J 46 7.60 14.32 -65.01
N GLU J 47 6.91 13.88 -63.95
CA GLU J 47 5.78 12.98 -64.07
C GLU J 47 4.49 13.74 -63.77
N VAL J 48 3.52 13.65 -64.68
CA VAL J 48 2.25 14.34 -64.52
C VAL J 48 1.41 13.60 -63.48
N ALA J 49 0.81 14.36 -62.57
CA ALA J 49 -0.02 13.79 -61.51
C ALA J 49 -1.50 14.07 -61.75
N GLN J 50 -1.89 15.33 -61.89
CA GLN J 50 -3.27 15.71 -62.11
C GLN J 50 -3.31 16.90 -63.06
N HIS J 51 -4.53 17.32 -63.42
CA HIS J 51 -4.74 18.44 -64.33
C HIS J 51 -5.57 19.49 -63.60
N LEU J 52 -5.03 20.71 -63.51
CA LEU J 52 -5.73 21.81 -62.86
C LEU J 52 -6.75 22.50 -63.75
N GLY J 53 -6.73 22.23 -65.05
CA GLY J 53 -7.65 22.84 -65.98
C GLY J 53 -7.06 24.04 -66.69
N GLU J 54 -7.84 24.56 -67.64
CA GLU J 54 -7.46 25.73 -68.44
C GLU J 54 -6.14 25.48 -69.18
N ASN J 55 -6.03 24.29 -69.79
CA ASN J 55 -4.84 23.89 -70.54
C ASN J 55 -3.59 23.93 -69.67
N ALA J 56 -3.70 23.36 -68.47
CA ALA J 56 -2.59 23.32 -67.53
C ALA J 56 -2.71 22.08 -66.67
N VAL J 57 -1.61 21.38 -66.48
CA VAL J 57 -1.56 20.16 -65.68
C VAL J 57 -0.39 20.27 -64.71
N ARG J 58 -0.61 19.81 -63.47
CA ARG J 58 0.41 19.85 -62.43
C ARG J 58 1.27 18.60 -62.54
N ALA J 59 2.57 18.79 -62.75
CA ALA J 59 3.52 17.70 -62.88
C ALA J 59 4.44 17.66 -61.65
N ILE J 60 5.05 16.50 -61.46
CA ILE J 60 5.97 16.27 -60.34
C ILE J 60 7.33 15.87 -60.92
N ALA J 61 8.33 16.69 -60.66
CA ALA J 61 9.68 16.42 -61.16
C ALA J 61 10.36 15.36 -60.33
N MET J 62 11.21 14.57 -60.97
CA MET J 62 11.95 13.50 -60.31
C MET J 62 13.36 13.93 -59.92
N ASP J 63 13.66 15.22 -59.95
CA ASP J 63 14.99 15.72 -59.58
C ASP J 63 14.81 17.09 -58.95
N GLY J 64 15.91 17.84 -58.84
CA GLY J 64 15.85 19.17 -58.25
C GLY J 64 15.32 20.19 -59.24
N THR J 65 14.40 21.03 -58.77
CA THR J 65 13.80 22.07 -59.59
C THR J 65 14.47 23.42 -59.42
N GLU J 66 15.69 23.44 -58.90
CA GLU J 66 16.43 24.69 -58.70
C GLU J 66 17.02 25.15 -60.02
N GLY J 67 16.63 26.36 -60.46
CA GLY J 67 17.12 26.93 -61.69
C GLY J 67 16.07 27.07 -62.78
N LEU J 68 14.87 26.54 -62.57
CA LEU J 68 13.82 26.63 -63.57
C LEU J 68 13.09 27.97 -63.45
N VAL J 69 12.97 28.67 -64.57
CA VAL J 69 12.32 29.96 -64.60
C VAL J 69 10.90 29.78 -65.13
N ARG J 70 10.10 30.83 -65.05
CA ARG J 70 8.72 30.80 -65.52
C ARG J 70 8.70 30.99 -67.03
N GLY J 71 8.32 29.94 -67.76
CA GLY J 71 8.26 29.98 -69.20
C GLY J 71 9.23 29.08 -69.93
N GLN J 72 9.78 28.07 -69.27
CA GLN J 72 10.72 27.16 -69.92
C GLN J 72 9.98 26.16 -70.80
N THR J 73 10.72 25.58 -71.74
CA THR J 73 10.16 24.59 -72.66
C THR J 73 10.01 23.25 -71.95
N VAL J 74 8.81 22.69 -72.01
CA VAL J 74 8.50 21.40 -71.39
C VAL J 74 8.00 20.48 -72.49
N VAL J 75 8.85 19.57 -72.94
CA VAL J 75 8.51 18.63 -74.00
C VAL J 75 7.96 17.36 -73.37
N ASP J 76 6.95 16.77 -74.01
CA ASP J 76 6.31 15.55 -73.54
C ASP J 76 6.84 14.36 -74.31
N THR J 77 7.14 13.28 -73.59
CA THR J 77 7.66 12.07 -74.21
C THR J 77 6.56 11.21 -74.83
N GLY J 78 5.30 11.39 -74.40
CA GLY J 78 4.19 10.63 -74.93
C GLY J 78 3.89 9.34 -74.18
N ALA J 79 4.72 8.96 -73.22
CA ALA J 79 4.49 7.74 -72.45
C ALA J 79 4.96 7.92 -71.02
N PRO J 80 5.05 6.85 -70.24
CA PRO J 80 5.51 6.99 -68.85
C PRO J 80 7.02 6.89 -68.73
N ILE J 81 7.51 6.80 -67.50
CA ILE J 81 8.96 6.70 -67.24
C ILE J 81 9.36 5.24 -67.48
N SER J 82 9.94 4.97 -68.64
CA SER J 82 10.37 3.62 -68.99
C SER J 82 11.72 3.31 -68.36
N VAL J 83 11.98 2.02 -68.16
CA VAL J 83 13.24 1.55 -67.57
C VAL J 83 13.70 0.31 -68.30
N PRO J 84 14.97 -0.06 -68.14
CA PRO J 84 15.47 -1.26 -68.82
C PRO J 84 15.09 -2.52 -68.07
N VAL J 85 14.67 -3.53 -68.83
CA VAL J 85 14.27 -4.82 -68.28
C VAL J 85 15.01 -5.92 -69.04
N GLY J 86 14.95 -7.12 -68.48
CA GLY J 86 15.59 -8.27 -69.06
C GLY J 86 16.84 -8.69 -68.30
N ARG J 87 17.73 -9.36 -69.03
CA ARG J 87 18.99 -9.83 -68.45
C ARG J 87 20.08 -8.78 -68.47
N GLY J 88 19.86 -7.64 -69.14
CA GLY J 88 20.87 -6.60 -69.20
C GLY J 88 20.96 -5.74 -67.95
N THR J 89 19.93 -5.76 -67.11
CA THR J 89 19.91 -4.98 -65.89
C THR J 89 20.54 -5.70 -64.70
N LEU J 90 20.97 -6.95 -64.88
CA LEU J 90 21.58 -7.71 -63.80
C LEU J 90 23.03 -7.30 -63.64
N GLY J 91 23.40 -6.88 -62.43
CA GLY J 91 24.76 -6.45 -62.14
C GLY J 91 25.01 -4.97 -62.29
N ARG J 92 24.07 -4.22 -62.86
CA ARG J 92 24.22 -2.79 -63.04
C ARG J 92 23.40 -2.03 -62.00
N ILE J 93 23.81 -0.78 -61.77
CA ILE J 93 23.15 0.10 -60.80
C ILE J 93 22.30 1.09 -61.60
N ILE J 94 20.99 0.84 -61.65
CA ILE J 94 20.08 1.70 -62.37
C ILE J 94 19.49 2.73 -61.42
N ASN J 95 18.83 3.74 -61.96
CA ASN J 95 18.22 4.81 -61.19
C ASN J 95 16.70 4.71 -61.30
N VAL J 96 16.00 5.81 -60.98
CA VAL J 96 14.55 5.82 -61.06
C VAL J 96 14.04 6.02 -62.47
N VAL J 97 14.85 6.60 -63.36
CA VAL J 97 14.46 6.83 -64.74
C VAL J 97 15.04 5.77 -65.68
N GLY J 98 15.66 4.73 -65.13
CA GLY J 98 16.23 3.67 -65.94
C GLY J 98 17.65 3.92 -66.42
N GLU J 99 18.26 5.04 -66.05
CA GLU J 99 19.61 5.33 -66.48
C GLU J 99 20.63 4.64 -65.58
N PRO J 100 21.78 4.25 -66.13
CA PRO J 100 22.79 3.57 -65.32
C PRO J 100 23.61 4.57 -64.52
N ILE J 101 23.88 4.20 -63.27
CA ILE J 101 24.67 5.03 -62.35
C ILE J 101 25.93 4.33 -61.87
N ASP J 102 26.30 3.21 -62.50
CA ASP J 102 27.49 2.46 -62.13
C ASP J 102 28.71 2.81 -62.97
N GLU J 103 28.58 3.78 -63.89
CA GLU J 103 29.68 4.21 -64.75
C GLU J 103 30.25 3.04 -65.54
N ARG J 104 29.35 2.26 -66.17
CA ARG J 104 29.73 1.11 -66.97
C ARG J 104 29.05 1.13 -68.32
N GLY J 105 28.79 2.32 -68.85
CA GLY J 105 28.13 2.46 -70.14
C GLY J 105 26.63 2.32 -70.04
N PRO J 106 25.96 2.31 -71.18
CA PRO J 106 24.49 2.18 -71.19
C PRO J 106 24.04 0.73 -71.14
N ILE J 107 22.81 0.54 -70.65
CA ILE J 107 22.22 -0.78 -70.53
C ILE J 107 21.67 -1.18 -71.90
N GLU J 108 22.29 -2.16 -72.54
CA GLU J 108 21.86 -2.64 -73.86
C GLU J 108 20.71 -3.62 -73.66
N CYS J 109 19.50 -3.06 -73.57
CA CYS J 109 18.29 -3.84 -73.37
C CYS J 109 17.49 -3.90 -74.68
N LYS J 110 16.76 -5.01 -74.86
CA LYS J 110 15.96 -5.17 -76.06
C LYS J 110 14.65 -4.39 -75.97
N GLN J 111 13.97 -4.49 -74.84
CA GLN J 111 12.70 -3.80 -74.62
C GLN J 111 12.80 -2.91 -73.38
N ARG J 112 11.95 -1.90 -73.34
CA ARG J 112 11.91 -0.94 -72.24
C ARG J 112 10.45 -0.83 -71.77
N ASN J 113 10.14 -1.48 -70.64
CA ASN J 113 8.79 -1.43 -70.10
C ASN J 113 8.60 -0.21 -69.21
N PRO J 114 7.37 0.28 -69.08
CA PRO J 114 7.12 1.45 -68.23
C PRO J 114 7.05 1.08 -66.76
N ILE J 115 7.27 2.08 -65.91
CA ILE J 115 7.22 1.87 -64.48
C ILE J 115 5.80 1.80 -63.94
N HIS J 116 4.84 2.41 -64.63
CA HIS J 116 3.44 2.41 -64.22
C HIS J 116 2.70 1.35 -65.02
N ALA J 117 2.25 0.29 -64.32
CA ALA J 117 1.53 -0.80 -64.96
C ALA J 117 0.51 -1.36 -63.98
N ASP J 118 -0.49 -2.04 -64.53
CA ASP J 118 -1.53 -2.64 -63.73
C ASP J 118 -1.04 -3.93 -63.08
N PRO J 119 -1.68 -4.35 -61.98
CA PRO J 119 -1.26 -5.58 -61.30
C PRO J 119 -2.00 -6.78 -61.86
N PRO J 120 -1.85 -7.94 -61.22
CA PRO J 120 -2.55 -9.13 -61.71
C PRO J 120 -4.01 -9.15 -61.29
N SER J 121 -4.81 -9.84 -62.10
CA SER J 121 -6.24 -9.96 -61.84
C SER J 121 -6.51 -11.14 -60.90
N PHE J 122 -7.79 -11.41 -60.67
CA PHE J 122 -8.19 -12.51 -59.79
C PHE J 122 -8.06 -13.87 -60.46
N VAL J 123 -8.09 -13.92 -61.79
CA VAL J 123 -7.98 -15.20 -62.49
C VAL J 123 -6.53 -15.57 -62.79
N GLU J 124 -5.60 -14.62 -62.68
CA GLU J 124 -4.18 -14.88 -62.95
C GLU J 124 -3.37 -15.09 -61.68
N GLN J 125 -4.03 -15.12 -60.51
CA GLN J 125 -3.33 -15.32 -59.26
C GLN J 125 -3.07 -16.80 -59.02
N SER J 126 -2.07 -17.08 -58.18
CA SER J 126 -1.70 -18.46 -57.85
C SER J 126 -1.20 -18.47 -56.41
N THR J 127 -1.94 -19.14 -55.53
CA THR J 127 -1.59 -19.24 -54.13
C THR J 127 -0.90 -20.58 -53.84
N GLU J 128 -0.03 -20.58 -52.84
CA GLU J 128 0.71 -21.78 -52.46
C GLU J 128 0.95 -21.73 -50.95
N ALA J 129 1.65 -22.75 -50.45
CA ALA J 129 1.95 -22.84 -49.03
C ALA J 129 3.33 -23.45 -48.79
N GLU J 130 4.28 -23.16 -49.68
CA GLU J 130 5.63 -23.69 -49.54
C GLU J 130 6.42 -22.86 -48.53
N VAL J 131 6.99 -23.55 -47.54
CA VAL J 131 7.78 -22.87 -46.51
C VAL J 131 9.17 -22.56 -47.05
N LEU J 132 9.73 -21.44 -46.59
CA LEU J 132 11.05 -20.99 -47.01
C LEU J 132 11.95 -20.97 -45.78
N GLU J 133 12.97 -21.83 -45.80
CA GLU J 133 13.92 -21.91 -44.69
C GLU J 133 14.92 -20.76 -44.78
N THR J 134 14.97 -19.95 -43.73
CA THR J 134 15.88 -18.81 -43.67
C THR J 134 17.19 -19.12 -42.94
N GLY J 135 17.12 -19.86 -41.84
CA GLY J 135 18.28 -20.21 -41.06
C GLY J 135 18.25 -19.73 -39.62
N ILE J 136 17.37 -18.79 -39.30
CA ILE J 136 17.28 -18.27 -37.93
C ILE J 136 16.40 -19.19 -37.09
N LYS J 137 16.66 -19.23 -35.79
CA LYS J 137 15.88 -20.07 -34.89
C LYS J 137 14.55 -19.42 -34.54
N VAL J 138 14.48 -18.08 -34.56
CA VAL J 138 13.25 -17.38 -34.23
C VAL J 138 12.33 -17.20 -35.44
N VAL J 139 12.79 -17.54 -36.64
CA VAL J 139 11.97 -17.41 -37.83
C VAL J 139 11.50 -18.75 -38.38
N ASP J 140 12.20 -19.83 -38.08
CA ASP J 140 11.83 -21.16 -38.56
C ASP J 140 10.84 -21.87 -37.64
N LEU J 141 10.54 -21.28 -36.48
CA LEU J 141 9.60 -21.87 -35.52
C LEU J 141 8.41 -20.99 -35.22
N LEU J 142 8.61 -19.68 -35.09
CA LEU J 142 7.52 -18.76 -34.80
C LEU J 142 6.74 -18.43 -36.06
N ALA J 143 7.14 -17.36 -36.76
CA ALA J 143 6.47 -16.94 -37.98
C ALA J 143 7.27 -17.44 -39.18
N PRO J 144 6.88 -18.56 -39.79
CA PRO J 144 7.64 -19.05 -40.96
C PRO J 144 7.25 -18.32 -42.22
N TYR J 145 8.27 -18.00 -43.02
CA TYR J 145 8.04 -17.28 -44.28
C TYR J 145 7.53 -18.23 -45.35
N ALA J 146 6.84 -17.66 -46.32
CA ALA J 146 6.27 -18.41 -47.44
C ALA J 146 7.04 -18.10 -48.72
N ARG J 147 7.17 -19.11 -49.58
CA ARG J 147 7.87 -18.95 -50.84
C ARG J 147 6.97 -18.26 -51.86
N GLY J 148 7.43 -17.13 -52.40
CA GLY J 148 6.66 -16.40 -53.38
C GLY J 148 5.71 -15.38 -52.81
N GLY J 149 5.74 -15.14 -51.50
CA GLY J 149 4.85 -14.18 -50.86
C GLY J 149 5.56 -12.88 -50.51
N LYS J 150 4.90 -12.10 -49.68
CA LYS J 150 5.41 -10.81 -49.22
C LYS J 150 5.82 -10.92 -47.76
N ILE J 151 7.08 -10.61 -47.47
CA ILE J 151 7.62 -10.67 -46.12
C ILE J 151 7.85 -9.24 -45.63
N GLY J 152 7.40 -8.95 -44.42
CA GLY J 152 7.56 -7.63 -43.85
C GLY J 152 8.45 -7.61 -42.62
N LEU J 153 9.48 -6.78 -42.63
CA LEU J 153 10.42 -6.64 -41.53
C LEU J 153 10.18 -5.28 -40.87
N PHE J 154 9.18 -5.23 -40.00
CA PHE J 154 8.84 -4.00 -39.31
C PHE J 154 9.77 -3.77 -38.12
N GLY J 155 9.92 -2.51 -37.74
CA GLY J 155 10.76 -2.16 -36.63
C GLY J 155 11.12 -0.70 -36.66
N GLY J 156 11.64 -0.22 -35.52
CA GLY J 156 12.03 1.17 -35.37
C GLY J 156 13.45 1.42 -35.83
N ALA J 157 13.96 2.60 -35.47
CA ALA J 157 15.31 3.00 -35.82
C ALA J 157 16.28 2.45 -34.79
N GLY J 158 17.32 1.77 -35.27
CA GLY J 158 18.33 1.20 -34.40
C GLY J 158 18.00 -0.16 -33.83
N VAL J 159 16.93 -0.81 -34.31
CA VAL J 159 16.54 -2.11 -33.79
C VAL J 159 17.22 -3.24 -34.56
N GLY J 160 17.13 -3.21 -35.89
CA GLY J 160 17.74 -4.24 -36.72
C GLY J 160 16.98 -4.50 -37.99
N LYS J 161 16.65 -3.44 -38.73
CA LYS J 161 15.91 -3.57 -39.97
C LYS J 161 16.83 -3.81 -41.17
N THR J 162 17.94 -3.08 -41.25
CA THR J 162 18.87 -3.26 -42.37
C THR J 162 19.73 -4.50 -42.19
N VAL J 163 19.98 -4.93 -40.96
CA VAL J 163 20.80 -6.11 -40.73
C VAL J 163 20.00 -7.39 -40.96
N PHE J 164 18.67 -7.31 -40.86
CA PHE J 164 17.85 -8.50 -41.06
C PHE J 164 17.72 -8.84 -42.55
N ILE J 165 17.70 -7.84 -43.42
CA ILE J 165 17.58 -8.10 -44.85
C ILE J 165 18.91 -8.52 -45.44
N GLN J 166 20.02 -8.13 -44.82
CA GLN J 166 21.34 -8.50 -45.35
C GLN J 166 21.71 -9.94 -44.98
N GLU J 167 21.26 -10.42 -43.82
CA GLU J 167 21.58 -11.79 -43.42
C GLU J 167 20.75 -12.82 -44.19
N LEU J 168 19.52 -12.48 -44.55
CA LEU J 168 18.68 -13.42 -45.28
C LEU J 168 19.05 -13.51 -46.75
N ILE J 169 19.64 -12.45 -47.31
CA ILE J 169 20.02 -12.47 -48.72
C ILE J 169 21.32 -13.22 -48.96
N ASN J 170 22.12 -13.43 -47.91
CA ASN J 170 23.39 -14.15 -48.03
C ASN J 170 23.27 -15.64 -47.74
N ASN J 171 22.05 -16.14 -47.50
CA ASN J 171 21.87 -17.56 -47.20
C ASN J 171 20.63 -18.13 -47.88
N ILE J 172 19.95 -17.38 -48.74
CA ILE J 172 18.76 -17.87 -49.42
C ILE J 172 18.80 -17.43 -50.88
N ALA J 173 19.20 -16.18 -51.11
CA ALA J 173 19.27 -15.66 -52.48
C ALA J 173 20.51 -16.12 -53.21
N LYS J 174 21.53 -16.61 -52.50
CA LYS J 174 22.75 -17.08 -53.14
C LYS J 174 22.60 -18.46 -53.75
N ALA J 175 21.58 -19.23 -53.35
CA ALA J 175 21.35 -20.57 -53.87
C ALA J 175 19.88 -20.75 -54.27
N HIS J 176 19.22 -19.67 -54.69
CA HIS J 176 17.82 -19.74 -55.08
C HIS J 176 17.64 -20.18 -56.52
N GLY J 177 18.58 -19.86 -57.40
CA GLY J 177 18.48 -20.24 -58.79
C GLY J 177 18.01 -19.13 -59.69
N GLY J 178 17.03 -18.34 -59.22
CA GLY J 178 16.50 -17.24 -59.98
C GLY J 178 17.28 -15.95 -59.78
N PHE J 179 16.79 -14.90 -60.41
CA PHE J 179 17.41 -13.58 -60.32
C PHE J 179 16.87 -12.80 -59.13
N SER J 180 17.69 -11.89 -58.62
CA SER J 180 17.34 -11.04 -57.49
C SER J 180 17.02 -9.63 -57.96
N VAL J 181 16.43 -8.86 -57.05
CA VAL J 181 16.06 -7.48 -57.35
C VAL J 181 16.16 -6.65 -56.07
N PHE J 182 17.33 -6.07 -55.81
CA PHE J 182 17.57 -5.25 -54.63
C PHE J 182 17.33 -3.80 -55.01
N THR J 183 16.12 -3.31 -54.75
CA THR J 183 15.73 -1.93 -55.06
C THR J 183 15.61 -1.17 -53.75
N GLY J 184 16.65 -0.39 -53.43
CA GLY J 184 16.66 0.39 -52.20
C GLY J 184 16.03 1.76 -52.36
N VAL J 185 15.03 2.06 -51.53
CA VAL J 185 14.33 3.34 -51.56
C VAL J 185 14.44 3.97 -50.18
N GLY J 186 14.97 5.19 -50.12
CA GLY J 186 15.13 5.88 -48.86
C GLY J 186 16.23 5.34 -47.98
N GLU J 187 17.28 4.77 -48.57
CA GLU J 187 18.39 4.22 -47.81
C GLU J 187 19.43 5.31 -47.57
N ARG J 188 20.59 4.92 -47.04
CA ARG J 188 21.66 5.86 -46.77
C ARG J 188 22.67 5.87 -47.92
N THR J 189 23.61 6.81 -47.84
CA THR J 189 24.63 6.93 -48.88
C THR J 189 25.69 5.86 -48.75
N ARG J 190 26.03 5.49 -47.51
CA ARG J 190 27.05 4.47 -47.28
C ARG J 190 26.50 3.05 -47.41
N GLU J 191 25.18 2.88 -47.35
CA GLU J 191 24.59 1.55 -47.47
C GLU J 191 24.57 1.06 -48.92
N GLY J 192 24.48 1.99 -49.88
CA GLY J 192 24.45 1.61 -51.28
C GLY J 192 25.80 1.17 -51.81
N ASN J 193 26.86 1.83 -51.36
CA ASN J 193 28.21 1.47 -51.81
C ASN J 193 28.73 0.22 -51.12
N ASP J 194 28.30 -0.03 -49.89
CA ASP J 194 28.76 -1.22 -49.17
C ASP J 194 28.06 -2.49 -49.64
N LEU J 195 26.84 -2.37 -50.15
CA LEU J 195 26.11 -3.54 -50.63
C LEU J 195 26.62 -4.02 -51.98
N TYR J 196 27.12 -3.12 -52.82
CA TYR J 196 27.63 -3.51 -54.13
C TYR J 196 29.01 -4.13 -54.05
N ARG J 197 29.83 -3.71 -53.07
CA ARG J 197 31.17 -4.26 -52.93
C ARG J 197 31.16 -5.63 -52.27
N GLU J 198 30.19 -5.89 -51.39
CA GLU J 198 30.12 -7.19 -50.73
C GLU J 198 29.55 -8.27 -51.63
N MET J 199 28.65 -7.91 -52.55
CA MET J 199 28.06 -8.88 -53.46
C MET J 199 28.98 -9.24 -54.61
N LYS J 200 29.96 -8.40 -54.92
CA LYS J 200 30.89 -8.71 -56.01
C LYS J 200 31.95 -9.71 -55.60
N GLU J 201 32.34 -9.72 -54.33
CA GLU J 201 33.35 -10.65 -53.83
C GLU J 201 32.79 -12.01 -53.46
N THR J 202 31.46 -12.17 -53.46
CA THR J 202 30.83 -13.43 -53.11
C THR J 202 30.28 -14.19 -54.31
N GLY J 203 30.12 -13.52 -55.46
CA GLY J 203 29.61 -14.17 -56.65
C GLY J 203 28.19 -13.80 -57.01
N VAL J 204 27.62 -12.75 -56.43
CA VAL J 204 26.26 -12.35 -56.75
C VAL J 204 26.22 -11.48 -57.98
N ILE J 205 27.06 -10.44 -58.02
CA ILE J 205 27.14 -9.51 -59.14
C ILE J 205 28.53 -9.62 -59.74
N ASN J 206 28.60 -10.04 -61.00
CA ASN J 206 29.86 -10.20 -61.72
C ASN J 206 29.91 -9.17 -62.84
N LEU J 207 30.92 -8.28 -62.78
CA LEU J 207 31.06 -7.25 -63.81
C LEU J 207 31.67 -7.81 -65.09
N GLU J 208 32.45 -8.88 -65.00
CA GLU J 208 33.07 -9.50 -66.17
C GLU J 208 32.48 -10.88 -66.47
N GLY J 209 31.39 -11.26 -65.81
CA GLY J 209 30.80 -12.56 -66.04
C GLY J 209 29.28 -12.52 -66.07
N GLU J 210 28.65 -13.50 -65.43
CA GLU J 210 27.19 -13.59 -65.36
C GLU J 210 26.72 -13.14 -63.98
N SER J 211 25.70 -12.29 -63.96
CA SER J 211 25.14 -11.77 -62.72
C SER J 211 23.69 -12.24 -62.58
N LYS J 212 23.17 -12.08 -61.36
CA LYS J 212 21.79 -12.49 -61.08
C LYS J 212 21.15 -11.63 -59.99
N VAL J 213 21.49 -10.34 -59.94
CA VAL J 213 20.93 -9.43 -58.94
C VAL J 213 20.86 -8.03 -59.53
N ALA J 214 19.64 -7.49 -59.60
CA ALA J 214 19.43 -6.16 -60.15
C ALA J 214 19.47 -5.13 -59.03
N LEU J 215 20.33 -4.12 -59.19
CA LEU J 215 20.49 -3.05 -58.22
C LEU J 215 19.82 -1.79 -58.74
N VAL J 216 19.08 -1.11 -57.86
CA VAL J 216 18.38 0.13 -58.21
C VAL J 216 18.76 1.19 -57.19
N PHE J 217 19.28 2.31 -57.68
CA PHE J 217 19.68 3.40 -56.80
C PHE J 217 18.46 4.22 -56.37
N GLY J 218 18.67 5.07 -55.37
CA GLY J 218 17.60 5.91 -54.86
C GLY J 218 17.62 6.04 -53.35
N GLN J 219 18.59 6.79 -52.83
CA GLN J 219 18.72 7.00 -51.39
C GLN J 219 17.88 8.20 -50.97
N MET J 220 18.12 8.70 -49.76
CA MET J 220 17.38 9.85 -49.24
C MET J 220 18.02 11.18 -49.62
N ASN J 221 19.10 11.17 -50.39
CA ASN J 221 19.77 12.40 -50.79
C ASN J 221 19.13 13.06 -52.02
N GLU J 222 18.16 12.41 -52.65
CA GLU J 222 17.50 12.97 -53.83
C GLU J 222 16.28 13.77 -53.41
N PRO J 223 15.43 14.16 -54.34
CA PRO J 223 14.23 14.94 -53.99
C PRO J 223 13.07 14.02 -53.67
N PRO J 224 11.84 14.56 -53.57
CA PRO J 224 10.69 13.72 -53.26
C PRO J 224 10.17 12.93 -54.44
N GLY J 225 10.42 13.38 -55.67
CA GLY J 225 9.93 12.66 -56.84
C GLY J 225 10.71 11.41 -57.15
N ALA J 226 12.00 11.39 -56.82
CA ALA J 226 12.82 10.21 -57.11
C ALA J 226 12.63 9.12 -56.06
N ARG J 227 12.31 9.50 -54.82
CA ARG J 227 12.12 8.50 -53.77
C ARG J 227 10.79 7.77 -53.92
N ALA J 228 9.75 8.48 -54.38
CA ALA J 228 8.46 7.83 -54.56
C ALA J 228 8.42 6.97 -55.81
N ARG J 229 9.22 7.31 -56.81
CA ARG J 229 9.27 6.55 -58.06
C ARG J 229 10.36 5.48 -58.05
N VAL J 230 11.04 5.29 -56.93
CA VAL J 230 12.09 4.26 -56.87
C VAL J 230 11.48 2.87 -56.73
N ALA J 231 10.28 2.77 -56.16
CA ALA J 231 9.65 1.46 -56.00
C ALA J 231 9.05 0.96 -57.31
N LEU J 232 8.62 1.85 -58.19
CA LEU J 232 8.04 1.44 -59.45
C LEU J 232 9.10 1.03 -60.47
N THR J 233 10.31 1.57 -60.34
CA THR J 233 11.38 1.22 -61.28
C THR J 233 11.98 -0.14 -60.96
N GLY J 234 12.11 -0.47 -59.67
CA GLY J 234 12.66 -1.76 -59.30
C GLY J 234 11.70 -2.92 -59.47
N LEU J 235 10.40 -2.66 -59.36
CA LEU J 235 9.41 -3.70 -59.51
C LEU J 235 9.13 -4.05 -60.96
N THR J 236 9.49 -3.17 -61.90
CA THR J 236 9.25 -3.46 -63.31
C THR J 236 10.25 -4.46 -63.86
N ILE J 237 11.47 -4.49 -63.32
CA ILE J 237 12.47 -5.44 -63.80
C ILE J 237 12.21 -6.83 -63.25
N ALA J 238 11.68 -6.95 -62.04
CA ALA J 238 11.41 -8.25 -61.45
C ALA J 238 10.14 -8.87 -62.01
N GLU J 239 9.21 -8.05 -62.50
CA GLU J 239 7.96 -8.58 -63.05
C GLU J 239 8.16 -9.17 -64.44
N TYR J 240 9.15 -8.67 -65.19
CA TYR J 240 9.40 -9.19 -66.53
C TYR J 240 10.08 -10.55 -66.51
N PHE J 241 10.84 -10.84 -65.45
CA PHE J 241 11.54 -12.13 -65.35
C PHE J 241 10.62 -13.26 -64.88
N ARG J 242 9.46 -12.93 -64.32
CA ARG J 242 8.52 -13.94 -63.86
C ARG J 242 7.34 -14.16 -64.80
N ASP J 243 7.05 -13.20 -65.67
CA ASP J 243 5.94 -13.31 -66.62
C ASP J 243 6.41 -13.65 -68.03
N GLU J 244 7.41 -12.94 -68.53
CA GLU J 244 7.92 -13.22 -69.88
C GLU J 244 8.92 -14.37 -69.90
N GLU J 245 9.60 -14.61 -68.77
CA GLU J 245 10.58 -15.68 -68.67
C GLU J 245 10.17 -16.81 -67.75
N GLY J 246 9.40 -16.51 -66.70
CA GLY J 246 8.96 -17.54 -65.77
C GLY J 246 10.04 -17.97 -64.81
N GLN J 247 10.48 -17.04 -63.96
CA GLN J 247 11.53 -17.32 -62.97
C GLN J 247 11.10 -16.78 -61.62
N ASP J 248 11.55 -17.45 -60.56
CA ASP J 248 11.22 -17.07 -59.19
C ASP J 248 12.12 -15.89 -58.80
N VAL J 249 11.60 -14.68 -59.00
CA VAL J 249 12.36 -13.48 -58.66
C VAL J 249 12.27 -13.22 -57.16
N LEU J 250 13.23 -12.44 -56.67
CA LEU J 250 13.30 -12.08 -55.25
C LEU J 250 13.44 -10.57 -55.15
N LEU J 251 12.36 -9.90 -54.75
CA LEU J 251 12.35 -8.46 -54.60
C LEU J 251 12.71 -8.09 -53.18
N PHE J 252 13.77 -7.29 -53.02
CA PHE J 252 14.26 -6.85 -51.71
C PHE J 252 14.21 -5.32 -51.68
N VAL J 253 13.27 -4.77 -50.91
CA VAL J 253 13.09 -3.34 -50.78
C VAL J 253 13.60 -2.92 -49.40
N ASP J 254 14.38 -1.83 -49.36
CA ASP J 254 14.92 -1.33 -48.10
C ASP J 254 15.05 0.19 -48.23
N ASN J 255 14.09 0.92 -47.67
CA ASN J 255 12.97 0.32 -46.95
C ASN J 255 11.66 0.55 -47.69
N ILE J 256 10.62 -0.20 -47.28
CA ILE J 256 9.32 -0.06 -47.92
C ILE J 256 8.53 1.13 -47.38
N PHE J 257 8.92 1.66 -46.21
CA PHE J 257 8.22 2.80 -45.63
C PHE J 257 8.58 4.12 -46.27
N ARG J 258 9.62 4.16 -47.10
CA ARG J 258 10.02 5.39 -47.75
C ARG J 258 9.13 5.75 -48.94
N PHE J 259 8.35 4.79 -49.45
CA PHE J 259 7.48 5.08 -50.58
C PHE J 259 6.27 5.90 -50.15
N THR J 260 5.74 5.64 -48.95
CA THR J 260 4.59 6.39 -48.46
C THR J 260 4.99 7.72 -47.85
N GLN J 261 6.20 7.81 -47.31
CA GLN J 261 6.66 9.06 -46.69
C GLN J 261 7.07 10.08 -47.73
N ALA J 262 7.49 9.64 -48.92
CA ALA J 262 7.90 10.58 -49.95
C ALA J 262 6.70 11.24 -50.62
N GLY J 263 5.57 10.52 -50.72
CA GLY J 263 4.39 11.08 -51.33
C GLY J 263 3.60 12.00 -50.44
N SER J 264 3.84 11.96 -49.12
CA SER J 264 3.12 12.83 -48.21
C SER J 264 3.65 14.25 -48.21
N GLU J 265 4.94 14.42 -48.52
CA GLU J 265 5.53 15.75 -48.55
C GLU J 265 5.15 16.55 -49.79
N VAL J 266 4.79 15.87 -50.88
CA VAL J 266 4.41 16.53 -52.12
C VAL J 266 2.90 16.56 -52.32
N SER J 267 2.13 15.98 -51.41
CA SER J 267 0.67 15.96 -51.53
C SER J 267 0.04 17.28 -51.10
N ALA J 268 0.73 18.07 -50.28
CA ALA J 268 0.18 19.35 -49.84
C ALA J 268 0.27 20.43 -50.91
N LEU J 269 1.18 20.30 -51.87
CA LEU J 269 1.33 21.28 -52.94
C LEU J 269 0.53 20.93 -54.18
N LEU J 270 -0.11 19.77 -54.21
CA LEU J 270 -0.90 19.35 -55.36
C LEU J 270 -2.39 19.64 -55.20
N GLY J 271 -2.82 20.12 -54.02
CA GLY J 271 -4.20 20.44 -53.76
C GLY J 271 -4.92 19.47 -52.85
N ARG J 272 -4.28 18.36 -52.49
CA ARG J 272 -4.91 17.38 -51.61
C ARG J 272 -4.84 17.84 -50.15
N ILE J 273 -5.86 17.49 -49.40
CA ILE J 273 -5.95 17.85 -47.98
C ILE J 273 -5.16 16.83 -47.17
N PRO J 274 -4.71 17.18 -45.97
CA PRO J 274 -3.95 16.22 -45.16
C PRO J 274 -4.85 15.21 -44.47
N SER J 275 -4.29 14.04 -44.21
CA SER J 275 -5.02 12.96 -43.56
C SER J 275 -4.58 12.80 -42.12
N ALA J 276 -4.43 11.56 -41.67
CA ALA J 276 -4.02 11.29 -40.29
C ALA J 276 -2.51 11.51 -40.14
N VAL J 277 -2.14 12.25 -39.09
CA VAL J 277 -0.74 12.56 -38.77
C VAL J 277 -0.08 13.26 -39.95
N GLY J 278 -0.84 14.11 -40.64
CA GLY J 278 -0.29 14.86 -41.76
C GLY J 278 0.10 14.01 -42.94
N TYR J 279 -0.70 13.01 -43.29
CA TYR J 279 -0.42 12.14 -44.42
C TYR J 279 -1.34 12.47 -45.59
N GLN J 280 -1.15 11.77 -46.70
CA GLN J 280 -1.96 11.98 -47.89
C GLN J 280 -3.29 11.25 -47.75
N PRO J 281 -4.31 11.71 -48.50
CA PRO J 281 -5.62 11.03 -48.40
C PRO J 281 -5.65 9.70 -49.12
N THR J 282 -4.83 9.51 -50.14
CA THR J 282 -4.80 8.26 -50.91
C THR J 282 -3.69 7.34 -50.40
N LEU J 283 -3.71 7.05 -49.10
CA LEU J 283 -2.70 6.17 -48.52
C LEU J 283 -2.97 4.71 -48.85
N ALA J 284 -4.22 4.26 -48.74
CA ALA J 284 -4.57 2.89 -49.04
C ALA J 284 -4.65 2.61 -50.54
N THR J 285 -4.83 3.64 -51.36
CA THR J 285 -4.91 3.44 -52.80
C THR J 285 -3.53 3.38 -53.45
N ASP J 286 -2.59 4.18 -52.96
CA ASP J 286 -1.24 4.17 -53.52
C ASP J 286 -0.44 2.96 -53.07
N MET J 287 -0.63 2.51 -51.83
CA MET J 287 0.12 1.36 -51.33
CA MET J 287 0.12 1.36 -51.33
C MET J 287 -0.45 0.05 -51.86
N GLY J 288 -1.74 0.01 -52.19
CA GLY J 288 -2.33 -1.21 -52.72
C GLY J 288 -2.04 -1.45 -54.18
N LEU J 289 -1.74 -0.39 -54.94
CA LEU J 289 -1.45 -0.54 -56.36
C LEU J 289 -0.05 -1.08 -56.62
N LEU J 290 0.88 -0.87 -55.70
CA LEU J 290 2.26 -1.36 -55.86
C LEU J 290 2.51 -2.68 -55.17
N GLN J 291 1.78 -2.99 -54.11
CA GLN J 291 1.97 -4.26 -53.39
C GLN J 291 1.27 -5.42 -54.07
N GLU J 292 0.22 -5.15 -54.86
CA GLU J 292 -0.50 -6.23 -55.54
C GLU J 292 0.24 -6.74 -56.77
N ARG J 293 1.12 -5.92 -57.36
CA ARG J 293 1.86 -6.35 -58.54
C ARG J 293 3.09 -7.18 -58.20
N ILE J 294 3.51 -7.19 -56.93
CA ILE J 294 4.67 -7.97 -56.52
C ILE J 294 4.21 -9.24 -55.83
N THR J 295 3.34 -10.00 -56.51
CA THR J 295 2.80 -11.25 -55.99
C THR J 295 3.14 -12.40 -56.95
N THR J 296 2.74 -13.60 -56.56
CA THR J 296 2.98 -14.80 -57.37
C THR J 296 1.82 -15.03 -58.31
N THR J 297 2.12 -15.19 -59.60
CA THR J 297 1.12 -15.44 -60.63
C THR J 297 1.25 -16.86 -61.16
N ARG J 298 0.55 -17.13 -62.25
CA ARG J 298 0.59 -18.46 -62.87
C ARG J 298 1.84 -18.70 -63.69
N LYS J 299 2.52 -17.64 -64.13
CA LYS J 299 3.73 -17.77 -64.91
C LYS J 299 4.99 -17.85 -64.05
N GLY J 300 4.99 -17.20 -62.89
CA GLY J 300 6.15 -17.22 -62.03
C GLY J 300 5.83 -16.63 -60.68
N SER J 301 6.70 -16.91 -59.72
CA SER J 301 6.56 -16.43 -58.35
C SER J 301 7.45 -15.21 -58.12
N VAL J 302 7.19 -14.53 -57.01
CA VAL J 302 7.95 -13.34 -56.64
C VAL J 302 7.99 -13.22 -55.12
N THR J 303 9.11 -13.63 -54.53
CA THR J 303 9.28 -13.59 -53.08
C THR J 303 9.69 -12.17 -52.69
N SER J 304 8.75 -11.42 -52.13
CA SER J 304 8.99 -10.05 -51.70
C SER J 304 9.50 -10.04 -50.27
N VAL J 305 10.70 -9.48 -50.07
CA VAL J 305 11.30 -9.41 -48.75
C VAL J 305 11.59 -7.95 -48.40
N GLN J 306 10.55 -7.15 -48.25
CA GLN J 306 10.70 -5.74 -47.94
C GLN J 306 10.80 -5.55 -46.42
N ALA J 307 11.12 -4.32 -46.02
CA ALA J 307 11.26 -3.96 -44.62
C ALA J 307 10.54 -2.65 -44.37
N VAL J 308 9.75 -2.60 -43.30
CA VAL J 308 8.99 -1.42 -42.93
C VAL J 308 9.69 -0.72 -41.77
N TYR J 309 9.52 0.59 -41.69
CA TYR J 309 10.11 1.42 -40.64
C TYR J 309 9.00 1.97 -39.76
N VAL J 310 9.12 1.74 -38.46
CA VAL J 310 8.11 2.22 -37.52
C VAL J 310 8.30 3.72 -37.30
N PRO J 311 7.24 4.52 -37.31
CA PRO J 311 7.38 5.97 -37.11
C PRO J 311 7.53 6.30 -35.63
N ALA J 312 8.78 6.57 -35.22
CA ALA J 312 9.11 6.90 -33.82
C ALA J 312 8.63 5.81 -32.87
N ASP J 313 8.86 4.55 -33.26
CA ASP J 313 8.48 3.39 -32.46
C ASP J 313 6.98 3.40 -32.15
N ASP J 314 6.19 3.26 -33.23
CA ASP J 314 4.74 3.25 -33.11
C ASP J 314 4.17 2.41 -34.26
N LEU J 315 3.48 1.33 -33.91
CA LEU J 315 2.90 0.44 -34.90
C LEU J 315 1.48 0.85 -35.31
N THR J 316 0.91 1.88 -34.67
CA THR J 316 -0.42 2.35 -34.98
C THR J 316 -0.41 3.56 -35.91
N ASP J 317 0.65 3.75 -36.66
CA ASP J 317 0.77 4.87 -37.59
C ASP J 317 0.04 4.55 -38.89
N PRO J 318 -0.11 5.55 -39.77
CA PRO J 318 -0.79 5.31 -41.05
C PRO J 318 0.08 4.65 -42.10
N ALA J 319 1.39 4.59 -41.90
CA ALA J 319 2.29 3.98 -42.87
C ALA J 319 2.73 2.60 -42.37
N PRO J 320 2.41 2.24 -41.13
CA PRO J 320 2.83 0.92 -40.62
C PRO J 320 1.66 -0.05 -40.53
N ALA J 321 0.49 0.45 -40.13
CA ALA J 321 -0.68 -0.39 -40.01
C ALA J 321 -1.33 -0.71 -41.35
N THR J 322 -1.13 0.14 -42.36
CA THR J 322 -1.71 -0.09 -43.68
C THR J 322 -0.93 -1.11 -44.50
N THR J 323 0.33 -1.36 -44.15
CA THR J 323 1.15 -2.32 -44.87
C THR J 323 1.11 -3.71 -44.27
N PHE J 324 0.41 -3.90 -43.15
CA PHE J 324 0.32 -5.21 -42.51
C PHE J 324 -0.74 -6.11 -43.12
N ALA J 325 -1.62 -5.56 -43.95
CA ALA J 325 -2.68 -6.33 -44.59
C ALA J 325 -2.31 -6.79 -46.00
N HIS J 326 -1.06 -6.60 -46.40
CA HIS J 326 -0.59 -7.00 -47.73
C HIS J 326 0.68 -7.82 -47.64
N LEU J 327 0.89 -8.51 -46.52
CA LEU J 327 2.07 -9.33 -46.31
C LEU J 327 1.67 -10.66 -45.68
N ASP J 328 2.26 -11.74 -46.16
CA ASP J 328 1.94 -13.06 -45.62
C ASP J 328 2.63 -13.31 -44.29
N ALA J 329 3.89 -12.89 -44.16
CA ALA J 329 4.65 -13.06 -42.93
C ALA J 329 5.18 -11.71 -42.48
N THR J 330 5.05 -11.43 -41.18
CA THR J 330 5.50 -10.18 -40.59
C THR J 330 6.56 -10.47 -39.54
N THR J 331 7.58 -9.61 -39.49
CA THR J 331 8.69 -9.73 -38.55
C THR J 331 8.87 -8.37 -37.86
N VAL J 332 8.12 -8.16 -36.79
CA VAL J 332 8.20 -6.90 -36.05
C VAL J 332 9.41 -6.94 -35.13
N LEU J 333 10.16 -5.84 -35.10
CA LEU J 333 11.36 -5.72 -34.27
C LEU J 333 11.10 -4.67 -33.20
N SER J 334 10.94 -5.11 -31.96
CA SER J 334 10.68 -4.20 -30.86
C SER J 334 11.98 -3.56 -30.37
N ARG J 335 11.87 -2.32 -29.90
CA ARG J 335 13.04 -1.59 -29.40
C ARG J 335 13.40 -1.97 -27.98
N GLY J 336 12.49 -2.60 -27.23
CA GLY J 336 12.80 -2.97 -25.87
C GLY J 336 13.64 -4.22 -25.75
N ILE J 337 13.52 -5.14 -26.72
CA ILE J 337 14.30 -6.37 -26.68
C ILE J 337 15.70 -6.19 -27.27
N SER J 338 15.93 -5.11 -28.01
CA SER J 338 17.25 -4.88 -28.60
C SER J 338 18.25 -4.37 -27.58
N GLU J 339 17.79 -3.74 -26.50
CA GLU J 339 18.67 -3.22 -25.47
C GLU J 339 19.04 -4.27 -24.43
N LEU J 340 18.39 -5.43 -24.43
CA LEU J 340 18.69 -6.47 -23.47
C LEU J 340 19.83 -7.37 -23.91
N GLY J 341 19.98 -7.60 -25.21
CA GLY J 341 21.05 -8.45 -25.71
C GLY J 341 20.58 -9.46 -26.73
N ILE J 342 19.32 -9.33 -27.17
CA ILE J 342 18.76 -10.25 -28.15
C ILE J 342 19.26 -9.86 -29.53
N TYR J 343 19.86 -10.81 -30.25
CA TYR J 343 20.39 -10.58 -31.59
C TYR J 343 19.73 -11.54 -32.57
N PRO J 344 18.69 -11.13 -33.29
CA PRO J 344 18.12 -9.78 -33.20
C PRO J 344 16.96 -9.69 -32.21
N ALA J 345 16.22 -8.58 -32.24
CA ALA J 345 15.08 -8.37 -31.35
C ALA J 345 13.81 -8.87 -32.02
N VAL J 346 13.74 -10.20 -32.14
CA VAL J 346 12.58 -10.85 -32.77
C VAL J 346 11.49 -10.97 -31.72
N ASP J 347 10.42 -10.19 -31.89
CA ASP J 347 9.30 -10.21 -30.96
C ASP J 347 8.43 -11.44 -31.22
N PRO J 348 8.36 -12.40 -30.30
CA PRO J 348 7.53 -13.59 -30.54
C PRO J 348 6.05 -13.36 -30.33
N LEU J 349 5.67 -12.32 -29.58
CA LEU J 349 4.27 -12.02 -29.32
C LEU J 349 3.65 -11.09 -30.36
N ASP J 350 4.43 -10.63 -31.33
CA ASP J 350 3.92 -9.75 -32.37
C ASP J 350 4.15 -10.26 -33.79
N SER J 351 5.14 -11.12 -34.03
CA SER J 351 5.40 -11.64 -35.37
C SER J 351 4.47 -12.81 -35.65
N LYS J 352 3.69 -12.71 -36.71
CA LYS J 352 2.76 -13.74 -37.11
C LYS J 352 2.89 -14.01 -38.60
N SER J 353 2.41 -15.18 -39.03
CA SER J 353 2.47 -15.57 -40.43
C SER J 353 1.28 -16.48 -40.73
N ARG J 354 1.04 -16.70 -42.03
CA ARG J 354 -0.04 -17.54 -42.48
C ARG J 354 0.36 -19.01 -42.64
N LEU J 355 1.65 -19.31 -42.61
CA LEU J 355 2.12 -20.68 -42.74
C LEU J 355 2.32 -21.39 -41.41
N LEU J 356 1.91 -20.76 -40.30
CA LEU J 356 2.05 -21.35 -38.97
C LEU J 356 0.81 -22.20 -38.69
N ASP J 357 0.80 -23.39 -39.27
CA ASP J 357 -0.30 -24.32 -39.10
C ASP J 357 0.25 -25.74 -39.04
N VAL J 358 -0.64 -26.70 -38.73
CA VAL J 358 -0.25 -28.10 -38.65
C VAL J 358 -0.36 -28.82 -39.99
N SER J 359 -0.92 -28.20 -41.01
CA SER J 359 -1.06 -28.80 -42.32
C SER J 359 0.08 -28.45 -43.27
N VAL J 360 0.96 -27.53 -42.88
CA VAL J 360 2.09 -27.12 -43.70
C VAL J 360 3.42 -27.41 -43.02
N VAL J 361 3.49 -27.27 -41.70
CA VAL J 361 4.72 -27.54 -40.96
C VAL J 361 4.69 -28.89 -40.23
N GLY J 362 3.55 -29.54 -40.16
CA GLY J 362 3.42 -30.82 -39.50
C GLY J 362 2.88 -30.69 -38.08
N GLN J 363 2.57 -31.85 -37.49
CA GLN J 363 2.03 -31.88 -36.14
C GLN J 363 3.13 -31.67 -35.09
N GLU J 364 4.37 -32.01 -35.42
CA GLU J 364 5.46 -31.83 -34.47
C GLU J 364 5.89 -30.36 -34.37
N HIS J 365 5.93 -29.66 -35.49
CA HIS J 365 6.32 -28.26 -35.48
C HIS J 365 5.20 -27.36 -34.98
N TYR J 366 3.94 -27.81 -35.07
CA TYR J 366 2.83 -26.99 -34.60
C TYR J 366 2.72 -27.01 -33.08
N ASP J 367 3.07 -28.12 -32.45
CA ASP J 367 2.99 -28.21 -31.00
C ASP J 367 4.13 -27.47 -30.31
N VAL J 368 5.29 -27.39 -30.96
CA VAL J 368 6.42 -26.69 -30.35
C VAL J 368 6.24 -25.18 -30.44
N ALA J 369 5.56 -24.69 -31.49
CA ALA J 369 5.34 -23.26 -31.63
C ALA J 369 4.29 -22.76 -30.63
N THR J 370 3.29 -23.59 -30.34
CA THR J 370 2.26 -23.19 -29.39
C THR J 370 2.75 -23.26 -27.95
N GLY J 371 3.65 -24.20 -27.66
CA GLY J 371 4.17 -24.32 -26.30
C GLY J 371 5.19 -23.24 -25.96
N VAL J 372 5.97 -22.79 -26.94
CA VAL J 372 6.96 -21.74 -26.67
C VAL J 372 6.29 -20.38 -26.55
N GLN J 373 5.22 -20.14 -27.29
CA GLN J 373 4.53 -18.86 -27.22
C GLN J 373 3.67 -18.75 -25.96
N GLN J 374 3.22 -19.87 -25.41
CA GLN J 374 2.40 -19.83 -24.20
C GLN J 374 3.24 -19.55 -22.97
N THR J 375 4.51 -19.97 -22.97
CA THR J 375 5.37 -19.72 -21.82
C THR J 375 5.85 -18.27 -21.78
N LEU J 376 6.05 -17.65 -22.94
CA LEU J 376 6.50 -16.26 -22.98
C LEU J 376 5.37 -15.29 -22.67
N GLN J 377 4.12 -15.69 -22.94
CA GLN J 377 2.99 -14.80 -22.66
C GLN J 377 2.65 -14.78 -21.18
N ALA J 378 2.94 -15.86 -20.46
CA ALA J 378 2.64 -15.89 -19.03
C ALA J 378 3.66 -15.09 -18.22
N TYR J 379 4.91 -15.05 -18.67
CA TYR J 379 5.94 -14.30 -17.95
C TYR J 379 5.85 -12.81 -18.23
N LYS J 380 5.34 -12.42 -19.40
CA LYS J 380 5.22 -11.00 -19.73
C LYS J 380 4.03 -10.35 -19.03
N SER J 381 2.96 -11.09 -18.81
CA SER J 381 1.79 -10.52 -18.13
C SER J 381 2.03 -10.38 -16.63
N LEU J 382 2.90 -11.20 -16.06
CA LEU J 382 3.21 -11.15 -14.63
C LEU J 382 4.47 -10.34 -14.33
N GLN J 383 4.87 -9.46 -15.24
CA GLN J 383 6.07 -8.65 -15.02
C GLN J 383 5.82 -7.51 -14.03
N ASP J 384 4.56 -7.13 -13.81
CA ASP J 384 4.27 -6.06 -12.86
C ASP J 384 4.49 -6.48 -11.42
N ILE J 385 4.49 -7.78 -11.14
CA ILE J 385 4.71 -8.28 -9.78
C ILE J 385 6.17 -8.70 -9.64
N ILE J 386 6.82 -8.97 -10.78
CA ILE J 386 8.21 -9.38 -10.74
C ILE J 386 9.14 -8.17 -10.59
N ALA J 387 8.76 -7.02 -11.15
CA ALA J 387 9.57 -5.82 -11.06
C ALA J 387 9.24 -4.97 -9.83
N ILE J 388 8.15 -5.25 -9.14
CA ILE J 388 7.73 -4.51 -7.95
C ILE J 388 7.97 -5.33 -6.69
N LEU J 389 7.28 -6.46 -6.55
CA LEU J 389 7.45 -7.30 -5.37
C LEU J 389 8.71 -8.15 -5.47
N GLY J 390 8.97 -8.71 -6.65
CA GLY J 390 10.14 -9.54 -6.87
C GLY J 390 9.75 -10.92 -7.37
N MET J 391 10.77 -11.74 -7.59
CA MET J 391 10.57 -13.10 -8.07
C MET J 391 10.22 -14.08 -6.95
N ASP J 392 10.34 -13.67 -5.70
CA ASP J 392 10.02 -14.54 -4.58
C ASP J 392 8.54 -14.55 -4.23
N GLU J 393 7.74 -13.68 -4.83
CA GLU J 393 6.31 -13.63 -4.57
C GLU J 393 5.52 -14.64 -5.39
N LEU J 394 6.17 -15.38 -6.28
CA LEU J 394 5.47 -16.36 -7.09
C LEU J 394 5.29 -17.67 -6.31
N SER J 395 4.54 -18.58 -6.91
CA SER J 395 4.26 -19.88 -6.31
C SER J 395 5.23 -20.92 -6.87
N GLU J 396 4.88 -22.20 -6.74
CA GLU J 396 5.75 -23.26 -7.23
C GLU J 396 5.61 -23.45 -8.75
N GLN J 397 4.39 -23.29 -9.26
CA GLN J 397 4.17 -23.44 -10.69
C GLN J 397 4.63 -22.22 -11.49
N ASP J 398 4.53 -21.03 -10.90
CA ASP J 398 4.96 -19.81 -11.59
C ASP J 398 6.47 -19.61 -11.55
N LYS J 399 7.17 -20.30 -10.65
CA LYS J 399 8.61 -20.14 -10.56
C LYS J 399 9.34 -20.92 -11.66
N LEU J 400 8.84 -22.10 -12.02
CA LEU J 400 9.47 -22.89 -13.07
C LEU J 400 9.21 -22.33 -14.46
N THR J 401 8.08 -21.65 -14.65
CA THR J 401 7.75 -21.08 -15.95
C THR J 401 8.54 -19.81 -16.22
N VAL J 402 8.98 -19.11 -15.18
CA VAL J 402 9.74 -17.88 -15.37
C VAL J 402 11.18 -18.19 -15.77
N GLU J 403 11.76 -19.28 -15.26
CA GLU J 403 13.13 -19.64 -15.60
C GLU J 403 13.23 -20.21 -17.00
N ARG J 404 12.23 -20.97 -17.45
CA ARG J 404 12.26 -21.55 -18.78
C ARG J 404 11.97 -20.51 -19.86
N ALA J 405 11.24 -19.44 -19.52
CA ALA J 405 10.94 -18.41 -20.51
C ALA J 405 12.16 -17.53 -20.79
N ARG J 406 13.06 -17.38 -19.81
CA ARG J 406 14.24 -16.57 -20.03
C ARG J 406 15.26 -17.29 -20.91
N LYS J 407 15.36 -18.62 -20.77
CA LYS J 407 16.30 -19.38 -21.57
C LYS J 407 15.79 -19.61 -22.98
N ILE J 408 14.47 -19.65 -23.17
CA ILE J 408 13.91 -19.86 -24.50
C ILE J 408 13.99 -18.58 -25.33
N GLN J 409 14.02 -17.42 -24.69
CA GLN J 409 14.10 -16.17 -25.43
C GLN J 409 15.52 -15.90 -25.94
N ARG J 410 16.53 -16.32 -25.19
CA ARG J 410 17.90 -16.12 -25.61
C ARG J 410 18.40 -17.19 -26.56
N PHE J 411 17.75 -18.36 -26.59
CA PHE J 411 18.17 -19.43 -27.49
C PHE J 411 17.74 -19.17 -28.93
N LEU J 412 16.68 -18.40 -29.13
CA LEU J 412 16.21 -18.10 -30.48
C LEU J 412 17.02 -17.00 -31.16
N SER J 413 17.84 -16.27 -30.40
CA SER J 413 18.65 -15.19 -30.95
C SER J 413 20.00 -15.77 -31.38
N GLN J 414 20.13 -16.09 -32.67
CA GLN J 414 21.36 -16.64 -33.20
C GLN J 414 22.20 -15.55 -33.86
N PRO J 415 23.53 -15.67 -33.79
CA PRO J 415 24.39 -14.64 -34.39
C PRO J 415 24.47 -14.83 -35.90
N PHE J 416 24.14 -13.76 -36.63
CA PHE J 416 24.18 -13.81 -38.09
C PHE J 416 25.62 -13.72 -38.60
N ALA J 417 25.78 -14.08 -39.87
CA ALA J 417 27.11 -14.04 -40.49
C ALA J 417 27.53 -12.62 -40.86
N VAL J 418 26.56 -11.73 -41.10
CA VAL J 418 26.89 -10.36 -41.47
C VAL J 418 27.22 -9.50 -40.25
N ALA J 419 26.81 -9.93 -39.05
CA ALA J 419 27.06 -9.18 -37.83
C ALA J 419 28.20 -9.78 -37.03
N GLU J 420 29.25 -10.28 -37.70
CA GLU J 420 30.38 -10.87 -37.00
C GLU J 420 31.33 -9.81 -36.47
N VAL J 421 31.36 -8.62 -37.08
CA VAL J 421 32.24 -7.56 -36.61
C VAL J 421 31.68 -6.81 -35.41
N PHE J 422 30.36 -6.86 -35.21
CA PHE J 422 29.73 -6.18 -34.07
C PHE J 422 29.54 -7.07 -32.87
N THR J 423 29.48 -8.39 -33.05
CA THR J 423 29.30 -9.34 -31.95
C THR J 423 30.57 -10.09 -31.57
N GLY J 424 31.41 -10.42 -32.55
CA GLY J 424 32.64 -11.14 -32.28
C GLY J 424 32.54 -12.64 -32.38
N ILE J 425 31.34 -13.19 -32.47
CA ILE J 425 31.14 -14.62 -32.57
C ILE J 425 30.94 -14.99 -34.04
N GLU J 426 31.00 -16.29 -34.33
CA GLU J 426 30.81 -16.77 -35.69
C GLU J 426 29.32 -16.83 -36.04
N GLY J 427 29.05 -16.98 -37.33
CA GLY J 427 27.67 -17.06 -37.79
C GLY J 427 27.12 -18.47 -37.66
N LYS J 428 25.92 -18.58 -37.09
CA LYS J 428 25.25 -19.85 -36.88
C LYS J 428 24.00 -19.91 -37.75
N LEU J 429 23.88 -20.97 -38.53
CA LEU J 429 22.74 -21.18 -39.42
C LEU J 429 22.09 -22.51 -39.04
N VAL J 430 21.07 -22.44 -38.20
CA VAL J 430 20.36 -23.65 -37.77
C VAL J 430 19.32 -24.03 -38.81
N ARG J 431 19.14 -25.33 -39.00
CA ARG J 431 18.17 -25.83 -39.96
C ARG J 431 16.77 -25.85 -39.34
N LEU J 432 15.79 -26.29 -40.14
CA LEU J 432 14.42 -26.35 -39.66
C LEU J 432 14.18 -27.56 -38.75
N LYS J 433 14.84 -28.68 -39.03
CA LYS J 433 14.66 -29.87 -38.20
C LYS J 433 15.43 -29.77 -36.90
N ASP J 434 16.56 -29.06 -36.89
CA ASP J 434 17.35 -28.94 -35.66
C ASP J 434 16.75 -27.92 -34.70
N THR J 435 16.03 -26.93 -35.21
CA THR J 435 15.43 -25.91 -34.34
C THR J 435 14.18 -26.43 -33.63
N ILE J 436 13.46 -27.38 -34.25
CA ILE J 436 12.27 -27.91 -33.63
C ILE J 436 12.61 -28.94 -32.56
N ALA J 437 13.72 -29.66 -32.73
CA ALA J 437 14.11 -30.66 -31.73
C ALA J 437 14.77 -30.03 -30.51
N SER J 438 15.42 -28.87 -30.67
CA SER J 438 16.07 -28.22 -29.55
C SER J 438 15.08 -27.50 -28.66
N PHE J 439 13.99 -26.96 -29.24
CA PHE J 439 13.00 -26.25 -28.44
C PHE J 439 12.08 -27.19 -27.68
N LYS J 440 11.87 -28.40 -28.21
CA LYS J 440 11.00 -29.36 -27.52
C LYS J 440 11.70 -30.04 -26.36
N ALA J 441 13.02 -30.18 -26.42
CA ALA J 441 13.75 -30.82 -25.34
C ALA J 441 13.96 -29.89 -24.15
N VAL J 442 14.05 -28.57 -24.39
CA VAL J 442 14.25 -27.63 -23.31
C VAL J 442 12.94 -27.37 -22.56
N LEU J 443 11.79 -27.53 -23.22
CA LEU J 443 10.52 -27.31 -22.58
C LEU J 443 10.00 -28.52 -21.81
N GLU J 444 10.63 -29.69 -21.99
CA GLU J 444 10.21 -30.90 -21.30
C GLU J 444 10.96 -31.13 -19.99
N GLY J 445 12.04 -30.41 -19.75
CA GLY J 445 12.82 -30.56 -18.55
C GLY J 445 14.17 -31.24 -18.69
N LYS J 446 14.70 -31.34 -19.91
CA LYS J 446 16.00 -31.97 -20.14
C LYS J 446 17.16 -31.00 -20.07
N TYR J 447 16.90 -29.69 -20.08
CA TYR J 447 17.96 -28.69 -20.02
C TYR J 447 17.68 -27.67 -18.91
N ASP J 448 17.02 -28.11 -17.83
CA ASP J 448 16.70 -27.21 -16.72
C ASP J 448 17.90 -26.98 -15.80
N HIS J 449 18.88 -27.88 -15.81
CA HIS J 449 20.06 -27.74 -14.96
C HIS J 449 21.12 -26.83 -15.56
N LEU J 450 21.00 -26.48 -16.83
CA LEU J 450 21.99 -25.62 -17.47
C LEU J 450 21.73 -24.16 -17.12
N PRO J 451 22.71 -23.29 -17.34
CA PRO J 451 22.53 -21.87 -17.02
C PRO J 451 21.84 -21.13 -18.16
N GLU J 452 21.45 -19.89 -17.86
CA GLU J 452 20.76 -19.06 -18.84
C GLU J 452 21.71 -18.44 -19.85
N ASN J 453 23.00 -18.33 -19.52
CA ASN J 453 23.98 -17.74 -20.43
C ASN J 453 24.54 -18.76 -21.42
N ALA J 454 24.26 -20.05 -21.24
CA ALA J 454 24.77 -21.07 -22.16
C ALA J 454 23.98 -21.14 -23.46
N PHE J 455 22.76 -20.60 -23.49
CA PHE J 455 21.94 -20.61 -24.68
C PHE J 455 21.90 -19.27 -25.41
N TYR J 456 22.43 -18.22 -24.80
CA TYR J 456 22.44 -16.91 -25.44
C TYR J 456 23.50 -16.86 -26.53
N MET J 457 23.08 -16.45 -27.73
CA MET J 457 23.96 -16.34 -28.89
C MET J 457 24.63 -17.69 -29.19
N VAL J 458 23.78 -18.64 -29.58
CA VAL J 458 24.24 -19.99 -29.91
C VAL J 458 23.43 -20.52 -31.09
N GLY J 459 23.49 -21.82 -31.32
CA GLY J 459 22.77 -22.43 -32.43
C GLY J 459 21.61 -23.28 -31.97
N GLY J 460 21.73 -24.59 -32.11
CA GLY J 460 20.70 -25.53 -31.71
C GLY J 460 21.01 -26.20 -30.40
N ILE J 461 20.69 -27.50 -30.31
CA ILE J 461 20.94 -28.24 -29.08
C ILE J 461 22.41 -28.65 -28.94
N GLU J 462 23.17 -28.67 -30.03
CA GLU J 462 24.57 -29.05 -29.96
C GLU J 462 25.43 -27.92 -29.42
N ASP J 463 25.09 -26.67 -29.75
CA ASP J 463 25.86 -25.52 -29.28
C ASP J 463 25.52 -25.14 -27.84
N VAL J 464 24.37 -25.55 -27.34
CA VAL J 464 24.00 -25.22 -25.96
C VAL J 464 24.71 -26.13 -24.97
N VAL J 465 25.00 -27.38 -25.37
CA VAL J 465 25.67 -28.30 -24.46
C VAL J 465 27.18 -28.03 -24.43
N ALA J 466 27.74 -27.52 -25.52
CA ALA J 466 29.18 -27.24 -25.56
C ALA J 466 29.52 -25.95 -24.84
N LYS J 467 28.60 -24.98 -24.80
CA LYS J 467 28.86 -23.72 -24.13
C LYS J 467 28.75 -23.84 -22.61
N ALA J 468 27.95 -24.77 -22.11
CA ALA J 468 27.79 -24.94 -20.67
C ALA J 468 28.98 -25.68 -20.05
N GLU J 469 29.64 -26.55 -20.82
CA GLU J 469 30.77 -27.30 -20.29
C GLU J 469 32.04 -26.46 -20.25
N LYS J 470 32.18 -25.49 -21.15
CA LYS J 470 33.37 -24.65 -21.17
C LYS J 470 33.32 -23.56 -20.12
N ILE J 471 32.11 -23.11 -19.76
CA ILE J 471 31.98 -22.06 -18.74
C ILE J 471 32.14 -22.59 -17.33
N ALA J 472 31.92 -23.89 -17.12
CA ALA J 472 32.03 -24.50 -15.80
C ALA J 472 33.42 -25.08 -15.53
N ALA J 473 34.35 -24.94 -16.47
CA ALA J 473 35.70 -25.47 -16.29
C ALA J 473 36.66 -24.36 -15.85
N ALA K 1 -2.00 2.81 -24.47
CA ALA K 1 -1.03 3.88 -24.35
C ALA K 1 -1.67 5.23 -24.64
N THR K 2 -2.95 5.35 -24.32
CA THR K 2 -3.69 6.59 -24.55
C THR K 2 -3.70 7.42 -23.26
N LEU K 3 -4.61 8.39 -23.17
CA LEU K 3 -4.70 9.22 -21.99
C LEU K 3 -5.38 8.51 -20.83
N ARG K 4 -6.40 7.71 -21.12
CA ARG K 4 -7.10 6.99 -20.06
C ARG K 4 -6.30 5.81 -19.54
N GLU K 5 -5.49 5.18 -20.39
CA GLU K 5 -4.68 4.05 -19.94
C GLU K 5 -3.48 4.50 -19.13
N ILE K 6 -2.94 5.70 -19.42
CA ILE K 6 -1.79 6.19 -18.68
C ILE K 6 -2.21 6.71 -17.31
N GLU K 7 -3.43 7.24 -17.19
CA GLU K 7 -3.90 7.74 -15.90
C GLU K 7 -4.23 6.62 -14.93
N THR K 8 -4.75 5.49 -15.43
CA THR K 8 -5.08 4.37 -14.55
C THR K 8 -3.81 3.66 -14.08
N ARG K 9 -2.78 3.61 -14.92
CA ARG K 9 -1.54 2.97 -14.52
C ARG K 9 -0.73 3.83 -13.57
N LEU K 10 -0.79 5.16 -13.72
CA LEU K 10 -0.06 6.04 -12.83
C LEU K 10 -0.73 6.14 -11.46
N LYS K 11 -2.06 6.10 -11.43
CA LYS K 11 -2.77 6.17 -10.15
C LYS K 11 -2.64 4.86 -9.36
N SER K 12 -2.61 3.72 -10.05
CA SER K 12 -2.47 2.45 -9.37
C SER K 12 -1.06 2.24 -8.85
N ILE K 13 -0.05 2.81 -9.54
CA ILE K 13 1.33 2.66 -9.07
C ILE K 13 1.58 3.57 -7.88
N LYS K 14 0.84 4.68 -7.76
CA LYS K 14 1.02 5.58 -6.62
C LYS K 14 0.44 4.99 -5.35
N ASN K 15 -0.64 4.20 -5.47
CA ASN K 15 -1.23 3.58 -4.28
C ASN K 15 -0.37 2.43 -3.76
N ILE K 16 0.37 1.77 -4.65
CA ILE K 16 1.23 0.67 -4.21
C ILE K 16 2.48 1.21 -3.53
N GLU K 17 2.91 2.42 -3.89
CA GLU K 17 4.09 3.01 -3.25
C GLU K 17 3.78 3.49 -1.84
N LYS K 18 2.56 3.99 -1.61
CA LYS K 18 2.19 4.43 -0.27
C LYS K 18 1.98 3.26 0.68
N ILE K 19 1.48 2.13 0.17
CA ILE K 19 1.30 0.96 1.02
C ILE K 19 2.63 0.30 1.33
N THR K 20 3.59 0.36 0.40
CA THR K 20 4.91 -0.23 0.65
C THR K 20 5.72 0.63 1.60
N ASN K 21 5.57 1.96 1.54
CA ASN K 21 6.30 2.83 2.46
C ASN K 21 5.73 2.76 3.88
N THR K 22 4.41 2.60 4.00
CA THR K 22 3.81 2.49 5.33
C THR K 22 4.12 1.14 5.97
N MET K 23 4.27 0.09 5.16
CA MET K 23 4.60 -1.22 5.70
C MET K 23 6.06 -1.28 6.18
N LYS K 24 6.94 -0.53 5.53
CA LYS K 24 8.34 -0.51 5.96
C LYS K 24 8.51 0.27 7.26
N VAL K 25 7.72 1.32 7.47
CA VAL K 25 7.80 2.07 8.71
C VAL K 25 7.18 1.29 9.87
N VAL K 26 6.16 0.48 9.57
CA VAL K 26 5.55 -0.33 10.63
C VAL K 26 6.45 -1.50 10.98
N ALA K 27 7.26 -1.98 10.03
CA ALA K 27 8.17 -3.08 10.33
C ALA K 27 9.34 -2.63 11.18
N SER K 28 9.70 -1.34 11.10
CA SER K 28 10.80 -0.84 11.93
C SER K 28 10.38 -0.73 13.39
N THR K 29 9.11 -0.41 13.64
CA THR K 29 8.62 -0.33 15.02
C THR K 29 8.45 -1.72 15.63
N ARG K 30 8.03 -2.70 14.83
CA ARG K 30 7.87 -4.06 15.34
C ARG K 30 9.21 -4.75 15.55
N MET K 31 10.27 -4.31 14.84
CA MET K 31 11.57 -4.93 15.02
C MET K 31 12.20 -4.54 16.35
N GLY K 32 11.84 -3.38 16.89
CA GLY K 32 12.38 -2.98 18.18
C GLY K 32 11.82 -3.79 19.33
N ARG K 33 10.52 -4.09 19.28
CA ARG K 33 9.91 -4.90 20.32
C ARG K 33 10.30 -6.37 20.19
N ALA K 34 10.55 -6.84 18.96
CA ALA K 34 10.97 -8.21 18.75
C ALA K 34 12.43 -8.45 19.11
N GLN K 35 13.23 -7.37 19.21
CA GLN K 35 14.63 -7.54 19.58
C GLN K 35 14.79 -7.93 21.04
N ARG K 36 13.86 -7.51 21.90
CA ARG K 36 13.93 -7.88 23.31
C ARG K 36 13.58 -9.34 23.52
N ALA K 37 12.65 -9.88 22.72
CA ALA K 37 12.29 -11.29 22.84
C ALA K 37 13.37 -12.20 22.25
N MET K 38 14.06 -11.74 21.20
CA MET K 38 15.12 -12.56 20.61
C MET K 38 16.38 -12.55 21.48
N ALA K 39 16.64 -11.42 22.16
CA ALA K 39 17.80 -11.35 23.04
C ALA K 39 17.58 -12.11 24.33
N SER K 40 16.32 -12.24 24.77
CA SER K 40 16.04 -12.98 26.00
C SER K 40 16.10 -14.48 25.77
N SER K 41 15.78 -14.95 24.56
CA SER K 41 15.85 -16.37 24.28
C SER K 41 17.28 -16.88 24.15
N ARG K 42 18.23 -16.00 23.81
CA ARG K 42 19.62 -16.42 23.69
C ARG K 42 20.24 -16.68 25.06
N ALA K 43 19.76 -16.02 26.10
CA ALA K 43 20.30 -16.24 27.44
C ALA K 43 19.85 -17.57 28.02
N PHE K 44 18.65 -18.04 27.62
CA PHE K 44 18.16 -19.31 28.11
C PHE K 44 18.87 -20.50 27.46
N ARG K 45 19.33 -20.33 26.21
CA ARG K 45 20.03 -21.39 25.51
C ARG K 45 21.44 -21.61 26.03
N GLU K 46 22.02 -20.62 26.71
CA GLU K 46 23.37 -20.73 27.25
C GLU K 46 23.40 -20.94 28.76
N GLY K 47 22.28 -20.72 29.45
CA GLY K 47 22.23 -20.91 30.89
C GLY K 47 21.48 -22.16 31.30
N ASP K 48 20.24 -22.30 30.79
CA ASP K 48 19.44 -23.48 31.13
C ASP K 48 19.94 -24.72 30.41
N SER K 49 20.48 -24.55 29.19
CA SER K 49 20.99 -25.67 28.41
C SER K 49 22.50 -25.82 28.53
N ASP K 50 23.10 -25.27 29.58
CA ASP K 50 24.55 -25.38 29.78
C ASP K 50 24.97 -26.73 30.31
N PHE K 51 24.02 -27.56 30.78
CA PHE K 51 24.37 -28.87 31.29
C PHE K 51 24.74 -29.83 30.17
N PHE K 52 24.26 -29.59 28.95
CA PHE K 52 24.58 -30.47 27.84
C PHE K 52 25.98 -30.23 27.30
N ALA K 53 26.50 -29.01 27.45
CA ALA K 53 27.84 -28.71 26.96
C ALA K 53 28.92 -29.26 27.90
N THR K 54 28.66 -29.23 29.21
CA THR K 54 29.62 -29.73 30.17
C THR K 54 29.62 -31.25 30.27
N ALA K 55 28.55 -31.91 29.84
CA ALA K 55 28.45 -33.36 29.89
C ALA K 55 28.74 -34.02 28.55
N GLU K 56 28.94 -33.24 27.48
CA GLU K 56 29.23 -33.76 26.15
C GLU K 56 28.16 -34.73 25.68
N THR K 57 26.97 -34.21 25.38
CA THR K 57 25.85 -35.01 24.93
C THR K 57 25.84 -35.02 23.40
N SER K 58 25.90 -36.22 22.81
CA SER K 58 25.90 -36.38 21.37
C SER K 58 25.14 -37.65 21.00
N THR K 59 24.73 -37.72 19.75
CA THR K 59 23.98 -38.87 19.25
C THR K 59 24.94 -39.89 18.64
N PRO K 60 24.45 -41.02 18.15
CA PRO K 60 25.35 -42.02 17.55
C PRO K 60 24.75 -42.66 16.31
N GLU K 61 24.13 -43.82 16.47
CA GLU K 61 23.53 -44.54 15.35
C GLU K 61 22.06 -44.15 15.20
N THR K 62 21.52 -44.39 14.01
CA THR K 62 20.14 -44.07 13.71
C THR K 62 19.21 -45.15 14.25
N ALA K 63 18.10 -44.72 14.82
CA ALA K 63 17.09 -45.62 15.39
C ALA K 63 15.73 -45.25 14.81
N GLU K 64 15.27 -46.06 13.85
CA GLU K 64 13.98 -45.86 13.18
C GLU K 64 13.92 -44.47 12.52
N LYS K 65 14.81 -44.29 11.56
CA LYS K 65 14.95 -43.04 10.78
C LYS K 65 15.25 -41.92 11.78
N THR K 66 14.66 -40.74 11.60
CA THR K 66 14.89 -39.61 12.50
C THR K 66 13.62 -38.75 12.53
N LEU K 67 13.77 -37.48 12.86
CA LEU K 67 12.64 -36.57 12.93
C LEU K 67 13.14 -35.15 12.67
N ILE K 68 12.49 -34.47 11.73
CA ILE K 68 12.84 -33.10 11.35
C ILE K 68 11.67 -32.19 11.68
N ILE K 69 11.98 -30.95 12.05
CA ILE K 69 10.98 -29.95 12.41
C ILE K 69 11.38 -28.65 11.74
N ALA K 70 10.60 -28.22 10.75
CA ALA K 70 10.86 -26.98 10.02
C ALA K 70 10.00 -25.86 10.63
N VAL K 71 10.65 -24.92 11.30
CA VAL K 71 9.97 -23.79 11.92
C VAL K 71 9.99 -22.62 10.96
N SER K 72 8.80 -22.13 10.61
CA SER K 72 8.69 -21.00 9.69
C SER K 72 7.45 -20.16 10.02
N SER K 73 6.83 -19.59 8.99
CA SER K 73 5.64 -18.77 9.13
C SER K 73 4.58 -19.23 8.15
N ASP K 74 3.44 -18.55 8.16
CA ASP K 74 2.33 -18.87 7.27
C ASP K 74 2.03 -17.79 6.25
N LYS K 75 2.61 -16.60 6.40
CA LYS K 75 2.39 -15.49 5.48
C LYS K 75 3.61 -15.29 4.59
N GLY K 76 3.41 -14.55 3.51
CA GLY K 76 4.48 -14.28 2.57
C GLY K 76 4.98 -12.85 2.63
N LEU K 77 5.41 -12.32 1.49
CA LEU K 77 5.92 -10.95 1.38
C LEU K 77 7.08 -10.71 2.34
N CYS K 78 8.04 -11.64 2.37
CA CYS K 78 9.20 -11.54 3.23
C CYS K 78 10.50 -11.83 2.48
N GLY K 79 10.47 -11.74 1.15
CA GLY K 79 11.68 -12.00 0.39
C GLY K 79 11.94 -13.49 0.29
N SER K 80 13.20 -13.87 0.50
CA SER K 80 13.61 -15.27 0.44
C SER K 80 13.51 -15.97 1.80
N ILE K 81 12.39 -15.83 2.48
CA ILE K 81 12.22 -16.46 3.79
C ILE K 81 11.85 -17.94 3.63
N HIS K 82 10.84 -18.21 2.80
CA HIS K 82 10.41 -19.59 2.58
C HIS K 82 11.34 -20.35 1.65
N SER K 83 12.09 -19.65 0.80
CA SER K 83 13.00 -20.32 -0.12
C SER K 83 14.28 -20.78 0.57
N GLN K 84 14.74 -20.02 1.56
CA GLN K 84 15.96 -20.39 2.28
C GLN K 84 15.72 -21.51 3.27
N ILE K 85 14.51 -21.61 3.84
CA ILE K 85 14.21 -22.66 4.80
C ILE K 85 13.98 -23.99 4.10
N ALA K 86 13.39 -23.98 2.91
CA ALA K 86 13.14 -25.22 2.19
C ALA K 86 14.39 -25.76 1.52
N LYS K 87 15.34 -24.89 1.16
CA LYS K 87 16.56 -25.35 0.52
C LYS K 87 17.52 -25.97 1.53
N ALA K 88 17.45 -25.54 2.79
CA ALA K 88 18.33 -26.10 3.81
C ALA K 88 17.85 -27.47 4.27
N THR K 89 16.53 -27.67 4.30
CA THR K 89 15.99 -28.97 4.72
C THR K 89 16.08 -30.01 3.61
N ARG K 90 16.10 -29.58 2.35
CA ARG K 90 16.18 -30.54 1.25
C ARG K 90 17.59 -31.05 1.04
N ALA K 91 18.61 -30.29 1.45
CA ALA K 91 19.99 -30.72 1.28
C ALA K 91 20.37 -31.76 2.32
N LYS K 92 19.86 -31.63 3.54
CA LYS K 92 20.18 -32.57 4.61
C LYS K 92 19.35 -33.85 4.52
N LEU K 93 18.28 -33.86 3.73
CA LEU K 93 17.43 -35.03 3.57
C LEU K 93 17.87 -35.95 2.45
N GLN K 94 19.02 -35.68 1.82
CA GLN K 94 19.49 -36.54 0.74
C GLN K 94 20.08 -37.83 1.28
N GLU K 95 20.78 -37.77 2.41
CA GLU K 95 21.38 -38.95 3.00
C GLU K 95 20.41 -39.75 3.85
N THR K 96 19.24 -39.19 4.17
CA THR K 96 18.24 -39.88 4.98
C THR K 96 16.85 -39.41 4.57
N PRO K 97 16.33 -39.92 3.45
CA PRO K 97 15.00 -39.51 2.98
C PRO K 97 13.85 -40.23 3.66
N ASN K 98 14.13 -41.19 4.55
CA ASN K 98 13.10 -41.94 5.25
C ASN K 98 12.66 -41.27 6.54
N ALA K 99 13.22 -40.10 6.87
CA ALA K 99 12.86 -39.40 8.09
C ALA K 99 11.58 -38.58 7.88
N ASP K 100 10.89 -38.32 8.98
CA ASP K 100 9.65 -37.56 8.93
C ASP K 100 9.94 -36.07 9.02
N VAL K 101 9.00 -35.27 8.50
CA VAL K 101 9.11 -33.82 8.50
C VAL K 101 7.89 -33.25 9.19
N VAL K 102 8.11 -32.28 10.08
CA VAL K 102 7.04 -31.63 10.84
C VAL K 102 7.08 -30.15 10.48
N THR K 103 6.22 -29.74 9.55
CA THR K 103 6.17 -28.35 9.13
C THR K 103 5.38 -27.52 10.13
N ILE K 104 5.92 -26.37 10.52
CA ILE K 104 5.26 -25.49 11.48
C ILE K 104 4.89 -24.18 10.78
N GLY K 105 4.21 -24.28 9.64
CA GLY K 105 3.81 -23.11 8.90
C GLY K 105 3.26 -23.43 7.53
N ASP K 106 2.47 -22.51 6.96
CA ASP K 106 1.89 -22.73 5.64
C ASP K 106 2.91 -22.49 4.53
N LYS K 107 3.94 -21.67 4.78
CA LYS K 107 4.94 -21.40 3.76
C LYS K 107 5.94 -22.53 3.62
N ILE K 108 6.27 -23.21 4.72
CA ILE K 108 7.23 -24.31 4.65
C ILE K 108 6.56 -25.59 4.17
N LYS K 109 5.25 -25.76 4.42
CA LYS K 109 4.55 -26.95 4.00
C LYS K 109 4.20 -26.94 2.51
N ALA K 110 4.14 -25.76 1.89
CA ALA K 110 3.82 -25.68 0.47
C ALA K 110 5.02 -26.02 -0.40
N GLN K 111 6.22 -25.63 0.03
CA GLN K 111 7.41 -25.92 -0.75
C GLN K 111 7.90 -27.35 -0.54
N MET K 112 7.66 -27.91 0.64
CA MET K 112 8.10 -29.28 0.93
C MET K 112 7.18 -30.33 0.31
N LEU K 113 5.95 -29.97 -0.04
CA LEU K 113 5.02 -30.91 -0.63
C LEU K 113 5.31 -31.17 -2.11
N ARG K 114 6.01 -30.27 -2.78
CA ARG K 114 6.33 -30.43 -4.19
C ARG K 114 7.56 -31.30 -4.42
N THR K 115 8.33 -31.61 -3.38
CA THR K 115 9.53 -32.43 -3.50
C THR K 115 9.43 -33.71 -2.70
N HIS K 116 8.95 -33.65 -1.45
CA HIS K 116 8.81 -34.83 -0.59
C HIS K 116 7.48 -34.70 0.15
N SER K 117 6.39 -35.13 -0.52
CA SER K 117 5.08 -35.06 0.08
C SER K 117 4.83 -36.21 1.05
N SER K 118 5.53 -37.34 0.88
CA SER K 118 5.34 -38.48 1.76
C SER K 118 6.11 -38.34 3.07
N ASN K 119 7.09 -37.43 3.13
CA ASN K 119 7.86 -37.24 4.35
C ASN K 119 7.18 -36.31 5.34
N VAL K 120 6.13 -35.60 4.94
CA VAL K 120 5.42 -34.70 5.83
C VAL K 120 4.48 -35.50 6.70
N VAL K 121 4.70 -35.45 8.02
CA VAL K 121 3.87 -36.18 8.97
C VAL K 121 3.15 -35.27 9.94
N LEU K 122 3.46 -33.98 9.98
CA LEU K 122 2.81 -33.05 10.89
C LEU K 122 2.77 -31.67 10.24
N SER K 123 1.62 -31.01 10.34
CA SER K 123 1.42 -29.68 9.76
C SER K 123 0.76 -28.80 10.80
N PHE K 124 1.41 -27.69 11.14
CA PHE K 124 0.89 -26.73 12.12
C PHE K 124 0.72 -25.38 11.45
N ASN K 125 -0.50 -24.86 11.48
CA ASN K 125 -0.82 -23.57 10.89
C ASN K 125 -1.19 -22.57 11.97
N GLY K 126 -0.97 -21.29 11.67
CA GLY K 126 -1.28 -20.23 12.61
C GLY K 126 -0.24 -20.08 13.70
N VAL K 127 0.95 -19.62 13.34
CA VAL K 127 2.04 -19.43 14.30
C VAL K 127 2.89 -18.24 13.86
N GLY K 128 2.68 -17.77 12.64
CA GLY K 128 3.42 -16.65 12.10
C GLY K 128 2.75 -15.30 12.21
N LYS K 129 1.57 -15.24 12.83
CA LYS K 129 0.87 -13.96 12.97
C LYS K 129 1.44 -13.15 14.13
N GLU K 130 1.15 -13.57 15.36
CA GLU K 130 1.63 -12.87 16.54
C GLU K 130 3.03 -13.38 16.92
N ALA K 131 3.53 -12.88 18.05
CA ALA K 131 4.84 -13.29 18.53
C ALA K 131 4.78 -14.64 19.23
N PRO K 132 5.90 -15.35 19.28
CA PRO K 132 5.90 -16.67 19.94
C PRO K 132 6.11 -16.54 21.44
N THR K 133 5.49 -17.44 22.19
CA THR K 133 5.60 -17.46 23.63
C THR K 133 5.90 -18.86 24.14
N PHE K 134 5.84 -19.05 25.46
CA PHE K 134 6.11 -20.36 26.04
C PHE K 134 4.93 -21.31 25.92
N TRP K 135 3.72 -20.79 25.70
CA TRP K 135 2.55 -21.66 25.58
C TRP K 135 2.47 -22.32 24.22
N GLU K 136 2.97 -21.66 23.17
CA GLU K 136 2.93 -22.24 21.83
C GLU K 136 4.00 -23.30 21.62
N ALA K 137 5.17 -23.13 22.26
CA ALA K 137 6.24 -24.10 22.11
C ALA K 137 6.02 -25.35 22.95
N SER K 138 5.32 -25.22 24.08
CA SER K 138 5.08 -26.38 24.94
C SER K 138 3.94 -27.25 24.42
N LEU K 139 3.00 -26.67 23.67
CA LEU K 139 1.89 -27.44 23.14
C LEU K 139 2.28 -28.23 21.89
N ILE K 140 3.24 -27.73 21.12
CA ILE K 140 3.66 -28.44 19.91
C ILE K 140 4.65 -29.56 20.25
N ALA K 141 5.32 -29.47 21.40
CA ALA K 141 6.28 -30.51 21.78
C ALA K 141 5.59 -31.72 22.39
N ASP K 142 4.48 -31.52 23.09
CA ASP K 142 3.77 -32.63 23.71
C ASP K 142 2.90 -33.40 22.71
N GLU K 143 2.57 -32.79 21.57
CA GLU K 143 1.74 -33.46 20.58
C GLU K 143 2.49 -33.59 19.26
N ILE K 144 3.72 -34.09 19.32
CA ILE K 144 4.55 -34.28 18.13
C ILE K 144 4.48 -35.70 17.60
N ARG K 145 3.52 -36.50 18.08
CA ARG K 145 3.33 -37.89 17.66
C ARG K 145 4.61 -38.70 17.90
N LYS K 146 4.82 -39.03 19.18
CA LYS K 146 5.96 -39.81 19.63
C LYS K 146 7.28 -39.16 19.21
N LEU K 147 7.68 -38.09 19.91
CA LEU K 147 8.91 -37.38 19.60
C LEU K 147 10.12 -37.96 20.31
N GLY K 148 9.93 -38.79 21.33
CA GLY K 148 11.02 -39.38 22.06
C GLY K 148 11.51 -40.72 21.55
N ASP K 149 10.92 -41.23 20.46
CA ASP K 149 11.30 -42.51 19.88
C ASP K 149 12.23 -42.35 18.69
N TYR K 150 12.99 -41.26 18.63
CA TYR K 150 13.91 -41.00 17.55
C TYR K 150 15.31 -40.76 18.10
N ASP K 151 16.32 -41.12 17.29
CA ASP K 151 17.70 -40.94 17.72
C ASP K 151 18.17 -39.49 17.51
N LYS K 152 17.83 -38.89 16.38
CA LYS K 152 18.22 -37.53 16.06
C LYS K 152 16.97 -36.69 15.81
N ILE K 153 16.94 -35.50 16.39
CA ILE K 153 15.82 -34.56 16.26
C ILE K 153 16.40 -33.19 15.94
N GLU K 154 16.23 -32.75 14.69
CA GLU K 154 16.73 -31.46 14.25
C GLU K 154 15.60 -30.44 14.19
N VAL K 155 15.95 -29.17 14.38
CA VAL K 155 15.00 -28.06 14.36
C VAL K 155 15.50 -27.07 13.31
N MET K 156 14.92 -27.12 12.12
CA MET K 156 15.32 -26.22 11.05
C MET K 156 14.62 -24.88 11.20
N TYR K 157 15.41 -23.81 11.26
CA TYR K 157 14.88 -22.46 11.42
C TYR K 157 15.82 -21.49 10.73
N ASN K 158 15.54 -20.19 10.89
CA ASN K 158 16.34 -19.12 10.30
C ASN K 158 16.95 -18.30 11.43
N LYS K 159 18.26 -18.24 11.47
CA LYS K 159 19.00 -17.49 12.48
C LYS K 159 19.41 -16.13 11.92
N PHE K 160 19.05 -15.07 12.64
CA PHE K 160 19.37 -13.71 12.22
C PHE K 160 20.78 -13.39 12.70
N VAL K 161 21.76 -13.50 11.80
CA VAL K 161 23.14 -13.21 12.16
C VAL K 161 23.42 -11.72 12.22
N SER K 162 22.63 -10.90 11.54
CA SER K 162 22.83 -9.45 11.53
C SER K 162 21.45 -8.79 11.58
N GLY K 163 21.44 -7.47 11.37
CA GLY K 163 20.19 -6.73 11.39
C GLY K 163 19.71 -6.35 10.00
N VAL K 164 20.05 -7.15 9.00
CA VAL K 164 19.64 -6.90 7.62
C VAL K 164 19.47 -8.22 6.90
N ALA K 165 20.43 -9.13 7.07
CA ALA K 165 20.41 -10.44 6.44
C ALA K 165 20.28 -11.52 7.51
N PHE K 166 20.11 -12.75 7.05
CA PHE K 166 19.97 -13.90 7.93
C PHE K 166 20.53 -15.13 7.24
N GLU K 167 20.52 -16.25 7.94
CA GLU K 167 21.01 -17.52 7.42
C GLU K 167 20.22 -18.65 8.05
N PRO K 168 20.03 -19.75 7.32
CA PRO K 168 19.26 -20.87 7.90
C PRO K 168 20.15 -21.82 8.70
N SER K 169 20.00 -21.79 10.03
CA SER K 169 20.78 -22.63 10.91
C SER K 169 19.97 -23.86 11.32
N VAL K 170 20.57 -24.71 12.15
CA VAL K 170 19.92 -25.92 12.63
C VAL K 170 20.43 -26.22 14.03
N PHE K 171 19.56 -26.81 14.85
CA PHE K 171 19.91 -27.16 16.22
C PHE K 171 19.44 -28.57 16.54
N PRO K 172 20.32 -29.44 17.00
CA PRO K 172 19.91 -30.81 17.32
C PRO K 172 19.32 -30.92 18.72
N SER K 173 18.45 -31.91 18.89
CA SER K 173 17.78 -32.17 20.16
C SER K 173 17.97 -33.64 20.52
N PHE K 174 18.50 -33.89 21.71
CA PHE K 174 18.73 -35.25 22.17
C PHE K 174 17.45 -35.85 22.74
N SER K 175 17.37 -37.18 22.71
CA SER K 175 16.21 -37.89 23.22
C SER K 175 16.45 -38.31 24.67
N PRO K 176 15.61 -39.18 25.23
CA PRO K 176 15.82 -39.61 26.62
C PRO K 176 16.91 -40.64 26.75
N ILE K 177 17.14 -41.42 25.69
CA ILE K 177 18.18 -42.44 25.73
C ILE K 177 19.57 -41.87 25.49
N SER K 178 19.66 -40.66 24.92
CA SER K 178 20.94 -40.03 24.65
C SER K 178 21.38 -39.05 25.74
N ILE K 179 20.46 -38.62 26.60
CA ILE K 179 20.83 -37.69 27.65
C ILE K 179 21.51 -38.40 28.81
N GLU K 180 21.12 -39.63 29.11
CA GLU K 180 21.70 -40.40 30.20
C GLU K 180 22.98 -41.14 29.78
N GLU K 181 23.26 -41.24 28.48
CA GLU K 181 24.44 -41.92 27.98
C GLU K 181 25.54 -40.95 27.57
N SER K 182 25.68 -39.85 28.29
CA SER K 182 26.69 -38.84 28.00
C SER K 182 28.00 -39.22 28.67
N PRO K 183 29.06 -38.44 28.45
CA PRO K 183 30.35 -38.77 29.09
C PRO K 183 30.41 -38.32 30.53
N LYS K 184 30.17 -37.04 30.77
CA LYS K 184 30.20 -36.46 32.12
C LYS K 184 28.79 -36.23 32.65
N LEU K 185 27.92 -37.24 32.50
CA LEU K 185 26.55 -37.14 32.97
C LEU K 185 26.38 -37.51 34.43
N SER K 186 27.34 -38.24 35.01
CA SER K 186 27.28 -38.64 36.41
C SER K 186 27.96 -37.66 37.34
N GLU K 187 28.44 -36.52 36.82
CA GLU K 187 29.10 -35.53 37.67
C GLU K 187 28.13 -34.69 38.48
N PHE K 188 26.86 -34.62 38.05
CA PHE K 188 25.85 -33.85 38.74
C PHE K 188 25.04 -34.74 39.67
N GLU K 189 24.61 -34.17 40.80
CA GLU K 189 23.83 -34.89 41.79
C GLU K 189 22.38 -34.96 41.32
N LEU K 190 22.09 -35.99 40.51
CA LEU K 190 20.76 -36.19 39.97
C LEU K 190 20.11 -37.40 40.64
N GLU K 191 18.80 -37.29 40.89
CA GLU K 191 18.06 -38.36 41.53
C GLU K 191 17.65 -39.41 40.48
N GLU K 192 18.08 -40.65 40.70
CA GLU K 192 17.75 -41.72 39.76
C GLU K 192 16.36 -42.31 40.00
N ASP K 193 15.76 -42.04 41.17
CA ASP K 193 14.44 -42.59 41.46
C ASP K 193 13.34 -41.80 40.75
N GLN K 194 13.47 -40.48 40.71
CA GLN K 194 12.49 -39.63 40.06
C GLN K 194 12.81 -39.48 38.58
N ALA K 195 11.94 -38.75 37.88
CA ALA K 195 12.10 -38.50 36.45
C ALA K 195 13.15 -37.42 36.26
N ILE K 196 14.35 -37.82 35.85
CA ILE K 196 15.44 -36.89 35.62
C ILE K 196 15.92 -37.02 34.18
N PRO K 197 16.01 -38.25 33.64
CA PRO K 197 16.47 -38.40 32.26
C PRO K 197 15.39 -38.04 31.25
N THR K 198 14.16 -38.48 31.51
CA THR K 198 13.06 -38.17 30.60
C THR K 198 12.57 -36.74 30.77
N SER K 199 12.79 -36.15 31.94
CA SER K 199 12.35 -34.77 32.17
C SER K 199 13.31 -33.77 31.52
N LEU K 200 14.61 -34.06 31.54
CA LEU K 200 15.57 -33.15 30.93
C LEU K 200 15.52 -33.20 29.41
N SER K 201 15.10 -34.33 28.84
CA SER K 201 15.01 -34.44 27.38
C SER K 201 13.75 -33.77 26.86
N GLN K 202 12.63 -33.88 27.58
CA GLN K 202 11.39 -33.26 27.14
C GLN K 202 11.42 -31.74 27.33
N ILE K 203 12.15 -31.26 28.34
CA ILE K 203 12.21 -29.81 28.57
C ILE K 203 13.12 -29.15 27.53
N SER K 204 14.09 -29.90 26.99
CA SER K 204 14.99 -29.34 25.98
C SER K 204 14.30 -29.16 24.64
N LEU K 205 13.26 -29.93 24.35
CA LEU K 205 12.55 -29.78 23.07
C LEU K 205 11.71 -28.50 23.06
N THR K 206 11.06 -28.19 24.18
CA THR K 206 10.26 -26.97 24.24
C THR K 206 11.14 -25.74 24.36
N ASN K 207 12.31 -25.86 24.97
CA ASN K 207 13.21 -24.72 25.09
C ASN K 207 13.87 -24.39 23.75
N ALA K 208 14.21 -25.41 22.96
CA ALA K 208 14.80 -25.17 21.66
C ALA K 208 13.77 -24.67 20.65
N ILE K 209 12.51 -25.07 20.81
CA ILE K 209 11.47 -24.59 19.90
C ILE K 209 11.13 -23.13 20.17
N LEU K 210 11.24 -22.69 21.43
CA LEU K 210 10.97 -21.29 21.75
C LEU K 210 12.10 -20.39 21.26
N ASN K 211 13.34 -20.88 21.29
CA ASN K 211 14.45 -20.08 20.79
C ASN K 211 14.48 -20.04 19.27
N ALA K 212 14.06 -21.12 18.61
CA ALA K 212 14.04 -21.13 17.15
C ALA K 212 12.89 -20.28 16.60
N MET K 213 11.75 -20.26 17.31
CA MET K 213 10.63 -19.43 16.86
C MET K 213 10.89 -17.96 17.09
N ALA K 214 11.61 -17.61 18.17
CA ALA K 214 11.92 -16.21 18.42
C ALA K 214 12.98 -15.70 17.45
N GLU K 215 13.97 -16.53 17.12
CA GLU K 215 14.99 -16.13 16.15
C GLU K 215 14.45 -16.13 14.73
N GLY K 216 13.50 -17.03 14.42
CA GLY K 216 12.92 -17.05 13.10
C GLY K 216 11.97 -15.90 12.85
N TYR K 217 11.26 -15.45 13.89
CA TYR K 217 10.35 -14.32 13.73
C TYR K 217 11.11 -13.01 13.57
N ALA K 218 12.24 -12.86 14.25
CA ALA K 218 13.05 -11.65 14.09
C ALA K 218 13.73 -11.61 12.73
N SER K 219 14.12 -12.78 12.21
CA SER K 219 14.74 -12.83 10.89
C SER K 219 13.72 -12.60 9.78
N GLU K 220 12.48 -13.07 9.97
CA GLU K 220 11.45 -12.84 8.98
C GLU K 220 10.98 -11.39 8.98
N ILE K 221 10.96 -10.75 10.15
CA ILE K 221 10.56 -9.35 10.21
C ILE K 221 11.66 -8.45 9.64
N SER K 222 12.92 -8.84 9.83
CA SER K 222 14.02 -8.05 9.27
C SER K 222 14.09 -8.22 7.76
N ALA K 223 13.79 -9.42 7.25
CA ALA K 223 13.79 -9.63 5.81
C ALA K 223 12.60 -8.97 5.15
N ARG K 224 11.48 -8.83 5.88
CA ARG K 224 10.31 -8.16 5.30
C ARG K 224 10.53 -6.67 5.18
N ARG K 225 11.36 -6.09 6.04
CA ARG K 225 11.64 -4.66 5.95
C ARG K 225 12.52 -4.35 4.74
N ASN K 226 13.43 -5.27 4.39
CA ASN K 226 14.26 -5.07 3.20
C ASN K 226 13.46 -5.27 1.92
N ALA K 227 12.49 -6.20 1.94
CA ALA K 227 11.65 -6.40 0.76
C ALA K 227 10.66 -5.26 0.57
N MET K 228 10.18 -4.67 1.67
CA MET K 228 9.28 -3.53 1.56
C MET K 228 9.99 -2.28 1.09
N ASP K 229 11.26 -2.11 1.49
CA ASP K 229 12.02 -0.95 1.03
C ASP K 229 12.41 -1.10 -0.43
N ASN K 230 12.68 -2.32 -0.90
CA ASN K 230 13.00 -2.53 -2.30
C ASN K 230 11.78 -2.38 -3.19
N ALA K 231 10.61 -2.77 -2.68
CA ALA K 231 9.38 -2.60 -3.46
C ALA K 231 8.97 -1.14 -3.55
N SER K 232 9.23 -0.37 -2.49
CA SER K 232 8.92 1.06 -2.51
C SER K 232 9.88 1.83 -3.40
N LYS K 233 11.16 1.43 -3.42
CA LYS K 233 12.12 2.10 -4.29
C LYS K 233 11.90 1.75 -5.75
N ASN K 234 11.47 0.51 -6.04
CA ASN K 234 11.19 0.13 -7.42
C ASN K 234 9.91 0.79 -7.94
N ALA K 235 8.96 1.08 -7.04
CA ALA K 235 7.75 1.75 -7.47
C ALA K 235 8.00 3.22 -7.80
N GLY K 236 8.98 3.84 -7.15
CA GLY K 236 9.31 5.22 -7.46
C GLY K 236 9.98 5.38 -8.81
N GLU K 237 10.79 4.41 -9.22
CA GLU K 237 11.43 4.47 -10.54
C GLU K 237 10.41 4.22 -11.63
N MET K 238 9.42 3.36 -11.37
CA MET K 238 8.37 3.12 -12.37
C MET K 238 7.41 4.30 -12.47
N ILE K 239 7.19 5.01 -11.37
CA ILE K 239 6.31 6.18 -11.41
C ILE K 239 6.99 7.33 -12.13
N ASN K 240 8.33 7.42 -12.02
CA ASN K 240 9.04 8.49 -12.72
C ASN K 240 9.08 8.24 -14.21
N LYS K 241 9.20 6.97 -14.63
CA LYS K 241 9.19 6.65 -16.05
C LYS K 241 7.80 6.78 -16.64
N TYR K 242 6.76 6.49 -15.86
CA TYR K 242 5.39 6.64 -16.35
C TYR K 242 4.99 8.11 -16.42
N SER K 243 5.58 8.96 -15.58
CA SER K 243 5.27 10.39 -15.62
C SER K 243 5.86 11.05 -16.86
N ILE K 244 7.01 10.56 -17.34
CA ILE K 244 7.60 11.12 -18.55
C ILE K 244 6.80 10.70 -19.78
N LEU K 245 6.24 9.50 -19.76
CA LEU K 245 5.41 9.05 -20.88
C LEU K 245 4.04 9.71 -20.87
N TYR K 246 3.51 10.01 -19.67
CA TYR K 246 2.22 10.68 -19.59
C TYR K 246 2.33 12.15 -19.97
N ASN K 247 3.49 12.77 -19.71
CA ASN K 247 3.66 14.17 -20.09
C ASN K 247 3.81 14.32 -21.61
N ARG K 248 4.47 13.36 -22.26
CA ARG K 248 4.61 13.41 -23.71
C ARG K 248 3.30 13.06 -24.40
N THR K 249 2.50 12.18 -23.80
CA THR K 249 1.21 11.83 -24.41
C THR K 249 0.19 12.94 -24.24
N ARG K 250 0.31 13.74 -23.16
CA ARG K 250 -0.62 14.84 -22.96
C ARG K 250 -0.35 15.98 -23.94
N GLN K 251 0.92 16.23 -24.25
CA GLN K 251 1.25 17.28 -25.21
C GLN K 251 0.92 16.85 -26.64
N ALA K 252 1.05 15.56 -26.94
CA ALA K 252 0.72 15.07 -28.27
C ALA K 252 -0.78 15.01 -28.50
N VAL K 253 -1.58 14.81 -27.44
CA VAL K 253 -3.02 14.78 -27.59
C VAL K 253 -3.58 16.17 -27.84
N ILE K 254 -2.94 17.20 -27.29
CA ILE K 254 -3.40 18.57 -27.53
C ILE K 254 -3.03 19.03 -28.93
N THR K 255 -1.89 18.57 -29.45
CA THR K 255 -1.49 18.95 -30.80
C THR K 255 -2.28 18.19 -31.87
N ASN K 256 -2.66 16.94 -31.58
CA ASN K 256 -3.44 16.18 -32.55
C ASN K 256 -4.89 16.65 -32.60
N GLU K 257 -5.45 17.08 -31.46
CA GLU K 257 -6.82 17.57 -31.44
C GLU K 257 -6.93 18.95 -32.08
N LEU K 258 -5.91 19.79 -31.92
CA LEU K 258 -5.93 21.12 -32.52
C LEU K 258 -5.67 21.08 -34.01
N VAL K 259 -4.97 20.05 -34.50
CA VAL K 259 -4.70 19.95 -35.92
C VAL K 259 -5.94 19.48 -36.68
N ASP K 260 -6.83 18.73 -36.02
CA ASP K 260 -8.04 18.28 -36.68
C ASP K 260 -9.06 19.39 -36.83
N ILE K 261 -9.13 20.31 -35.87
CA ILE K 261 -10.07 21.42 -35.97
C ILE K 261 -9.56 22.49 -36.91
N ILE K 262 -8.24 22.60 -37.07
CA ILE K 262 -7.69 23.61 -37.98
C ILE K 262 -7.76 23.15 -39.42
N THR K 263 -7.73 21.83 -39.66
CA THR K 263 -7.80 21.32 -41.02
C THR K 263 -9.22 21.38 -41.59
N GLY K 264 -10.22 21.15 -40.75
CA GLY K 264 -11.60 21.20 -41.23
C GLY K 264 -12.13 22.60 -41.40
N ALA K 265 -11.59 23.56 -40.66
CA ALA K 265 -12.04 24.95 -40.77
C ALA K 265 -11.39 25.68 -41.93
N SER K 266 -10.26 25.19 -42.44
CA SER K 266 -9.57 25.82 -43.56
C SER K 266 -9.93 25.21 -44.90
N SER K 267 -10.83 24.23 -44.93
CA SER K 267 -11.24 23.60 -46.18
C SER K 267 -12.70 23.90 -46.51
N LYS L 10 30.43 -14.88 41.69
CA LYS L 10 30.40 -15.50 40.38
C LYS L 10 29.14 -16.34 40.20
N VAL L 11 28.08 -15.71 39.70
CA VAL L 11 26.81 -16.38 39.48
C VAL L 11 26.36 -16.13 38.04
N SER L 12 25.44 -16.97 37.58
CA SER L 12 24.89 -16.87 36.23
C SER L 12 23.38 -17.07 36.27
N LEU L 13 22.70 -16.17 36.99
CA LEU L 13 21.25 -16.23 37.13
C LEU L 13 20.62 -15.63 35.87
N VAL L 14 20.41 -16.48 34.87
CA VAL L 14 19.82 -16.08 33.60
C VAL L 14 18.43 -16.70 33.51
N ALA L 15 17.41 -15.86 33.40
CA ALA L 15 16.03 -16.32 33.31
C ALA L 15 15.59 -16.34 31.84
N PRO L 16 14.28 -16.46 31.59
CA PRO L 16 13.82 -16.48 30.19
C PRO L 16 13.22 -15.14 29.76
N HIS L 17 13.68 -14.06 30.38
CA HIS L 17 13.17 -12.73 30.06
C HIS L 17 14.27 -11.69 30.16
N GLN L 18 15.12 -11.82 31.17
CA GLN L 18 16.22 -10.88 31.37
C GLN L 18 17.36 -11.59 32.10
N ALA L 19 18.48 -10.90 32.23
CA ALA L 19 19.66 -11.40 32.90
C ALA L 19 19.84 -10.68 34.22
N ILE L 20 20.04 -11.45 35.30
CA ILE L 20 20.21 -10.89 36.63
C ILE L 20 21.70 -10.79 36.95
N PHE L 21 22.35 -11.94 37.15
CA PHE L 21 23.77 -11.95 37.46
C PHE L 21 24.61 -11.75 36.20
N THR L 22 24.33 -12.51 35.16
CA THR L 22 25.05 -12.43 33.88
C THR L 22 26.55 -12.60 34.08
N ASN L 23 27.25 -11.50 34.36
CA ASN L 23 28.69 -11.55 34.57
C ASN L 23 29.01 -12.11 35.95
N LYS L 24 30.24 -12.57 36.11
CA LYS L 24 30.72 -13.13 37.37
C LYS L 24 31.13 -11.98 38.28
N GLU L 25 30.19 -11.51 39.11
CA GLU L 25 30.44 -10.43 40.05
C GLU L 25 29.49 -10.61 41.24
N VAL L 26 29.72 -11.69 41.99
CA VAL L 26 28.91 -12.02 43.18
C VAL L 26 29.79 -12.75 44.17
N SER L 27 29.25 -12.99 45.37
CA SER L 27 29.99 -13.68 46.41
C SER L 27 29.24 -14.91 46.89
N GLN L 28 28.15 -14.69 47.64
CA GLN L 28 27.33 -15.78 48.16
C GLN L 28 25.91 -15.65 47.62
N VAL L 29 25.24 -16.79 47.50
CA VAL L 29 23.87 -16.83 47.01
C VAL L 29 23.18 -18.04 47.63
N ASN L 30 21.99 -17.81 48.21
CA ASN L 30 21.21 -18.86 48.85
C ASN L 30 19.89 -19.00 48.08
N LEU L 31 19.69 -20.16 47.48
CA LEU L 31 18.48 -20.44 46.72
C LEU L 31 17.79 -21.70 47.25
N PRO L 32 16.46 -21.68 47.36
CA PRO L 32 15.74 -22.84 47.87
C PRO L 32 15.65 -23.93 46.81
N ALA L 33 16.31 -25.06 47.08
CA ALA L 33 16.32 -26.19 46.16
C ALA L 33 15.21 -27.17 46.53
N SER L 34 15.20 -28.34 45.89
CA SER L 34 14.19 -29.33 46.18
C SER L 34 14.47 -30.10 47.46
N SER L 35 15.74 -30.35 47.76
CA SER L 35 16.10 -31.08 48.98
C SER L 35 16.04 -30.17 50.20
N GLY L 36 16.76 -29.05 50.16
CA GLY L 36 16.77 -28.13 51.27
C GLY L 36 17.20 -26.75 50.81
N GLU L 37 17.25 -25.83 51.77
CA GLU L 37 17.65 -24.44 51.51
C GLU L 37 19.17 -24.36 51.56
N MET L 38 19.80 -24.73 50.44
CA MET L 38 21.24 -24.71 50.33
C MET L 38 21.72 -23.39 49.74
N GLY L 39 22.94 -23.02 50.10
CA GLY L 39 23.53 -21.78 49.61
C GLY L 39 24.91 -22.00 49.07
N VAL L 40 25.19 -21.36 47.93
CA VAL L 40 26.49 -21.48 47.28
C VAL L 40 27.45 -20.46 47.87
N LEU L 41 28.71 -20.85 48.03
CA LEU L 41 29.73 -19.97 48.58
C LEU L 41 30.61 -19.40 47.47
N ALA L 42 31.93 -19.48 47.66
CA ALA L 42 32.85 -18.97 46.65
C ALA L 42 32.90 -19.87 45.43
N ASN L 43 33.28 -21.14 45.64
CA ASN L 43 33.39 -22.13 44.56
C ASN L 43 32.73 -23.43 45.05
N HIS L 44 31.42 -23.53 44.86
CA HIS L 44 30.68 -24.70 45.30
C HIS L 44 31.01 -25.90 44.41
N VAL L 45 30.69 -27.08 44.93
CA VAL L 45 30.95 -28.34 44.22
C VAL L 45 29.87 -28.52 43.14
N PRO L 46 30.06 -29.44 42.21
CA PRO L 46 29.04 -29.63 41.16
C PRO L 46 27.84 -30.41 41.65
N THR L 47 26.84 -29.69 42.17
CA THR L 47 25.61 -30.29 42.69
C THR L 47 24.44 -29.63 41.98
N VAL L 48 24.14 -30.10 40.76
CA VAL L 48 23.05 -29.56 39.95
C VAL L 48 21.78 -30.25 40.41
N GLU L 49 20.97 -29.54 41.21
CA GLU L 49 19.72 -30.05 41.72
C GLU L 49 18.58 -29.15 41.29
N GLU L 50 17.35 -29.65 41.45
CA GLU L 50 16.17 -28.90 41.08
C GLU L 50 15.85 -27.84 42.12
N LEU L 51 15.41 -26.68 41.65
CA LEU L 51 15.06 -25.56 42.51
C LEU L 51 13.55 -25.55 42.74
N ALA L 52 13.15 -25.36 44.00
CA ALA L 52 11.74 -25.32 44.35
C ALA L 52 11.23 -23.89 44.35
N PRO L 53 9.87 -23.67 44.57
CA PRO L 53 9.33 -22.29 44.58
C PRO L 53 9.58 -21.56 45.90
N GLY L 54 10.80 -21.05 46.04
CA GLY L 54 11.19 -20.34 47.24
C GLY L 54 11.79 -18.98 46.95
N VAL L 55 12.64 -18.49 47.86
CA VAL L 55 13.30 -17.20 47.73
C VAL L 55 14.77 -17.43 47.41
N VAL L 56 15.25 -16.80 46.35
CA VAL L 56 16.65 -16.94 45.94
C VAL L 56 17.38 -15.65 46.22
N GLU L 57 17.95 -15.53 47.42
CA GLU L 57 18.68 -14.34 47.82
C GLU L 57 20.16 -14.52 47.53
N VAL L 58 20.79 -13.47 46.99
CA VAL L 58 22.20 -13.47 46.65
C VAL L 58 22.86 -12.33 47.41
N ILE L 59 23.71 -12.68 48.38
CA ILE L 59 24.39 -11.67 49.19
C ILE L 59 25.52 -11.06 48.35
N GLU L 60 25.52 -9.73 48.27
CA GLU L 60 26.53 -8.99 47.50
C GLU L 60 27.54 -8.41 48.49
N SER L 61 28.64 -9.12 48.68
CA SER L 61 29.71 -8.71 49.59
C SER L 61 29.19 -8.47 51.00
N SER L 62 28.74 -7.25 51.27
CA SER L 62 28.22 -6.90 52.59
C SER L 62 26.75 -7.28 52.72
N GLY L 63 25.94 -6.37 53.25
CA GLY L 63 24.52 -6.63 53.43
C GLY L 63 23.67 -6.09 52.30
N THR L 64 24.22 -6.11 51.09
CA THR L 64 23.50 -5.63 49.90
C THR L 64 22.84 -6.78 49.14
N ALA L 65 22.15 -7.65 49.87
CA ALA L 65 21.49 -8.79 49.26
C ALA L 65 20.20 -8.35 48.57
N SER L 66 19.86 -9.06 47.49
CA SER L 66 18.65 -8.79 46.72
C SER L 66 17.78 -10.04 46.74
N LYS L 67 16.68 -9.99 47.49
CA LYS L 67 15.77 -11.12 47.59
C LYS L 67 14.96 -11.25 46.31
N TYR L 68 15.17 -12.34 45.58
CA TYR L 68 14.47 -12.61 44.32
C TYR L 68 13.63 -13.87 44.51
N PHE L 69 12.30 -13.70 44.49
CA PHE L 69 11.38 -14.81 44.65
C PHE L 69 11.31 -15.59 43.34
N VAL L 70 12.06 -16.69 43.27
CA VAL L 70 12.09 -17.51 42.06
C VAL L 70 10.88 -18.44 42.05
N SER L 71 10.39 -18.74 40.85
CA SER L 71 9.24 -19.61 40.67
C SER L 71 9.63 -21.08 40.57
N GLY L 72 10.90 -21.41 40.62
CA GLY L 72 11.35 -22.79 40.52
C GLY L 72 12.11 -23.03 39.23
N GLY L 73 13.21 -23.76 39.33
CA GLY L 73 14.01 -24.07 38.17
C GLY L 73 15.00 -25.20 38.41
N PHE L 74 16.28 -24.96 38.08
CA PHE L 74 17.32 -25.97 38.28
C PHE L 74 18.62 -25.24 38.57
N ALA L 75 19.00 -25.20 39.84
CA ALA L 75 20.23 -24.54 40.26
C ALA L 75 21.42 -25.44 39.93
N SER L 76 22.05 -25.16 38.80
CA SER L 76 23.21 -25.93 38.33
C SER L 76 24.49 -25.24 38.77
N ILE L 77 25.43 -26.01 39.29
CA ILE L 77 26.72 -25.51 39.77
C ILE L 77 27.82 -26.19 38.97
N LEU L 78 28.75 -25.41 38.46
CA LEU L 78 29.86 -25.92 37.69
C LEU L 78 31.09 -26.12 38.57
N PRO L 79 32.10 -26.83 38.07
CA PRO L 79 33.30 -27.07 38.88
C PRO L 79 34.34 -25.95 38.79
N GLY L 80 34.09 -24.91 38.00
CA GLY L 80 35.04 -23.82 37.87
C GLY L 80 34.54 -22.53 38.47
N SER L 81 33.97 -22.61 39.68
CA SER L 81 33.43 -21.46 40.40
C SER L 81 32.39 -20.73 39.58
N LYS L 82 31.32 -21.46 39.25
CA LYS L 82 30.21 -20.91 38.46
C LYS L 82 28.91 -21.52 38.94
N LEU L 83 27.90 -20.68 39.16
CA LEU L 83 26.59 -21.11 39.62
C LEU L 83 25.54 -20.59 38.65
N SER L 84 24.96 -21.48 37.86
CA SER L 84 23.94 -21.14 36.88
C SER L 84 22.57 -21.45 37.47
N ILE L 85 21.84 -20.41 37.84
CA ILE L 85 20.50 -20.54 38.42
C ILE L 85 19.52 -20.17 37.32
N SER L 86 19.06 -21.17 36.57
CA SER L 86 18.12 -20.96 35.48
C SER L 86 16.70 -21.20 36.02
N THR L 87 15.89 -20.14 36.02
CA THR L 87 14.52 -20.20 36.49
C THR L 87 13.59 -19.60 35.44
N VAL L 88 12.30 -19.87 35.59
CA VAL L 88 11.31 -19.35 34.66
C VAL L 88 10.99 -17.89 34.97
N GLU L 89 10.68 -17.60 36.23
CA GLU L 89 10.35 -16.25 36.67
C GLU L 89 11.15 -15.91 37.92
N ALA L 90 11.67 -14.69 37.96
CA ALA L 90 12.47 -14.23 39.11
C ALA L 90 12.11 -12.76 39.35
N HIS L 91 11.28 -12.53 40.36
CA HIS L 91 10.83 -11.20 40.74
C HIS L 91 11.21 -10.90 42.19
N PRO L 92 11.27 -9.64 42.57
CA PRO L 92 11.63 -9.29 43.95
C PRO L 92 10.45 -9.44 44.89
N LEU L 93 10.75 -9.33 46.18
CA LEU L 93 9.72 -9.46 47.21
C LEU L 93 8.84 -8.22 47.32
N ASP L 94 9.33 -7.07 46.86
CA ASP L 94 8.56 -5.82 46.92
C ASP L 94 7.66 -5.63 45.72
N ALA L 95 7.69 -6.54 44.75
CA ALA L 95 6.86 -6.43 43.55
C ALA L 95 5.55 -7.21 43.68
N PHE L 96 5.19 -7.64 44.88
CA PHE L 96 3.97 -8.39 45.12
C PHE L 96 3.14 -7.70 46.20
N SER L 97 1.82 -7.74 46.04
CA SER L 97 0.90 -7.13 46.98
C SER L 97 0.31 -8.19 47.90
N SER L 98 -0.11 -7.74 49.08
CA SER L 98 -0.69 -8.66 50.07
C SER L 98 -2.18 -8.86 49.85
N GLU L 99 -2.86 -7.89 49.24
CA GLU L 99 -4.30 -8.00 49.01
C GLU L 99 -4.60 -8.87 47.80
N ASN L 100 -3.81 -8.74 46.73
CA ASN L 100 -4.03 -9.52 45.52
C ASN L 100 -3.55 -10.96 45.66
N ILE L 101 -2.65 -11.24 46.61
CA ILE L 101 -2.16 -12.60 46.78
C ILE L 101 -3.19 -13.47 47.51
N LYS L 102 -4.07 -12.85 48.30
CA LYS L 102 -5.08 -13.61 49.02
C LYS L 102 -6.21 -14.11 48.13
N SER L 103 -6.41 -13.48 46.96
CA SER L 103 -7.47 -13.90 46.07
C SER L 103 -7.11 -15.19 45.34
N LEU L 104 -5.85 -15.37 44.97
CA LEU L 104 -5.43 -16.58 44.27
C LEU L 104 -5.32 -17.77 45.22
N LEU L 105 -4.96 -17.53 46.48
CA LEU L 105 -4.85 -18.64 47.44
C LEU L 105 -6.22 -19.13 47.88
N ALA L 106 -7.23 -18.24 47.91
CA ALA L 106 -8.56 -18.67 48.32
C ALA L 106 -9.29 -19.39 47.21
N GLU L 107 -9.01 -19.06 45.95
CA GLU L 107 -9.68 -19.72 44.84
C GLU L 107 -9.09 -21.10 44.57
N ALA L 108 -7.81 -21.31 44.88
CA ALA L 108 -7.19 -22.61 44.65
C ALA L 108 -7.59 -23.62 45.71
N GLN L 109 -7.94 -23.17 46.91
CA GLN L 109 -8.33 -24.10 47.96
C GLN L 109 -9.75 -24.61 47.76
N LYS L 110 -10.64 -23.76 47.25
CA LYS L 110 -12.02 -24.18 47.02
C LYS L 110 -12.16 -25.05 45.77
N ASN L 111 -11.27 -24.87 44.80
CA ASN L 111 -11.33 -25.66 43.57
C ASN L 111 -10.64 -27.01 43.70
N ALA L 112 -9.90 -27.25 44.78
CA ALA L 112 -9.23 -28.52 44.97
C ALA L 112 -10.21 -29.59 45.45
N SER L 113 -10.09 -30.79 44.89
CA SER L 113 -10.95 -31.91 45.23
C SER L 113 -12.42 -31.57 45.00
N SER L 114 -12.71 -30.92 43.88
CA SER L 114 -14.06 -30.54 43.53
C SER L 114 -14.49 -30.99 42.14
N ALA L 115 -13.58 -31.53 41.33
CA ALA L 115 -13.93 -31.98 39.99
C ALA L 115 -13.15 -33.24 39.63
N ASP L 116 -12.63 -33.31 38.42
CA ASP L 116 -11.87 -34.46 37.96
C ASP L 116 -10.82 -33.98 36.97
N GLU L 117 -10.25 -34.90 36.21
CA GLU L 117 -9.22 -34.62 35.19
C GLU L 117 -8.04 -33.97 35.91
N THR L 118 -7.44 -32.92 35.34
CA THR L 118 -6.31 -32.23 35.95
C THR L 118 -6.72 -30.96 36.68
N VAL L 119 -8.00 -30.80 36.99
CA VAL L 119 -8.46 -29.61 37.68
C VAL L 119 -8.14 -29.69 39.17
N ALA L 120 -8.30 -30.87 39.77
CA ALA L 120 -8.00 -31.03 41.19
C ALA L 120 -6.51 -31.16 41.46
N ALA L 121 -5.75 -31.67 40.48
CA ALA L 121 -4.31 -31.83 40.66
C ALA L 121 -3.56 -30.51 40.51
N GLU L 122 -4.07 -29.59 39.67
CA GLU L 122 -3.41 -28.32 39.48
C GLU L 122 -3.66 -27.34 40.62
N ALA L 123 -4.77 -27.52 41.35
CA ALA L 123 -5.08 -26.63 42.47
C ALA L 123 -4.24 -26.91 43.71
N ALA L 124 -3.74 -28.13 43.86
CA ALA L 124 -2.92 -28.46 45.02
C ALA L 124 -1.52 -27.87 44.93
N ILE L 125 -0.97 -27.77 43.72
CA ILE L 125 0.37 -27.21 43.56
C ILE L 125 0.35 -25.69 43.67
N GLU L 126 -0.75 -25.06 43.29
CA GLU L 126 -0.85 -23.60 43.37
C GLU L 126 -1.08 -23.13 44.79
N ILE L 127 -1.70 -23.95 45.64
CA ILE L 127 -1.94 -23.55 47.02
C ILE L 127 -0.67 -23.65 47.86
N GLU L 128 0.23 -24.58 47.53
CA GLU L 128 1.46 -24.73 48.29
C GLU L 128 2.49 -23.65 47.93
N VAL L 129 2.49 -23.18 46.69
CA VAL L 129 3.44 -22.15 46.30
C VAL L 129 3.00 -20.78 46.78
N LEU L 130 1.69 -20.56 46.91
CA LEU L 130 1.19 -19.27 47.37
C LEU L 130 1.32 -19.11 48.88
N GLU L 131 1.32 -20.21 49.63
CA GLU L 131 1.45 -20.13 51.07
C GLU L 131 2.89 -19.87 51.51
N ALA L 132 3.87 -20.32 50.72
CA ALA L 132 5.26 -20.09 51.08
C ALA L 132 5.72 -18.68 50.76
N LEU L 133 5.15 -18.05 49.73
CA LEU L 133 5.53 -16.69 49.39
C LEU L 133 4.87 -15.65 50.30
N GLN L 134 3.70 -15.97 50.83
CA GLN L 134 3.00 -15.04 51.71
C GLN L 134 3.57 -15.02 53.13
N ALA L 135 4.26 -16.08 53.53
CA ALA L 135 4.85 -16.15 54.87
C ALA L 135 6.21 -15.48 54.95
N ALA L 136 6.80 -15.09 53.82
CA ALA L 136 8.11 -14.44 53.80
C ALA L 136 7.94 -12.99 53.35
N VAL L 137 7.29 -12.21 54.21
CA VAL L 137 7.06 -10.79 53.91
C VAL L 137 7.92 -9.92 54.81
N SER M 1 9.52 -32.16 42.24
CA SER M 1 8.62 -32.27 43.39
C SER M 1 7.50 -33.27 43.12
N SER M 2 6.41 -32.78 42.53
CA SER M 2 5.26 -33.60 42.20
C SER M 2 5.19 -33.94 40.71
N TRP M 3 6.35 -34.13 40.07
CA TRP M 3 6.38 -34.45 38.65
C TRP M 3 6.11 -35.92 38.37
N GLN M 4 6.29 -36.79 39.37
CA GLN M 4 6.06 -38.22 39.16
C GLN M 4 4.60 -38.59 39.36
N LYS M 5 3.84 -37.80 40.13
CA LYS M 5 2.43 -38.11 40.37
C LYS M 5 1.56 -37.68 39.20
N ALA M 6 2.01 -36.69 38.41
CA ALA M 6 1.26 -36.21 37.27
C ALA M 6 1.91 -36.65 35.97
N GLY M 7 1.11 -36.69 34.91
CA GLY M 7 1.57 -37.10 33.60
C GLY M 7 2.28 -36.03 32.80
N ILE M 8 2.53 -34.86 33.38
CA ILE M 8 3.21 -33.80 32.67
C ILE M 8 4.72 -33.93 32.84
N SER M 9 5.45 -33.44 31.84
CA SER M 9 6.90 -33.49 31.84
C SER M 9 7.45 -32.23 32.50
N PHE M 10 8.77 -32.02 32.38
CA PHE M 10 9.39 -30.84 32.98
C PHE M 10 9.10 -29.58 32.17
N ASN M 11 8.71 -29.73 30.90
CA ASN M 11 8.43 -28.56 30.07
C ASN M 11 7.07 -27.96 30.42
N LYS M 12 6.07 -28.81 30.65
CA LYS M 12 4.74 -28.31 30.99
C LYS M 12 4.65 -27.91 32.47
N TYR M 13 5.49 -28.47 33.32
CA TYR M 13 5.46 -28.11 34.74
C TYR M 13 6.06 -26.75 34.99
N LEU M 14 7.03 -26.32 34.16
CA LEU M 14 7.63 -25.01 34.35
C LEU M 14 6.70 -23.89 33.91
N ALA M 15 5.86 -24.15 32.90
CA ALA M 15 4.95 -23.13 32.42
C ALA M 15 3.74 -22.96 33.34
N ILE M 16 3.34 -24.03 34.03
CA ILE M 16 2.20 -23.94 34.93
C ILE M 16 2.59 -23.23 36.22
N ALA M 17 3.84 -23.39 36.66
CA ALA M 17 4.29 -22.73 37.88
C ALA M 17 4.57 -21.25 37.68
N ALA M 18 5.05 -20.87 36.50
CA ALA M 18 5.33 -19.46 36.23
C ALA M 18 4.05 -18.67 35.97
N ARG M 19 3.03 -19.30 35.40
CA ARG M 19 1.78 -18.59 35.13
C ARG M 19 0.98 -18.37 36.42
N THR M 20 1.05 -19.31 37.36
CA THR M 20 0.32 -19.16 38.62
C THR M 20 0.99 -18.15 39.54
N VAL M 21 2.31 -18.02 39.48
CA VAL M 21 3.00 -17.06 40.33
C VAL M 21 2.83 -15.64 39.81
N GLN M 22 2.59 -15.49 38.50
CA GLN M 22 2.41 -14.15 37.94
C GLN M 22 1.02 -13.60 38.26
N ARG M 23 0.00 -14.47 38.27
CA ARG M 23 -1.36 -14.03 38.58
C ARG M 23 -1.58 -13.83 40.07
N SER M 24 -0.74 -14.42 40.92
CA SER M 24 -0.87 -14.29 42.36
C SER M 24 -0.05 -13.13 42.93
N LEU M 25 0.69 -12.42 42.09
CA LEU M 25 1.51 -11.29 42.55
C LEU M 25 0.72 -10.00 42.50
N LYS M 26 1.33 -8.93 42.00
CA LYS M 26 0.65 -7.65 41.90
C LYS M 26 -0.25 -7.61 40.68
N ASN M 27 -1.50 -7.18 40.87
CA ASN M 27 -2.44 -7.12 39.75
C ASN M 27 -2.16 -5.92 38.86
N ASP M 28 -1.62 -4.83 39.42
CA ASP M 28 -1.32 -3.65 38.63
C ASP M 28 -0.03 -3.77 37.85
N LEU M 29 0.84 -4.72 38.21
CA LEU M 29 2.11 -4.93 37.53
C LEU M 29 2.03 -6.01 36.45
N LYS M 30 0.86 -6.23 35.86
CA LYS M 30 0.68 -7.23 34.82
C LYS M 30 0.79 -6.66 33.42
N VAL M 31 1.59 -5.62 33.23
CA VAL M 31 1.75 -5.00 31.91
C VAL M 31 2.69 -5.86 31.08
N ALA M 32 2.26 -6.21 29.86
CA ALA M 32 3.03 -7.03 28.93
C ALA M 32 3.43 -8.37 29.58
N ALA M 33 2.45 -9.01 30.22
CA ALA M 33 2.67 -10.28 30.87
C ALA M 33 1.58 -11.32 30.61
N GLU M 34 0.38 -10.91 30.20
CA GLU M 34 -0.70 -11.86 29.94
C GLU M 34 -0.58 -12.51 28.57
N LYS M 35 0.24 -11.96 27.68
CA LYS M 35 0.41 -12.54 26.35
C LYS M 35 1.29 -13.78 26.34
N ARG M 36 2.13 -13.95 27.37
CA ARG M 36 3.01 -15.12 27.44
C ARG M 36 2.32 -16.35 28.01
N TYR M 37 1.13 -16.20 28.57
CA TYR M 37 0.39 -17.32 29.14
C TYR M 37 -0.87 -17.68 28.34
N ILE M 38 -1.14 -16.97 27.26
CA ILE M 38 -2.31 -17.22 26.42
C ILE M 38 -1.86 -17.25 24.96
N SER M 39 -2.19 -18.34 24.27
CA SER M 39 -1.83 -18.50 22.87
C SER M 39 -2.98 -19.16 22.13
N ASP M 40 -3.08 -18.85 20.83
CA ASP M 40 -4.13 -19.39 19.97
C ASP M 40 -3.54 -20.33 18.91
N ALA M 41 -2.53 -21.11 19.29
CA ALA M 41 -1.91 -22.04 18.37
C ALA M 41 -2.74 -23.31 18.24
N LYS M 42 -2.58 -23.99 17.11
CA LYS M 42 -3.29 -25.23 16.82
C LYS M 42 -2.30 -26.31 16.43
N VAL M 43 -2.69 -27.56 16.65
CA VAL M 43 -1.88 -28.73 16.34
C VAL M 43 -2.75 -29.74 15.60
N GLN M 44 -2.21 -30.29 14.51
CA GLN M 44 -2.93 -31.27 13.71
C GLN M 44 -1.94 -32.29 13.19
N LYS M 45 -2.14 -33.56 13.53
CA LYS M 45 -1.26 -34.62 13.10
C LYS M 45 -1.65 -35.10 11.71
N LEU M 46 -0.69 -35.09 10.79
CA LEU M 46 -0.94 -35.53 9.42
C LEU M 46 -0.61 -37.01 9.26
N GLU M 47 -1.04 -37.57 8.13
CA GLU M 47 -0.81 -38.98 7.82
C GLU M 47 -0.72 -39.15 6.32
N LYS M 48 0.28 -39.92 5.88
CA LYS M 48 0.50 -40.19 4.47
C LYS M 48 0.64 -38.91 3.65
N VAL M 52 -1.65 -36.57 1.91
CA VAL M 52 -1.30 -35.48 2.82
C VAL M 52 -2.49 -35.13 3.70
N SER M 53 -3.30 -36.13 4.03
CA SER M 53 -4.47 -35.91 4.87
C SER M 53 -4.08 -35.81 6.34
N THR M 54 -4.98 -35.25 7.13
CA THR M 54 -4.77 -35.06 8.56
C THR M 54 -6.03 -35.47 9.30
N THR M 55 -5.90 -35.60 10.62
CA THR M 55 -7.02 -35.98 11.47
C THR M 55 -7.73 -34.74 12.01
N ASP M 56 -8.24 -34.82 13.24
CA ASP M 56 -8.92 -33.69 13.86
C ASP M 56 -7.92 -32.72 14.44
N LEU M 57 -8.03 -31.45 14.03
CA LEU M 57 -7.12 -30.42 14.52
C LEU M 57 -7.53 -29.99 15.93
N ALA M 58 -6.58 -30.04 16.85
CA ALA M 58 -6.84 -29.66 18.23
C ALA M 58 -6.54 -28.18 18.45
N SER M 59 -7.13 -27.63 19.52
CA SER M 59 -6.99 -26.24 19.89
C SER M 59 -6.23 -26.15 21.22
N ASN M 60 -6.41 -25.06 21.94
CA ASN M 60 -5.74 -24.83 23.23
C ASN M 60 -4.23 -24.93 23.11
N VAL N 8 -1.68 13.07 -9.65
CA VAL N 8 -0.86 12.78 -8.47
C VAL N 8 -1.73 12.24 -7.34
N ARG N 9 -2.90 12.85 -7.16
CA ARG N 9 -3.83 12.45 -6.13
C ARG N 9 -4.98 11.65 -6.76
N SER N 10 -6.10 11.52 -6.04
CA SER N 10 -7.28 10.79 -6.48
C SER N 10 -6.93 9.34 -6.83
N SER N 11 -6.68 8.57 -5.78
CA SER N 11 -6.33 7.16 -5.89
C SER N 11 -7.30 6.30 -5.10
N ALA N 12 -8.58 6.64 -5.14
CA ALA N 12 -9.62 5.90 -4.43
C ALA N 12 -10.05 4.72 -5.30
N GLY N 13 -9.48 3.55 -5.02
CA GLY N 13 -9.81 2.37 -5.79
C GLY N 13 -9.18 2.32 -7.17
N ALA N 14 -7.93 2.73 -7.29
CA ALA N 14 -7.25 2.73 -8.59
C ALA N 14 -6.66 1.37 -8.94
N VAL N 15 -6.63 0.43 -8.00
CA VAL N 15 -6.09 -0.89 -8.28
C VAL N 15 -7.08 -1.73 -9.07
N ARG N 16 -8.34 -1.75 -8.63
CA ARG N 16 -9.37 -2.52 -9.32
C ARG N 16 -9.88 -1.83 -10.57
N ASP N 17 -9.65 -0.53 -10.72
CA ASP N 17 -10.12 0.19 -11.89
C ASP N 17 -9.15 0.08 -13.07
N ALA N 18 -7.92 -0.38 -12.83
CA ALA N 18 -6.95 -0.51 -13.91
C ALA N 18 -7.22 -1.75 -14.76
N GLY N 19 -7.28 -2.91 -14.13
CA GLY N 19 -7.54 -4.14 -14.86
C GLY N 19 -6.30 -4.83 -15.39
N GLY N 20 -5.15 -4.59 -14.79
CA GLY N 20 -3.89 -5.20 -15.19
C GLY N 20 -3.53 -6.39 -14.33
N ALA N 21 -2.27 -6.42 -13.89
CA ALA N 21 -1.81 -7.53 -13.06
C ALA N 21 -2.30 -7.36 -11.62
N PHE N 22 -2.31 -6.13 -11.11
CA PHE N 22 -2.77 -5.90 -9.76
C PHE N 22 -4.30 -5.94 -9.65
N GLY N 23 -5.00 -5.63 -10.73
CA GLY N 23 -6.45 -5.66 -10.72
C GLY N 23 -7.01 -7.05 -10.75
N LYS N 24 -6.38 -7.95 -11.51
CA LYS N 24 -6.85 -9.33 -11.58
C LYS N 24 -6.51 -10.11 -10.32
N ARG N 25 -5.41 -9.75 -9.66
CA ARG N 25 -5.02 -10.44 -8.42
C ARG N 25 -5.89 -10.03 -7.24
N GLU N 26 -6.44 -8.82 -7.27
CA GLU N 26 -7.29 -8.37 -6.17
C GLU N 26 -8.66 -9.03 -6.22
N GLN N 27 -9.19 -9.25 -7.43
CA GLN N 27 -10.49 -9.90 -7.55
C GLN N 27 -10.40 -11.39 -7.28
N ALA N 28 -9.27 -12.02 -7.61
CA ALA N 28 -9.12 -13.45 -7.35
C ALA N 28 -8.88 -13.74 -5.87
N GLU N 29 -8.26 -12.80 -5.16
CA GLU N 29 -8.00 -13.00 -3.73
C GLU N 29 -9.28 -12.83 -2.92
N GLU N 30 -10.15 -11.90 -3.33
CA GLU N 30 -11.40 -11.70 -2.61
C GLU N 30 -12.41 -12.81 -2.89
N GLU N 31 -12.37 -13.38 -4.11
CA GLU N 31 -13.29 -14.47 -4.43
C GLU N 31 -12.87 -15.78 -3.78
N ARG N 32 -11.57 -15.97 -3.55
CA ARG N 32 -11.10 -17.19 -2.92
C ARG N 32 -11.40 -17.19 -1.43
N TYR N 33 -11.33 -16.01 -0.79
CA TYR N 33 -11.62 -15.91 0.63
C TYR N 33 -13.11 -16.01 0.91
N PHE N 34 -13.95 -15.53 0.00
CA PHE N 34 -15.39 -15.61 0.20
C PHE N 34 -15.93 -16.99 -0.08
N ARG N 35 -15.26 -17.77 -0.94
CA ARG N 35 -15.71 -19.12 -1.24
C ARG N 35 -15.41 -20.08 -0.10
N ALA N 36 -14.32 -19.85 0.64
CA ALA N 36 -13.99 -20.73 1.76
C ALA N 36 -14.86 -20.45 2.97
N ARG N 37 -15.23 -19.19 3.19
CA ARG N 37 -16.08 -18.84 4.33
C ARG N 37 -17.53 -19.22 4.11
N ALA N 38 -17.97 -19.32 2.86
CA ALA N 38 -19.35 -19.70 2.59
C ALA N 38 -19.60 -21.18 2.86
N LYS N 39 -18.56 -22.01 2.75
CA LYS N 39 -18.72 -23.44 3.02
C LYS N 39 -18.88 -23.70 4.51
N GLU N 40 -18.20 -22.91 5.35
CA GLU N 40 -18.32 -23.09 6.80
C GLU N 40 -19.63 -22.53 7.32
N GLN N 41 -20.16 -21.49 6.68
CA GLN N 41 -21.42 -20.90 7.12
C GLN N 41 -22.62 -21.75 6.70
N LEU N 42 -22.54 -22.43 5.55
CA LEU N 42 -23.65 -23.26 5.09
C LEU N 42 -23.72 -24.57 5.87
N ALA N 43 -22.56 -25.09 6.30
CA ALA N 43 -22.56 -26.34 7.06
C ALA N 43 -23.03 -26.14 8.49
N ALA N 44 -22.74 -24.98 9.08
CA ALA N 44 -23.16 -24.71 10.45
C ALA N 44 -24.64 -24.37 10.54
N LEU N 45 -25.21 -23.81 9.47
CA LEU N 45 -26.63 -23.46 9.48
C LEU N 45 -27.52 -24.67 9.29
N LYS N 46 -27.04 -25.70 8.59
CA LYS N 46 -27.84 -26.90 8.38
C LYS N 46 -27.87 -27.78 9.62
N LYS N 47 -26.81 -27.77 10.43
CA LYS N 47 -26.77 -28.58 11.64
C LYS N 47 -27.56 -27.95 12.79
N HIS N 48 -27.75 -26.63 12.77
CA HIS N 48 -28.49 -25.97 13.84
C HIS N 48 -30.00 -26.06 13.64
N HIS N 49 -30.46 -26.38 12.43
CA HIS N 49 -31.89 -26.48 12.15
C HIS N 49 -32.44 -27.88 12.43
N GLU N 50 -31.60 -28.82 12.83
CA GLU N 50 -32.06 -30.18 13.12
C GLU N 50 -31.32 -30.76 14.32
N LEU O 3 42.46 -78.15 85.30
CA LEU O 3 42.40 -76.75 84.91
C LEU O 3 42.95 -76.54 83.51
N VAL O 4 43.91 -77.38 83.12
CA VAL O 4 44.51 -77.26 81.80
C VAL O 4 43.56 -77.81 80.73
N LEU O 5 42.86 -78.91 81.04
CA LEU O 5 41.93 -79.48 80.07
C LEU O 5 40.64 -78.69 79.99
N ALA O 6 40.23 -78.03 81.07
CA ALA O 6 39.01 -77.25 81.05
C ALA O 6 39.19 -75.93 80.33
N ALA O 7 40.42 -75.39 80.32
CA ALA O 7 40.68 -74.12 79.64
C ALA O 7 40.83 -74.29 78.14
N LYS O 8 41.08 -75.51 77.66
CA LYS O 8 41.24 -75.72 76.23
C LYS O 8 39.90 -75.69 75.49
N TYR O 9 38.81 -76.10 76.17
CA TYR O 9 37.50 -76.09 75.53
C TYR O 9 36.94 -74.67 75.44
N ILE O 10 37.21 -73.83 76.44
CA ILE O 10 36.71 -72.47 76.41
C ILE O 10 37.54 -71.57 75.49
N GLY O 11 38.75 -72.00 75.12
CA GLY O 11 39.58 -71.19 74.24
C GLY O 11 39.09 -71.20 72.81
N ALA O 12 38.43 -72.28 72.38
CA ALA O 12 37.91 -72.36 71.02
C ALA O 12 36.53 -71.74 70.87
N ALA O 13 35.90 -71.33 71.98
CA ALA O 13 34.58 -70.72 71.95
C ALA O 13 34.63 -69.20 72.09
N ILE O 14 35.49 -68.68 72.97
CA ILE O 14 35.57 -67.23 73.14
C ILE O 14 36.32 -66.60 71.97
N ALA O 15 37.16 -67.37 71.28
CA ALA O 15 37.89 -66.85 70.13
C ALA O 15 37.04 -66.76 68.88
N THR O 16 35.84 -67.34 68.89
CA THR O 16 34.95 -67.30 67.75
C THR O 16 34.09 -66.04 67.69
N ILE O 17 34.35 -65.07 68.58
CA ILE O 17 33.57 -63.84 68.57
C ILE O 17 33.96 -62.93 67.41
N GLY O 18 35.10 -63.17 66.78
CA GLY O 18 35.55 -62.37 65.65
C GLY O 18 34.91 -62.69 64.33
N LEU O 19 33.96 -63.63 64.31
CA LEU O 19 33.28 -63.98 63.06
C LEU O 19 32.28 -62.94 62.62
N THR O 20 31.93 -61.97 63.47
CA THR O 20 30.99 -60.93 63.07
C THR O 20 31.60 -59.97 62.07
N GLY O 21 32.90 -59.71 62.17
CA GLY O 21 33.55 -58.81 61.23
C GLY O 21 33.81 -59.45 59.88
N ALA O 22 34.11 -60.76 59.87
CA ALA O 22 34.36 -61.45 58.61
C ALA O 22 33.08 -61.75 57.86
N GLY O 23 31.99 -62.05 58.57
CA GLY O 23 30.73 -62.33 57.89
C GLY O 23 30.10 -61.07 57.32
N ILE O 24 30.15 -59.97 58.07
CA ILE O 24 29.58 -58.72 57.59
C ILE O 24 30.47 -58.04 56.57
N GLY O 25 31.76 -58.39 56.52
CA GLY O 25 32.64 -57.78 55.55
C GLY O 25 32.41 -58.28 54.13
N ILE O 26 31.97 -59.53 53.99
CA ILE O 26 31.69 -60.06 52.67
C ILE O 26 30.40 -59.46 52.10
N ALA O 27 29.48 -59.05 52.96
CA ALA O 27 28.24 -58.43 52.51
C ALA O 27 28.38 -56.93 52.27
N ILE O 28 29.32 -56.28 52.94
CA ILE O 28 29.51 -54.85 52.73
C ILE O 28 30.17 -54.58 51.40
N VAL O 29 31.12 -55.43 51.00
CA VAL O 29 31.79 -55.26 49.71
C VAL O 29 30.88 -55.70 48.57
N PHE O 30 29.97 -56.64 48.82
CA PHE O 30 29.05 -57.10 47.77
C PHE O 30 27.89 -56.13 47.57
N ALA O 31 27.56 -55.34 48.60
CA ALA O 31 26.46 -54.39 48.46
C ALA O 31 26.86 -53.20 47.59
N ALA O 32 28.12 -52.75 47.72
CA ALA O 32 28.59 -51.63 46.91
C ALA O 32 28.87 -52.05 45.47
N LEU O 33 29.24 -53.31 45.26
CA LEU O 33 29.51 -53.79 43.91
C LEU O 33 28.22 -54.06 43.14
N ILE O 34 27.16 -54.51 43.83
CA ILE O 34 25.90 -54.78 43.15
C ILE O 34 25.17 -53.48 42.84
N ASN O 35 25.24 -52.50 43.74
CA ASN O 35 24.58 -51.21 43.51
C ASN O 35 25.33 -50.36 42.50
N GLY O 36 26.65 -50.52 42.40
CA GLY O 36 27.42 -49.75 41.45
C GLY O 36 27.41 -50.34 40.06
N THR O 37 27.14 -51.65 39.94
CA THR O 37 27.12 -52.28 38.62
C THR O 37 25.87 -51.91 37.83
N SER O 38 24.79 -51.53 38.50
CA SER O 38 23.56 -51.16 37.81
C SER O 38 23.54 -49.70 37.37
N ARG O 39 24.66 -48.98 37.49
CA ARG O 39 24.74 -47.58 37.09
C ARG O 39 25.28 -47.39 35.68
N ASN O 40 25.49 -48.48 34.94
CA ASN O 40 26.00 -48.49 33.57
C ASN O 40 27.43 -47.96 33.51
N PRO O 41 28.42 -48.82 33.23
CA PRO O 41 28.26 -50.26 32.96
C PRO O 41 29.40 -51.10 33.53
N SER O 42 29.59 -51.03 34.86
CA SER O 42 30.65 -51.78 35.52
C SER O 42 30.22 -53.25 35.59
N LEU O 43 30.53 -53.98 34.52
CA LEU O 43 30.21 -55.39 34.41
C LEU O 43 31.46 -56.22 34.17
N ARG O 44 32.00 -56.22 32.96
CA ARG O 44 33.19 -56.98 32.64
C ARG O 44 34.40 -56.35 33.30
N ASN O 45 35.06 -57.10 34.18
CA ASN O 45 36.23 -56.64 34.93
C ASN O 45 35.83 -55.41 35.74
N THR O 46 36.76 -54.46 35.90
CA THR O 46 36.54 -53.22 36.63
C THR O 46 36.03 -53.51 38.04
N LEU O 47 34.71 -53.55 38.22
CA LEU O 47 34.13 -53.82 39.52
C LEU O 47 34.09 -55.30 39.84
N PHE O 48 34.05 -56.16 38.82
CA PHE O 48 34.02 -57.60 39.03
C PHE O 48 35.41 -58.09 39.42
N PRO O 49 36.47 -57.51 38.87
CA PRO O 49 37.82 -57.97 39.25
C PRO O 49 38.25 -57.50 40.63
N PHE O 50 37.78 -56.33 41.07
CA PHE O 50 38.14 -55.82 42.38
C PHE O 50 37.36 -56.50 43.51
N ALA O 51 36.24 -57.16 43.20
CA ALA O 51 35.47 -57.83 44.23
C ALA O 51 36.14 -59.11 44.69
N ILE O 52 36.86 -59.79 43.80
CA ILE O 52 37.54 -61.03 44.17
C ILE O 52 38.78 -60.72 44.99
N LEU O 53 39.52 -59.68 44.62
CA LEU O 53 40.72 -59.31 45.36
C LEU O 53 40.39 -58.56 46.65
N GLY O 54 39.29 -57.81 46.67
CA GLY O 54 38.92 -57.09 47.87
C GLY O 54 38.34 -57.99 48.95
N PHE O 55 37.73 -59.11 48.56
CA PHE O 55 37.16 -60.03 49.54
C PHE O 55 38.22 -60.83 50.27
N ALA O 56 39.41 -60.98 49.68
CA ALA O 56 40.47 -61.73 50.34
C ALA O 56 41.06 -60.96 51.52
N LEU O 57 41.05 -59.63 51.45
CA LEU O 57 41.57 -58.83 52.55
C LEU O 57 40.63 -58.84 53.75
N SER O 58 39.31 -58.86 53.48
CA SER O 58 38.34 -58.89 54.57
C SER O 58 38.24 -60.28 55.19
N GLU O 59 38.48 -61.33 54.40
CA GLU O 59 38.42 -62.69 54.90
C GLU O 59 39.71 -63.14 55.58
N ALA O 60 40.76 -62.30 55.56
CA ALA O 60 42.02 -62.68 56.21
C ALA O 60 41.90 -62.63 57.72
N THR O 61 40.98 -61.80 58.25
CA THR O 61 40.82 -61.73 59.70
C THR O 61 40.11 -62.96 60.26
N GLY O 62 39.20 -63.55 59.47
CA GLY O 62 38.52 -64.74 59.93
C GLY O 62 39.38 -65.99 59.89
N LEU O 63 40.27 -66.08 58.91
CA LEU O 63 41.15 -67.25 58.81
C LEU O 63 42.25 -67.21 59.86
N PHE O 64 42.74 -66.01 60.20
CA PHE O 64 43.80 -65.89 61.20
C PHE O 64 43.26 -66.11 62.61
N CYS O 65 42.02 -65.68 62.87
CA CYS O 65 41.44 -65.87 64.19
C CYS O 65 41.00 -67.30 64.43
N LEU O 66 40.68 -68.03 63.36
CA LEU O 66 40.26 -69.42 63.50
C LEU O 66 41.44 -70.35 63.75
N MET O 67 42.67 -69.93 63.42
CA MET O 67 43.83 -70.77 63.65
C MET O 67 44.22 -70.82 65.12
N ILE O 68 43.93 -69.76 65.87
CA ILE O 68 44.27 -69.74 67.28
C ILE O 68 43.27 -70.55 68.09
N SER O 69 42.01 -70.63 67.63
CA SER O 69 41.00 -71.40 68.35
C SER O 69 41.14 -72.90 68.11
N PHE O 70 41.56 -73.30 66.91
CA PHE O 70 41.72 -74.72 66.60
C PHE O 70 43.01 -75.28 67.16
N LEU O 71 44.02 -74.45 67.41
CA LEU O 71 45.28 -74.93 67.95
C LEU O 71 45.20 -75.27 69.43
N LEU O 72 44.29 -74.62 70.17
CA LEU O 72 44.15 -74.90 71.60
C LEU O 72 43.45 -76.22 71.88
N LEU O 73 42.65 -76.72 70.94
CA LEU O 73 41.94 -77.98 71.10
C LEU O 73 42.69 -79.17 70.52
N TYR O 74 43.78 -78.94 69.78
CA TYR O 74 44.56 -80.01 69.19
C TYR O 74 46.02 -80.02 69.61
N GLY O 75 46.58 -78.87 69.95
CA GLY O 75 47.97 -78.80 70.36
C GLY O 75 48.21 -77.84 71.51
N GLN P 2 48.48 -75.08 88.32
CA GLN P 2 47.59 -75.24 87.18
C GLN P 2 46.88 -73.92 86.86
N LEU P 3 47.07 -72.92 87.72
CA LEU P 3 46.44 -71.62 87.51
C LEU P 3 47.14 -70.82 86.42
N VAL P 4 48.46 -70.97 86.29
CA VAL P 4 49.18 -70.24 85.26
C VAL P 4 48.97 -70.85 83.88
N LEU P 5 48.80 -72.17 83.81
CA LEU P 5 48.58 -72.82 82.52
C LEU P 5 47.15 -72.63 82.02
N ALA P 6 46.18 -72.49 82.94
CA ALA P 6 44.80 -72.30 82.52
C ALA P 6 44.56 -70.87 82.04
N ALA P 7 45.33 -69.90 82.54
CA ALA P 7 45.17 -68.52 82.11
C ALA P 7 45.82 -68.24 80.76
N LYS P 8 46.69 -69.14 80.28
CA LYS P 8 47.33 -68.92 78.99
C LYS P 8 46.37 -69.18 77.84
N TYR P 9 45.44 -70.11 78.01
CA TYR P 9 44.48 -70.40 76.95
C TYR P 9 43.44 -69.29 76.81
N ILE P 10 43.05 -68.67 77.93
CA ILE P 10 42.07 -67.59 77.87
C ILE P 10 42.69 -66.28 77.41
N GLY P 11 44.02 -66.16 77.43
CA GLY P 11 44.67 -64.94 76.99
C GLY P 11 44.66 -64.75 75.49
N ALA P 12 44.48 -65.82 74.72
CA ALA P 12 44.43 -65.74 73.27
C ALA P 12 43.02 -65.84 72.71
N ALA P 13 42.05 -66.23 73.52
CA ALA P 13 40.67 -66.37 73.06
C ALA P 13 39.91 -65.04 73.17
N ILE P 14 39.98 -64.39 74.34
CA ILE P 14 39.30 -63.12 74.52
C ILE P 14 39.99 -61.99 73.78
N ALA P 15 41.29 -62.14 73.50
CA ALA P 15 42.01 -61.10 72.77
C ALA P 15 41.69 -61.10 71.28
N THR P 16 41.08 -62.17 70.77
CA THR P 16 40.72 -62.26 69.36
C THR P 16 39.40 -61.57 69.04
N ILE P 17 38.79 -60.88 70.00
CA ILE P 17 37.54 -60.19 69.74
C ILE P 17 37.75 -58.91 68.93
N GLY P 18 38.99 -58.43 68.84
CA GLY P 18 39.29 -57.24 68.07
C GLY P 18 39.32 -57.42 66.57
N LEU P 19 39.05 -58.63 66.08
CA LEU P 19 39.05 -58.88 64.64
C LEU P 19 37.83 -58.31 63.95
N THR P 20 36.81 -57.87 64.70
CA THR P 20 35.62 -57.30 64.08
C THR P 20 35.93 -55.94 63.47
N GLY P 21 36.78 -55.15 64.13
CA GLY P 21 37.14 -53.85 63.58
C GLY P 21 38.13 -53.95 62.44
N ALA P 22 39.03 -54.94 62.51
CA ALA P 22 40.01 -55.12 61.44
C ALA P 22 39.41 -55.81 60.23
N GLY P 23 38.43 -56.69 60.44
CA GLY P 23 37.79 -57.36 59.31
C GLY P 23 36.83 -56.45 58.56
N ILE P 24 36.02 -55.69 59.30
CA ILE P 24 35.07 -54.78 58.66
C ILE P 24 35.76 -53.53 58.13
N GLY P 25 36.94 -53.19 58.64
CA GLY P 25 37.64 -52.02 58.14
C GLY P 25 38.23 -52.20 56.76
N ILE P 26 38.61 -53.43 56.42
CA ILE P 26 39.15 -53.68 55.09
C ILE P 26 38.05 -53.65 54.04
N ALA P 27 36.82 -53.98 54.41
CA ALA P 27 35.70 -53.95 53.49
C ALA P 27 35.04 -52.58 53.39
N ILE P 28 35.16 -51.75 54.43
CA ILE P 28 34.56 -50.43 54.38
C ILE P 28 35.35 -49.51 53.46
N VAL P 29 36.68 -49.68 53.43
CA VAL P 29 37.50 -48.85 52.55
C VAL P 29 37.37 -49.31 51.10
N PHE P 30 37.13 -50.60 50.88
CA PHE P 30 36.95 -51.10 49.53
C PHE P 30 35.56 -50.84 48.97
N ALA P 31 34.56 -50.64 49.84
CA ALA P 31 33.21 -50.36 49.36
C ALA P 31 33.11 -48.94 48.81
N ALA P 32 33.79 -47.99 49.44
CA ALA P 32 33.76 -46.61 48.96
C ALA P 32 34.59 -46.43 47.71
N LEU P 33 35.65 -47.22 47.55
CA LEU P 33 36.49 -47.12 46.36
C LEU P 33 35.85 -47.80 45.16
N ILE P 34 35.07 -48.85 45.37
CA ILE P 34 34.41 -49.53 44.26
C ILE P 34 33.24 -48.71 43.75
N ASN P 35 32.50 -48.05 44.65
CA ASN P 35 31.37 -47.24 44.25
C ASN P 35 31.82 -45.90 43.65
N GLY P 36 33.00 -45.42 44.03
CA GLY P 36 33.49 -44.16 43.49
C GLY P 36 34.26 -44.29 42.19
N THR P 37 34.75 -45.49 41.87
CA THR P 37 35.48 -45.69 40.63
C THR P 37 34.57 -45.72 39.41
N SER P 38 33.27 -45.98 39.61
CA SER P 38 32.33 -46.01 38.50
C SER P 38 31.79 -44.63 38.13
N ARG P 39 32.28 -43.58 38.76
CA ARG P 39 31.84 -42.23 38.48
C ARG P 39 32.66 -41.53 37.41
N ASN P 40 33.62 -42.24 36.80
CA ASN P 40 34.50 -41.74 35.74
C ASN P 40 35.41 -40.64 36.26
N PRO P 41 36.73 -40.86 36.31
CA PRO P 41 37.40 -42.11 35.90
C PRO P 41 38.56 -42.48 36.81
N SER P 42 38.28 -42.64 38.10
CA SER P 42 39.31 -43.01 39.06
C SER P 42 39.68 -44.48 38.92
N LEU P 43 40.62 -44.77 38.02
CA LEU P 43 41.04 -46.16 37.78
C LEU P 43 42.53 -46.31 38.04
N ARG P 44 43.36 -45.90 37.07
CA ARG P 44 44.80 -46.01 37.21
C ARG P 44 45.32 -44.96 38.17
N ASN P 45 46.01 -45.41 39.22
CA ASN P 45 46.59 -44.54 40.25
C ASN P 45 45.45 -43.73 40.89
N THR P 46 45.76 -42.50 41.30
CA THR P 46 44.79 -41.59 41.93
C THR P 46 44.12 -42.26 43.13
N LEU P 47 43.01 -42.96 42.89
CA LEU P 47 42.30 -43.63 43.97
C LEU P 47 42.96 -44.95 44.37
N PHE P 48 43.84 -45.50 43.54
CA PHE P 48 44.52 -46.74 43.85
C PHE P 48 45.57 -46.52 44.92
N PRO P 49 46.19 -45.33 44.97
CA PRO P 49 47.20 -45.10 46.02
C PRO P 49 46.57 -44.87 47.38
N PHE P 50 45.38 -44.26 47.44
CA PHE P 50 44.74 -44.03 48.72
C PHE P 50 44.11 -45.31 49.27
N ALA P 51 43.68 -46.22 48.40
CA ALA P 51 43.08 -47.47 48.86
C ALA P 51 44.14 -48.44 49.37
N ILE P 52 45.33 -48.44 48.76
CA ILE P 52 46.38 -49.34 49.21
C ILE P 52 47.00 -48.83 50.50
N LEU P 53 47.18 -47.51 50.62
CA LEU P 53 47.74 -46.95 51.84
C LEU P 53 46.72 -46.93 52.98
N GLY P 54 45.44 -46.78 52.65
CA GLY P 54 44.42 -46.77 53.68
C GLY P 54 44.13 -48.15 54.26
N PHE P 55 44.30 -49.19 53.46
CA PHE P 55 44.07 -50.54 53.94
C PHE P 55 45.19 -51.02 54.86
N ALA P 56 46.42 -50.51 54.65
CA ALA P 56 47.53 -50.92 55.51
C ALA P 56 47.44 -50.27 56.88
N LEU P 57 46.88 -49.06 56.97
CA LEU P 57 46.74 -48.39 58.26
C LEU P 57 45.64 -49.04 59.09
N SER P 58 44.57 -49.50 58.45
CA SER P 58 43.49 -50.15 59.19
C SER P 58 43.88 -51.58 59.61
N GLU P 59 44.80 -52.21 58.88
CA GLU P 59 45.24 -53.55 59.21
C GLU P 59 46.32 -53.57 60.29
N ALA P 60 46.80 -52.41 60.73
CA ALA P 60 47.83 -52.38 61.76
C ALA P 60 47.26 -52.75 63.13
N THR P 61 45.96 -52.55 63.33
CA THR P 61 45.35 -52.90 64.61
C THR P 61 45.21 -54.41 64.78
N GLY P 62 44.97 -55.13 63.69
CA GLY P 62 44.86 -56.58 63.79
C GLY P 62 46.17 -57.29 63.97
N LEU P 63 47.25 -56.77 63.36
CA LEU P 63 48.56 -57.39 63.51
C LEU P 63 49.15 -57.11 64.88
N PHE P 64 48.82 -55.96 65.46
CA PHE P 64 49.34 -55.62 66.78
C PHE P 64 48.59 -56.37 67.88
N CYS P 65 47.30 -56.64 67.69
CA CYS P 65 46.53 -57.37 68.69
C CYS P 65 46.81 -58.87 68.65
N LEU P 66 47.18 -59.39 67.48
CA LEU P 66 47.48 -60.82 67.37
C LEU P 66 48.86 -61.19 67.89
N MET P 67 49.73 -60.20 68.11
CA MET P 67 51.06 -60.49 68.62
C MET P 67 51.05 -60.78 70.12
N ILE P 68 50.19 -60.09 70.87
CA ILE P 68 50.11 -60.32 72.31
C ILE P 68 49.35 -61.60 72.64
N SER P 69 48.53 -62.10 71.72
CA SER P 69 47.78 -63.33 71.99
C SER P 69 48.60 -64.57 71.68
N PHE P 70 49.46 -64.52 70.67
CA PHE P 70 50.29 -65.66 70.30
C PHE P 70 51.59 -65.74 71.09
N LEU P 71 51.87 -64.75 71.94
CA LEU P 71 53.09 -64.74 72.74
C LEU P 71 52.94 -65.47 74.07
N LEU P 72 51.77 -66.02 74.34
CA LEU P 72 51.53 -66.74 75.60
C LEU P 72 52.04 -68.18 75.50
N MET Q 1 52.56 -67.22 93.93
CA MET Q 1 51.30 -66.49 93.76
C MET Q 1 50.56 -66.97 92.53
N GLN Q 2 49.65 -67.93 92.72
CA GLN Q 2 48.87 -68.45 91.60
C GLN Q 2 47.78 -67.49 91.16
N LEU Q 3 47.22 -66.70 92.08
CA LEU Q 3 46.17 -65.76 91.73
C LEU Q 3 46.73 -64.53 91.00
N VAL Q 4 47.96 -64.13 91.31
CA VAL Q 4 48.54 -62.97 90.65
C VAL Q 4 48.97 -63.31 89.24
N LEU Q 5 49.42 -64.54 89.01
CA LEU Q 5 49.85 -64.95 87.67
C LEU Q 5 48.65 -65.23 86.77
N ALA Q 6 47.51 -65.61 87.35
CA ALA Q 6 46.33 -65.88 86.54
C ALA Q 6 45.68 -64.58 86.04
N ALA Q 7 45.76 -63.52 86.85
CA ALA Q 7 45.19 -62.24 86.44
C ALA Q 7 46.08 -61.46 85.48
N LYS Q 8 47.36 -61.83 85.39
CA LYS Q 8 48.27 -61.12 84.48
C LYS Q 8 48.02 -61.53 83.03
N TYR Q 9 47.73 -62.80 82.80
CA TYR Q 9 47.47 -63.26 81.44
C TYR Q 9 46.08 -62.84 80.97
N ILE Q 10 45.12 -62.75 81.90
CA ILE Q 10 43.77 -62.35 81.53
C ILE Q 10 43.66 -60.84 81.32
N GLY Q 11 44.64 -60.06 81.79
CA GLY Q 11 44.58 -58.63 81.60
C GLY Q 11 44.92 -58.18 80.20
N ALA Q 12 45.74 -58.97 79.49
CA ALA Q 12 46.14 -58.64 78.12
C ALA Q 12 45.11 -59.08 77.09
N ALA Q 13 44.10 -59.85 77.49
CA ALA Q 13 43.05 -60.32 76.58
C ALA Q 13 41.81 -59.46 76.60
N ILE Q 14 41.36 -59.04 77.79
CA ILE Q 14 40.17 -58.20 77.87
C ILE Q 14 40.48 -56.77 77.43
N ALA Q 15 41.73 -56.33 77.61
CA ALA Q 15 42.10 -54.98 77.20
C ALA Q 15 42.28 -54.87 75.69
N THR Q 16 42.43 -55.99 74.98
CA THR Q 16 42.60 -55.98 73.54
C THR Q 16 41.28 -55.89 72.79
N ILE Q 17 40.16 -55.78 73.50
CA ILE Q 17 38.86 -55.68 72.82
C ILE Q 17 38.63 -54.29 72.25
N GLY Q 18 39.44 -53.30 72.64
CA GLY Q 18 39.29 -51.96 72.14
C GLY Q 18 39.84 -51.73 70.75
N LEU Q 19 40.34 -52.77 70.08
CA LEU Q 19 40.87 -52.62 68.73
C LEU Q 19 39.78 -52.44 67.68
N THR Q 20 38.52 -52.68 68.03
CA THR Q 20 37.44 -52.49 67.07
C THR Q 20 37.21 -51.01 66.77
N GLY Q 21 37.37 -50.15 67.78
CA GLY Q 21 37.21 -48.72 67.56
C GLY Q 21 38.39 -48.11 66.84
N ALA Q 22 39.60 -48.61 67.11
CA ALA Q 22 40.79 -48.09 66.45
C ALA Q 22 40.96 -48.66 65.04
N GLY Q 23 40.55 -49.92 64.83
CA GLY Q 23 40.66 -50.50 63.51
C GLY Q 23 39.66 -49.95 62.53
N ILE Q 24 38.40 -49.81 62.96
CA ILE Q 24 37.37 -49.25 62.09
C ILE Q 24 37.45 -47.73 62.02
N GLY Q 25 38.15 -47.08 62.93
CA GLY Q 25 38.27 -45.64 62.89
C GLY Q 25 39.16 -45.14 61.76
N ILE Q 26 40.22 -45.89 61.44
CA ILE Q 26 41.10 -45.49 60.35
C ILE Q 26 40.45 -45.70 58.99
N ALA Q 27 39.49 -46.61 58.90
CA ALA Q 27 38.79 -46.86 57.65
C ALA Q 27 37.62 -45.91 57.41
N ILE Q 28 37.07 -45.32 58.47
CA ILE Q 28 35.96 -44.40 58.30
C ILE Q 28 36.44 -43.07 57.72
N VAL Q 29 37.64 -42.64 58.10
CA VAL Q 29 38.18 -41.39 57.56
C VAL Q 29 38.72 -41.60 56.15
N PHE Q 30 39.12 -42.82 55.81
CA PHE Q 30 39.62 -43.09 54.46
C PHE Q 30 38.49 -43.33 53.46
N ALA Q 31 37.34 -43.79 53.93
CA ALA Q 31 36.22 -44.03 53.02
C ALA Q 31 35.57 -42.72 52.59
N ALA Q 32 35.48 -41.75 53.51
CA ALA Q 32 34.89 -40.47 53.17
C ALA Q 32 35.83 -39.59 52.37
N LEU Q 33 37.14 -39.83 52.48
CA LEU Q 33 38.12 -39.04 51.74
C LEU Q 33 38.32 -39.57 50.32
N ILE Q 34 38.15 -40.88 50.12
CA ILE Q 34 38.31 -41.44 48.78
C ILE Q 34 37.10 -41.15 47.91
N ASN Q 35 35.92 -41.05 48.51
CA ASN Q 35 34.71 -40.76 47.77
C ASN Q 35 34.51 -39.27 47.52
N GLY Q 36 35.29 -38.42 48.18
CA GLY Q 36 35.16 -36.98 48.00
C GLY Q 36 36.25 -36.40 47.12
N THR Q 37 37.36 -37.13 46.97
CA THR Q 37 38.47 -36.67 46.15
C THR Q 37 38.24 -36.91 44.66
N SER Q 38 37.30 -37.79 44.30
CA SER Q 38 37.02 -38.07 42.90
C SER Q 38 36.21 -36.97 42.23
N ARG Q 39 35.57 -36.08 43.00
CA ARG Q 39 34.77 -35.01 42.43
C ARG Q 39 34.89 -33.80 43.36
N ASN Q 40 35.54 -32.73 42.87
CA ASN Q 40 35.76 -31.50 43.62
C ASN Q 40 36.50 -31.78 44.91
N PRO Q 41 37.85 -31.81 44.89
CA PRO Q 41 38.65 -31.58 43.68
C PRO Q 41 39.79 -32.60 43.56
N SER Q 42 40.94 -32.28 44.14
CA SER Q 42 42.09 -33.17 44.07
C SER Q 42 42.31 -33.88 45.41
N LEU Q 43 43.49 -34.50 45.54
CA LEU Q 43 43.85 -35.22 46.75
C LEU Q 43 45.23 -34.87 47.28
N ARG Q 44 45.92 -33.89 46.70
CA ARG Q 44 47.24 -33.50 47.15
C ARG Q 44 47.20 -32.42 48.23
N ASN Q 45 46.06 -31.77 48.42
CA ASN Q 45 45.93 -30.73 49.44
C ASN Q 45 44.51 -30.77 49.98
N THR Q 46 44.17 -29.75 50.77
CA THR Q 46 42.84 -29.62 51.39
C THR Q 46 42.48 -30.85 52.19
N LEU Q 47 41.98 -31.89 51.51
CA LEU Q 47 41.60 -33.13 52.20
C LEU Q 47 42.81 -33.96 52.58
N PHE Q 48 43.99 -33.67 52.03
CA PHE Q 48 45.20 -34.40 52.35
C PHE Q 48 45.67 -34.06 53.76
N PRO Q 49 45.50 -32.81 54.19
CA PRO Q 49 45.92 -32.45 55.55
C PRO Q 49 44.98 -32.98 56.61
N PHE Q 50 43.69 -33.07 56.28
CA PHE Q 50 42.71 -33.58 57.23
C PHE Q 50 42.77 -35.10 57.36
N ALA Q 51 43.19 -35.80 56.30
CA ALA Q 51 43.27 -37.25 56.37
C ALA Q 51 44.50 -37.71 57.16
N ILE Q 52 45.59 -36.96 57.09
CA ILE Q 52 46.79 -37.33 57.83
C ILE Q 52 46.65 -36.96 59.31
N LEU Q 53 46.06 -35.80 59.59
CA LEU Q 53 45.86 -35.39 60.97
C LEU Q 53 44.71 -36.11 61.64
N GLY Q 54 43.70 -36.53 60.85
CA GLY Q 54 42.58 -37.25 61.43
C GLY Q 54 42.88 -38.68 61.77
N PHE Q 55 43.79 -39.31 61.02
CA PHE Q 55 44.15 -40.70 61.30
C PHE Q 55 45.07 -40.83 62.50
N ALA Q 56 45.84 -39.77 62.81
CA ALA Q 56 46.73 -39.83 63.96
C ALA Q 56 45.97 -39.64 65.27
N LEU Q 57 44.82 -38.98 65.23
CA LEU Q 57 44.04 -38.78 66.45
C LEU Q 57 43.23 -40.01 66.80
N SER Q 58 42.70 -40.71 65.80
CA SER Q 58 41.93 -41.91 66.04
C SER Q 58 42.79 -43.11 66.40
N GLU Q 59 44.06 -43.11 66.01
CA GLU Q 59 44.96 -44.21 66.33
C GLU Q 59 45.57 -44.11 67.72
N ALA Q 60 45.28 -43.03 68.47
CA ALA Q 60 45.83 -42.89 69.81
C ALA Q 60 45.15 -43.81 70.82
N THR Q 61 43.92 -44.26 70.53
CA THR Q 61 43.23 -45.16 71.45
C THR Q 61 43.83 -46.56 71.43
N GLY Q 62 44.33 -47.00 70.28
CA GLY Q 62 44.93 -48.32 70.19
C GLY Q 62 46.30 -48.40 70.84
N LEU Q 63 47.09 -47.33 70.74
CA LEU Q 63 48.41 -47.34 71.34
C LEU Q 63 48.35 -47.18 72.85
N PHE Q 64 47.36 -46.43 73.36
CA PHE Q 64 47.23 -46.25 74.80
C PHE Q 64 46.67 -47.50 75.48
N CYS Q 65 45.79 -48.23 74.79
CA CYS Q 65 45.21 -49.44 75.38
C CYS Q 65 46.19 -50.61 75.33
N LEU Q 66 47.12 -50.59 74.38
CA LEU Q 66 48.10 -51.67 74.26
C LEU Q 66 49.21 -51.56 75.31
N MET Q 67 49.42 -50.37 75.88
CA MET Q 67 50.47 -50.22 76.90
C MET Q 67 50.04 -50.83 78.23
N ILE Q 68 48.75 -50.78 78.55
CA ILE Q 68 48.28 -51.34 79.82
C ILE Q 68 48.16 -52.86 79.72
N SER Q 69 48.02 -53.40 78.51
CA SER Q 69 47.91 -54.84 78.36
C SER Q 69 49.26 -55.53 78.38
N PHE Q 70 50.32 -54.86 77.90
CA PHE Q 70 51.65 -55.44 77.90
C PHE Q 70 52.38 -55.26 79.22
N LEU Q 71 51.94 -54.33 80.06
CA LEU Q 71 52.56 -54.09 81.36
C LEU Q 71 51.91 -54.87 82.48
N LEU Q 72 50.90 -55.69 82.19
CA LEU Q 72 50.24 -56.48 83.21
C LEU Q 72 50.53 -57.97 83.03
N MET R 1 48.03 -58.91 99.22
CA MET R 1 46.91 -59.84 99.26
C MET R 1 46.68 -60.48 97.89
N GLN R 2 46.20 -61.72 97.88
CA GLN R 2 45.95 -62.41 96.63
C GLN R 2 44.65 -61.94 95.98
N LEU R 3 43.63 -61.64 96.79
CA LEU R 3 42.37 -61.18 96.25
C LEU R 3 42.43 -59.72 95.80
N VAL R 4 43.26 -58.91 96.45
CA VAL R 4 43.37 -57.50 96.08
C VAL R 4 44.22 -57.34 94.83
N LEU R 5 45.22 -58.23 94.64
CA LEU R 5 46.08 -58.14 93.48
C LEU R 5 45.39 -58.68 92.22
N ALA R 6 44.47 -59.63 92.38
CA ALA R 6 43.77 -60.18 91.21
C ALA R 6 42.72 -59.22 90.68
N ALA R 7 42.07 -58.45 91.57
CA ALA R 7 41.05 -57.50 91.14
C ALA R 7 41.64 -56.26 90.49
N LYS R 8 42.91 -55.94 90.78
CA LYS R 8 43.52 -54.76 90.17
C LYS R 8 43.86 -54.99 88.71
N TYR R 9 44.28 -56.20 88.35
CA TYR R 9 44.60 -56.49 86.96
C TYR R 9 43.33 -56.60 86.11
N ILE R 10 42.25 -57.11 86.71
CA ILE R 10 40.99 -57.23 85.99
C ILE R 10 40.29 -55.88 85.83
N GLY R 11 40.57 -54.93 86.73
CA GLY R 11 39.95 -53.62 86.61
C GLY R 11 40.55 -52.79 85.51
N ALA R 12 41.85 -52.92 85.28
CA ALA R 12 42.50 -52.18 84.21
C ALA R 12 42.17 -52.73 82.83
N ALA R 13 41.82 -54.01 82.74
CA ALA R 13 41.48 -54.63 81.46
C ALA R 13 40.02 -54.41 81.08
N ILE R 14 39.11 -54.45 82.06
CA ILE R 14 37.70 -54.22 81.77
C ILE R 14 37.43 -52.76 81.47
N ALA R 15 38.22 -51.85 82.04
CA ALA R 15 38.04 -50.43 81.77
C ALA R 15 38.57 -50.03 80.40
N THR R 16 39.40 -50.87 79.77
CA THR R 16 39.93 -50.57 78.45
C THR R 16 38.95 -50.87 77.33
N ILE R 17 37.77 -51.42 77.64
CA ILE R 17 36.79 -51.70 76.61
C ILE R 17 36.10 -50.44 76.12
N GLY R 18 36.23 -49.33 76.85
CA GLY R 18 35.64 -48.07 76.46
C GLY R 18 36.36 -47.32 75.36
N LEU R 19 37.46 -47.87 74.84
CA LEU R 19 38.20 -47.20 73.78
C LEU R 19 37.48 -47.25 72.44
N THR R 20 36.46 -48.10 72.29
CA THR R 20 35.74 -48.16 71.03
C THR R 20 34.89 -46.91 70.83
N GLY R 21 34.36 -46.34 71.91
CA GLY R 21 33.58 -45.12 71.80
C GLY R 21 34.44 -43.89 71.59
N ALA R 22 35.62 -43.86 72.22
CA ALA R 22 36.52 -42.72 72.07
C ALA R 22 37.26 -42.76 70.72
N GLY R 23 37.58 -43.96 70.24
CA GLY R 23 38.27 -44.06 68.96
C GLY R 23 37.37 -43.75 67.79
N ILE R 24 36.11 -44.20 67.85
CA ILE R 24 35.16 -43.91 66.78
C ILE R 24 34.64 -42.49 66.85
N GLY R 25 34.76 -41.82 67.99
CA GLY R 25 34.31 -40.44 68.09
C GLY R 25 35.18 -39.48 67.33
N ILE R 26 36.50 -39.72 67.34
CA ILE R 26 37.40 -38.85 66.59
C ILE R 26 37.29 -39.10 65.10
N ALA R 27 36.92 -40.33 64.70
CA ALA R 27 36.75 -40.63 63.29
C ALA R 27 35.42 -40.15 62.75
N ILE R 28 34.41 -40.01 63.62
CA ILE R 28 33.10 -39.53 63.18
C ILE R 28 33.17 -38.04 62.85
N VAL R 29 33.91 -37.27 63.65
CA VAL R 29 34.04 -35.84 63.38
C VAL R 29 34.99 -35.60 62.21
N PHE R 30 35.94 -36.50 61.99
CA PHE R 30 36.87 -36.36 60.88
C PHE R 30 36.24 -36.75 59.55
N ALA R 31 35.26 -37.66 59.58
CA ALA R 31 34.59 -38.06 58.34
C ALA R 31 33.67 -36.96 57.83
N ALA R 32 32.99 -36.25 58.73
CA ALA R 32 32.11 -35.16 58.31
C ALA R 32 32.91 -33.93 57.92
N LEU R 33 34.09 -33.73 58.52
CA LEU R 33 34.92 -32.58 58.17
C LEU R 33 35.63 -32.76 56.84
N ILE R 34 35.94 -34.01 56.47
CA ILE R 34 36.61 -34.25 55.20
C ILE R 34 35.62 -34.13 54.05
N ASN R 35 34.40 -34.63 54.23
CA ASN R 35 33.39 -34.54 53.18
C ASN R 35 32.77 -33.15 53.11
N GLY R 36 32.70 -32.44 54.23
CA GLY R 36 32.13 -31.10 54.24
C GLY R 36 33.05 -30.03 53.71
N THR R 37 34.37 -30.26 53.75
CA THR R 37 35.31 -29.26 53.25
C THR R 37 35.37 -29.23 51.73
N SER R 38 34.88 -30.28 51.06
CA SER R 38 34.90 -30.30 49.60
C SER R 38 33.86 -29.36 48.99
N ARG R 39 32.86 -28.94 49.77
CA ARG R 39 31.84 -28.04 49.25
C ARG R 39 32.34 -26.61 49.15
N ASN R 40 33.32 -26.23 49.99
CA ASN R 40 33.94 -24.92 50.05
C ASN R 40 32.96 -23.85 50.54
N PRO R 41 33.37 -22.98 51.46
CA PRO R 41 34.72 -22.97 52.04
C PRO R 41 34.71 -23.08 53.56
N SER R 42 34.70 -24.32 54.06
CA SER R 42 34.69 -24.54 55.50
C SER R 42 35.93 -25.31 55.94
N LEU R 43 37.07 -24.99 55.34
CA LEU R 43 38.33 -25.65 55.68
C LEU R 43 39.10 -24.87 56.73
N ARG R 44 39.46 -23.63 56.40
CA ARG R 44 40.19 -22.77 57.32
C ARG R 44 39.30 -22.01 58.28
N ASN R 45 37.99 -21.99 58.03
CA ASN R 45 37.04 -21.30 58.89
C ASN R 45 35.76 -22.12 58.95
N THR R 46 34.70 -21.50 59.49
CA THR R 46 33.38 -22.13 59.63
C THR R 46 33.48 -23.45 60.38
N LEU R 47 33.78 -24.53 59.66
CA LEU R 47 33.90 -25.85 60.28
C LEU R 47 35.24 -26.07 60.96
N PHE R 48 36.17 -25.11 60.86
CA PHE R 48 37.47 -25.24 61.49
C PHE R 48 37.33 -25.09 63.01
N PRO R 49 36.47 -24.19 63.48
CA PRO R 49 36.30 -24.03 64.93
C PRO R 49 35.45 -25.15 65.52
N PHE R 50 34.58 -25.75 64.70
CA PHE R 50 33.74 -26.84 65.16
C PHE R 50 34.50 -28.16 65.22
N ALA R 51 35.51 -28.34 64.35
CA ALA R 51 36.28 -29.57 64.37
C ALA R 51 37.24 -29.62 65.54
N ILE R 52 37.79 -28.47 65.94
CA ILE R 52 38.72 -28.45 67.07
C ILE R 52 37.96 -28.55 68.39
N LEU R 53 36.82 -27.88 68.49
CA LEU R 53 36.01 -27.93 69.71
C LEU R 53 35.24 -29.24 69.82
N GLY R 54 34.85 -29.84 68.69
CA GLY R 54 34.12 -31.09 68.73
C GLY R 54 34.99 -32.28 69.06
N PHE R 55 36.28 -32.22 68.69
CA PHE R 55 37.18 -33.33 68.98
C PHE R 55 37.58 -33.36 70.45
N ALA R 56 37.56 -32.20 71.13
CA ALA R 56 37.93 -32.16 72.54
C ALA R 56 36.82 -32.73 73.42
N LEU R 57 35.56 -32.60 73.00
CA LEU R 57 34.46 -33.14 73.78
C LEU R 57 34.37 -34.65 73.66
N SER R 58 34.69 -35.19 72.48
CA SER R 58 34.65 -36.63 72.29
C SER R 58 35.84 -37.32 72.94
N GLU R 59 36.95 -36.61 73.11
CA GLU R 59 38.14 -37.18 73.72
C GLU R 59 38.09 -37.16 75.25
N ALA R 60 37.07 -36.55 75.84
CA ALA R 60 36.96 -36.52 77.30
C ALA R 60 36.54 -37.87 77.85
N THR R 61 35.88 -38.70 77.04
CA THR R 61 35.45 -40.02 77.52
C THR R 61 36.63 -40.98 77.63
N GLY R 62 37.62 -40.84 76.74
CA GLY R 62 38.77 -41.74 76.79
C GLY R 62 39.75 -41.40 77.90
N LEU R 63 39.91 -40.10 78.20
CA LEU R 63 40.84 -39.71 79.26
C LEU R 63 40.27 -40.00 80.65
N PHE R 64 38.95 -39.88 80.82
CA PHE R 64 38.36 -40.16 82.13
C PHE R 64 38.30 -41.65 82.41
N CYS R 65 38.11 -42.47 81.37
CA CYS R 65 38.06 -43.93 81.57
C CYS R 65 39.44 -44.52 81.78
N LEU R 66 40.48 -43.90 81.23
CA LEU R 66 41.84 -44.40 81.39
C LEU R 66 42.44 -44.04 82.75
N MET R 67 41.87 -43.07 83.46
CA MET R 67 42.39 -42.71 84.77
C MET R 67 42.04 -43.75 85.82
N ILE R 68 40.86 -44.37 85.72
CA ILE R 68 40.46 -45.38 86.69
C ILE R 68 41.16 -46.71 86.44
N SER R 69 41.64 -46.95 85.23
CA SER R 69 42.34 -48.21 84.94
C SER R 69 43.77 -48.20 85.47
N PHE R 70 44.46 -47.07 85.33
CA PHE R 70 45.83 -46.97 85.81
C PHE R 70 45.92 -46.82 87.33
N LEU R 71 44.85 -46.38 87.98
CA LEU R 71 44.84 -46.21 89.42
C LEU R 71 44.34 -47.45 90.17
N LEU R 72 44.00 -48.51 89.46
CA LEU R 72 43.51 -49.74 90.09
C LEU R 72 44.55 -50.86 89.97
N MET S 1 37.51 -58.90 105.04
CA MET S 1 36.96 -57.93 104.10
C MET S 1 37.54 -58.14 102.70
N GLN S 2 37.85 -59.39 102.38
CA GLN S 2 38.40 -59.71 101.07
C GLN S 2 37.33 -59.71 99.98
N LEU S 3 36.09 -60.08 100.33
CA LEU S 3 35.02 -60.10 99.34
C LEU S 3 34.53 -58.69 98.99
N VAL S 4 34.56 -57.77 99.94
CA VAL S 4 34.12 -56.40 99.67
C VAL S 4 35.17 -55.63 98.89
N LEU S 5 36.45 -55.93 99.10
CA LEU S 5 37.51 -55.23 98.38
C LEU S 5 37.64 -55.71 96.95
N ALA S 6 37.33 -56.98 96.68
CA ALA S 6 37.42 -57.50 95.32
C ALA S 6 36.25 -57.03 94.47
N ALA S 7 35.07 -56.94 95.06
CA ALA S 7 33.89 -56.49 94.31
C ALA S 7 33.89 -54.98 94.10
N LYS S 8 34.60 -54.22 94.94
CA LYS S 8 34.64 -52.78 94.76
C LYS S 8 35.51 -52.37 93.59
N TYR S 9 36.58 -53.13 93.32
CA TYR S 9 37.46 -52.81 92.20
C TYR S 9 36.79 -53.14 90.87
N ILE S 10 35.98 -54.21 90.84
CA ILE S 10 35.30 -54.59 89.61
C ILE S 10 34.11 -53.68 89.30
N GLY S 11 33.60 -52.96 90.31
CA GLY S 11 32.47 -52.07 90.07
C GLY S 11 32.87 -50.81 89.32
N ALA S 12 34.09 -50.32 89.53
CA ALA S 12 34.54 -49.12 88.83
C ALA S 12 34.86 -49.41 87.38
N ALA S 13 35.24 -50.65 87.06
CA ALA S 13 35.56 -51.02 85.69
C ALA S 13 34.34 -51.46 84.90
N ILE S 14 33.37 -52.11 85.54
CA ILE S 14 32.17 -52.53 84.83
C ILE S 14 31.26 -51.35 84.54
N ALA S 15 31.30 -50.32 85.38
CA ALA S 15 30.48 -49.14 85.16
C ALA S 15 31.05 -48.23 84.09
N THR S 16 32.30 -48.44 83.69
CA THR S 16 32.94 -47.62 82.66
C THR S 16 32.58 -48.07 81.25
N ILE S 17 31.76 -49.10 81.10
CA ILE S 17 31.39 -49.57 79.76
C ILE S 17 30.40 -48.63 79.10
N GLY S 18 29.74 -47.77 79.87
CA GLY S 18 28.79 -46.82 79.32
C GLY S 18 29.39 -45.60 78.66
N LEU S 19 30.72 -45.51 78.61
CA LEU S 19 31.37 -44.37 77.98
C LEU S 19 31.28 -44.41 76.45
N THR S 20 30.90 -45.55 75.87
CA THR S 20 30.79 -45.63 74.42
C THR S 20 29.58 -44.84 73.92
N GLY S 21 28.49 -44.85 74.69
CA GLY S 21 27.32 -44.09 74.29
C GLY S 21 27.48 -42.60 74.51
N ALA S 22 28.20 -42.21 75.56
CA ALA S 22 28.43 -40.80 75.84
C ALA S 22 29.53 -40.21 74.96
N GLY S 23 30.54 -41.02 74.62
CA GLY S 23 31.60 -40.53 73.77
C GLY S 23 31.17 -40.36 72.32
N ILE S 24 30.40 -41.33 71.81
CA ILE S 24 29.91 -41.24 70.43
C ILE S 24 28.74 -40.28 70.30
N GLY S 25 28.09 -39.92 71.41
CA GLY S 25 26.97 -38.99 71.33
C GLY S 25 27.42 -37.57 71.03
N ILE S 26 28.60 -37.19 71.52
CA ILE S 26 29.11 -35.85 71.26
C ILE S 26 29.62 -35.73 69.82
N ALA S 27 30.03 -36.86 69.22
CA ALA S 27 30.50 -36.83 67.85
C ALA S 27 29.36 -36.96 66.84
N ILE S 28 28.23 -37.55 67.25
CA ILE S 28 27.10 -37.69 66.35
C ILE S 28 26.41 -36.34 66.15
N VAL S 29 26.34 -35.54 67.22
CA VAL S 29 25.72 -34.22 67.09
C VAL S 29 26.65 -33.24 66.39
N PHE S 30 27.96 -33.44 66.52
CA PHE S 30 28.91 -32.56 65.87
C PHE S 30 29.07 -32.87 64.39
N ALA S 31 28.79 -34.11 63.98
CA ALA S 31 28.90 -34.47 62.57
C ALA S 31 27.74 -33.88 61.76
N ALA S 32 26.54 -33.86 62.34
CA ALA S 32 25.40 -33.29 61.63
C ALA S 32 25.45 -31.77 61.61
N LEU S 33 26.06 -31.15 62.62
CA LEU S 33 26.17 -29.69 62.65
C LEU S 33 27.25 -29.17 61.72
N ILE S 34 28.32 -29.96 61.52
CA ILE S 34 29.39 -29.52 60.63
C ILE S 34 28.96 -29.65 59.17
N ASN S 35 28.21 -30.70 58.83
CA ASN S 35 27.75 -30.88 57.46
C ASN S 35 26.61 -29.93 57.12
N GLY S 36 25.80 -29.53 58.10
CA GLY S 36 24.72 -28.62 57.83
C GLY S 36 25.14 -27.16 57.77
N THR S 37 26.23 -26.81 58.43
CA THR S 37 26.71 -25.43 58.40
C THR S 37 27.37 -25.07 57.09
N SER S 38 27.86 -26.05 56.33
CA SER S 38 28.49 -25.78 55.05
C SER S 38 27.48 -25.51 53.94
N ARG S 39 26.19 -25.78 54.19
CA ARG S 39 25.16 -25.55 53.19
C ARG S 39 24.67 -24.10 53.14
N ASN S 40 25.12 -23.26 54.09
CA ASN S 40 24.78 -21.84 54.20
C ASN S 40 23.30 -21.66 54.56
N PRO S 41 23.00 -20.91 55.63
CA PRO S 41 23.98 -20.23 56.48
C PRO S 41 23.65 -20.36 57.96
N SER S 42 23.24 -21.55 58.38
CA SER S 42 22.89 -21.80 59.78
C SER S 42 24.18 -21.92 60.59
N LEU S 43 24.70 -20.77 61.00
CA LEU S 43 25.94 -20.71 61.78
C LEU S 43 25.75 -19.86 63.03
N ARG S 44 25.61 -18.55 62.90
CA ARG S 44 25.42 -17.67 64.05
C ARG S 44 24.00 -17.83 64.58
N ASN S 45 23.89 -18.32 65.82
CA ASN S 45 22.59 -18.54 66.48
C ASN S 45 21.79 -19.53 65.63
N THR S 46 20.45 -19.39 65.65
CA THR S 46 19.55 -20.25 64.89
C THR S 46 19.79 -21.72 65.20
N LEU S 47 20.70 -22.36 64.45
CA LEU S 47 21.01 -23.76 64.67
C LEU S 47 22.08 -23.98 65.73
N PHE S 48 22.67 -22.90 66.26
CA PHE S 48 23.70 -23.02 67.28
C PHE S 48 23.07 -23.36 68.63
N PRO S 49 21.79 -23.05 68.82
CA PRO S 49 21.16 -23.38 70.11
C PRO S 49 20.85 -24.85 70.27
N PHE S 50 20.48 -25.54 69.18
CA PHE S 50 20.18 -26.96 69.27
C PHE S 50 21.42 -27.81 69.40
N ALA S 51 22.55 -27.36 68.84
CA ALA S 51 23.79 -28.13 68.94
C ALA S 51 24.40 -28.01 70.34
N ILE S 52 24.25 -26.84 70.97
CA ILE S 52 24.79 -26.66 72.31
C ILE S 52 23.93 -27.37 73.34
N LEU S 53 22.61 -27.33 73.17
CA LEU S 53 21.71 -28.00 74.09
C LEU S 53 21.69 -29.51 73.87
N GLY S 54 21.94 -29.96 72.64
CA GLY S 54 21.95 -31.40 72.38
C GLY S 54 23.17 -32.10 72.94
N PHE S 55 24.30 -31.39 73.04
CA PHE S 55 25.50 -32.00 73.59
C PHE S 55 25.42 -32.17 75.09
N ALA S 56 24.69 -31.28 75.78
CA ALA S 56 24.55 -31.40 77.23
C ALA S 56 23.59 -32.52 77.61
N LEU S 57 22.61 -32.81 76.76
CA LEU S 57 21.67 -33.88 77.07
C LEU S 57 22.31 -35.25 76.85
N SER S 58 23.17 -35.37 75.85
CA SER S 58 23.83 -36.65 75.60
C SER S 58 24.94 -36.91 76.60
N GLU S 59 25.49 -35.85 77.20
CA GLU S 59 26.55 -36.00 78.20
C GLU S 59 26.04 -36.34 79.58
N ALA S 60 24.71 -36.37 79.77
CA ALA S 60 24.16 -36.70 81.08
C ALA S 60 24.30 -38.19 81.38
N THR S 61 24.38 -39.03 80.36
CA THR S 61 24.54 -40.47 80.59
C THR S 61 25.95 -40.81 81.06
N GLY S 62 26.96 -40.08 80.60
CA GLY S 62 28.32 -40.34 81.03
C GLY S 62 28.61 -39.84 82.43
N LEU S 63 28.00 -38.72 82.81
CA LEU S 63 28.22 -38.18 84.16
C LEU S 63 27.45 -38.96 85.21
N PHE S 64 26.27 -39.48 84.86
CA PHE S 64 25.49 -40.25 85.83
C PHE S 64 26.08 -41.64 86.03
N CYS S 65 26.67 -42.23 84.99
CA CYS S 65 27.26 -43.55 85.12
C CYS S 65 28.60 -43.50 85.86
N LEU S 66 29.30 -42.37 85.77
CA LEU S 66 30.59 -42.22 86.45
C LEU S 66 30.43 -41.96 87.94
N MET S 67 29.24 -41.53 88.39
CA MET S 67 29.05 -41.28 89.81
C MET S 67 28.92 -42.57 90.61
N ILE S 68 28.40 -43.63 89.98
CA ILE S 68 28.27 -44.90 90.68
C ILE S 68 29.62 -45.62 90.78
N SER S 69 30.54 -45.35 89.86
CA SER S 69 31.85 -45.99 89.89
C SER S 69 32.78 -45.33 90.90
N PHE S 70 32.68 -44.01 91.07
CA PHE S 70 33.54 -43.31 92.02
C PHE S 70 33.05 -43.46 93.46
N LEU S 71 31.75 -43.69 93.66
CA LEU S 71 31.21 -43.86 94.99
C LEU S 71 31.54 -45.22 95.60
N LEU S 72 31.83 -46.23 94.78
CA LEU S 72 32.17 -47.56 95.25
C LEU S 72 33.67 -47.80 95.25
N LEU S 73 34.47 -46.75 95.26
CA LEU S 73 35.94 -46.89 95.26
C LEU S 73 36.56 -46.02 96.34
N MET T 1 26.96 -62.33 105.88
CA MET T 1 26.32 -62.13 104.58
C MET T 1 27.33 -61.59 103.57
N GLN T 2 28.39 -62.35 103.32
CA GLN T 2 29.41 -61.92 102.36
C GLN T 2 28.96 -62.11 100.92
N LEU T 3 28.06 -63.06 100.66
CA LEU T 3 27.59 -63.30 99.30
C LEU T 3 26.59 -62.24 98.86
N VAL T 4 25.77 -61.72 99.78
CA VAL T 4 24.80 -60.71 99.41
C VAL T 4 25.46 -59.35 99.24
N LEU T 5 26.53 -59.07 99.99
CA LEU T 5 27.21 -57.79 99.85
C LEU T 5 28.05 -57.74 98.59
N ALA T 6 28.63 -58.86 98.18
CA ALA T 6 29.44 -58.88 96.96
C ALA T 6 28.56 -58.81 95.71
N ALA T 7 27.37 -59.41 95.77
CA ALA T 7 26.46 -59.38 94.62
C ALA T 7 25.76 -58.03 94.49
N LYS T 8 25.64 -57.27 95.58
CA LYS T 8 24.98 -55.97 95.50
C LYS T 8 25.88 -54.92 94.84
N TYR T 9 27.20 -55.04 95.03
CA TYR T 9 28.11 -54.08 94.41
C TYR T 9 28.25 -54.33 92.92
N ILE T 10 28.23 -55.61 92.50
CA ILE T 10 28.33 -55.93 91.07
C ILE T 10 27.02 -55.69 90.34
N GLY T 11 25.89 -55.65 91.05
CA GLY T 11 24.62 -55.41 90.39
C GLY T 11 24.43 -53.97 89.96
N ALA T 12 25.00 -53.03 90.70
CA ALA T 12 24.87 -51.62 90.34
C ALA T 12 25.75 -51.24 89.16
N ALA T 13 26.85 -51.96 88.93
CA ALA T 13 27.74 -51.67 87.82
C ALA T 13 27.37 -52.43 86.55
N ILE T 14 26.82 -53.63 86.68
CA ILE T 14 26.44 -54.40 85.50
C ILE T 14 25.16 -53.84 84.87
N ALA T 15 24.31 -53.20 85.68
CA ALA T 15 23.07 -52.62 85.19
C ALA T 15 23.30 -51.30 84.46
N THR T 16 24.50 -50.72 84.55
CA THR T 16 24.80 -49.46 83.88
C THR T 16 25.20 -49.64 82.42
N ILE T 17 25.09 -50.87 81.87
CA ILE T 17 25.45 -51.10 80.49
C ILE T 17 24.39 -50.55 79.54
N GLY T 18 23.19 -50.27 80.03
CA GLY T 18 22.12 -49.73 79.21
C GLY T 18 22.23 -48.25 78.92
N LEU T 19 23.28 -47.58 79.40
CA LEU T 19 23.43 -46.16 79.14
C LEU T 19 23.86 -45.87 77.71
N THR T 20 24.33 -46.88 76.98
CA THR T 20 24.74 -46.67 75.59
C THR T 20 23.53 -46.41 74.70
N GLY T 21 22.41 -47.07 74.97
CA GLY T 21 21.21 -46.84 74.18
C GLY T 21 20.53 -45.53 74.51
N ALA T 22 20.55 -45.15 75.79
CA ALA T 22 19.93 -43.89 76.19
C ALA T 22 20.82 -42.69 75.88
N GLY T 23 22.14 -42.86 75.95
CA GLY T 23 23.04 -41.77 75.64
C GLY T 23 23.09 -41.44 74.16
N ILE T 24 23.12 -42.48 73.31
CA ILE T 24 23.13 -42.26 71.88
C ILE T 24 21.76 -41.92 71.33
N GLY T 25 20.70 -42.17 72.10
CA GLY T 25 19.36 -41.84 71.64
C GLY T 25 19.09 -40.35 71.61
N ILE T 26 19.69 -39.60 72.53
CA ILE T 26 19.49 -38.14 72.55
C ILE T 26 20.26 -37.49 71.41
N ALA T 27 21.38 -38.10 70.99
CA ALA T 27 22.15 -37.53 69.88
C ALA T 27 21.55 -37.90 68.53
N ILE T 28 20.79 -39.01 68.46
CA ILE T 28 20.18 -39.39 67.19
C ILE T 28 19.01 -38.48 66.87
N VAL T 29 18.24 -38.08 67.88
CA VAL T 29 17.12 -37.17 67.64
C VAL T 29 17.61 -35.75 67.42
N PHE T 30 18.76 -35.38 67.98
CA PHE T 30 19.29 -34.04 67.79
C PHE T 30 19.99 -33.89 66.45
N ALA T 31 20.48 -34.99 65.87
CA ALA T 31 21.15 -34.92 64.58
C ALA T 31 20.15 -34.71 63.45
N ALA T 32 18.98 -35.34 63.55
CA ALA T 32 17.96 -35.17 62.52
C ALA T 32 17.26 -33.83 62.63
N LEU T 33 17.18 -33.27 63.83
CA LEU T 33 16.54 -31.97 64.02
C LEU T 33 17.44 -30.82 63.59
N ILE T 34 18.76 -30.97 63.75
CA ILE T 34 19.68 -29.92 63.36
C ILE T 34 19.84 -29.88 61.85
N ASN T 35 19.90 -31.05 61.21
CA ASN T 35 20.05 -31.11 59.77
C ASN T 35 18.73 -30.81 59.05
N GLY T 36 17.59 -31.02 59.72
CA GLY T 36 16.31 -30.74 59.09
C GLY T 36 15.81 -29.33 59.27
N THR T 37 16.35 -28.60 60.24
CA THR T 37 15.91 -27.22 60.45
C THR T 37 16.49 -26.28 59.39
N SER T 38 17.63 -26.64 58.80
CA SER T 38 18.24 -25.82 57.77
C SER T 38 17.73 -26.13 56.37
N ARG T 39 16.72 -26.98 56.24
CA ARG T 39 16.16 -27.35 54.94
C ARG T 39 14.91 -26.57 54.59
N ASN T 40 14.54 -25.57 55.41
CA ASN T 40 13.38 -24.70 55.22
C ASN T 40 12.08 -25.46 55.40
N PRO T 41 11.16 -25.00 56.26
CA PRO T 41 11.32 -23.79 57.08
C PRO T 41 10.76 -23.95 58.49
N SER T 42 10.74 -25.20 58.98
CA SER T 42 10.21 -25.49 60.30
C SER T 42 11.21 -25.14 61.39
N LEU T 43 11.00 -24.03 62.08
CA LEU T 43 11.88 -23.62 63.16
C LEU T 43 11.11 -23.53 64.48
N ARG T 44 10.19 -22.57 64.56
CA ARG T 44 9.35 -22.42 65.75
C ARG T 44 8.26 -23.49 65.75
N ASN T 45 8.23 -24.30 66.80
CA ASN T 45 7.28 -25.41 66.95
C ASN T 45 7.48 -26.35 65.76
N THR T 46 6.39 -26.94 65.25
CA THR T 46 6.43 -27.87 64.13
C THR T 46 7.40 -29.01 64.39
N LEU T 47 8.65 -28.87 63.93
CA LEU T 47 9.64 -29.90 64.17
C LEU T 47 10.31 -29.75 65.53
N PHE T 48 10.20 -28.58 66.16
CA PHE T 48 10.78 -28.35 67.47
C PHE T 48 9.96 -29.05 68.54
N PRO T 49 8.66 -29.28 68.30
CA PRO T 49 7.85 -29.98 69.32
C PRO T 49 8.13 -31.47 69.37
N PHE T 50 8.50 -32.09 68.25
CA PHE T 50 8.79 -33.52 68.25
C PHE T 50 10.15 -33.84 68.85
N ALA T 51 11.06 -32.87 68.88
CA ALA T 51 12.38 -33.12 69.46
C ALA T 51 12.32 -33.16 70.98
N ILE T 52 11.41 -32.39 71.58
CA ILE T 52 11.30 -32.39 73.04
C ILE T 52 10.58 -33.64 73.52
N LEU T 53 9.54 -34.07 72.79
CA LEU T 53 8.81 -35.27 73.16
C LEU T 53 9.56 -36.54 72.79
N GLY T 54 10.35 -36.51 71.72
CA GLY T 54 11.11 -37.69 71.33
C GLY T 54 12.30 -37.95 72.22
N PHE T 55 12.90 -36.89 72.77
CA PHE T 55 14.05 -37.08 73.66
C PHE T 55 13.63 -37.60 75.03
N ALA T 56 12.41 -37.27 75.47
CA ALA T 56 11.95 -37.75 76.76
C ALA T 56 11.55 -39.22 76.71
N LEU T 57 11.07 -39.69 75.56
CA LEU T 57 10.70 -41.10 75.43
C LEU T 57 11.94 -41.98 75.31
N SER T 58 12.99 -41.49 74.66
CA SER T 58 14.20 -42.28 74.52
C SER T 58 15.00 -42.31 75.83
N GLU T 59 14.84 -41.29 76.68
CA GLU T 59 15.53 -41.24 77.95
C GLU T 59 14.84 -42.05 79.03
N ALA T 60 13.67 -42.64 78.74
CA ALA T 60 12.98 -43.44 79.75
C ALA T 60 13.67 -44.77 79.98
N THR T 61 14.43 -45.26 79.00
CA THR T 61 15.14 -46.52 79.17
C THR T 61 16.31 -46.36 80.13
N GLY T 62 16.97 -45.20 80.12
CA GLY T 62 18.08 -44.99 81.03
C GLY T 62 17.63 -44.67 82.45
N LEU T 63 16.47 -44.05 82.59
CA LEU T 63 15.96 -43.73 83.93
C LEU T 63 15.39 -44.97 84.61
N PHE T 64 14.79 -45.87 83.83
CA PHE T 64 14.23 -47.09 84.42
C PHE T 64 15.32 -48.09 84.77
N CYS T 65 16.40 -48.12 84.00
CA CYS T 65 17.49 -49.05 84.29
C CYS T 65 18.32 -48.58 85.47
N LEU T 66 18.38 -47.28 85.71
CA LEU T 66 19.15 -46.75 86.83
C LEU T 66 18.45 -46.95 88.17
N MET T 67 17.13 -47.16 88.17
CA MET T 67 16.42 -47.38 89.43
C MET T 67 16.68 -48.77 89.99
N ILE T 68 16.91 -49.76 89.13
CA ILE T 68 17.19 -51.11 89.61
C ILE T 68 18.61 -51.21 90.14
N SER T 69 19.52 -50.39 89.63
CA SER T 69 20.90 -50.42 90.10
C SER T 69 21.06 -49.72 91.44
N PHE T 70 20.28 -48.65 91.67
CA PHE T 70 20.36 -47.93 92.93
C PHE T 70 19.59 -48.62 94.05
N LEU T 71 18.60 -49.45 93.72
CA LEU T 71 17.83 -50.14 94.74
C LEU T 71 18.60 -51.31 95.34
N LEU T 72 19.50 -51.92 94.58
CA LEU T 72 20.28 -53.04 95.09
C LEU T 72 21.42 -52.60 96.00
N LEU T 73 21.85 -51.35 95.90
CA LEU T 73 22.93 -50.83 96.74
C LEU T 73 22.42 -49.91 97.85
N TYR T 74 21.12 -49.86 98.07
CA TYR T 74 20.54 -49.02 99.11
C TYR T 74 19.36 -49.70 99.79
N MET U 1 18.92 -69.95 99.59
CA MET U 1 19.83 -69.00 100.22
C MET U 1 21.25 -69.16 99.68
N GLN U 2 22.15 -68.30 100.16
CA GLN U 2 23.56 -68.32 99.75
C GLN U 2 23.69 -68.20 98.23
N LEU U 3 23.69 -69.34 97.54
CA LEU U 3 23.82 -69.31 96.08
C LEU U 3 22.53 -68.86 95.41
N VAL U 4 21.38 -69.05 96.07
CA VAL U 4 20.11 -68.64 95.49
C VAL U 4 19.93 -67.13 95.62
N LEU U 5 20.42 -66.54 96.71
CA LEU U 5 20.30 -65.10 96.89
C LEU U 5 21.27 -64.31 96.03
N ALA U 6 22.47 -64.87 95.79
CA ALA U 6 23.44 -64.17 94.96
C ALA U 6 23.07 -64.23 93.48
N ALA U 7 22.40 -65.30 93.06
CA ALA U 7 22.01 -65.41 91.65
C ALA U 7 20.79 -64.54 91.34
N LYS U 8 19.99 -64.22 92.35
CA LYS U 8 18.83 -63.37 92.11
C LYS U 8 19.22 -61.91 91.94
N TYR U 9 20.25 -61.46 92.65
CA TYR U 9 20.68 -60.06 92.52
C TYR U 9 21.43 -59.85 91.20
N ILE U 10 22.21 -60.84 90.77
CA ILE U 10 22.94 -60.71 89.52
C ILE U 10 22.04 -60.90 88.30
N GLY U 11 20.88 -61.53 88.47
CA GLY U 11 19.98 -61.72 87.34
C GLY U 11 19.27 -60.45 86.92
N ALA U 12 19.00 -59.56 87.87
CA ALA U 12 18.33 -58.30 87.54
C ALA U 12 19.26 -57.31 86.84
N ALA U 13 20.57 -57.46 87.03
CA ALA U 13 21.52 -56.54 86.39
C ALA U 13 21.87 -57.00 84.98
N ILE U 14 22.01 -58.32 84.77
CA ILE U 14 22.33 -58.83 83.45
C ILE U 14 21.15 -58.77 82.50
N ALA U 15 19.92 -58.75 83.04
CA ALA U 15 18.74 -58.67 82.18
C ALA U 15 18.49 -57.25 81.67
N THR U 16 19.18 -56.26 82.22
CA THR U 16 19.02 -54.88 81.78
C THR U 16 19.85 -54.53 80.56
N ILE U 17 20.53 -55.51 79.96
CA ILE U 17 21.34 -55.25 78.77
C ILE U 17 20.46 -55.03 77.54
N GLY U 18 19.20 -55.46 77.58
CA GLY U 18 18.30 -55.29 76.47
C GLY U 18 17.73 -53.90 76.30
N LEU U 19 18.09 -52.96 77.17
CA LEU U 19 17.59 -51.59 77.05
C LEU U 19 18.25 -50.81 75.93
N THR U 20 19.34 -51.33 75.35
CA THR U 20 19.99 -50.63 74.25
C THR U 20 19.14 -50.68 72.98
N GLY U 21 18.46 -51.80 72.75
CA GLY U 21 17.61 -51.91 71.57
C GLY U 21 16.31 -51.15 71.73
N ALA U 22 15.75 -51.14 72.94
CA ALA U 22 14.50 -50.41 73.18
C ALA U 22 14.74 -48.92 73.33
N GLY U 23 15.90 -48.52 73.88
CA GLY U 23 16.18 -47.10 74.03
C GLY U 23 16.51 -46.43 72.71
N ILE U 24 17.26 -47.12 71.85
CA ILE U 24 17.60 -46.56 70.55
C ILE U 24 16.46 -46.68 69.55
N GLY U 25 15.46 -47.51 69.85
CA GLY U 25 14.33 -47.65 68.94
C GLY U 25 13.42 -46.43 68.93
N ILE U 26 13.34 -45.72 70.06
CA ILE U 26 12.49 -44.53 70.11
C ILE U 26 13.15 -43.38 69.36
N ALA U 27 14.48 -43.39 69.25
CA ALA U 27 15.19 -42.35 68.52
C ALA U 27 15.26 -42.61 67.03
N ILE U 28 15.22 -43.88 66.61
CA ILE U 28 15.27 -44.20 65.19
C ILE U 28 13.94 -43.86 64.51
N VAL U 29 12.83 -44.08 65.22
CA VAL U 29 11.53 -43.74 64.65
C VAL U 29 11.28 -42.25 64.71
N PHE U 30 11.87 -41.55 65.67
CA PHE U 30 11.68 -40.10 65.76
C PHE U 30 12.56 -39.35 64.77
N ALA U 31 13.69 -39.94 64.36
CA ALA U 31 14.57 -39.27 63.41
C ALA U 31 13.97 -39.30 62.01
N ALA U 32 13.31 -40.41 61.64
CA ALA U 32 12.70 -40.50 60.31
C ALA U 32 11.41 -39.68 60.24
N LEU U 33 10.71 -39.52 61.37
CA LEU U 33 9.48 -38.75 61.37
C LEU U 33 9.74 -37.24 61.37
N ILE U 34 10.84 -36.81 62.00
CA ILE U 34 11.16 -35.38 62.03
C ILE U 34 11.75 -34.95 60.69
N ASN U 35 12.58 -35.80 60.07
CA ASN U 35 13.17 -35.46 58.79
C ASN U 35 12.18 -35.61 57.64
N GLY U 36 11.19 -36.49 57.77
CA GLY U 36 10.20 -36.67 56.74
C GLY U 36 9.06 -35.68 56.77
N THR U 37 8.84 -35.02 57.91
CA THR U 37 7.77 -34.05 58.03
C THR U 37 8.10 -32.72 57.36
N SER U 38 9.37 -32.48 57.03
CA SER U 38 9.77 -31.24 56.38
C SER U 38 9.53 -31.26 54.88
N ARG U 39 9.00 -32.34 54.33
CA ARG U 39 8.74 -32.44 52.90
C ARG U 39 7.40 -31.85 52.49
N ASN U 40 6.60 -31.39 53.45
CA ASN U 40 5.28 -30.78 53.24
C ASN U 40 4.30 -31.78 52.66
N PRO U 41 3.25 -32.17 53.41
CA PRO U 41 2.96 -31.70 54.76
C PRO U 41 2.42 -32.81 55.67
N SER U 42 3.29 -33.74 56.06
CA SER U 42 2.91 -34.85 56.93
C SER U 42 2.88 -34.35 58.36
N LEU U 43 1.72 -33.82 58.77
CA LEU U 43 1.54 -33.29 60.12
C LEU U 43 0.41 -34.00 60.83
N ARG U 44 -0.82 -33.62 60.52
CA ARG U 44 -1.99 -34.24 61.16
C ARG U 44 -2.20 -35.65 60.62
N ASN U 45 -2.18 -36.62 61.52
CA ASN U 45 -2.36 -38.04 61.18
C ASN U 45 -1.25 -38.45 60.21
N THR U 46 -1.54 -39.39 59.32
CA THR U 46 -0.59 -39.88 58.31
C THR U 46 0.70 -40.36 58.97
N LEU U 47 1.67 -39.45 59.11
CA LEU U 47 2.93 -39.82 59.74
C LEU U 47 2.83 -39.84 61.26
N PHE U 48 1.87 -39.13 61.83
CA PHE U 48 1.68 -39.10 63.27
C PHE U 48 1.09 -40.42 63.75
N PRO U 49 0.25 -41.08 62.94
CA PRO U 49 -0.31 -42.37 63.37
C PRO U 49 0.70 -43.50 63.31
N PHE U 50 1.63 -43.45 62.36
CA PHE U 50 2.63 -44.51 62.25
C PHE U 50 3.73 -44.33 63.30
N ALA U 51 4.01 -43.10 63.72
CA ALA U 51 5.04 -42.87 64.73
C ALA U 51 4.55 -43.25 66.12
N ILE U 52 3.27 -43.02 66.41
CA ILE U 52 2.73 -43.39 67.72
C ILE U 52 2.55 -44.90 67.82
N LEU U 53 2.10 -45.53 66.75
CA LEU U 53 1.92 -46.98 66.76
C LEU U 53 3.25 -47.71 66.66
N GLY U 54 4.23 -47.13 65.96
CA GLY U 54 5.53 -47.77 65.85
C GLY U 54 6.34 -47.67 67.11
N PHE U 55 6.12 -46.63 67.92
CA PHE U 55 6.86 -46.50 69.17
C PHE U 55 6.37 -47.47 70.22
N ALA U 56 5.10 -47.88 70.15
CA ALA U 56 4.57 -48.83 71.13
C ALA U 56 5.09 -50.24 70.87
N LEU U 57 5.36 -50.58 69.61
CA LEU U 57 5.89 -51.90 69.30
C LEU U 57 7.35 -52.03 69.69
N SER U 58 8.12 -50.94 69.56
CA SER U 58 9.53 -50.97 69.95
C SER U 58 9.70 -50.93 71.45
N GLU U 59 8.75 -50.33 72.17
CA GLU U 59 8.81 -50.25 73.63
C GLU U 59 8.34 -51.52 74.30
N ALA U 60 7.78 -52.48 73.56
CA ALA U 60 7.32 -53.72 74.16
C ALA U 60 8.50 -54.63 74.54
N THR U 61 9.65 -54.46 73.88
CA THR U 61 10.81 -55.29 74.21
C THR U 61 11.43 -54.86 75.54
N GLY U 62 11.45 -53.57 75.84
CA GLY U 62 12.01 -53.11 77.10
C GLY U 62 11.12 -53.37 78.29
N LEU U 63 9.79 -53.35 78.08
CA LEU U 63 8.87 -53.61 79.17
C LEU U 63 8.79 -55.09 79.50
N PHE U 64 8.90 -55.96 78.48
CA PHE U 64 8.85 -57.40 78.73
C PHE U 64 10.15 -57.91 79.36
N CYS U 65 11.27 -57.30 79.00
CA CYS U 65 12.55 -57.73 79.58
C CYS U 65 12.71 -57.25 81.02
N LEU U 66 12.08 -56.12 81.37
CA LEU U 66 12.17 -55.59 82.72
C LEU U 66 11.30 -56.35 83.71
N MET U 67 10.30 -57.09 83.22
CA MET U 67 9.45 -57.86 84.13
C MET U 67 10.16 -59.09 84.66
N ILE U 68 11.05 -59.68 83.87
CA ILE U 68 11.79 -60.86 84.33
C ILE U 68 12.88 -60.45 85.32
N SER U 69 13.40 -59.23 85.20
CA SER U 69 14.44 -58.77 86.13
C SER U 69 13.84 -58.35 87.46
N PHE U 70 12.64 -57.78 87.46
CA PHE U 70 11.99 -57.35 88.69
C PHE U 70 11.34 -58.51 89.45
N LEU U 71 11.02 -59.61 88.76
CA LEU U 71 10.41 -60.75 89.43
C LEU U 71 11.43 -61.56 90.22
N LEU U 72 12.69 -61.55 89.78
CA LEU U 72 13.73 -62.30 90.49
C LEU U 72 14.20 -61.60 91.75
N LEU U 73 14.03 -60.29 91.85
CA LEU U 73 14.44 -59.52 93.02
C LEU U 73 13.30 -59.20 93.96
N TYR U 74 12.11 -59.74 93.71
CA TYR U 74 10.96 -59.48 94.56
C TYR U 74 10.04 -60.70 94.65
N MET V 1 21.84 -80.05 94.60
CA MET V 1 21.21 -79.25 93.57
C MET V 1 21.50 -77.76 93.80
N GLN V 2 22.59 -77.46 94.50
CA GLN V 2 22.94 -76.08 94.77
C GLN V 2 23.52 -75.41 93.53
N LEU V 3 24.28 -76.16 92.73
CA LEU V 3 24.86 -75.58 91.52
C LEU V 3 23.83 -75.45 90.40
N VAL V 4 22.83 -76.32 90.39
CA VAL V 4 21.80 -76.23 89.35
C VAL V 4 20.79 -75.14 89.66
N LEU V 5 20.61 -74.80 90.94
CA LEU V 5 19.66 -73.75 91.31
C LEU V 5 20.22 -72.37 91.01
N ALA V 6 21.53 -72.18 91.20
CA ALA V 6 22.12 -70.87 90.94
C ALA V 6 22.28 -70.62 89.45
N ALA V 7 22.45 -71.67 88.65
CA ALA V 7 22.59 -71.51 87.21
C ALA V 7 21.26 -71.27 86.50
N LYS V 8 20.13 -71.56 87.17
CA LYS V 8 18.83 -71.34 86.54
C LYS V 8 18.46 -69.86 86.53
N TYR V 9 18.84 -69.11 87.56
CA TYR V 9 18.53 -67.68 87.60
C TYR V 9 19.41 -66.90 86.63
N ILE V 10 20.69 -67.25 86.52
CA ILE V 10 21.58 -66.54 85.60
C ILE V 10 21.34 -66.94 84.16
N GLY V 11 20.71 -68.09 83.91
CA GLY V 11 20.44 -68.49 82.54
C GLY V 11 19.32 -67.69 81.90
N ALA V 12 18.36 -67.23 82.71
CA ALA V 12 17.26 -66.43 82.18
C ALA V 12 17.66 -64.98 81.96
N ALA V 13 18.77 -64.53 82.57
CA ALA V 13 19.23 -63.16 82.40
C ALA V 13 20.13 -63.00 81.20
N ILE V 14 21.05 -63.94 80.97
CA ILE V 14 21.95 -63.86 79.82
C ILE V 14 21.22 -64.18 78.52
N ALA V 15 20.09 -64.89 78.59
CA ALA V 15 19.34 -65.20 77.37
C ALA V 15 18.51 -64.03 76.88
N THR V 16 18.38 -62.98 77.67
CA THR V 16 17.62 -61.80 77.28
C THR V 16 18.44 -60.78 76.49
N ILE V 17 19.64 -61.17 76.04
CA ILE V 17 20.47 -60.25 75.27
C ILE V 17 19.96 -60.10 73.85
N GLY V 18 19.08 -60.99 73.39
CA GLY V 18 18.53 -60.91 72.06
C GLY V 18 17.45 -59.88 71.86
N LEU V 19 17.09 -59.14 72.91
CA LEU V 19 16.06 -58.10 72.78
C LEU V 19 16.55 -56.88 72.03
N THR V 20 17.87 -56.72 71.88
CA THR V 20 18.40 -55.57 71.15
C THR V 20 18.13 -55.70 69.65
N GLY V 21 18.23 -56.93 69.12
CA GLY V 21 17.96 -57.12 67.71
C GLY V 21 16.48 -57.09 67.39
N ALA V 22 15.65 -57.62 68.30
CA ALA V 22 14.21 -57.60 68.09
C ALA V 22 13.59 -56.25 68.40
N GLY V 23 14.16 -55.51 69.36
CA GLY V 23 13.62 -54.19 69.68
C GLY V 23 13.95 -53.16 68.62
N ILE V 24 15.15 -53.23 68.04
CA ILE V 24 15.53 -52.29 66.99
C ILE V 24 14.91 -52.66 65.65
N GLY V 25 14.43 -53.89 65.49
CA GLY V 25 13.81 -54.28 64.24
C GLY V 25 12.46 -53.65 64.01
N ILE V 26 11.73 -53.35 65.08
CA ILE V 26 10.43 -52.71 64.94
C ILE V 26 10.59 -51.24 64.53
N ALA V 27 11.71 -50.62 64.90
CA ALA V 27 11.96 -49.23 64.54
C ALA V 27 12.60 -49.09 63.17
N ILE V 28 13.36 -50.10 62.72
CA ILE V 28 13.99 -50.03 61.41
C ILE V 28 12.94 -50.21 60.31
N VAL V 29 11.95 -51.07 60.55
CA VAL V 29 10.90 -51.28 59.56
C VAL V 29 9.93 -50.11 59.53
N PHE V 30 9.75 -49.43 60.66
CA PHE V 30 8.86 -48.29 60.73
C PHE V 30 9.50 -47.01 60.20
N ALA V 31 10.84 -46.94 60.19
CA ALA V 31 11.51 -45.75 59.68
C ALA V 31 11.43 -45.67 58.16
N ALA V 32 11.54 -46.82 57.48
CA ALA V 32 11.45 -46.82 56.03
C ALA V 32 10.02 -46.65 55.55
N LEU V 33 9.04 -47.08 56.35
CA LEU V 33 7.64 -46.93 55.96
C LEU V 33 7.14 -45.51 56.19
N ILE V 34 7.64 -44.83 57.22
CA ILE V 34 7.21 -43.45 57.49
C ILE V 34 7.87 -42.49 56.52
N ASN V 35 9.14 -42.71 56.20
CA ASN V 35 9.84 -41.84 55.27
C ASN V 35 9.45 -42.12 53.82
N GLY V 36 9.03 -43.35 53.51
CA GLY V 36 8.62 -43.68 52.16
C GLY V 36 7.19 -43.34 51.84
N THR V 37 6.34 -43.18 52.85
CA THR V 37 4.94 -42.85 52.61
C THR V 37 4.76 -41.41 52.14
N SER V 38 5.71 -40.52 52.44
CA SER V 38 5.62 -39.12 52.02
C SER V 38 6.15 -38.89 50.62
N ARG V 39 6.44 -39.95 49.86
CA ARG V 39 6.94 -39.80 48.50
C ARG V 39 5.84 -39.81 47.44
N ASN V 40 4.57 -39.84 47.86
CA ASN V 40 3.41 -39.83 46.99
C ASN V 40 3.37 -41.08 46.11
N PRO V 41 2.53 -42.08 46.42
CA PRO V 41 1.59 -42.09 47.55
C PRO V 41 1.43 -43.47 48.18
N SER V 42 2.47 -43.94 48.87
CA SER V 42 2.45 -45.26 49.52
C SER V 42 1.67 -45.13 50.83
N LEU V 43 0.35 -45.31 50.74
CA LEU V 43 -0.51 -45.22 51.90
C LEU V 43 -1.47 -46.40 51.97
N ARG V 44 -2.53 -46.38 51.17
CA ARG V 44 -3.51 -47.45 51.17
C ARG V 44 -2.92 -48.69 50.50
N ASN V 45 -2.82 -49.78 51.26
CA ASN V 45 -2.27 -51.06 50.79
C ASN V 45 -0.83 -50.83 50.32
N THR V 46 -0.41 -51.57 49.29
CA THR V 46 0.94 -51.46 48.73
C THR V 46 2.00 -51.62 49.80
N LEU V 47 2.39 -50.52 50.44
CA LEU V 47 3.40 -50.56 51.48
C LEU V 47 2.81 -50.86 52.85
N PHE V 48 1.49 -50.80 52.99
CA PHE V 48 0.84 -51.08 54.27
C PHE V 48 0.86 -52.57 54.55
N PRO V 49 0.75 -53.42 53.52
CA PRO V 49 0.79 -54.87 53.77
C PRO V 49 2.17 -55.38 54.11
N PHE V 50 3.23 -54.77 53.58
CA PHE V 50 4.58 -55.20 53.89
C PHE V 50 5.02 -54.74 55.27
N ALA V 51 4.41 -53.67 55.79
CA ALA V 51 4.78 -53.18 57.11
C ALA V 51 4.19 -54.05 58.21
N ILE V 52 2.98 -54.59 57.99
CA ILE V 52 2.35 -55.44 58.98
C ILE V 52 2.97 -56.84 58.95
N LEU V 53 3.29 -57.34 57.76
CA LEU V 53 3.90 -58.66 57.65
C LEU V 53 5.38 -58.64 58.00
N GLY V 54 6.07 -57.54 57.72
CA GLY V 54 7.49 -57.46 58.05
C GLY V 54 7.75 -57.26 59.53
N PHE V 55 6.80 -56.67 60.25
CA PHE V 55 6.98 -56.47 61.69
C PHE V 55 6.79 -57.76 62.46
N ALA V 56 5.96 -58.68 61.96
CA ALA V 56 5.74 -59.94 62.64
C ALA V 56 6.94 -60.88 62.50
N LEU V 57 7.67 -60.78 61.39
CA LEU V 57 8.82 -61.64 61.20
C LEU V 57 10.00 -61.18 62.06
N SER V 58 10.14 -59.86 62.25
CA SER V 58 11.23 -59.36 63.08
C SER V 58 10.95 -59.55 64.57
N GLU V 59 9.68 -59.62 64.95
CA GLU V 59 9.31 -59.81 66.34
C GLU V 59 9.30 -61.27 66.76
N ALA V 60 9.56 -62.20 65.82
CA ALA V 60 9.57 -63.61 66.18
C ALA V 60 10.82 -63.98 66.96
N THR V 61 11.90 -63.23 66.78
CA THR V 61 13.14 -63.53 67.52
C THR V 61 13.02 -63.15 68.99
N GLY V 62 12.25 -62.11 69.30
CA GLY V 62 12.08 -61.71 70.69
C GLY V 62 11.18 -62.65 71.46
N LEU V 63 10.18 -63.23 70.78
CA LEU V 63 9.28 -64.16 71.45
C LEU V 63 9.90 -65.55 71.58
N PHE V 64 10.77 -65.93 70.64
CA PHE V 64 11.41 -67.24 70.73
C PHE V 64 12.53 -67.26 71.76
N CYS V 65 13.23 -66.14 71.94
CA CYS V 65 14.30 -66.09 72.92
C CYS V 65 13.75 -65.96 74.34
N LEU V 66 12.57 -65.38 74.49
CA LEU V 66 11.96 -65.22 75.82
C LEU V 66 11.37 -66.52 76.33
N MET V 67 11.09 -67.49 75.46
CA MET V 67 10.54 -68.76 75.91
C MET V 67 11.57 -69.61 76.64
N ILE V 68 12.85 -69.49 76.26
CA ILE V 68 13.88 -70.26 76.92
C ILE V 68 14.20 -69.69 78.30
N SER V 69 13.98 -68.39 78.50
CA SER V 69 14.25 -67.79 79.80
C SER V 69 13.16 -68.11 80.81
N PHE V 70 11.90 -68.16 80.37
CA PHE V 70 10.80 -68.46 81.28
C PHE V 70 10.74 -69.95 81.61
N LEU V 71 11.28 -70.80 80.74
CA LEU V 71 11.27 -72.23 80.99
C LEU V 71 12.32 -72.66 82.00
N LEU V 72 13.37 -71.87 82.20
CA LEU V 72 14.43 -72.18 83.15
C LEU V 72 14.24 -71.46 84.48
N LEU V 73 13.03 -71.00 84.78
CA LEU V 73 12.76 -70.30 86.03
C LEU V 73 11.71 -71.04 86.85
N MET W 1 28.80 -84.70 86.90
CA MET W 1 27.76 -84.80 87.91
C MET W 1 27.19 -83.42 88.24
N GLN W 2 27.72 -82.82 89.31
CA GLN W 2 27.24 -81.49 89.71
C GLN W 2 27.77 -80.40 88.79
N LEU W 3 28.97 -80.58 88.23
CA LEU W 3 29.53 -79.58 87.34
C LEU W 3 28.91 -79.64 85.96
N VAL W 4 28.46 -80.82 85.53
CA VAL W 4 27.84 -80.94 84.22
C VAL W 4 26.40 -80.45 84.24
N LEU W 5 25.74 -80.51 85.40
CA LEU W 5 24.36 -80.04 85.48
C LEU W 5 24.28 -78.52 85.51
N ALA W 6 25.26 -77.86 86.13
CA ALA W 6 25.25 -76.41 86.18
C ALA W 6 25.65 -75.79 84.84
N ALA W 7 26.47 -76.50 84.05
CA ALA W 7 26.88 -75.99 82.75
C ALA W 7 25.79 -76.14 81.69
N LYS W 8 24.78 -76.97 81.94
CA LYS W 8 23.72 -77.15 80.95
C LYS W 8 22.79 -75.94 80.92
N TYR W 9 22.57 -75.28 82.06
CA TYR W 9 21.71 -74.10 82.08
C TYR W 9 22.41 -72.90 81.46
N ILE W 10 23.72 -72.78 81.65
CA ILE W 10 24.46 -71.66 81.07
C ILE W 10 24.75 -71.87 79.59
N GLY W 11 24.65 -73.11 79.09
CA GLY W 11 24.90 -73.35 77.69
C GLY W 11 23.80 -72.84 76.79
N ALA W 12 22.57 -72.81 77.28
CA ALA W 12 21.44 -72.32 76.50
C ALA W 12 21.25 -70.80 76.62
N ALA W 13 22.02 -70.14 77.48
CA ALA W 13 21.91 -68.70 77.66
C ALA W 13 22.88 -67.93 76.77
N ILE W 14 24.15 -68.34 76.76
CA ILE W 14 25.15 -67.67 75.93
C ILE W 14 24.98 -68.00 74.46
N ALA W 15 24.33 -69.13 74.15
CA ALA W 15 24.11 -69.49 72.75
C ALA W 15 23.00 -68.68 72.10
N THR W 16 22.19 -67.98 72.89
CA THR W 16 21.12 -67.16 72.36
C THR W 16 21.57 -65.76 71.99
N ILE W 17 22.88 -65.52 71.91
CA ILE W 17 23.37 -64.19 71.54
C ILE W 17 23.22 -63.93 70.06
N GLY W 18 22.98 -64.96 69.26
CA GLY W 18 22.80 -64.81 67.82
C GLY W 18 21.45 -64.29 67.38
N LEU W 19 20.56 -63.98 68.32
CA LEU W 19 19.24 -63.48 67.96
C LEU W 19 19.29 -62.03 67.48
N THR W 20 20.38 -61.31 67.74
CA THR W 20 20.48 -59.93 67.29
C THR W 20 20.67 -59.86 65.78
N GLY W 21 21.42 -60.81 65.20
CA GLY W 21 21.62 -60.81 63.77
C GLY W 21 20.44 -61.36 62.99
N ALA W 22 19.75 -62.37 63.54
CA ALA W 22 18.59 -62.93 62.86
C ALA W 22 17.35 -62.07 63.04
N GLY W 23 17.21 -61.40 64.19
CA GLY W 23 16.05 -60.55 64.40
C GLY W 23 16.11 -59.27 63.58
N ILE W 24 17.28 -58.62 63.56
CA ILE W 24 17.43 -57.40 62.77
C ILE W 24 17.55 -57.70 61.28
N GLY W 25 17.89 -58.94 60.90
CA GLY W 25 17.99 -59.26 59.49
C GLY W 25 16.65 -59.36 58.79
N ILE W 26 15.60 -59.72 59.53
CA ILE W 26 14.27 -59.81 58.93
C ILE W 26 13.71 -58.41 58.66
N ALA W 27 14.14 -57.41 59.44
CA ALA W 27 13.67 -56.05 59.24
C ALA W 27 14.54 -55.26 58.25
N ILE W 28 15.77 -55.70 58.00
CA ILE W 28 16.62 -55.00 57.05
C ILE W 28 16.18 -55.29 55.63
N VAL W 29 15.73 -56.51 55.36
CA VAL W 29 15.25 -56.85 54.02
C VAL W 29 13.87 -56.26 53.76
N PHE W 30 13.06 -56.10 54.81
CA PHE W 30 11.73 -55.52 54.64
C PHE W 30 11.78 -54.01 54.51
N ALA W 31 12.82 -53.37 55.06
CA ALA W 31 12.92 -51.92 54.95
C ALA W 31 13.30 -51.49 53.54
N ALA W 32 14.18 -52.25 52.88
CA ALA W 32 14.57 -51.90 51.52
C ALA W 32 13.48 -52.28 50.51
N LEU W 33 12.66 -53.28 50.84
CA LEU W 33 11.59 -53.69 49.94
C LEU W 33 10.39 -52.76 50.02
N ILE W 34 10.13 -52.18 51.19
CA ILE W 34 8.99 -51.27 51.34
C ILE W 34 9.32 -49.91 50.72
N ASN W 35 10.55 -49.44 50.89
CA ASN W 35 10.95 -48.16 50.32
C ASN W 35 11.22 -48.26 48.83
N GLY W 36 11.56 -49.45 48.34
CA GLY W 36 11.82 -49.63 46.92
C GLY W 36 10.60 -49.94 46.09
N THR W 37 9.52 -50.40 46.72
CA THR W 37 8.30 -50.71 45.98
C THR W 37 7.58 -49.45 45.49
N SER W 38 7.74 -48.33 46.20
CA SER W 38 7.11 -47.08 45.81
C SER W 38 7.96 -46.25 44.86
N ARG W 39 8.97 -46.86 44.23
CA ARG W 39 9.85 -46.16 43.31
C ARG W 39 9.52 -46.44 41.85
N ASN W 40 8.42 -47.15 41.57
CA ASN W 40 7.95 -47.49 40.24
C ASN W 40 8.96 -48.38 39.51
N PRO W 41 8.69 -49.69 39.36
CA PRO W 41 7.47 -50.35 39.82
C PRO W 41 7.72 -51.77 40.35
N SER W 42 8.62 -51.89 41.33
CA SER W 42 8.95 -53.19 41.92
C SER W 42 7.82 -53.60 42.85
N LEU W 43 6.81 -54.25 42.25
CA LEU W 43 5.65 -54.69 43.00
C LEU W 43 5.35 -56.16 42.73
N ARG W 44 4.60 -56.44 41.67
CA ARG W 44 4.25 -57.82 41.34
C ARG W 44 5.47 -58.56 40.81
N ASN W 45 5.81 -59.67 41.45
CA ASN W 45 6.95 -60.52 41.08
C ASN W 45 8.22 -59.66 41.13
N THR W 46 9.19 -59.98 40.28
CA THR W 46 10.46 -59.26 40.21
C THR W 46 11.15 -59.21 41.57
N LEU W 47 10.80 -58.20 42.37
CA LEU W 47 11.39 -58.05 43.70
C LEU W 47 10.64 -58.84 44.77
N PHE W 48 9.46 -59.37 44.46
CA PHE W 48 8.69 -60.14 45.42
C PHE W 48 9.33 -61.50 45.63
N PRO W 49 10.00 -62.05 44.62
CA PRO W 49 10.64 -63.37 44.80
C PRO W 49 11.93 -63.29 45.61
N PHE W 50 12.68 -62.20 45.49
CA PHE W 50 13.92 -62.06 46.24
C PHE W 50 13.66 -61.70 47.70
N ALA W 51 12.54 -61.04 48.00
CA ALA W 51 12.24 -60.69 49.37
C ALA W 51 11.77 -61.90 50.17
N ILE W 52 11.02 -62.81 49.52
CA ILE W 52 10.56 -64.00 50.22
C ILE W 52 11.70 -65.00 50.38
N LEU W 53 12.55 -65.14 49.36
CA LEU W 53 13.68 -66.05 49.45
C LEU W 53 14.80 -65.49 50.31
N GLY W 54 14.97 -64.17 50.32
CA GLY W 54 16.02 -63.57 51.14
C GLY W 54 15.70 -63.58 52.62
N PHE W 55 14.42 -63.54 52.96
CA PHE W 55 14.03 -63.57 54.37
C PHE W 55 14.23 -64.94 54.99
N ALA W 56 14.07 -66.00 54.20
CA ALA W 56 14.27 -67.35 54.72
C ALA W 56 15.74 -67.68 54.91
N LEU W 57 16.61 -67.09 54.08
CA LEU W 57 18.05 -67.34 54.22
C LEU W 57 18.62 -66.59 55.40
N SER W 58 18.12 -65.39 55.68
CA SER W 58 18.61 -64.62 56.82
C SER W 58 18.09 -65.17 58.14
N GLU W 59 16.92 -65.83 58.12
CA GLU W 59 16.34 -66.41 59.32
C GLU W 59 16.93 -67.78 59.65
N ALA W 60 17.80 -68.33 58.80
CA ALA W 60 18.40 -69.63 59.07
C ALA W 60 19.43 -69.58 60.19
N THR W 61 20.00 -68.40 60.47
CA THR W 61 20.97 -68.30 61.54
C THR W 61 20.32 -68.38 62.91
N GLY W 62 19.08 -67.89 63.04
CA GLY W 62 18.39 -67.97 64.31
C GLY W 62 17.88 -69.36 64.63
N LEU W 63 17.45 -70.10 63.62
CA LEU W 63 16.96 -71.46 63.85
C LEU W 63 18.11 -72.44 64.08
N PHE W 64 19.26 -72.20 63.45
CA PHE W 64 20.40 -73.09 63.65
C PHE W 64 21.06 -72.86 65.00
N CYS W 65 21.08 -71.62 65.49
CA CYS W 65 21.68 -71.34 66.78
C CYS W 65 20.78 -71.78 67.93
N LEU W 66 19.47 -71.83 67.70
CA LEU W 66 18.52 -72.25 68.74
C LEU W 66 18.50 -73.76 68.93
N MET W 67 19.02 -74.52 67.96
CA MET W 67 19.03 -75.98 68.09
C MET W 67 20.08 -76.44 69.09
N ILE W 68 21.19 -75.72 69.21
CA ILE W 68 22.22 -76.10 70.16
C ILE W 68 21.81 -75.74 71.59
N SER W 69 20.95 -74.74 71.75
CA SER W 69 20.52 -74.35 73.09
C SER W 69 19.45 -75.30 73.63
N PHE W 70 18.55 -75.77 72.77
CA PHE W 70 17.51 -76.69 73.21
C PHE W 70 18.04 -78.10 73.43
N LEU W 71 19.11 -78.48 72.75
CA LEU W 71 19.69 -79.80 72.92
C LEU W 71 20.48 -79.94 74.21
N LEU W 72 20.94 -78.83 74.78
CA LEU W 72 21.70 -78.84 76.02
C LEU W 72 20.86 -78.40 77.22
N LEU W 73 19.54 -78.41 77.09
CA LEU W 73 18.66 -78.01 78.19
C LEU W 73 17.45 -78.92 78.28
N GLN X 2 34.34 -84.18 85.32
CA GLN X 2 34.25 -83.04 86.22
C GLN X 2 34.59 -81.74 85.49
N LEU X 3 35.89 -81.44 85.40
CA LEU X 3 36.33 -80.22 84.72
C LEU X 3 36.25 -80.34 83.21
N VAL X 4 36.49 -81.54 82.66
CA VAL X 4 36.42 -81.72 81.22
C VAL X 4 34.97 -81.83 80.74
N LEU X 5 34.08 -82.36 81.59
CA LEU X 5 32.68 -82.49 81.20
C LEU X 5 31.94 -81.16 81.30
N ALA X 6 32.29 -80.31 82.27
CA ALA X 6 31.63 -79.02 82.40
C ALA X 6 32.09 -78.04 81.34
N ALA X 7 33.32 -78.20 80.84
CA ALA X 7 33.84 -77.31 79.80
C ALA X 7 33.30 -77.64 78.42
N LYS X 8 32.70 -78.81 78.24
CA LYS X 8 32.17 -79.17 76.93
C LYS X 8 30.90 -78.39 76.61
N TYR X 9 30.10 -78.05 77.62
CA TYR X 9 28.88 -77.29 77.37
C TYR X 9 29.18 -75.82 77.08
N ILE X 10 30.27 -75.29 77.66
CA ILE X 10 30.62 -73.90 77.42
C ILE X 10 31.31 -73.71 76.07
N GLY X 11 31.83 -74.78 75.46
CA GLY X 11 32.48 -74.67 74.17
C GLY X 11 31.53 -74.44 73.02
N ALA X 12 30.25 -74.76 73.20
CA ALA X 12 29.25 -74.58 72.15
C ALA X 12 28.34 -73.39 72.40
N ALA X 13 28.44 -72.75 73.57
CA ALA X 13 27.60 -71.60 73.88
C ALA X 13 28.25 -70.28 73.45
N ILE X 14 29.51 -70.07 73.84
CA ILE X 14 30.20 -68.84 73.47
C ILE X 14 30.63 -68.86 72.00
N ALA X 15 30.76 -70.04 71.40
CA ALA X 15 31.15 -70.13 70.00
C ALA X 15 30.00 -69.79 69.07
N THR X 16 28.76 -69.79 69.56
CA THR X 16 27.60 -69.47 68.73
C THR X 16 27.33 -67.97 68.63
N ILE X 17 28.26 -67.13 69.11
CA ILE X 17 28.05 -65.68 69.03
C ILE X 17 28.32 -65.15 67.63
N GLY X 18 28.92 -65.96 66.76
CA GLY X 18 29.19 -65.53 65.41
C GLY X 18 28.01 -65.57 64.46
N LEU X 19 26.82 -65.92 64.96
CA LEU X 19 25.65 -65.96 64.10
C LEU X 19 25.14 -64.57 63.74
N THR X 20 25.58 -63.54 64.47
CA THR X 20 25.14 -62.18 64.17
C THR X 20 25.76 -61.67 62.86
N GLY X 21 27.01 -62.07 62.59
CA GLY X 21 27.65 -61.65 61.36
C GLY X 21 27.14 -62.41 60.15
N ALA X 22 26.81 -63.69 60.33
CA ALA X 22 26.28 -64.50 59.23
C ALA X 22 24.80 -64.24 58.99
N GLY X 23 24.05 -63.94 60.05
CA GLY X 23 22.63 -63.66 59.87
C GLY X 23 22.37 -62.31 59.23
N ILE X 24 23.14 -61.29 59.62
CA ILE X 24 22.97 -59.97 59.03
C ILE X 24 23.64 -59.86 57.67
N GLY X 25 24.53 -60.80 57.31
CA GLY X 25 25.17 -60.75 56.02
C GLY X 25 24.24 -61.12 54.88
N ILE X 26 23.29 -62.01 55.13
CA ILE X 26 22.35 -62.39 54.08
C ILE X 26 21.33 -61.28 53.84
N ALA X 27 21.07 -60.45 54.86
CA ALA X 27 20.13 -59.35 54.71
C ALA X 27 20.77 -58.11 54.10
N ILE X 28 22.07 -57.92 54.30
CA ILE X 28 22.75 -56.75 53.72
C ILE X 28 22.90 -56.93 52.21
N VAL X 29 23.14 -58.16 51.77
CA VAL X 29 23.27 -58.41 50.34
C VAL X 29 21.91 -58.43 49.65
N PHE X 30 20.86 -58.81 50.36
CA PHE X 30 19.53 -58.83 49.78
C PHE X 30 18.90 -57.45 49.74
N ALA X 31 19.34 -56.53 50.62
CA ALA X 31 18.80 -55.18 50.62
C ALA X 31 19.32 -54.38 49.43
N ALA X 32 20.59 -54.57 49.06
CA ALA X 32 21.13 -53.85 47.91
C ALA X 32 20.66 -54.44 46.60
N LEU X 33 20.33 -55.73 46.58
CA LEU X 33 19.85 -56.36 45.35
C LEU X 33 18.39 -56.05 45.08
N ILE X 34 17.59 -55.89 46.13
CA ILE X 34 16.17 -55.57 45.94
C ILE X 34 15.98 -54.11 45.57
N ASN X 35 16.78 -53.23 46.17
CA ASN X 35 16.68 -51.80 45.85
C ASN X 35 17.32 -51.47 44.52
N GLY X 36 18.29 -52.27 44.07
CA GLY X 36 18.95 -52.02 42.79
C GLY X 36 18.25 -52.63 41.61
N THR X 37 17.39 -53.63 41.83
CA THR X 37 16.67 -54.26 40.73
C THR X 37 15.55 -53.38 40.19
N SER X 38 15.06 -52.43 40.99
CA SER X 38 14.00 -51.54 40.55
C SER X 38 14.50 -50.35 39.73
N ARG X 39 15.81 -50.28 39.48
CA ARG X 39 16.37 -49.17 38.70
C ARG X 39 16.36 -49.44 37.20
N ASN X 40 15.87 -50.61 36.76
CA ASN X 40 15.77 -51.02 35.38
C ASN X 40 17.15 -51.18 34.74
N PRO X 41 17.52 -52.40 34.33
CA PRO X 41 16.71 -53.61 34.41
C PRO X 41 17.51 -54.85 34.78
N SER X 42 18.24 -54.78 35.90
CA SER X 42 19.05 -55.90 36.35
C SER X 42 18.17 -57.00 36.94
N LEU X 43 17.71 -57.91 36.09
CA LEU X 43 16.85 -59.00 36.55
C LEU X 43 17.52 -60.35 36.32
N ARG X 44 17.41 -60.88 35.10
CA ARG X 44 17.99 -62.17 34.77
C ARG X 44 19.51 -62.04 34.70
N ASN X 45 20.21 -62.87 35.46
CA ASN X 45 21.68 -62.88 35.52
C ASN X 45 22.15 -61.50 35.96
N THR X 46 23.31 -61.07 35.47
CA THR X 46 23.90 -59.77 35.79
C THR X 46 24.03 -59.58 37.30
N LEU X 47 23.00 -59.01 37.92
CA LEU X 47 23.02 -58.80 39.36
C LEU X 47 22.61 -60.03 40.15
N PHE X 48 21.93 -60.98 39.51
CA PHE X 48 21.50 -62.20 40.18
C PHE X 48 22.70 -63.12 40.41
N PRO X 49 23.72 -63.05 39.55
CA PRO X 49 24.89 -63.92 39.78
C PRO X 49 25.77 -63.43 40.92
N PHE X 50 25.86 -62.11 41.13
CA PHE X 50 26.66 -61.59 42.22
C PHE X 50 25.96 -61.75 43.57
N ALA X 51 24.62 -61.71 43.57
CA ALA X 51 23.89 -61.87 44.82
C ALA X 51 23.87 -63.33 45.27
N ILE X 52 23.85 -64.26 44.31
CA ILE X 52 23.85 -65.67 44.67
C ILE X 52 25.23 -66.12 45.11
N LEU X 53 26.28 -65.63 44.44
CA LEU X 53 27.63 -65.99 44.82
C LEU X 53 28.08 -65.24 46.07
N GLY X 54 27.59 -64.02 46.27
CA GLY X 54 27.95 -63.26 47.45
C GLY X 54 27.30 -63.77 48.72
N PHE X 55 26.11 -64.37 48.60
CA PHE X 55 25.45 -64.91 49.78
C PHE X 55 26.10 -66.19 50.27
N ALA X 56 26.67 -66.98 49.36
CA ALA X 56 27.35 -68.22 49.77
C ALA X 56 28.67 -67.93 50.46
N LEU X 57 29.36 -66.86 50.06
CA LEU X 57 30.62 -66.52 50.72
C LEU X 57 30.40 -65.92 52.09
N SER X 58 29.30 -65.18 52.27
CA SER X 58 29.00 -64.59 53.57
C SER X 58 28.47 -65.63 54.55
N GLU X 59 27.85 -66.70 54.03
CA GLU X 59 27.33 -67.75 54.88
C GLU X 59 28.38 -68.76 55.33
N ALA X 60 29.62 -68.63 54.82
CA ALA X 60 30.68 -69.55 55.22
C ALA X 60 31.15 -69.32 56.64
N THR X 61 30.95 -68.12 57.19
CA THR X 61 31.37 -67.84 58.56
C THR X 61 30.47 -68.54 59.57
N GLY X 62 29.18 -68.68 59.26
CA GLY X 62 28.28 -69.36 60.18
C GLY X 62 28.45 -70.87 60.17
N LEU X 63 28.77 -71.45 59.01
CA LEU X 63 28.96 -72.89 58.94
C LEU X 63 30.31 -73.30 59.52
N PHE X 64 31.33 -72.46 59.39
CA PHE X 64 32.63 -72.80 59.94
C PHE X 64 32.66 -72.65 61.46
N CYS X 65 31.93 -71.67 62.00
CA CYS X 65 31.90 -71.49 63.45
C CYS X 65 31.04 -72.54 64.13
N LEU X 66 30.06 -73.10 63.40
CA LEU X 66 29.20 -74.13 63.97
C LEU X 66 29.88 -75.49 64.02
N MET X 67 30.97 -75.69 63.28
CA MET X 67 31.66 -76.97 63.31
C MET X 67 32.44 -77.16 64.60
N ILE X 68 32.97 -76.07 65.17
CA ILE X 68 33.71 -76.19 66.43
C ILE X 68 32.77 -76.36 67.61
N SER X 69 31.52 -75.89 67.48
CA SER X 69 30.56 -76.04 68.57
C SER X 69 29.99 -77.45 68.64
N PHE X 70 29.77 -78.07 67.48
CA PHE X 70 29.22 -79.42 67.44
C PHE X 70 30.27 -80.48 67.75
N LEU X 71 31.55 -80.19 67.52
CA LEU X 71 32.61 -81.15 67.79
C LEU X 71 32.91 -81.31 69.28
N LEU X 72 32.55 -80.31 70.09
CA LEU X 72 32.79 -80.35 71.53
C LEU X 72 31.49 -80.50 72.33
N LEU X 73 30.40 -80.90 71.67
CA LEU X 73 29.12 -81.07 72.36
C LEU X 73 28.29 -82.17 71.70
N ILE Y 6 -6.47 58.61 -57.44
CA ILE Y 6 -7.59 59.26 -56.79
C ILE Y 6 -8.62 58.23 -56.33
N LYS Y 7 -8.90 58.22 -55.03
CA LYS Y 7 -9.86 57.29 -54.45
C LYS Y 7 -11.03 58.07 -53.86
N PRO Y 8 -12.25 57.86 -54.31
CA PRO Y 8 -13.39 58.60 -53.76
C PRO Y 8 -13.94 57.91 -52.53
N PRO Y 9 -14.49 58.67 -51.57
CA PRO Y 9 -15.04 58.04 -50.37
C PRO Y 9 -16.41 57.40 -50.62
N VAL Y 10 -16.41 56.16 -51.10
CA VAL Y 10 -17.65 55.45 -51.37
C VAL Y 10 -17.52 54.00 -50.91
N GLN Y 11 -16.32 53.63 -50.46
CA GLN Y 11 -16.03 52.27 -49.98
C GLN Y 11 -16.36 51.23 -51.04
N LEU Y 12 -17.63 50.81 -51.09
CA LEU Y 12 -18.10 49.80 -52.05
C LEU Y 12 -17.29 48.50 -51.92
N PHE Y 13 -17.48 47.85 -50.79
CA PHE Y 13 -16.81 46.58 -50.44
C PHE Y 13 -15.30 46.84 -50.48
N GLY Y 14 -14.51 45.91 -51.04
CA GLY Y 14 -13.07 46.10 -51.09
C GLY Y 14 -12.38 45.11 -52.01
N LEU Y 15 -12.95 43.92 -52.15
CA LEU Y 15 -12.39 42.89 -53.02
C LEU Y 15 -13.18 42.76 -54.32
N ASP Y 16 -14.50 42.56 -54.23
CA ASP Y 16 -15.32 42.42 -55.44
C ASP Y 16 -15.63 43.77 -56.07
N GLY Y 17 -15.77 44.83 -55.26
CA GLY Y 17 -16.07 46.15 -55.77
C GLY Y 17 -14.87 46.96 -56.22
N THR Y 18 -13.67 46.39 -56.18
CA THR Y 18 -12.46 47.10 -56.59
C THR Y 18 -12.20 46.98 -58.08
N TYR Y 19 -13.06 46.30 -58.84
CA TYR Y 19 -12.84 46.16 -60.27
C TYR Y 19 -13.18 47.46 -61.01
N ALA Y 20 -14.34 48.05 -60.68
CA ALA Y 20 -14.75 49.29 -61.33
C ALA Y 20 -14.09 50.52 -60.71
N THR Y 21 -13.63 50.42 -59.45
CA THR Y 21 -12.99 51.56 -58.81
C THR Y 21 -11.57 51.77 -59.31
N ALA Y 22 -10.90 50.71 -59.74
CA ALA Y 22 -9.52 50.86 -60.24
C ALA Y 22 -9.50 51.47 -61.63
N LEU Y 23 -10.48 51.13 -62.46
CA LEU Y 23 -10.55 51.68 -63.82
C LEU Y 23 -11.15 53.07 -63.85
N PHE Y 24 -11.82 53.51 -62.78
CA PHE Y 24 -12.41 54.83 -62.73
C PHE Y 24 -11.39 55.94 -62.53
N SER Y 25 -10.20 55.60 -62.02
CA SER Y 25 -9.18 56.63 -61.81
C SER Y 25 -8.56 57.07 -63.12
N ALA Y 26 -8.24 56.12 -64.01
CA ALA Y 26 -7.66 56.46 -65.30
C ALA Y 26 -8.69 56.95 -66.30
N SER Y 27 -9.97 56.67 -66.08
CA SER Y 27 -11.02 57.10 -66.98
C SER Y 27 -11.59 58.48 -66.63
N ALA Y 28 -11.16 59.07 -65.52
CA ALA Y 28 -11.63 60.38 -65.10
C ALA Y 28 -10.71 61.51 -65.55
N LYS Y 29 -10.04 61.36 -66.69
CA LYS Y 29 -9.14 62.37 -67.21
C LYS Y 29 -9.59 62.82 -68.58
N ASP Y 30 -9.44 64.12 -68.86
CA ASP Y 30 -9.82 64.72 -70.15
C ASP Y 30 -11.28 64.48 -70.48
N SER Y 31 -12.14 64.47 -69.45
CA SER Y 31 -13.57 64.28 -69.60
C SER Y 31 -13.89 62.98 -70.36
N SER Y 32 -13.74 61.85 -69.68
CA SER Y 32 -14.00 60.54 -70.26
C SER Y 32 -14.86 59.70 -69.33
N ILE Y 33 -15.79 60.34 -68.63
CA ILE Y 33 -16.68 59.66 -67.70
C ILE Y 33 -18.11 59.57 -68.22
N GLU Y 34 -18.52 60.46 -69.13
CA GLU Y 34 -19.87 60.42 -69.66
C GLU Y 34 -20.04 59.35 -70.72
N LYS Y 35 -18.98 59.04 -71.47
CA LYS Y 35 -19.05 58.02 -72.51
C LYS Y 35 -18.95 56.61 -71.96
N THR Y 36 -18.46 56.44 -70.73
CA THR Y 36 -18.34 55.12 -70.13
C THR Y 36 -19.65 54.59 -69.59
N PHE Y 37 -20.66 55.46 -69.41
CA PHE Y 37 -21.94 55.01 -68.88
C PHE Y 37 -22.77 54.32 -69.96
N GLN Y 38 -22.79 54.88 -71.18
CA GLN Y 38 -23.57 54.28 -72.26
C GLN Y 38 -22.88 53.07 -72.88
N SER Y 39 -21.56 52.98 -72.78
CA SER Y 39 -20.84 51.84 -73.36
C SER Y 39 -20.89 50.62 -72.44
N VAL Y 40 -21.05 50.82 -71.13
CA VAL Y 40 -21.10 49.69 -70.21
C VAL Y 40 -22.46 49.01 -70.25
N GLN Y 41 -23.50 49.73 -70.66
CA GLN Y 41 -24.84 49.14 -70.72
C GLN Y 41 -25.02 48.26 -71.95
N LYS Y 42 -24.26 48.50 -73.01
CA LYS Y 42 -24.37 47.70 -74.23
C LYS Y 42 -23.69 46.34 -74.11
N LEU Y 43 -22.76 46.18 -73.17
CA LEU Y 43 -22.08 44.90 -73.01
C LEU Y 43 -22.93 43.89 -72.23
N SER Y 44 -23.77 44.37 -71.31
CA SER Y 44 -24.62 43.48 -70.53
C SER Y 44 -25.92 43.13 -71.23
N SER Y 45 -26.39 43.97 -72.14
CA SER Y 45 -27.64 43.70 -72.86
C SER Y 45 -27.44 42.78 -74.05
N THR Y 46 -26.20 42.56 -74.50
CA THR Y 46 -25.91 41.69 -75.63
C THR Y 46 -25.30 40.37 -75.20
N ILE Y 47 -25.44 40.00 -73.92
CA ILE Y 47 -24.90 38.75 -73.41
C ILE Y 47 -25.91 38.09 -72.51
N SER Y 48 -26.93 38.85 -72.10
CA SER Y 48 -27.98 38.32 -71.23
C SER Y 48 -29.19 37.88 -72.04
N LYS Y 49 -30.02 38.84 -72.46
CA LYS Y 49 -31.22 38.55 -73.25
C LYS Y 49 -30.83 38.59 -74.72
N ASP Y 50 -30.17 37.52 -75.16
CA ASP Y 50 -29.74 37.41 -76.55
C ASP Y 50 -29.70 35.94 -76.99
N ALA Y 51 -29.23 35.06 -76.11
CA ALA Y 51 -29.13 33.63 -76.37
C ALA Y 51 -28.31 33.35 -77.64
N LYS Y 52 -27.14 33.99 -77.70
CA LYS Y 52 -26.25 33.82 -78.85
C LYS Y 52 -24.80 33.80 -78.41
N VAL Y 53 -24.37 34.85 -77.71
CA VAL Y 53 -22.99 34.96 -77.22
C VAL Y 53 -22.87 34.54 -75.76
N ALA Y 54 -23.89 33.88 -75.22
CA ALA Y 54 -23.89 33.42 -73.83
C ALA Y 54 -23.50 31.96 -73.69
N GLN Y 55 -22.74 31.43 -74.65
CA GLN Y 55 -22.31 30.03 -74.63
C GLN Y 55 -21.00 29.83 -73.87
N VAL Y 56 -20.38 30.90 -73.39
CA VAL Y 56 -19.12 30.79 -72.66
C VAL Y 56 -19.20 31.64 -71.39
N LEU Y 57 -20.42 31.86 -70.90
CA LEU Y 57 -20.61 32.65 -69.68
C LEU Y 57 -20.34 31.82 -68.43
N SER Y 58 -20.75 30.56 -68.43
CA SER Y 58 -20.56 29.68 -67.29
C SER Y 58 -19.58 28.54 -67.57
N ASN Y 59 -19.17 28.34 -68.82
CA ASN Y 59 -18.24 27.28 -69.14
C ASN Y 59 -16.81 27.68 -68.80
N PRO Y 60 -15.94 26.72 -68.50
CA PRO Y 60 -14.55 27.06 -68.18
C PRO Y 60 -13.63 26.91 -69.38
N ALA Y 61 -14.19 26.97 -70.58
CA ALA Y 61 -13.40 26.84 -71.80
C ALA Y 61 -12.69 28.14 -72.14
N LEU Y 62 -13.28 28.91 -73.06
CA LEU Y 62 -12.71 30.18 -73.51
C LEU Y 62 -11.29 30.01 -74.02
N SER Y 63 -10.31 30.44 -73.21
CA SER Y 63 -8.89 30.30 -73.52
C SER Y 63 -8.53 31.01 -74.82
N LEU Y 64 -8.24 32.32 -74.73
CA LEU Y 64 -7.77 33.12 -75.86
C LEU Y 64 -8.77 33.17 -77.01
N ASN Y 65 -9.08 32.01 -77.59
CA ASN Y 65 -9.97 31.92 -78.74
C ASN Y 65 -11.35 32.51 -78.42
N SER Y 66 -12.07 31.87 -77.50
CA SER Y 66 -13.39 32.34 -77.11
C SER Y 66 -13.33 33.39 -76.01
N ARG Y 67 -12.15 33.94 -75.70
CA ARG Y 67 -12.01 34.97 -74.69
C ARG Y 67 -11.69 36.34 -75.28
N LYS Y 68 -10.89 36.36 -76.35
CA LYS Y 68 -10.54 37.64 -76.97
C LYS Y 68 -11.49 37.98 -78.11
N GLU Y 69 -12.30 37.03 -78.56
CA GLU Y 69 -13.25 37.30 -79.64
C GLU Y 69 -14.50 38.00 -79.12
N VAL Y 70 -14.80 37.86 -77.83
CA VAL Y 70 -15.98 38.52 -77.27
C VAL Y 70 -15.67 39.97 -76.89
N VAL Y 71 -14.40 40.29 -76.64
CA VAL Y 71 -14.05 41.65 -76.29
C VAL Y 71 -13.88 42.51 -77.53
N SER Y 72 -13.57 41.90 -78.68
CA SER Y 72 -13.41 42.68 -79.91
C SER Y 72 -14.73 42.86 -80.65
N VAL Y 73 -15.66 41.92 -80.50
CA VAL Y 73 -16.94 42.05 -81.17
C VAL Y 73 -17.87 42.99 -80.41
N LEU Y 74 -17.65 43.16 -79.11
CA LEU Y 74 -18.46 44.06 -78.28
C LEU Y 74 -17.80 45.41 -78.06
N SER Y 75 -16.95 45.84 -78.99
CA SER Y 75 -16.27 47.11 -78.88
C SER Y 75 -16.10 47.77 -80.25
N LYS Y 76 -15.80 46.96 -81.25
CA LYS Y 76 -15.62 47.50 -82.61
C LYS Y 76 -16.97 47.76 -83.28
N GLU Y 77 -17.82 46.74 -83.34
CA GLU Y 77 -19.14 46.87 -83.95
C GLU Y 77 -20.19 47.40 -82.98
N LEU Y 78 -19.86 47.51 -81.70
CA LEU Y 78 -20.81 48.02 -80.71
C LEU Y 78 -20.77 49.54 -80.64
N LYS Y 79 -20.30 50.07 -79.51
CA LYS Y 79 -20.20 51.52 -79.30
C LYS Y 79 -19.07 51.76 -78.29
N LEU Y 80 -17.83 51.60 -78.77
CA LEU Y 80 -16.66 51.79 -77.94
C LEU Y 80 -15.51 52.28 -78.81
N GLU Y 81 -14.72 53.21 -78.28
CA GLU Y 81 -13.59 53.76 -79.00
C GLU Y 81 -12.52 54.25 -78.03
N PRO Y 82 -12.89 54.54 -76.78
CA PRO Y 82 -11.90 55.01 -75.82
C PRO Y 82 -11.17 53.86 -75.12
N VAL Y 83 -11.26 53.80 -73.80
CA VAL Y 83 -10.61 52.75 -73.03
C VAL Y 83 -11.65 51.76 -72.55
N VAL Y 84 -12.76 51.64 -73.29
CA VAL Y 84 -13.82 50.72 -72.90
C VAL Y 84 -13.47 49.28 -73.24
N SER Y 85 -12.61 49.05 -74.22
CA SER Y 85 -12.23 47.69 -74.61
C SER Y 85 -11.23 47.06 -73.65
N ASN Y 86 -10.56 47.86 -72.82
CA ASN Y 86 -9.58 47.34 -71.87
C ASN Y 86 -10.23 46.75 -70.62
N LEU Y 87 -11.52 47.02 -70.39
CA LEU Y 87 -12.19 46.48 -69.20
C LEU Y 87 -12.53 45.01 -69.36
N LEU Y 88 -12.86 44.57 -70.58
CA LEU Y 88 -13.20 43.17 -70.81
C LEU Y 88 -11.98 42.28 -70.93
N THR Y 89 -10.82 42.84 -71.25
CA THR Y 89 -9.60 42.04 -71.37
C THR Y 89 -9.01 41.69 -70.01
N VAL Y 90 -9.26 42.50 -68.99
CA VAL Y 90 -8.71 42.22 -67.67
C VAL Y 90 -9.54 41.14 -66.97
N LEU Y 91 -10.81 40.99 -67.32
CA LEU Y 91 -11.67 39.99 -66.70
C LEU Y 91 -11.64 38.64 -67.42
N ALA Y 92 -11.09 38.60 -68.64
CA ALA Y 92 -11.03 37.36 -69.40
C ALA Y 92 -9.82 36.50 -69.01
N GLU Y 93 -8.70 37.14 -68.68
CA GLU Y 93 -7.51 36.38 -68.30
C GLU Y 93 -7.53 35.99 -66.83
N ASN Y 94 -8.27 36.72 -66.00
CA ASN Y 94 -8.36 36.43 -64.57
C ASN Y 94 -9.61 35.63 -64.22
N ASN Y 95 -10.35 35.15 -65.22
CA ASN Y 95 -11.57 34.37 -65.02
C ASN Y 95 -12.59 35.15 -64.19
N ARG Y 96 -13.09 36.23 -64.79
CA ARG Y 96 -14.06 37.09 -64.13
C ARG Y 96 -15.17 37.54 -65.08
N LEU Y 97 -15.41 36.80 -66.17
CA LEU Y 97 -16.45 37.16 -67.12
C LEU Y 97 -17.84 36.70 -66.69
N SER Y 98 -17.94 35.87 -65.65
CA SER Y 98 -19.23 35.39 -65.19
C SER Y 98 -20.00 36.43 -64.39
N LEU Y 99 -19.30 37.40 -63.80
CA LEU Y 99 -19.96 38.44 -63.01
C LEU Y 99 -19.88 39.79 -63.73
N PHE Y 100 -20.42 39.86 -64.94
CA PHE Y 100 -20.38 41.11 -65.70
C PHE Y 100 -21.39 42.12 -65.20
N ASP Y 101 -22.44 41.68 -64.50
CA ASP Y 101 -23.45 42.61 -64.00
C ASP Y 101 -22.96 43.37 -62.78
N SER Y 102 -22.00 42.82 -62.03
CA SER Y 102 -21.48 43.49 -60.85
C SER Y 102 -20.51 44.60 -61.20
N ILE Y 103 -19.80 44.48 -62.33
CA ILE Y 103 -18.85 45.52 -62.71
C ILE Y 103 -19.56 46.70 -63.35
N ALA Y 104 -20.68 46.46 -64.02
CA ALA Y 104 -21.43 47.54 -64.65
C ALA Y 104 -22.32 48.28 -63.66
N LYS Y 105 -22.72 47.62 -62.57
CA LYS Y 105 -23.57 48.26 -61.57
C LYS Y 105 -22.78 49.17 -60.64
N GLN Y 106 -21.50 48.87 -60.42
CA GLN Y 106 -20.67 49.69 -59.56
C GLN Y 106 -20.18 50.96 -60.23
N PHE Y 107 -20.26 51.04 -61.56
CA PHE Y 107 -19.82 52.23 -62.27
C PHE Y 107 -20.87 53.34 -62.24
N SER Y 108 -22.16 52.97 -62.21
CA SER Y 108 -23.22 53.96 -62.15
C SER Y 108 -23.44 54.52 -60.75
N VAL Y 109 -22.91 53.85 -59.72
CA VAL Y 109 -23.08 54.35 -58.36
C VAL Y 109 -22.09 55.45 -58.02
N LEU Y 110 -20.98 55.55 -58.75
CA LEU Y 110 -20.00 56.60 -58.49
C LEU Y 110 -20.45 57.95 -59.04
N ASN Y 111 -21.16 57.96 -60.17
CA ASN Y 111 -21.62 59.21 -60.75
C ASN Y 111 -22.85 59.75 -60.04
N ASP Y 112 -23.64 58.88 -59.41
CA ASP Y 112 -24.84 59.31 -58.69
C ASP Y 112 -24.56 59.76 -57.27
N ALA Y 113 -23.39 59.42 -56.72
CA ALA Y 113 -23.04 59.81 -55.35
C ALA Y 113 -22.32 61.16 -55.30
N TYR Y 114 -21.41 61.41 -56.23
CA TYR Y 114 -20.66 62.65 -56.27
C TYR Y 114 -21.35 63.74 -57.07
N ASN Y 115 -22.53 63.48 -57.61
CA ASN Y 115 -23.27 64.46 -58.40
C ASN Y 115 -24.77 64.26 -58.23
N GLY Y 116 -25.20 63.98 -57.02
CA GLY Y 116 -26.61 63.77 -56.74
C GLY Y 116 -26.80 63.11 -55.41
N VAL Y 117 -28.07 63.04 -55.00
CA VAL Y 117 -28.45 62.42 -53.74
C VAL Y 117 -28.84 60.97 -53.98
N VAL Y 118 -29.19 60.26 -52.91
CA VAL Y 118 -29.57 58.86 -53.00
C VAL Y 118 -30.53 58.52 -51.88
N GLU Y 119 -30.28 57.39 -51.21
CA GLU Y 119 -31.10 56.92 -50.10
C GLU Y 119 -32.56 56.76 -50.51
N ALA Y 120 -33.48 56.91 -49.56
CA ALA Y 120 -34.91 56.80 -49.82
C ALA Y 120 -35.65 57.63 -48.78
N THR Y 121 -36.94 57.33 -48.60
CA THR Y 121 -37.77 58.05 -47.64
C THR Y 121 -38.97 57.20 -47.22
N VAL Y 122 -40.05 57.24 -48.00
CA VAL Y 122 -41.24 56.46 -47.71
C VAL Y 122 -41.85 56.02 -49.03
N VAL Y 123 -42.71 55.00 -48.97
CA VAL Y 123 -43.38 54.44 -50.14
C VAL Y 123 -42.34 54.02 -51.18
N SER Y 124 -42.25 54.77 -52.27
CA SER Y 124 -41.30 54.46 -53.32
C SER Y 124 -39.99 55.22 -53.12
N ALA Y 125 -39.35 55.62 -54.22
CA ALA Y 125 -38.11 56.36 -54.14
C ALA Y 125 -38.37 57.83 -53.81
N LYS Y 126 -37.29 58.56 -53.56
CA LYS Y 126 -37.38 59.98 -53.24
C LYS Y 126 -37.20 60.82 -54.49
N PRO Y 127 -36.35 61.85 -54.45
CA PRO Y 127 -36.17 62.68 -55.65
C PRO Y 127 -34.73 62.62 -56.17
N LEU Y 128 -33.77 62.54 -55.25
CA LEU Y 128 -32.34 62.48 -55.57
C LEU Y 128 -31.91 63.68 -56.40
N ASP Y 129 -31.84 64.82 -55.72
CA ASP Y 129 -31.45 66.08 -56.34
C ASP Y 129 -29.93 66.24 -56.34
N SER Y 130 -29.45 67.08 -57.24
CA SER Y 130 -28.01 67.33 -57.36
C SER Y 130 -27.70 68.78 -57.02
N LYS Y 131 -28.11 69.23 -55.84
CA LYS Y 131 -27.87 70.60 -55.40
C LYS Y 131 -26.54 70.70 -54.66
N ILE Y 132 -26.59 70.67 -53.33
CA ILE Y 132 -25.38 70.76 -52.51
C ILE Y 132 -25.60 70.00 -51.22
N LEU Y 133 -26.23 70.65 -50.24
CA LEU Y 133 -26.49 70.02 -48.95
C LEU Y 133 -27.71 69.10 -49.04
N ASN Y 134 -27.81 68.20 -48.07
CA ASN Y 134 -28.92 67.26 -48.02
C ASN Y 134 -30.10 67.76 -47.20
N ARG Y 135 -29.87 68.73 -46.30
CA ARG Y 135 -30.96 69.24 -45.49
C ARG Y 135 -31.81 70.26 -46.23
N LEU Y 136 -31.20 71.06 -47.10
CA LEU Y 136 -31.94 72.06 -47.86
C LEU Y 136 -32.70 71.46 -49.04
N THR Y 137 -32.31 70.26 -49.50
CA THR Y 137 -32.98 69.61 -50.62
C THR Y 137 -34.07 68.64 -50.18
N LYS Y 138 -34.02 68.14 -48.95
CA LYS Y 138 -35.02 67.21 -48.48
C LYS Y 138 -36.32 67.91 -48.07
N SER Y 139 -36.21 69.13 -47.54
CA SER Y 139 -37.40 69.86 -47.12
C SER Y 139 -38.14 70.48 -48.30
N ILE Y 140 -37.43 70.78 -49.39
CA ILE Y 140 -38.07 71.37 -50.57
C ILE Y 140 -38.65 70.33 -51.51
N THR Y 141 -38.31 69.05 -51.33
CA THR Y 141 -38.83 68.00 -52.19
C THR Y 141 -39.90 67.14 -51.52
N ASN Y 142 -39.97 67.16 -50.18
CA ASN Y 142 -40.97 66.37 -49.48
C ASN Y 142 -42.35 67.01 -49.53
N SER Y 143 -42.41 68.34 -49.60
CA SER Y 143 -43.70 69.02 -49.64
C SER Y 143 -44.32 68.98 -51.03
N LYS Y 144 -43.50 68.88 -52.08
CA LYS Y 144 -44.00 68.83 -53.44
C LYS Y 144 -44.35 67.41 -53.90
N TYR Y 145 -43.81 66.39 -53.24
CA TYR Y 145 -44.08 65.00 -53.60
C TYR Y 145 -45.20 64.38 -52.79
N VAL Y 146 -45.54 64.96 -51.63
CA VAL Y 146 -46.62 64.39 -50.83
C VAL Y 146 -47.98 64.80 -51.37
N GLY Y 147 -48.08 65.99 -51.95
CA GLY Y 147 -49.32 66.46 -52.52
C GLY Y 147 -49.61 65.83 -53.87
N PRO Y 148 -48.62 65.83 -54.75
CA PRO Y 148 -48.81 65.23 -56.09
C PRO Y 148 -48.60 63.73 -56.05
N GLY Y 149 -49.68 62.99 -56.26
CA GLY Y 149 -49.60 61.53 -56.24
C GLY Y 149 -49.80 60.99 -54.84
N LYS Y 150 -48.87 60.15 -54.40
CA LYS Y 150 -48.91 59.55 -53.07
C LYS Y 150 -50.21 58.78 -52.85
N THR Y 151 -50.32 57.60 -53.44
CA THR Y 151 -51.53 56.80 -53.29
C THR Y 151 -51.62 56.17 -51.90
N LEU Y 152 -50.47 55.93 -51.27
CA LEU Y 152 -50.42 55.32 -49.94
C LEU Y 152 -51.15 53.99 -49.91
N LYS Y 153 -50.60 52.98 -50.58
CA LYS Y 153 -51.22 51.65 -50.61
C LYS Y 153 -50.28 50.61 -50.00
N ALA Y 180 -48.47 49.29 -42.00
CA ALA Y 180 -47.63 48.11 -41.84
C ALA Y 180 -46.56 48.34 -40.77
N SER Y 181 -45.79 49.41 -40.94
CA SER Y 181 -44.73 49.71 -39.97
C SER Y 181 -45.30 50.37 -38.71
N LYS Y 182 -46.32 51.21 -38.87
CA LYS Y 182 -46.92 51.87 -37.71
C LYS Y 182 -47.87 50.96 -36.95
N VAL Y 183 -48.45 49.98 -37.63
CA VAL Y 183 -49.37 49.06 -36.95
C VAL Y 183 -48.62 47.99 -36.19
N ASN Y 184 -47.40 47.66 -36.62
CA ASN Y 184 -46.61 46.64 -35.93
C ASN Y 184 -45.96 47.17 -34.66
N LYS Y 185 -45.67 48.47 -34.61
CA LYS Y 185 -45.04 49.04 -33.43
C LYS Y 185 -46.05 49.29 -32.32
N LEU Y 186 -47.31 49.52 -32.66
CA LEU Y 186 -48.33 49.76 -31.64
C LEU Y 186 -48.79 48.46 -30.98
N ASN Y 187 -48.75 47.34 -31.69
CA ASN Y 187 -49.18 46.07 -31.12
C ASN Y 187 -48.12 45.46 -30.22
N LYS Y 188 -46.84 45.78 -30.45
CA LYS Y 188 -45.77 45.23 -29.63
C LYS Y 188 -45.65 45.97 -28.29
N VAL Y 189 -46.10 47.22 -28.23
CA VAL Y 189 -46.01 47.97 -26.98
C VAL Y 189 -47.12 47.58 -26.02
N LEU Y 190 -48.27 47.14 -26.54
CA LEU Y 190 -49.37 46.75 -25.67
C LEU Y 190 -49.18 45.35 -25.09
N SER Y 191 -48.45 44.48 -25.79
CA SER Y 191 -48.23 43.13 -25.29
C SER Y 191 -47.13 43.09 -24.23
N GLU Y 192 -46.21 44.05 -24.24
CA GLU Y 192 -45.14 44.07 -23.26
C GLU Y 192 -45.59 44.61 -21.91
N THR Y 193 -46.69 45.37 -21.86
CA THR Y 193 -47.20 45.92 -20.62
C THR Y 193 -48.34 45.10 -20.03
N ILE Y 194 -48.65 43.95 -20.62
CA ILE Y 194 -49.72 43.10 -20.12
C ILE Y 194 -49.15 41.79 -19.58
N ASP Z 49 25.65 -27.59 101.09
CA ASP Z 49 27.00 -27.08 101.30
C ASP Z 49 27.29 -25.90 100.38
N GLU Z 50 28.52 -25.39 100.44
CA GLU Z 50 28.92 -24.26 99.61
C GLU Z 50 29.41 -24.74 98.25
N SER Z 51 30.55 -24.20 97.80
CA SER Z 51 31.14 -24.56 96.52
C SER Z 51 30.17 -24.36 95.37
N ILE Z 52 29.26 -25.31 95.16
CA ILE Z 52 28.29 -25.19 94.08
C ILE Z 52 27.20 -24.17 94.41
N LEU Z 53 27.07 -23.77 95.68
CA LEU Z 53 26.06 -22.78 96.04
C LEU Z 53 26.44 -21.39 95.55
N LEU Z 54 27.73 -21.07 95.56
CA LEU Z 54 28.18 -19.76 95.09
C LEU Z 54 28.17 -19.66 93.57
N VAL Z 55 28.40 -20.78 92.87
CA VAL Z 55 28.39 -20.75 91.41
C VAL Z 55 26.96 -20.73 90.89
N THR Z 56 26.00 -21.28 91.64
CA THR Z 56 24.62 -21.27 91.19
C THR Z 56 23.98 -19.90 91.33
N PHE Z 57 24.39 -19.12 92.33
CA PHE Z 57 23.83 -17.78 92.50
C PHE Z 57 24.43 -16.81 91.50
N LEU Z 58 25.72 -16.98 91.17
CA LEU Z 58 26.35 -16.09 90.21
C LEU Z 58 25.92 -16.40 88.78
N GLY Z 59 25.69 -17.68 88.47
CA GLY Z 59 25.25 -18.03 87.13
C GLY Z 59 23.80 -17.65 86.86
N PHE Z 60 22.94 -17.75 87.88
CA PHE Z 60 21.55 -17.38 87.72
C PHE Z 60 21.34 -15.87 87.68
N ILE Z 61 22.26 -15.09 88.23
CA ILE Z 61 22.13 -13.64 88.20
C ILE Z 61 22.37 -13.11 86.79
N ALA Z 62 23.29 -13.73 86.05
CA ALA Z 62 23.54 -13.30 84.68
C ALA Z 62 22.43 -13.75 83.74
N LEU Z 63 21.83 -14.90 84.00
CA LEU Z 63 20.73 -15.38 83.17
C LEU Z 63 19.45 -14.58 83.44
N ILE Z 64 19.28 -14.07 84.66
CA ILE Z 64 18.10 -13.27 84.96
C ILE Z 64 18.21 -11.89 84.32
N SER Z 65 19.43 -11.39 84.12
CA SER Z 65 19.60 -10.09 83.47
C SER Z 65 19.27 -10.17 81.99
N LYS Z 66 19.64 -11.27 81.33
CA LYS Z 66 19.30 -11.43 79.92
C LYS Z 66 17.83 -11.75 79.73
N THR Z 67 17.20 -12.43 80.69
CA THR Z 67 15.79 -12.74 80.60
C THR Z 67 14.91 -11.53 80.89
N VAL Z 68 15.43 -10.54 81.61
CA VAL Z 68 14.65 -9.33 81.90
C VAL Z 68 14.49 -8.49 80.64
N ALA Z 69 15.51 -8.47 79.79
CA ALA Z 69 15.45 -7.73 78.54
C ALA Z 69 14.64 -8.51 77.51
N PRO Z 70 14.64 -9.84 77.58
CA PRO Z 70 13.85 -10.62 76.62
C PRO Z 70 12.38 -10.68 76.97
N LEU Z 71 12.03 -10.66 78.26
CA LEU Z 71 10.62 -10.70 78.65
C LEU Z 71 9.94 -9.36 78.33
N TYR Z 72 10.66 -8.25 78.49
CA TYR Z 72 10.09 -6.95 78.16
C TYR Z 72 9.99 -6.74 76.65
N GLY Z 73 10.94 -7.28 75.89
CA GLY Z 73 10.87 -7.14 74.45
C GLY Z 73 9.80 -8.03 73.82
N GLU Z 74 9.60 -9.23 74.37
CA GLU Z 74 8.57 -10.12 73.86
C GLU Z 74 7.18 -9.64 74.25
N MET Z 75 7.08 -8.85 75.32
CA MET Z 75 5.78 -8.32 75.73
C MET Z 75 5.33 -7.16 74.87
N ALA Z 76 6.20 -6.64 73.99
CA ALA Z 76 5.81 -5.54 73.11
C ALA Z 76 4.81 -6.00 72.06
N LYS Z 77 4.86 -7.27 71.68
CA LYS Z 77 3.93 -7.83 70.69
C LYS Z 77 2.67 -8.39 71.33
N ASN Z 78 2.44 -8.13 72.61
CA ASN Z 78 1.25 -8.62 73.30
C ASN Z 78 0.69 -7.56 74.24
N ARG Z 79 1.52 -7.06 75.16
CA ARG Z 79 1.06 -6.04 76.08
C ARG Z 79 1.08 -4.65 75.44
N THR Z 80 2.21 -4.26 74.86
CA THR Z 80 2.29 -2.96 74.20
C THR Z 80 1.56 -2.95 72.88
N ASP Z 81 1.38 -4.13 72.26
CA ASP Z 81 0.66 -4.19 70.99
C ASP Z 81 -0.83 -3.97 71.18
N HIS Z 82 -1.35 -4.22 72.39
CA HIS Z 82 -2.76 -3.99 72.66
C HIS Z 82 -3.08 -2.51 72.67
N VAL Z 83 -2.16 -1.67 73.11
CA VAL Z 83 -2.38 -0.23 73.09
C VAL Z 83 -2.29 0.32 71.67
N VAL Z 84 -1.41 -0.27 70.85
CA VAL Z 84 -1.31 0.18 69.46
C VAL Z 84 -2.50 -0.32 68.65
N GLY Z 85 -3.00 -1.52 68.96
CA GLY Z 85 -4.17 -2.02 68.25
C GLY Z 85 -5.45 -1.30 68.64
N LEU Z 86 -5.59 -0.92 69.91
CA LEU Z 86 -6.76 -0.18 70.33
C LEU Z 86 -6.74 1.25 69.80
N LEU Z 87 -5.56 1.85 69.65
CA LEU Z 87 -5.48 3.19 69.10
C LEU Z 87 -5.79 3.20 67.61
N ASN Z 88 -5.39 2.14 66.90
CA ASN Z 88 -5.72 2.05 65.48
C ASN Z 88 -7.20 1.76 65.25
N GLN Z 89 -7.82 0.98 66.14
CA GLN Z 89 -9.25 0.71 66.01
C GLN Z 89 -10.08 1.94 66.40
N ALA Z 90 -9.62 2.73 67.36
CA ALA Z 90 -10.34 3.93 67.74
C ALA Z 90 -10.22 5.01 66.66
N ARG Z 91 -9.07 5.08 65.97
CA ARG Z 91 -8.92 6.04 64.89
C ARG Z 91 -9.77 5.65 63.68
N ALA Z 92 -9.89 4.35 63.41
CA ALA Z 92 -10.73 3.91 62.30
C ALA Z 92 -12.21 4.07 62.63
N ASP Z 93 -12.59 3.88 63.90
CA ASP Z 93 -13.99 4.07 64.29
C ASP Z 93 -14.36 5.55 64.30
N HIS Z 94 -13.40 6.43 64.60
CA HIS Z 94 -13.69 7.87 64.58
C HIS Z 94 -13.87 8.37 63.16
N VAL Z 95 -13.14 7.81 62.19
CA VAL Z 95 -13.31 8.21 60.80
C VAL Z 95 -14.63 7.68 60.24
N ASN Z 96 -15.06 6.50 60.69
CA ASN Z 96 -16.34 5.96 60.24
C ASN Z 96 -17.50 6.70 60.88
N ALA Z 97 -17.36 7.14 62.14
CA ALA Z 97 -18.42 7.90 62.78
C ALA Z 97 -18.53 9.31 62.21
N VAL Z 98 -17.40 9.90 61.81
CA VAL Z 98 -17.44 11.23 61.20
C VAL Z 98 -18.01 11.17 59.79
N LYS Z 99 -17.75 10.06 59.07
CA LYS Z 99 -18.31 9.91 57.74
C LYS Z 99 -19.81 9.63 57.79
N THR Z 100 -20.26 8.89 58.80
CA THR Z 100 -21.69 8.61 58.92
C THR Z 100 -22.45 9.84 59.39
N ARG Z 101 -21.84 10.67 60.24
CA ARG Z 101 -22.51 11.89 60.68
C ARG Z 101 -22.55 12.94 59.58
N ILE Z 102 -21.54 12.97 58.70
CA ILE Z 102 -21.55 13.92 57.60
C ILE Z 102 -22.54 13.50 56.53
N ASP Z 103 -22.80 12.19 56.40
CA ASP Z 103 -23.77 11.73 55.42
C ASP Z 103 -25.19 12.07 55.85
N GLN Z 104 -25.47 12.04 57.15
CA GLN Z 104 -26.79 12.39 57.65
C GLN Z 104 -27.03 13.89 57.57
N VAL Z 105 -25.99 14.70 57.77
CA VAL Z 105 -26.14 16.14 57.68
C VAL Z 105 -26.30 16.57 56.22
N SER Z 106 -25.62 15.88 55.30
CA SER Z 106 -25.76 16.20 53.88
C SER Z 106 -27.11 15.77 53.34
N ASN Z 107 -27.65 14.66 53.86
CA ASN Z 107 -28.96 14.20 53.42
C ASN Z 107 -30.09 15.02 54.01
N LEU Z 108 -29.88 15.66 55.17
CA LEU Z 108 -30.92 16.49 55.77
C LEU Z 108 -31.11 17.78 54.97
N LYS Z 109 -30.02 18.37 54.49
CA LYS Z 109 -30.13 19.58 53.69
C LYS Z 109 -30.60 19.28 52.28
N ASP Z 110 -30.30 18.08 51.77
CA ASP Z 110 -30.72 17.71 50.43
C ASP Z 110 -32.19 17.29 50.38
N VAL Z 111 -32.72 16.73 51.46
CA VAL Z 111 -34.13 16.34 51.48
C VAL Z 111 -35.03 17.57 51.52
N VAL Z 112 -34.55 18.65 52.14
CA VAL Z 112 -35.35 19.89 52.17
C VAL Z 112 -35.39 20.54 50.80
N SER Z 113 -34.34 20.38 50.00
CA SER Z 113 -34.32 20.95 48.66
C SER Z 113 -35.04 20.05 47.66
N THR Z 114 -35.05 18.74 47.90
CA THR Z 114 -35.75 17.83 46.99
C THR Z 114 -37.25 17.85 47.20
N THR Z 115 -37.70 18.01 48.45
CA THR Z 115 -39.14 18.06 48.71
C THR Z 115 -39.72 19.41 48.26
N LYS Z 116 -38.94 20.49 48.39
CA LYS Z 116 -39.42 21.79 47.95
C LYS Z 116 -39.44 21.93 46.43
N ALA Z 117 -38.62 21.15 45.73
CA ALA Z 117 -38.57 21.21 44.27
C ALA Z 117 -39.72 20.45 43.62
N LEU Z 118 -40.46 19.63 44.38
CA LEU Z 118 -41.57 18.90 43.80
C LEU Z 118 -42.75 19.83 43.50
N PHE Z 119 -42.91 20.89 44.30
CA PHE Z 119 -44.00 21.83 44.05
C PHE Z 119 -43.65 22.80 42.93
N GLU Z 120 -42.37 23.14 42.78
CA GLU Z 120 -41.95 24.05 41.72
C GLU Z 120 -41.84 23.36 40.36
N MET Z 121 -41.63 22.04 40.34
CA MET Z 121 -41.54 21.32 39.08
C MET Z 121 -42.90 21.20 38.41
N SER Z 122 -43.94 20.91 39.18
CA SER Z 122 -45.27 20.79 38.61
C SER Z 122 -45.87 22.17 38.31
N LYS Z 123 -45.48 23.19 39.08
CA LYS Z 123 -45.99 24.53 38.82
C LYS Z 123 -45.41 25.13 37.56
N GLU Z 124 -44.15 24.79 37.23
CA GLU Z 124 -43.54 25.30 36.01
C GLU Z 124 -44.11 24.61 34.77
N THR Z 125 -44.41 23.32 34.87
CA THR Z 125 -44.98 22.61 33.72
C THR Z 125 -46.44 22.98 33.49
N ALA Z 126 -47.20 23.24 34.57
CA ALA Z 126 -48.60 23.63 34.40
C ALA Z 126 -48.71 25.04 33.85
N ALA Z 127 -47.80 25.93 34.24
CA ALA Z 127 -47.83 27.29 33.72
C ALA Z 127 -47.36 27.34 32.26
N LEU Z 128 -46.42 26.47 31.90
CA LEU Z 128 -45.95 26.41 30.52
C LEU Z 128 -46.96 25.76 29.59
N GLU Z 129 -47.84 24.90 30.12
CA GLU Z 129 -48.85 24.27 29.27
C GLU Z 129 -49.90 25.28 28.83
N ALA Z 130 -50.25 26.23 29.69
CA ALA Z 130 -51.21 27.26 29.31
C ALA Z 130 -50.60 28.26 28.34
N GLU Z 131 -49.31 28.54 28.47
CA GLU Z 131 -48.66 29.47 27.55
C GLU Z 131 -48.44 28.84 26.18
N ALA Z 132 -48.16 27.54 26.15
CA ALA Z 132 -47.98 26.85 24.87
C ALA Z 132 -49.30 26.64 24.15
N PHE Z 133 -50.38 26.40 24.89
CA PHE Z 133 -51.68 26.22 24.26
C PHE Z 133 -52.24 27.54 23.75
N GLU Z 134 -51.98 28.64 24.46
CA GLU Z 134 -52.46 29.94 24.00
C GLU Z 134 -51.66 30.42 22.79
N LEU Z 135 -50.36 30.09 22.73
CA LEU Z 135 -49.55 30.47 21.59
C LEU Z 135 -49.88 29.63 20.37
N LYS Z 136 -50.19 28.35 20.56
CA LYS Z 136 -50.55 27.48 19.43
C LYS Z 136 -51.93 27.83 18.88
N GLN Z 137 -52.86 28.25 19.75
CA GLN Z 137 -54.18 28.63 19.27
C GLN Z 137 -54.15 29.96 18.53
N LYS Z 138 -53.29 30.88 18.96
CA LYS Z 138 -53.16 32.16 18.28
C LYS Z 138 -52.42 32.01 16.95
N VAL Z 139 -51.48 31.07 16.87
CA VAL Z 139 -50.77 30.85 15.61
C VAL Z 139 -51.64 30.11 14.62
N ALA Z 140 -52.57 29.28 15.11
CA ALA Z 140 -53.47 28.56 14.21
C ALA Z 140 -54.52 29.48 13.60
N VAL Z 141 -55.02 30.44 14.37
CA VAL Z 141 -55.99 31.39 13.83
C VAL Z 141 -55.32 32.37 12.87
N ALA Z 142 -54.05 32.69 13.12
CA ALA Z 142 -53.33 33.59 12.21
C ALA Z 142 -52.96 32.88 10.92
N SER Z 143 -52.67 31.58 10.99
CA SER Z 143 -52.35 30.83 9.78
C SER Z 143 -53.58 30.55 8.95
N GLU Z 144 -54.74 30.36 9.60
CA GLU Z 144 -55.97 30.12 8.85
C GLU Z 144 -56.46 31.39 8.17
N ALA Z 145 -56.25 32.55 8.81
CA ALA Z 145 -56.65 33.81 8.20
C ALA Z 145 -55.70 34.22 7.09
N LYS Z 146 -54.41 33.91 7.23
CA LYS Z 146 -53.46 34.23 6.17
C LYS Z 146 -53.60 33.33 4.96
N SER Z 147 -54.04 32.08 5.18
CA SER Z 147 -54.24 31.17 4.06
C SER Z 147 -55.46 31.56 3.24
N VAL Z 148 -56.51 32.05 3.92
CA VAL Z 148 -57.70 32.49 3.20
C VAL Z 148 -57.45 33.83 2.50
N LEU Z 149 -56.59 34.67 3.08
CA LEU Z 149 -56.29 35.95 2.45
C LEU Z 149 -55.37 35.78 1.25
N ASP Z 150 -54.44 34.82 1.32
CA ASP Z 150 -53.55 34.58 0.20
C ASP Z 150 -54.28 33.91 -0.97
N SER Z 151 -55.24 33.03 -0.67
CA SER Z 151 -56.00 32.39 -1.74
C SER Z 151 -56.97 33.36 -2.39
N TRP Z 152 -57.55 34.28 -1.62
CA TRP Z 152 -58.46 35.26 -2.19
C TRP Z 152 -57.71 36.31 -3.00
N VAL Z 153 -56.49 36.66 -2.60
CA VAL Z 153 -55.71 37.63 -3.36
C VAL Z 153 -55.21 37.01 -4.66
N ARG Z 154 -54.92 35.71 -4.66
CA ARG Z 154 -54.48 35.05 -5.90
C ARG Z 154 -55.64 34.88 -6.87
N TYR Z 155 -56.85 34.67 -6.35
CA TYR Z 155 -58.01 34.55 -7.23
C TYR Z 155 -58.45 35.92 -7.77
N GLU Z 156 -58.27 36.97 -6.98
CA GLU Z 156 -58.63 38.31 -7.46
C GLU Z 156 -57.62 38.81 -8.49
N ALA Z 157 -56.34 38.46 -8.32
CA ALA Z 157 -55.33 38.86 -9.29
C ALA Z 157 -55.46 38.08 -10.59
N GLN Z 158 -55.87 36.81 -10.52
CA GLN Z 158 -56.06 36.02 -11.73
C GLN Z 158 -57.30 36.45 -12.48
N VAL Z 159 -58.35 36.88 -11.78
CA VAL Z 159 -59.55 37.35 -12.46
C VAL Z 159 -59.32 38.72 -13.09
N ARG Z 160 -58.47 39.54 -12.47
CA ARG Z 160 -58.17 40.85 -13.04
C ARG Z 160 -57.21 40.73 -14.23
N GLN Z 161 -56.29 39.77 -14.19
CA GLN Z 161 -55.37 39.59 -15.30
C GLN Z 161 -56.06 38.93 -16.49
N HIS Z 162 -57.04 38.06 -16.24
CA HIS Z 162 -57.76 37.43 -17.34
C HIS Z 162 -58.70 38.41 -18.03
N GLU Z 163 -59.28 39.34 -17.28
CA GLU Z 163 -60.15 40.34 -17.89
C GLU Z 163 -59.36 41.37 -18.70
N GLN Z 164 -58.16 41.71 -18.24
CA GLN Z 164 -57.33 42.66 -18.98
C GLN Z 164 -56.74 42.03 -20.23
N GLU Z 165 -56.43 40.72 -20.18
CA GLU Z 165 -55.90 40.06 -21.36
C GLU Z 165 -56.98 39.83 -22.40
N GLN Z 166 -58.22 39.58 -21.95
CA GLN Z 166 -59.32 39.39 -22.90
C GLN Z 166 -59.75 40.70 -23.53
N LEU Z 167 -59.67 41.81 -22.78
CA LEU Z 167 -60.04 43.10 -23.33
C LEU Z 167 -58.98 43.62 -24.30
N ALA Z 168 -57.70 43.27 -24.07
CA ALA Z 168 -56.64 43.70 -24.98
C ALA Z 168 -56.66 42.91 -26.27
N SER Z 169 -57.09 41.64 -26.23
CA SER Z 169 -57.16 40.85 -27.45
C SER Z 169 -58.32 41.28 -28.34
N THR Z 170 -59.44 41.67 -27.75
CA THR Z 170 -60.58 42.13 -28.54
C THR Z 170 -60.33 43.51 -29.13
N VAL Z 171 -59.56 44.36 -28.44
CA VAL Z 171 -59.26 45.68 -28.96
C VAL Z 171 -58.24 45.60 -30.09
N ILE Z 172 -57.36 44.59 -30.05
CA ILE Z 172 -56.37 44.45 -31.11
C ILE Z 172 -57.02 43.90 -32.38
N SER Z 173 -58.06 43.08 -32.25
CA SER Z 173 -58.73 42.55 -33.43
C SER Z 173 -59.61 43.61 -34.09
N LYS Z 174 -60.16 44.54 -33.31
CA LYS Z 174 -60.99 45.59 -33.88
C LYS Z 174 -60.15 46.65 -34.58
N VAL Z 175 -58.92 46.86 -34.13
CA VAL Z 175 -58.06 47.85 -34.78
C VAL Z 175 -57.51 47.31 -36.08
N GLN Z 176 -57.29 45.99 -36.18
CA GLN Z 176 -56.78 45.42 -37.41
C GLN Z 176 -57.88 45.28 -38.46
N SER Z 177 -59.14 45.12 -38.04
CA SER Z 177 -60.24 45.00 -38.98
C SER Z 177 -60.66 46.35 -39.53
N GLU Z 178 -60.37 47.43 -38.81
CA GLU Z 178 -60.74 48.77 -39.29
C GLU Z 178 -59.77 49.30 -40.34
N LEU Z 179 -58.50 48.88 -40.26
CA LEU Z 179 -57.51 49.34 -41.23
C LEU Z 179 -57.61 48.62 -42.57
N GLN Z 180 -58.23 47.44 -42.60
CA GLN Z 180 -58.39 46.67 -43.84
C GLN Z 180 -59.67 47.04 -44.58
N ASN Z 181 -60.50 47.93 -44.04
CA ASN Z 181 -61.74 48.35 -44.67
C ASN Z 181 -61.58 49.63 -45.48
N ALA Z 182 -60.36 49.93 -45.94
CA ALA Z 182 -60.05 51.13 -46.73
C ALA Z 182 -60.47 52.40 -45.98
N LYS Z 183 -59.68 52.71 -44.95
CA LYS Z 183 -59.92 53.89 -44.14
C LYS Z 183 -59.35 55.12 -44.83
N PHE Z 184 -60.22 56.05 -45.21
CA PHE Z 184 -59.79 57.26 -45.89
C PHE Z 184 -59.08 58.25 -44.98
N GLN Z 185 -59.40 58.24 -43.68
CA GLN Z 185 -58.76 59.16 -42.75
C GLN Z 185 -57.34 58.72 -42.40
N ASP Z 186 -57.06 57.43 -42.45
CA ASP Z 186 -55.73 56.94 -42.11
C ASP Z 186 -54.73 57.17 -43.24
N LYS Z 187 -55.20 57.17 -44.49
CA LYS Z 187 -54.29 57.38 -45.62
C LYS Z 187 -53.90 58.83 -45.79
N VAL Z 188 -54.81 59.77 -45.47
CA VAL Z 188 -54.49 61.18 -45.62
C VAL Z 188 -53.64 61.68 -44.46
N LEU Z 189 -53.76 61.04 -43.28
CA LEU Z 189 -52.98 61.46 -42.12
C LEU Z 189 -51.53 61.00 -42.19
N ALA Z 190 -51.25 59.94 -42.96
CA ALA Z 190 -49.88 59.44 -43.05
C ALA Z 190 -49.01 60.34 -43.92
N GLN Z 191 -49.57 60.93 -44.98
CA GLN Z 191 -48.79 61.80 -45.84
C GLN Z 191 -48.51 63.15 -45.19
N ALA Z 192 -49.43 63.65 -44.38
CA ALA Z 192 -49.23 64.94 -43.72
C ALA Z 192 -48.26 64.83 -42.55
N VAL Z 193 -48.11 63.65 -41.96
CA VAL Z 193 -47.20 63.49 -40.84
C VAL Z 193 -45.75 63.39 -41.31
N GLU Z 194 -45.52 62.92 -42.53
CA GLU Z 194 -44.16 62.82 -43.05
C GLU Z 194 -43.61 64.16 -43.49
N GLU Z 195 -44.47 65.06 -43.98
CA GLU Z 195 -44.01 66.37 -44.42
C GLU Z 195 -43.76 67.31 -43.26
N VAL Z 196 -44.47 67.14 -42.14
CA VAL Z 196 -44.26 68.00 -40.99
C VAL Z 196 -43.02 67.60 -40.21
N GLU Z 197 -42.63 66.33 -40.27
CA GLU Z 197 -41.44 65.87 -39.54
C GLU Z 197 -40.16 66.25 -40.27
N ARG Z 198 -40.20 66.33 -41.61
CA ARG Z 198 -39.00 66.68 -42.36
C ARG Z 198 -38.72 68.17 -42.33
N LEU Z 199 -39.75 69.01 -42.14
CA LEU Z 199 -39.55 70.44 -42.09
C LEU Z 199 -39.01 70.91 -40.75
N PHE Z 200 -39.27 70.15 -39.68
CA PHE Z 200 -38.79 70.52 -38.35
C PHE Z 200 -37.31 70.21 -38.17
N ALA Z 201 -36.75 69.29 -38.94
CA ALA Z 201 -35.35 68.92 -38.84
C ALA Z 201 -34.47 69.64 -39.85
N LYS Z 202 -35.02 70.58 -40.61
CA LYS Z 202 -34.25 71.31 -41.60
C LYS Z 202 -34.61 72.80 -41.58
N LEU AA 11 -29.04 26.33 41.27
CA LEU AA 11 -29.92 25.89 40.19
C LEU AA 11 -29.68 24.42 39.86
N ASP AA 12 -29.10 23.69 40.81
CA ASP AA 12 -28.81 22.27 40.60
C ASP AA 12 -29.45 21.42 41.69
N TRP AA 13 -27.97 20.09 37.63
CA TRP AA 13 -27.51 18.83 37.07
C TRP AA 13 -26.45 18.19 37.98
N THR AA 14 -25.66 19.03 38.64
CA THR AA 14 -24.62 18.52 39.54
C THR AA 14 -25.20 18.08 40.88
N LYS AA 15 -26.13 18.86 41.44
CA LYS AA 15 -26.73 18.55 42.71
C LYS AA 15 -28.15 17.99 42.57
N ILE AA 16 -28.76 18.09 41.40
CA ILE AA 16 -30.11 17.57 41.22
C ILE AA 16 -30.10 16.07 41.02
N VAL AA 17 -29.07 15.53 40.35
CA VAL AA 17 -29.01 14.10 40.12
C VAL AA 17 -28.52 13.33 41.35
N SER AA 18 -27.80 14.00 42.26
CA SER AA 18 -27.30 13.37 43.47
C SER AA 18 -28.09 13.78 44.71
N LYS AA 19 -29.30 14.30 44.53
CA LYS AA 19 -30.11 14.71 45.67
C LYS AA 19 -30.85 13.54 46.32
N LEU AA 20 -30.92 12.40 45.65
CA LEU AA 20 -31.60 11.24 46.19
C LEU AA 20 -30.67 10.46 47.12
N GLY AA 21 -31.18 9.38 47.68
CA GLY AA 21 -30.43 8.52 48.58
C GLY AA 21 -29.64 7.45 47.85
N LEU AA 22 -29.36 6.36 48.56
CA LEU AA 22 -28.62 5.26 47.98
C LEU AA 22 -29.48 4.34 47.13
N SER AA 23 -30.80 4.43 47.25
CA SER AA 23 -31.69 3.59 46.47
C SER AA 23 -31.82 4.14 45.05
N GLY AA 24 -31.85 3.23 44.08
CA GLY AA 24 -31.97 3.58 42.69
C GLY AA 24 -33.39 3.70 42.16
N GLN AA 25 -34.38 3.75 43.06
CA GLN AA 25 -35.77 3.88 42.61
C GLN AA 25 -36.13 5.29 42.20
N THR AA 26 -35.33 6.29 42.60
CA THR AA 26 -35.59 7.68 42.26
C THR AA 26 -35.01 8.06 40.90
N ALA AA 27 -34.39 7.13 40.18
CA ALA AA 27 -33.83 7.46 38.88
C ALA AA 27 -34.91 7.64 37.82
N ALA AA 28 -36.03 6.92 37.95
CA ALA AA 28 -37.11 7.06 36.99
C ALA AA 28 -37.90 8.35 37.20
N ALA AA 29 -38.02 8.79 38.45
CA ALA AA 29 -38.74 10.02 38.74
C ALA AA 29 -37.91 11.26 38.44
N LEU AA 30 -36.59 11.18 38.59
CA LEU AA 30 -35.74 12.32 38.30
C LEU AA 30 -35.55 12.52 36.80
N THR AA 31 -35.60 11.44 36.02
CA THR AA 31 -35.43 11.56 34.58
C THR AA 31 -36.68 12.11 33.91
N SER AA 32 -37.86 11.83 34.48
CA SER AA 32 -39.09 12.34 33.89
C SER AA 32 -39.30 13.81 34.18
N PHE AA 33 -38.83 14.30 35.33
CA PHE AA 33 -38.97 15.71 35.66
C PHE AA 33 -37.97 16.57 34.90
N LYS AA 34 -36.78 16.03 34.59
CA LYS AA 34 -35.79 16.79 33.86
C LYS AA 34 -36.13 16.88 32.37
N LYS AA 35 -36.79 15.86 31.83
CA LYS AA 35 -37.15 15.89 30.41
C LYS AA 35 -38.34 16.80 30.17
N ARG AA 36 -39.26 16.89 31.12
CA ARG AA 36 -40.43 17.75 30.95
C ARG AA 36 -40.07 19.22 31.15
N ASN AA 37 -39.07 19.50 31.99
CA ASN AA 37 -38.67 20.88 32.22
C ASN AA 37 -37.86 21.44 31.06
N ASP AA 38 -37.10 20.59 30.36
CA ASP AA 38 -36.32 21.07 29.23
C ASP AA 38 -37.20 21.28 28.00
N GLU AA 39 -38.22 20.44 27.82
CA GLU AA 39 -39.12 20.58 26.68
C GLU AA 39 -40.12 21.72 26.85
N ALA AA 40 -40.39 22.15 28.09
CA ALA AA 40 -41.32 23.24 28.29
C ALA AA 40 -40.70 24.59 27.95
N LYS AA 41 -39.40 24.75 28.22
CA LYS AA 41 -38.72 26.00 27.91
C LYS AA 41 -38.43 26.15 26.42
N ARG AA 42 -38.26 25.04 25.70
CA ARG AA 42 -37.98 25.10 24.28
C ARG AA 42 -39.24 25.39 23.47
N ILE AA 43 -40.42 25.09 24.01
CA ILE AA 43 -41.66 25.33 23.29
C ILE AA 43 -42.02 26.80 23.34
N LEU AA 44 -41.72 27.48 24.45
CA LEU AA 44 -42.02 28.90 24.59
C LEU AA 44 -41.03 29.78 23.86
N PHE AA 45 -39.79 29.31 23.65
CA PHE AA 45 -38.78 30.09 22.96
C PHE AA 45 -38.86 29.95 21.44
N GLU AA 46 -39.28 28.78 20.95
CA GLU AA 46 -39.40 28.58 19.50
C GLU AA 46 -40.64 29.23 18.93
N LEU AA 47 -41.70 29.37 19.73
CA LEU AA 47 -42.93 29.99 19.26
C LEU AA 47 -42.85 31.50 19.41
N LYS AA 48 -43.69 32.19 18.64
CA LYS AA 48 -43.73 33.64 18.67
C LYS AA 48 -44.44 34.13 19.92
N GLN AA 49 -43.92 35.21 20.50
CA GLN AA 49 -44.49 35.81 21.72
C GLN AA 49 -45.46 36.94 21.40
N GLN AA 50 -46.10 36.90 20.25
CA GLN AA 50 -47.05 37.92 19.83
C GLN AA 50 -48.42 37.28 19.63
N PRO AA 51 -49.46 38.09 19.43
CA PRO AA 51 -50.80 37.53 19.24
C PRO AA 51 -51.01 37.02 17.82
N SER AA 52 -51.49 37.89 16.94
CA SER AA 52 -51.74 37.52 15.55
C SER AA 52 -51.59 38.75 14.67
N ASN AA 53 -51.18 38.52 13.42
CA ASN AA 53 -51.00 39.62 12.48
C ASN AA 53 -52.34 40.14 11.97
N VAL AA 54 -53.13 39.26 11.35
CA VAL AA 54 -54.45 39.60 10.81
C VAL AA 54 -54.32 40.74 9.81
N ASP AA 55 -53.77 40.45 8.63
CA ASP AA 55 -53.59 41.45 7.58
C ASP AA 55 -54.93 41.69 6.90
N PHE AA 56 -55.71 42.59 7.50
CA PHE AA 56 -57.04 42.93 6.98
C PHE AA 56 -57.00 44.09 5.99
N ALA AA 57 -55.84 44.73 5.79
CA ALA AA 57 -55.76 45.84 4.85
C ALA AA 57 -55.72 45.36 3.41
N PHE AA 58 -55.22 44.16 3.15
CA PHE AA 58 -55.13 43.61 1.81
C PHE AA 58 -56.07 42.42 1.59
N TYR AA 59 -56.87 42.05 2.60
CA TYR AA 59 -57.78 40.93 2.49
C TYR AA 59 -59.22 41.35 2.23
N LYS AA 60 -59.60 42.55 2.66
CA LYS AA 60 -60.97 43.02 2.47
C LYS AA 60 -61.22 43.46 1.03
N SER AA 61 -60.22 44.04 0.37
CA SER AA 61 -60.35 44.50 -1.00
C SER AA 61 -60.05 43.42 -2.02
N THR AA 62 -59.52 42.27 -1.59
CA THR AA 62 -59.21 41.17 -2.50
C THR AA 62 -60.17 40.00 -2.38
N LEU AA 63 -61.11 40.05 -1.43
CA LEU AA 63 -62.07 38.96 -1.27
C LEU AA 63 -63.18 39.07 -2.31
N LYS AA 64 -63.74 37.91 -2.66
CA LYS AA 64 -64.81 37.88 -3.65
C LYS AA 64 -66.14 38.32 -3.05
N ASN AA 65 -66.49 37.75 -1.90
CA ASN AA 65 -67.74 38.11 -1.23
C ASN AA 65 -67.59 39.40 -0.45
N THR AA 66 -68.66 40.19 -0.42
CA THR AA 66 -68.65 41.46 0.28
C THR AA 66 -68.78 41.24 1.78
N ALA AA 67 -68.01 42.02 2.55
CA ALA AA 67 -68.01 41.94 4.02
C ALA AA 67 -67.68 40.53 4.50
N ILE AA 68 -66.65 39.93 3.91
CA ILE AA 68 -66.23 38.58 4.27
C ILE AA 68 -64.97 38.60 5.14
N VAL AA 69 -63.95 39.35 4.72
CA VAL AA 69 -62.73 39.42 5.50
C VAL AA 69 -62.84 40.38 6.68
N ASP AA 70 -63.80 41.30 6.65
CA ASP AA 70 -63.96 42.24 7.75
C ASP AA 70 -64.65 41.60 8.95
N LYS AA 71 -65.57 40.66 8.72
CA LYS AA 71 -66.26 40.01 9.83
C LYS AA 71 -65.40 38.94 10.50
N ILE AA 72 -64.49 38.32 9.75
CA ILE AA 72 -63.64 37.29 10.35
C ILE AA 72 -62.48 37.91 11.11
N GLN AA 73 -62.09 39.14 10.76
CA GLN AA 73 -60.99 39.80 11.47
C GLN AA 73 -61.42 40.37 12.81
N SER AA 74 -62.70 40.73 12.95
CA SER AA 74 -63.18 41.28 14.22
C SER AA 74 -63.43 40.21 15.25
N ASP AA 75 -63.79 38.99 14.83
CA ASP AA 75 -64.04 37.92 15.78
C ASP AA 75 -62.75 37.22 16.22
N VAL AA 76 -61.73 37.22 15.36
CA VAL AA 76 -60.46 36.58 15.72
C VAL AA 76 -59.62 37.45 16.65
N SER AA 77 -59.82 38.76 16.62
CA SER AA 77 -59.06 39.67 17.47
C SER AA 77 -59.70 39.90 18.83
N LYS AA 78 -60.87 39.31 19.09
CA LYS AA 78 -61.54 39.49 20.37
C LYS AA 78 -61.02 38.48 21.39
N PHE AA 79 -61.71 37.34 21.51
CA PHE AA 79 -61.31 36.31 22.45
C PHE AA 79 -61.74 34.96 21.92
N THR AA 80 -61.05 33.91 22.38
CA THR AA 80 -61.36 32.55 21.96
C THR AA 80 -61.07 31.57 23.10
N PRO AA 81 -61.14 30.27 22.84
CA PRO AA 81 -60.86 29.30 23.93
C PRO AA 81 -59.50 28.66 23.79
N SER AA 82 -58.90 28.28 24.91
CA SER AA 82 -57.59 27.65 24.93
C SER AA 82 -57.60 26.47 25.88
N LYS AA 83 -56.64 25.57 25.70
CA LYS AA 83 -56.52 24.37 26.53
C LYS AA 83 -55.65 24.71 27.74
N ALA AA 84 -56.25 25.42 28.69
CA ALA AA 84 -55.58 25.83 29.92
C ALA AA 84 -56.35 25.29 31.12
N ASN AA 85 -55.72 25.41 32.29
CA ASN AA 85 -56.30 24.96 33.54
C ASN AA 85 -55.93 25.93 34.64
N LEU AA 86 -56.58 25.76 35.80
CA LEU AA 86 -56.36 26.61 36.96
C LEU AA 86 -55.47 25.89 37.97
N SER AA 87 -55.28 26.52 39.12
CA SER AA 87 -54.46 25.97 40.19
C SER AA 87 -55.30 25.25 41.25
N LYS AA 88 -56.49 24.77 40.88
CA LYS AA 88 -57.33 24.07 41.84
C LYS AA 88 -56.85 22.65 42.10
N GLN AA 89 -56.29 21.98 41.09
CA GLN AA 89 -55.78 20.62 41.25
C GLN AA 89 -54.31 20.66 41.64
N LEU AA 90 -54.08 21.15 42.86
CA LEU AA 90 -52.72 21.27 43.40
C LEU AA 90 -52.33 19.95 44.08
N ASN AA 91 -51.97 18.97 43.25
CA ASN AA 91 -51.58 17.67 43.76
C ASN AA 91 -50.16 17.69 44.32
N LEU AA 92 -49.24 18.37 43.64
CA LEU AA 92 -47.85 18.44 44.10
C LEU AA 92 -47.65 19.47 45.20
N ILE AA 93 -48.57 20.42 45.35
CA ILE AA 93 -48.43 21.42 46.41
C ILE AA 93 -48.72 20.80 47.76
N GLU AA 94 -49.72 19.92 47.83
CA GLU AA 94 -50.03 19.27 49.11
C GLU AA 94 -49.01 18.19 49.45
N SER AA 95 -48.42 17.57 48.44
CA SER AA 95 -47.42 16.53 48.68
C SER AA 95 -46.06 17.09 49.06
N PHE AA 96 -45.77 18.33 48.67
CA PHE AA 96 -44.49 18.93 49.03
C PHE AA 96 -44.44 19.30 50.51
N GLU AA 97 -45.57 19.75 51.06
CA GLU AA 97 -45.60 20.09 52.48
C GLU AA 97 -45.62 18.84 53.36
N ALA AA 98 -46.23 17.76 52.89
CA ALA AA 98 -46.25 16.53 53.67
C ALA AA 98 -44.91 15.80 53.61
N LYS AA 99 -44.15 15.98 52.53
CA LYS AA 99 -42.85 15.33 52.43
C LYS AA 99 -41.82 15.99 53.34
N ALA AA 100 -42.00 17.27 53.65
CA ALA AA 100 -41.06 17.97 54.53
C ALA AA 100 -41.24 17.57 55.99
N LEU AA 101 -42.40 17.05 56.36
CA LEU AA 101 -42.65 16.63 57.74
C LEU AA 101 -42.24 15.19 58.01
N GLU AA 102 -42.02 14.38 56.96
CA GLU AA 102 -41.63 12.99 57.13
C GLU AA 102 -40.21 12.70 56.67
N ASN AA 103 -39.64 13.55 55.81
CA ASN AA 103 -38.28 13.35 55.30
C ASN AA 103 -37.34 14.48 55.69
N ALA AA 104 -37.81 15.73 55.71
CA ALA AA 104 -36.97 16.86 56.08
C ALA AA 104 -37.01 17.15 57.57
N LYS AA 105 -38.20 17.11 58.18
CA LYS AA 105 -38.31 17.36 59.60
C LYS AA 105 -37.80 16.18 60.42
N GLU AA 106 -37.96 14.95 59.89
CA GLU AA 106 -37.47 13.78 60.59
C GLU AA 106 -35.95 13.69 60.53
N THR AA 107 -35.33 14.24 59.49
CA THR AA 107 -33.88 14.22 59.37
C THR AA 107 -33.20 15.22 60.29
N GLU AA 108 -33.94 16.21 60.80
CA GLU AA 108 -33.34 17.19 61.71
C GLU AA 108 -33.02 16.56 63.06
N SER AA 109 -33.93 15.74 63.59
CA SER AA 109 -33.69 15.08 64.85
C SER AA 109 -32.63 13.99 64.74
N VAL AA 110 -32.49 13.38 63.56
CA VAL AA 110 -31.47 12.36 63.37
C VAL AA 110 -30.10 12.99 63.22
N VAL AA 111 -30.03 14.20 62.63
CA VAL AA 111 -28.75 14.87 62.49
C VAL AA 111 -28.32 15.48 63.81
N LEU AA 112 -29.27 15.86 64.67
CA LEU AA 112 -28.91 16.42 65.97
C LEU AA 112 -28.42 15.35 66.92
N ALA AA 113 -29.00 14.15 66.86
CA ALA AA 113 -28.56 13.06 67.72
C ALA AA 113 -27.24 12.48 67.26
N GLU AA 114 -26.97 12.50 65.96
CA GLU AA 114 -25.71 11.97 65.44
C GLU AA 114 -24.55 12.93 65.72
N LEU AA 115 -24.82 14.23 65.68
CA LEU AA 115 -23.76 15.21 65.94
C LEU AA 115 -23.44 15.30 67.43
N THR AA 116 -24.44 15.11 68.29
CA THR AA 116 -24.20 15.17 69.73
C THR AA 116 -23.48 13.91 70.22
N ASP AA 117 -23.76 12.76 69.61
CA ASP AA 117 -23.08 11.53 70.02
C ASP AA 117 -21.66 11.48 69.50
N LEU AA 118 -21.39 12.05 68.32
CA LEU AA 118 -20.05 12.04 67.78
C LEU AA 118 -19.15 13.03 68.50
N GLU AA 119 -19.70 14.14 68.99
CA GLU AA 119 -18.90 15.12 69.71
C GLU AA 119 -18.54 14.62 71.10
N LYS AA 120 -19.42 13.83 71.72
CA LYS AA 120 -19.13 13.30 73.05
C LYS AA 120 -18.17 12.11 72.97
N THR AA 121 -18.19 11.36 71.87
CA THR AA 121 -17.29 10.22 71.74
C THR AA 121 -15.87 10.65 71.39
N LEU AA 122 -15.71 11.81 70.75
CA LEU AA 122 -14.37 12.27 70.39
C LEU AA 122 -13.64 12.81 71.61
N GLU AA 123 -14.35 13.49 72.50
CA GLU AA 123 -13.72 14.03 73.70
C GLU AA 123 -13.47 12.96 74.77
N ASN AA 124 -14.25 11.88 74.78
CA ASN AA 124 -14.05 10.82 75.76
C ASN AA 124 -12.93 9.87 75.35
N ILE AA 125 -12.68 9.73 74.05
CA ILE AA 125 -11.62 8.84 73.59
C ILE AA 125 -10.23 9.44 73.78
N GLU AA 126 -10.14 10.76 73.87
CA GLU AA 126 -8.86 11.44 74.06
C GLU AA 126 -8.63 11.87 75.51
N SER AA 127 -9.50 11.46 76.42
CA SER AA 127 -9.35 11.82 77.83
C SER AA 127 -9.51 10.59 78.72
N UNK AA 128 -8.63 10.30 83.33
CA UNK AA 128 -7.67 9.48 82.59
C UNK AA 128 -8.14 8.04 82.50
N UNK AA 129 -7.57 7.18 83.35
CA UNK AA 129 -7.92 5.77 83.37
C UNK AA 129 -8.52 5.36 84.72
N UNK AA 130 -9.07 6.35 85.43
CA UNK AA 130 -9.67 6.09 86.73
C UNK AA 130 -10.65 7.20 87.11
N UNK AA 131 -10.29 8.44 86.77
CA UNK AA 131 -11.14 9.59 87.07
C UNK AA 131 -12.11 9.87 85.93
N UNK AA 132 -11.59 9.95 84.71
CA UNK AA 132 -12.40 10.21 83.53
C UNK AA 132 -12.45 9.01 82.61
N UNK AA 133 -12.42 7.81 83.20
CA UNK AA 133 -12.46 6.58 82.43
C UNK AA 133 -13.87 5.98 82.41
N UNK AA 134 -14.45 5.81 83.60
CA UNK AA 134 -15.79 5.26 83.72
C UNK AA 134 -16.78 6.05 82.88
N UNK AA 135 -16.54 7.35 82.76
CA UNK AA 135 -17.40 8.22 81.96
C UNK AA 135 -17.17 8.00 80.47
N UNK AA 136 -15.94 7.64 80.12
CA UNK AA 136 -15.58 7.40 78.73
C UNK AA 136 -16.09 6.04 78.27
N UNK AA 137 -16.29 5.14 79.22
CA UNK AA 137 -16.80 3.80 78.92
C UNK AA 137 -18.27 3.84 78.57
N UNK AA 138 -18.99 4.79 79.16
CA UNK AA 138 -20.42 4.94 78.90
C UNK AA 138 -20.64 5.57 77.53
N UNK AA 139 -19.72 6.43 77.11
CA UNK AA 139 -19.81 7.08 75.81
C UNK AA 139 -19.36 6.14 74.70
N UNK AA 140 -18.53 5.16 75.07
CA UNK AA 140 -18.03 4.18 74.11
C UNK AA 140 -19.11 3.18 73.75
N UNK AA 141 -20.04 2.94 74.68
CA UNK AA 141 -21.14 2.02 74.45
C UNK AA 141 -22.15 2.62 73.49
N UNK AA 142 -22.33 3.94 73.57
CA UNK AA 142 -23.27 4.64 72.70
C UNK AA 142 -22.66 4.81 71.30
N UNK AA 143 -21.33 4.90 71.24
CA UNK AA 143 -20.64 5.06 69.98
C UNK AA 143 -20.60 3.74 69.22
N UNK AA 144 -20.54 2.64 69.96
CA UNK AA 144 -20.52 1.31 69.36
C UNK AA 144 -21.89 0.93 68.83
N UNK AA 145 -22.93 1.45 69.47
CA UNK AA 145 -24.31 1.18 69.05
C UNK AA 145 -24.70 2.09 67.89
N UNK AA 146 -23.97 3.19 67.73
CA UNK AA 146 -24.23 4.14 66.66
C UNK AA 146 -23.72 3.59 65.32
N UNK AA 147 -22.70 2.74 65.39
CA UNK AA 147 -22.13 2.14 64.20
C UNK AA 147 -23.07 1.08 63.63
N UNK AA 148 -23.79 0.39 64.50
CA UNK AA 148 -24.73 -0.64 64.08
C UNK AA 148 -26.02 0.00 63.58
N UNK AA 149 -26.34 1.17 64.10
CA UNK AA 149 -27.56 1.89 63.70
C UNK AA 149 -27.35 2.57 62.35
N UNK AA 150 -26.10 2.94 62.06
CA UNK AA 150 -25.77 3.58 60.79
C UNK AA 150 -25.78 2.57 59.66
N UNK AA 151 -25.43 1.33 59.96
CA UNK AA 151 -25.41 0.27 58.97
C UNK AA 151 -26.81 -0.25 58.70
N UNK AA 152 -27.69 -0.10 59.68
CA UNK AA 152 -29.08 -0.55 59.55
C UNK AA 152 -29.91 0.49 58.83
N UNK AA 153 -29.43 1.73 58.81
CA UNK AA 153 -30.14 2.81 58.15
C UNK AA 153 -29.75 2.88 56.66
N UNK AA 154 -28.67 2.19 56.31
CA UNK AA 154 -28.21 2.17 54.93
C UNK AA 154 -28.55 0.84 54.27
N UNK AA 155 -29.00 -0.11 55.07
CA UNK AA 155 -29.36 -1.43 54.57
C UNK AA 155 -30.72 -1.87 55.09
N UNK BA 1 -49.17 60.06 -37.37
CA UNK BA 1 -50.28 60.58 -36.58
C UNK BA 1 -51.55 59.77 -36.84
N UNK BA 2 -51.44 58.75 -37.70
CA UNK BA 2 -52.56 57.90 -38.02
C UNK BA 2 -52.64 56.70 -37.08
N UNK BA 3 -51.56 56.47 -36.34
CA UNK BA 3 -51.51 55.37 -35.39
C UNK BA 3 -51.76 55.85 -33.97
N UNK BA 4 -52.15 57.11 -33.84
CA UNK BA 4 -52.42 57.70 -32.53
C UNK BA 4 -53.90 57.59 -32.19
N UNK BA 5 -54.69 57.09 -33.14
CA UNK BA 5 -56.13 56.94 -32.94
C UNK BA 5 -56.47 55.51 -32.52
N UNK BA 6 -55.44 54.70 -32.33
CA UNK BA 6 -55.64 53.31 -31.92
C UNK BA 6 -55.81 53.21 -30.41
N UNK BA 7 -55.37 54.25 -29.70
CA UNK BA 7 -55.47 54.27 -28.24
C UNK BA 7 -56.90 54.61 -27.81
N UNK BA 8 -57.61 55.32 -28.66
CA UNK BA 8 -58.99 55.72 -28.37
C UNK BA 8 -59.94 54.54 -28.55
N UNK BA 9 -59.59 53.62 -29.45
CA UNK BA 9 -60.41 52.45 -29.71
C UNK BA 9 -60.04 51.30 -28.78
N UNK BA 10 -58.88 51.43 -28.14
CA UNK BA 10 -58.41 50.40 -27.21
C UNK BA 10 -59.11 50.51 -25.87
N UNK BA 11 -59.51 51.72 -25.51
CA UNK BA 11 -60.20 51.95 -24.24
C UNK BA 11 -61.71 51.79 -24.41
N UNK BA 12 -62.16 51.72 -25.66
CA UNK BA 12 -63.58 51.56 -25.95
C UNK BA 12 -64.00 50.10 -25.81
N UNK BA 13 -63.04 49.19 -25.93
CA UNK BA 13 -63.31 47.77 -25.82
C UNK BA 13 -62.81 47.22 -24.48
N UNK BA 14 -62.14 48.07 -23.71
CA UNK BA 14 -61.61 47.68 -22.41
C UNK BA 14 -62.59 48.04 -21.30
N UNK BA 15 -63.27 49.17 -21.47
CA UNK BA 15 -64.24 49.63 -20.48
C UNK BA 15 -65.56 48.87 -20.61
N UNK BA 16 -65.82 48.36 -21.81
CA UNK BA 16 -67.05 47.62 -22.08
C UNK BA 16 -66.90 46.17 -21.65
N UNK BA 17 -65.66 45.71 -21.52
CA UNK BA 17 -65.38 44.33 -21.13
C UNK BA 17 -65.22 44.23 -19.61
N UNK BA 18 -64.78 45.31 -18.99
CA UNK BA 18 -64.58 45.34 -17.54
C UNK BA 18 -65.90 45.54 -16.82
N UNK BA 19 -66.83 46.24 -17.47
CA UNK BA 19 -68.14 46.51 -16.89
C UNK BA 19 -69.04 45.29 -16.99
N UNK BA 20 -68.81 44.47 -18.02
CA UNK BA 20 -69.60 43.26 -18.24
C UNK BA 20 -69.12 42.14 -17.32
N UNK BA 21 -67.83 42.14 -17.03
CA UNK BA 21 -67.21 41.13 -16.17
C UNK BA 21 -67.48 39.71 -16.67
N ILE CA 119 10.54 -35.93 99.55
CA ILE CA 119 10.25 -35.54 98.18
C ILE CA 119 10.24 -36.77 97.27
N TYR CA 120 11.04 -37.77 97.65
CA TYR CA 120 11.12 -38.99 96.85
C TYR CA 120 9.89 -39.87 97.06
N ILE CA 121 9.40 -39.96 98.30
CA ILE CA 121 8.22 -40.78 98.57
C ILE CA 121 6.94 -40.08 98.12
N ILE CA 122 6.94 -38.75 98.13
CA ILE CA 122 5.74 -38.02 97.70
C ILE CA 122 5.64 -37.97 96.18
N GLY CA 123 6.77 -38.10 95.48
CA GLY CA 123 6.73 -38.06 94.02
C GLY CA 123 6.24 -39.36 93.41
N ILE CA 124 6.51 -40.49 94.05
CA ILE CA 124 6.06 -41.77 93.52
C ILE CA 124 4.58 -42.00 93.82
N SER CA 125 4.09 -41.48 94.94
CA SER CA 125 2.68 -41.66 95.28
C SER CA 125 1.78 -40.75 94.46
N VAL CA 126 2.25 -39.55 94.13
CA VAL CA 126 1.44 -38.64 93.32
C VAL CA 126 1.42 -39.06 91.86
N SER CA 127 2.50 -39.70 91.39
CA SER CA 127 2.53 -40.15 90.01
C SER CA 127 1.69 -41.40 89.79
N LEU CA 128 1.50 -42.21 90.84
CA LEU CA 128 0.69 -43.41 90.70
C LEU CA 128 -0.79 -43.09 90.62
N TRP CA 129 -1.23 -41.98 91.25
CA TRP CA 129 -2.63 -41.61 91.19
C TRP CA 129 -3.00 -41.04 89.83
N ILE CA 130 -2.05 -40.40 89.15
CA ILE CA 130 -2.35 -39.84 87.84
C ILE CA 130 -2.41 -40.93 86.79
N GLY CA 131 -1.71 -42.05 86.99
CA GLY CA 131 -1.75 -43.14 86.03
C GLY CA 131 -3.05 -43.91 86.07
N LEU CA 132 -3.70 -43.96 87.23
CA LEU CA 132 -4.97 -44.68 87.33
C LEU CA 132 -6.10 -43.90 86.69
N THR CA 133 -5.99 -42.57 86.62
CA THR CA 133 -7.04 -41.77 86.00
C THR CA 133 -7.02 -41.90 84.48
N ILE CA 134 -5.85 -42.15 83.90
CA ILE CA 134 -5.77 -42.31 82.44
C ILE CA 134 -6.32 -43.66 82.02
N LEU CA 135 -6.12 -44.69 82.86
CA LEU CA 135 -6.63 -46.01 82.53
C LEU CA 135 -8.12 -46.12 82.81
N GLY CA 136 -8.63 -45.40 83.81
CA GLY CA 136 -10.04 -45.43 84.11
C GLY CA 136 -10.89 -44.65 83.13
N LEU CA 137 -10.32 -43.57 82.57
CA LEU CA 137 -11.07 -42.77 81.60
C LEU CA 137 -11.16 -43.46 80.26
N PHE CA 138 -10.18 -44.30 79.91
CA PHE CA 138 -10.21 -45.01 78.64
C PHE CA 138 -11.21 -46.16 78.66
N LEU CA 139 -11.46 -46.74 79.84
CA LEU CA 139 -12.41 -47.84 79.93
C LEU CA 139 -13.85 -47.34 79.89
N ASN CA 140 -14.10 -46.11 80.33
CA ASN CA 140 -15.46 -45.58 80.29
C ASN CA 140 -15.86 -45.16 78.89
N LYS CA 141 -14.93 -44.63 78.10
CA LYS CA 141 -15.23 -44.21 76.74
C LYS CA 141 -15.38 -45.39 75.78
N ALA CA 142 -14.85 -46.55 76.13
CA ALA CA 142 -14.94 -47.74 75.30
C ALA CA 142 -16.14 -48.62 75.65
N VAL CA 143 -17.18 -48.04 76.25
CA VAL CA 143 -18.38 -48.79 76.62
C VAL CA 143 -19.63 -48.26 75.95
N PHE CA 144 -19.63 -47.02 75.46
CA PHE CA 144 -20.80 -46.45 74.80
C PHE CA 144 -20.71 -46.45 73.28
N PHE CA 145 -19.55 -46.80 72.73
CA PHE CA 145 -19.35 -46.84 71.29
C PHE CA 145 -18.49 -48.04 70.91
N SER CA 146 -18.76 -49.18 71.55
CA SER CA 146 -18.04 -50.45 71.31
C SER CA 146 -16.56 -50.23 71.62
N LEU CA 147 -15.68 -50.94 70.92
CA LEU CA 147 -14.24 -50.82 71.13
C LEU CA 147 -13.55 -51.23 69.83
N PHE CA 148 -13.28 -50.23 68.98
CA PHE CA 148 -12.62 -50.49 67.71
C PHE CA 148 -11.12 -50.63 67.88
N VAL CA 149 -10.47 -49.56 68.35
CA VAL CA 149 -9.02 -49.52 68.58
C VAL CA 149 -8.29 -49.86 67.29
N PRO CA 150 -7.58 -50.98 67.23
CA PRO CA 150 -6.86 -51.34 66.00
C PRO CA 150 -7.75 -52.06 65.01
N SER CA 151 -7.52 -51.77 63.73
CA SER CA 151 -8.31 -52.37 62.65
C SER CA 151 -7.74 -53.74 62.28
N GLY CA 152 -6.55 -53.76 61.68
CA GLY CA 152 -5.90 -54.98 61.28
C GLY CA 152 -5.65 -55.03 59.78
N THR CA 153 -4.96 -56.09 59.37
CA THR CA 153 -4.64 -56.31 57.96
C THR CA 153 -4.75 -57.80 57.64
N PRO CA 154 -5.98 -58.37 57.80
CA PRO CA 154 -6.19 -59.80 57.52
C PRO CA 154 -5.17 -60.72 58.18
N LEU CA 155 -4.93 -60.50 59.48
CA LEU CA 155 -3.97 -61.31 60.22
C LEU CA 155 -4.36 -61.37 61.69
N PRO CA 156 -3.49 -61.89 62.56
CA PRO CA 156 -3.84 -61.96 63.99
C PRO CA 156 -2.67 -61.61 64.89
N LEU CA 157 -2.56 -62.30 66.03
CA LEU CA 157 -1.49 -62.08 66.99
C LEU CA 157 -1.45 -60.63 67.47
N VAL CA 158 -2.63 -60.09 67.78
CA VAL CA 158 -2.74 -58.71 68.25
C VAL CA 158 -3.14 -58.72 69.72
N PRO CA 159 -3.79 -59.77 70.21
CA PRO CA 159 -4.18 -59.80 71.63
C PRO CA 159 -3.04 -60.15 72.57
N VAL CA 160 -1.97 -60.79 72.06
CA VAL CA 160 -0.85 -61.15 72.93
C VAL CA 160 0.02 -59.93 73.23
N LEU CA 161 0.05 -58.95 72.33
CA LEU CA 161 0.85 -57.75 72.52
C LEU CA 161 0.01 -56.64 73.17
N VAL CA 162 -0.39 -56.89 74.42
CA VAL CA 162 -1.20 -55.94 75.17
C VAL CA 162 -0.30 -55.16 76.12
N LEU CA 163 0.82 -54.65 75.59
CA LEU CA 163 1.76 -53.87 76.38
C LEU CA 163 1.50 -52.37 76.30
N ILE CA 164 0.29 -51.96 75.94
CA ILE CA 164 -0.07 -50.55 75.83
C ILE CA 164 -1.38 -50.32 76.58
N GLU CA 165 -1.92 -49.11 76.42
CA GLU CA 165 -3.16 -48.69 77.06
C GLU CA 165 -3.10 -48.88 78.57
N LEU CA 166 -3.45 -50.08 79.05
CA LEU CA 166 -3.42 -50.34 80.48
C LEU CA 166 -2.00 -50.54 80.98
N LEU CA 167 -1.18 -51.27 80.22
CA LEU CA 167 0.20 -51.51 80.61
C LEU CA 167 1.08 -50.28 80.38
N SER CA 168 0.68 -49.39 79.47
CA SER CA 168 1.47 -48.19 79.21
C SER CA 168 1.32 -47.15 80.31
N TYR CA 169 0.27 -47.24 81.13
CA TYR CA 169 0.08 -46.27 82.20
C TYR CA 169 1.08 -46.50 83.32
N THR CA 170 1.50 -47.75 83.55
CA THR CA 170 2.46 -48.02 84.61
C THR CA 170 3.87 -47.60 84.21
N ALA CA 171 4.18 -47.61 82.92
CA ALA CA 171 5.50 -47.20 82.44
C ALA CA 171 5.61 -45.70 82.22
N ARG CA 172 4.51 -45.05 81.83
CA ARG CA 172 4.56 -43.60 81.61
C ARG CA 172 4.58 -42.85 82.94
N ALA CA 173 3.86 -43.36 83.95
CA ALA CA 173 3.86 -42.70 85.25
C ALA CA 173 5.16 -42.94 86.01
N ILE CA 174 5.88 -44.02 85.68
CA ILE CA 174 7.14 -44.30 86.34
C ILE CA 174 8.28 -43.40 85.85
N SER CA 175 8.09 -42.74 84.71
CA SER CA 175 9.13 -41.85 84.20
C SER CA 175 9.25 -40.58 85.04
N LEU CA 176 8.15 -40.14 85.66
CA LEU CA 176 8.21 -38.96 86.50
C LEU CA 176 8.92 -39.23 87.81
N GLY CA 177 8.71 -40.42 88.39
CA GLY CA 177 9.39 -40.77 89.62
C GLY CA 177 10.84 -41.13 89.43
N LEU CA 178 11.18 -41.72 88.28
CA LEU CA 178 12.57 -42.08 88.02
C LEU CA 178 13.41 -40.86 87.67
N ARG CA 179 12.79 -39.82 87.10
CA ARG CA 179 13.54 -38.61 86.77
C ARG CA 179 13.88 -37.81 88.02
N LEU CA 180 13.07 -37.91 89.07
CA LEU CA 180 13.37 -37.19 90.29
C LEU CA 180 14.52 -37.82 91.06
N ALA CA 181 14.67 -39.14 90.96
CA ALA CA 181 15.78 -39.81 91.65
C ALA CA 181 17.10 -39.60 90.94
N ALA CA 182 17.07 -39.50 89.61
CA ALA CA 182 18.31 -39.26 88.86
C ALA CA 182 18.78 -37.82 88.98
N ASN CA 183 17.84 -36.87 89.05
CA ASN CA 183 18.23 -35.47 89.19
C ASN CA 183 18.72 -35.15 90.59
N THR CA 184 18.18 -35.84 91.61
CA THR CA 184 18.62 -35.61 92.98
C THR CA 184 19.98 -36.24 93.24
N LEU CA 185 20.33 -37.29 92.50
CA LEU CA 185 21.62 -37.94 92.68
C LEU CA 185 22.76 -37.09 92.15
N SER CA 186 22.52 -36.31 91.09
CA SER CA 186 23.57 -35.45 90.55
C SER CA 186 23.79 -34.24 91.43
N GLY CA 187 22.72 -33.72 92.06
CA GLY CA 187 22.86 -32.57 92.93
C GLY CA 187 23.46 -32.91 94.28
N HIS CA 188 23.24 -34.15 94.75
CA HIS CA 188 23.79 -34.58 96.03
C HIS CA 188 25.23 -35.04 95.93
N LEU CA 189 25.80 -35.08 94.72
CA LEU CA 189 27.19 -35.50 94.54
C LEU CA 189 28.19 -34.39 94.81
N LEU CA 190 27.72 -33.19 95.19
CA LEU CA 190 28.64 -32.09 95.46
C LEU CA 190 29.38 -32.27 96.78
N MET CA 191 28.89 -33.14 97.67
CA MET CA 191 29.57 -33.36 98.95
C MET CA 191 30.87 -34.13 98.76
N SER CA 192 30.91 -35.04 97.77
CA SER CA 192 32.12 -35.81 97.52
C SER CA 192 33.15 -35.01 96.73
N ILE CA 193 32.71 -34.03 95.94
CA ILE CA 193 33.65 -33.22 95.18
C ILE CA 193 34.15 -32.02 95.96
N LEU CA 194 33.48 -31.65 97.05
CA LEU CA 194 33.92 -30.51 97.84
C LEU CA 194 35.14 -30.86 98.70
N GLY CA 195 35.29 -32.12 99.08
CA GLY CA 195 36.44 -32.51 99.88
C GLY CA 195 37.73 -32.57 99.09
N ASN CA 196 37.64 -32.86 97.79
CA ASN CA 196 38.84 -32.94 96.95
C ASN CA 196 39.30 -31.55 96.50
N LEU CA 197 38.37 -30.61 96.32
CA LEU CA 197 38.73 -29.27 95.88
C LEU CA 197 39.28 -28.42 97.02
N VAL CA 198 38.99 -28.77 98.27
CA VAL CA 198 39.48 -28.02 99.42
C VAL CA 198 40.65 -28.70 100.10
N LYS CA 199 41.21 -29.75 99.49
CA LYS CA 199 42.33 -30.48 100.06
C LYS CA 199 43.65 -29.93 99.54
N ILE CA 210 45.63 -29.47 90.34
CA ILE CA 210 44.92 -28.56 89.43
C ILE CA 210 44.11 -27.55 90.23
N PHE CA 211 43.54 -26.59 89.52
CA PHE CA 211 42.73 -25.56 90.16
C PHE CA 211 41.32 -26.06 90.42
N GLY CA 212 40.68 -25.49 91.44
CA GLY CA 212 39.33 -25.85 91.83
C GLY CA 212 38.24 -25.12 91.10
N LEU CA 213 38.57 -24.32 90.09
CA LEU CA 213 37.57 -23.57 89.34
C LEU CA 213 36.82 -24.43 88.33
N ILE CA 214 37.30 -25.63 88.04
CA ILE CA 214 36.64 -26.52 87.09
C ILE CA 214 35.38 -27.08 87.73
N PRO CA 215 35.34 -27.25 89.05
CA PRO CA 215 34.12 -27.77 89.68
C PRO CA 215 33.00 -26.74 89.75
N LEU CA 216 33.32 -25.44 89.76
CA LEU CA 216 32.29 -24.43 89.81
C LEU CA 216 31.61 -24.26 88.46
N ALA CA 217 32.38 -24.38 87.37
CA ALA CA 217 31.79 -24.24 86.04
C ALA CA 217 30.98 -25.48 85.65
N GLY CA 218 31.39 -26.67 86.10
CA GLY CA 218 30.65 -27.87 85.79
C GLY CA 218 29.36 -28.00 86.59
N ILE CA 219 29.34 -27.45 87.80
CA ILE CA 219 28.12 -27.53 88.61
C ILE CA 219 27.07 -26.55 88.12
N PHE CA 220 27.47 -25.48 87.44
CA PHE CA 220 26.51 -24.52 86.93
C PHE CA 220 25.74 -25.06 85.74
N ALA CA 221 26.38 -25.91 84.92
CA ALA CA 221 25.69 -26.48 83.77
C ALA CA 221 24.73 -27.58 84.20
N ILE CA 222 25.03 -28.29 85.28
CA ILE CA 222 24.14 -29.35 85.75
C ILE CA 222 22.92 -28.74 86.45
N VAL CA 223 23.07 -27.57 87.06
CA VAL CA 223 21.94 -26.92 87.72
C VAL CA 223 20.98 -26.33 86.69
N ILE CA 224 21.53 -25.84 85.58
CA ILE CA 224 20.67 -25.27 84.54
C ILE CA 224 19.98 -26.38 83.75
N LEU CA 225 20.63 -27.54 83.61
CA LEU CA 225 20.01 -28.65 82.90
C LEU CA 225 18.94 -29.32 83.74
N GLU CA 226 19.08 -29.30 85.06
CA GLU CA 226 18.08 -29.91 85.94
C GLU CA 226 16.81 -29.06 85.98
N PHE CA 227 16.96 -27.73 85.96
CA PHE CA 227 15.78 -26.86 85.98
C PHE CA 227 15.07 -26.88 84.64
N ALA CA 228 15.82 -27.02 83.54
CA ALA CA 228 15.22 -27.07 82.21
C ALA CA 228 14.60 -28.43 81.92
N ILE CA 229 14.94 -29.45 82.70
CA ILE CA 229 14.36 -30.78 82.47
C ILE CA 229 12.93 -30.86 82.97
N ALA CA 230 12.50 -29.91 83.83
CA ALA CA 230 11.13 -29.92 84.32
C ALA CA 230 10.15 -29.54 83.22
N CYS CA 231 10.55 -28.67 82.29
CA CYS CA 231 9.67 -28.29 81.19
C CYS CA 231 9.53 -29.42 80.18
N ILE CA 232 10.58 -30.19 79.95
CA ILE CA 232 10.51 -31.31 79.03
C ILE CA 232 9.75 -32.48 79.65
N GLN CA 233 9.85 -32.64 80.96
CA GLN CA 233 9.12 -33.72 81.62
C GLN CA 233 7.63 -33.41 81.71
N ALA CA 234 7.28 -32.14 81.91
CA ALA CA 234 5.88 -31.77 81.97
C ALA CA 234 5.23 -31.79 80.60
N TYR CA 235 5.99 -31.50 79.54
CA TYR CA 235 5.45 -31.55 78.19
C TYR CA 235 5.27 -32.98 77.71
N VAL CA 236 6.03 -33.92 78.26
CA VAL CA 236 5.88 -35.32 77.87
C VAL CA 236 4.60 -35.92 78.45
N PHE CA 237 4.16 -35.43 79.61
CA PHE CA 237 2.93 -35.91 80.20
C PHE CA 237 1.71 -35.41 79.43
N ALA CA 238 1.77 -34.17 78.93
CA ALA CA 238 0.65 -33.63 78.16
C ALA CA 238 0.60 -34.23 76.76
N ILE CA 239 1.75 -34.59 76.20
CA ILE CA 239 1.76 -35.20 74.87
C ILE CA 239 1.31 -36.65 74.94
N LEU CA 240 1.59 -37.34 76.05
CA LEU CA 240 1.15 -38.73 76.18
C LEU CA 240 -0.35 -38.81 76.45
N THR CA 241 -0.89 -37.82 77.17
CA THR CA 241 -2.32 -37.82 77.45
C THR CA 241 -3.15 -37.36 76.25
N SER CA 242 -2.53 -36.66 75.30
CA SER CA 242 -3.26 -36.22 74.12
C SER CA 242 -3.50 -37.36 73.15
N SER CA 243 -2.59 -38.33 73.09
CA SER CA 243 -2.77 -39.47 72.19
C SER CA 243 -3.80 -40.44 72.72
N TYR CA 244 -3.96 -40.52 74.04
CA TYR CA 244 -4.95 -41.42 74.63
C TYR CA 244 -6.36 -40.88 74.51
N LEU CA 245 -6.52 -39.55 74.58
CA LEU CA 245 -7.85 -38.96 74.47
C LEU CA 245 -8.36 -38.96 73.03
N LYS CA 246 -7.46 -38.81 72.05
CA LYS CA 246 -7.88 -38.82 70.65
C LYS CA 246 -8.16 -40.22 70.14
N ASP CA 247 -7.44 -41.23 70.66
CA ASP CA 247 -7.67 -42.60 70.23
C ASP CA 247 -8.91 -43.20 70.86
N SER CA 248 -9.32 -42.70 72.03
CA SER CA 248 -10.50 -43.22 72.70
C SER CA 248 -11.80 -42.76 72.05
N ILE CA 249 -11.77 -41.67 71.29
CA ILE CA 249 -12.96 -41.14 70.62
C ILE CA 249 -13.00 -41.50 69.14
N TYR CA 250 -12.03 -42.27 68.65
CA TYR CA 250 -11.99 -42.66 67.25
C TYR CA 250 -12.36 -44.14 67.08
N UNK DA 1 6.04 -7.56 84.26
CA UNK DA 1 6.20 -8.77 83.44
C UNK DA 1 5.47 -9.95 84.06
N UNK DA 2 4.79 -9.69 85.18
CA UNK DA 2 4.04 -10.75 85.87
C UNK DA 2 2.76 -11.08 85.12
N UNK DA 3 2.12 -10.06 84.55
CA UNK DA 3 0.88 -10.24 83.80
C UNK DA 3 1.17 -10.80 82.41
N UNK DA 4 2.36 -10.49 81.89
CA UNK DA 4 2.76 -10.97 80.57
C UNK DA 4 3.17 -12.43 80.62
N UNK DA 5 3.66 -12.87 81.78
CA UNK DA 5 4.08 -14.25 81.96
C UNK DA 5 2.87 -15.18 82.08
N UNK DA 6 1.79 -14.65 82.65
CA UNK DA 6 0.57 -15.43 82.83
C UNK DA 6 -0.17 -15.57 81.52
N UNK DA 7 -0.06 -14.55 80.66
CA UNK DA 7 -0.72 -14.56 79.37
C UNK DA 7 0.03 -15.46 78.39
N UNK DA 8 1.34 -15.56 78.56
CA UNK DA 8 2.16 -16.41 77.70
C UNK DA 8 1.99 -17.88 78.05
N UNK DA 9 1.74 -18.15 79.32
CA UNK DA 9 1.55 -19.51 79.80
C UNK DA 9 0.17 -20.03 79.40
N UNK DA 10 -0.80 -19.12 79.32
CA UNK DA 10 -2.17 -19.48 78.94
C UNK DA 10 -2.26 -19.73 77.45
N UNK DA 11 -1.43 -19.04 76.68
CA UNK DA 11 -1.41 -19.18 75.22
C UNK DA 11 -0.73 -20.49 74.82
N UNK DA 12 0.23 -20.92 75.63
CA UNK DA 12 0.96 -22.16 75.35
C UNK DA 12 0.10 -23.37 75.70
N UNK DA 13 -0.77 -23.21 76.69
CA UNK DA 13 -1.66 -24.30 77.11
C UNK DA 13 -2.81 -24.46 76.13
N UNK DA 14 -3.21 -23.37 75.49
CA UNK DA 14 -4.29 -23.40 74.51
C UNK DA 14 -3.81 -23.98 73.19
N UNK DA 15 -2.52 -23.82 72.91
CA UNK DA 15 -1.93 -24.34 71.68
C UNK DA 15 -1.75 -25.86 71.76
N UNK DA 16 -1.53 -26.36 72.97
CA UNK DA 16 -1.35 -27.79 73.19
C UNK DA 16 -2.69 -28.52 73.16
N UNK DA 17 -3.75 -27.78 73.49
CA UNK DA 17 -5.09 -28.35 73.50
C UNK DA 17 -5.64 -28.48 72.08
N UNK DA 18 -5.16 -27.63 71.18
CA UNK DA 18 -5.59 -27.65 69.79
C UNK DA 18 -4.97 -28.83 69.05
N UNK DA 19 -3.79 -29.24 69.48
CA UNK DA 19 -3.09 -30.36 68.86
C UNK DA 19 -3.53 -31.68 69.50
N UNK DA 20 -4.22 -31.58 70.63
CA UNK DA 20 -4.69 -32.76 71.34
C UNK DA 20 -6.17 -32.65 71.68
N UNK DA 21 -6.96 -32.12 70.74
CA UNK DA 21 -8.39 -31.95 70.95
C UNK DA 21 -9.12 -31.83 69.61
N UNK DA 22 -10.35 -32.34 69.57
CA UNK DA 22 -11.16 -32.28 68.36
C UNK DA 22 -12.32 -31.29 68.53
N UNK DA 23 -12.98 -31.35 69.68
CA UNK DA 23 -14.11 -30.46 69.96
C UNK DA 23 -14.35 -30.36 71.46
N UNK DA 24 -14.16 -31.47 72.17
CA UNK DA 24 -14.37 -31.51 73.61
C UNK DA 24 -13.33 -30.65 74.32
N UNK DA 25 -13.80 -29.75 75.18
CA UNK DA 25 -12.91 -28.86 75.93
C UNK DA 25 -12.57 -29.47 77.29
N UNK DA 26 -12.40 -28.62 78.29
CA UNK DA 26 -12.06 -29.07 79.63
C UNK DA 26 -11.12 -30.28 79.59
N UNK DA 27 -10.35 -30.38 78.52
CA UNK DA 27 -9.41 -31.48 78.36
C UNK DA 27 -7.98 -31.01 78.54
N UNK DA 28 -7.74 -29.72 78.32
CA UNK DA 28 -6.41 -29.15 78.47
C UNK DA 28 -6.28 -28.36 79.77
N UNK DA 29 -7.41 -27.93 80.31
CA UNK DA 29 -7.42 -27.16 81.55
C UNK DA 29 -6.81 -27.96 82.70
N UNK DA 30 -7.50 -29.02 83.10
CA UNK DA 30 -7.02 -29.87 84.19
C UNK DA 30 -5.61 -30.38 83.91
N UNK DA 31 -5.31 -30.57 82.63
CA UNK DA 31 -3.99 -31.06 82.22
C UNK DA 31 -2.97 -29.94 82.29
N UNK DA 32 -3.42 -28.70 82.05
CA UNK DA 32 -2.54 -27.55 82.09
C UNK DA 32 -2.22 -27.14 83.52
N UNK DA 33 -3.17 -27.39 84.42
CA UNK DA 33 -2.99 -27.05 85.83
C UNK DA 33 -2.09 -28.07 86.52
N UNK DA 34 -2.11 -29.31 86.02
CA UNK DA 34 -1.29 -30.38 86.58
C UNK DA 34 0.16 -30.24 86.16
N UNK DA 35 0.36 -29.68 84.97
CA UNK DA 35 1.71 -29.49 84.44
C UNK DA 35 2.39 -28.30 85.10
N UNK DA 36 1.59 -27.30 85.48
CA UNK DA 36 2.11 -26.10 86.14
C UNK DA 36 2.43 -26.38 87.60
N UNK DA 37 1.69 -27.31 88.19
CA UNK DA 37 1.88 -27.67 89.59
C UNK DA 37 3.11 -28.57 89.75
N UNK DA 38 3.40 -29.34 88.70
CA UNK DA 38 4.54 -30.25 88.73
C UNK DA 38 5.84 -29.49 88.53
N UNK DA 39 5.78 -28.39 87.79
CA UNK DA 39 6.95 -27.57 87.52
C UNK DA 39 7.30 -26.70 88.73
N UNK DA 40 6.27 -26.35 89.50
CA UNK DA 40 6.46 -25.52 90.68
C UNK DA 40 6.94 -26.35 91.86
N UNK DA 41 6.62 -27.65 91.83
CA UNK DA 41 7.02 -28.56 92.90
C UNK DA 41 8.48 -28.97 92.73
N UNK DA 42 8.97 -28.93 91.49
CA UNK DA 42 10.34 -29.31 91.19
C UNK DA 42 11.22 -28.07 90.99
N UNK DA 43 11.17 -27.16 91.96
CA UNK DA 43 11.96 -25.93 91.89
C UNK DA 43 13.20 -26.02 92.76
N UNK DA 44 13.14 -26.88 93.78
CA UNK DA 44 14.27 -27.07 94.68
C UNK DA 44 15.47 -27.67 93.97
PG ATP EA . -23.39 19.66 -10.59
O1G ATP EA . -22.13 18.91 -10.93
O2G ATP EA . -23.49 21.04 -11.19
O3G ATP EA . -24.65 18.83 -10.72
PB ATP EA . -24.41 20.73 -8.21
O1B ATP EA . -25.67 19.89 -8.24
O2B ATP EA . -24.44 22.15 -8.72
O3B ATP EA . -23.27 19.93 -9.01
PA ATP EA . -24.67 21.45 -5.51
O1A ATP EA . -23.69 22.21 -4.65
O2A ATP EA . -25.85 22.16 -6.11
O3A ATP EA . -23.84 20.75 -6.70
O5' ATP EA . -25.20 20.20 -4.62
C5' ATP EA . -25.86 19.08 -5.22
C4' ATP EA . -26.40 18.18 -4.12
O4' ATP EA . -25.34 17.79 -3.23
C3' ATP EA . -27.45 18.88 -3.28
O3' ATP EA . -28.74 18.34 -3.56
C2' ATP EA . -27.08 18.61 -1.83
O2' ATP EA . -28.13 17.89 -1.18
C1' ATP EA . -25.82 17.75 -1.88
N9 ATP EA . -24.80 18.31 -0.97
C8 ATP EA . -23.85 19.21 -1.29
N7 ATP EA . -23.07 19.51 -0.22
C5 ATP EA . -23.52 18.79 0.82
C6 ATP EA . -23.15 18.63 2.25
N6 ATP EA . -22.12 19.33 2.79
N1 ATP EA . -23.88 17.78 3.00
C2 ATP EA . -24.91 17.09 2.48
N3 ATP EA . -25.30 17.18 1.19
C4 ATP EA . -24.66 18.00 0.33
MG MG FA . -23.87 24.28 -9.36
PB ADP GA . 25.64 19.61 -23.00
O1B ADP GA . 26.95 18.94 -22.68
O2B ADP GA . 24.42 18.79 -22.69
O3B ADP GA . 25.61 20.28 -24.36
PA ADP GA . 26.70 21.97 -21.87
O1A ADP GA . 27.71 21.72 -22.97
O2A ADP GA . 26.03 23.32 -21.79
O3A ADP GA . 25.54 20.86 -21.97
O5' ADP GA . 27.40 21.68 -20.44
C5' ADP GA . 28.03 20.44 -20.15
C4' ADP GA . 28.61 20.50 -18.74
O4' ADP GA . 29.22 19.24 -18.41
C3' ADP GA . 29.68 21.56 -18.61
O3' ADP GA . 29.20 22.65 -17.81
C2' ADP GA . 30.85 20.90 -17.91
O2' ADP GA . 31.13 21.56 -16.67
C1' ADP GA . 30.41 19.46 -17.66
N9 ADP GA . 31.48 18.53 -18.09
C8 ADP GA . 31.60 18.00 -19.33
N7 ADP GA . 32.68 17.18 -19.41
C5 ADP GA . 33.26 17.16 -18.20
C6 ADP GA . 34.44 16.49 -17.58
N6 ADP GA . 35.22 15.67 -18.30
N1 ADP GA . 34.69 16.75 -16.28
C2 ADP GA . 33.93 17.58 -15.55
N3 ADP GA . 32.84 18.21 -16.04
C4 ADP GA . 32.46 18.05 -17.33
MG MG HA . 25.99 21.93 -26.39
PB ADP IA . -7.38 -12.66 -39.38
O1B ADP IA . -7.91 -13.97 -38.86
O2B ADP IA . -6.96 -11.70 -38.29
O3B ADP IA . -8.23 -12.03 -40.45
PA ADP IA . -5.94 -14.10 -41.32
O1A ADP IA . -7.36 -14.52 -41.66
O2A ADP IA . -5.07 -13.52 -42.41
O3A ADP IA . -6.01 -13.01 -40.13
O5' ADP IA . -5.16 -15.35 -40.69
C5' ADP IA . -5.66 -16.05 -39.55
C4' ADP IA . -4.73 -17.20 -39.21
O4' ADP IA . -5.19 -17.88 -38.04
C3' ADP IA . -4.67 -18.24 -40.32
O3' ADP IA . -3.40 -18.18 -40.98
C2' ADP IA . -4.85 -19.58 -39.66
O2' ADP IA . -3.70 -20.41 -39.90
C1' ADP IA . -4.99 -19.30 -38.17
N9 ADP IA . -6.15 -20.03 -37.62
C8 ADP IA . -7.41 -19.56 -37.57
N7 ADP IA . -8.25 -20.48 -37.00
C5 ADP IA . -7.51 -21.56 -36.69
C6 ADP IA . -7.76 -22.88 -36.07
N6 ADP IA . -9.00 -23.24 -35.66
N1 ADP IA . -6.70 -23.72 -35.93
C2 ADP IA . -5.47 -23.37 -36.32
N3 ADP IA . -5.17 -22.19 -36.89
C4 ADP IA . -6.13 -21.26 -37.10
MG MG JA . -9.47 -11.38 -42.87
PB ADP KA . -26.57 -1.24 -24.36
O1B ADP KA . -27.24 -1.78 -23.13
O2B ADP KA . -25.23 -0.60 -24.10
O3B ADP KA . -27.48 -0.44 -25.27
PA ADP KA . -27.33 -3.61 -25.68
O1A ADP KA . -28.69 -3.08 -25.28
O2A ADP KA . -27.08 -3.96 -27.12
O3A ADP KA . -26.20 -2.55 -25.24
O5' ADP KA . -26.99 -4.92 -24.80
C5' ADP KA . -27.05 -4.91 -23.38
C4' ADP KA . -26.70 -6.28 -22.84
O4' ADP KA . -26.71 -6.29 -21.41
C3' ADP KA . -27.70 -7.34 -23.29
O3' ADP KA . -27.09 -8.20 -24.26
C2' ADP KA . -28.07 -8.13 -22.06
O2' ADP KA . -27.72 -9.50 -22.22
C1' ADP KA . -27.27 -7.50 -20.92
N9 ADP KA . -28.16 -7.24 -19.76
C8 ADP KA . -28.85 -6.11 -19.54
N7 ADP KA . -29.57 -6.18 -18.39
C5 ADP KA . -29.34 -7.38 -17.86
C6 ADP KA . -29.79 -8.12 -16.65
N6 ADP KA . -30.65 -7.55 -15.76
N1 ADP KA . -29.32 -9.37 -16.46
C2 ADP KA . -28.47 -9.95 -17.33
N3 ADP KA . -28.02 -9.34 -18.45
C4 ADP KA . -28.41 -8.09 -18.76
MG MG LA . -29.82 0.65 -26.41
PB ADP MA . 6.01 34.55 -1.51
O1B ADP MA . 7.35 34.71 -0.85
O2B ADP MA . 5.72 33.14 -1.99
O3B ADP MA . 5.69 35.62 -2.53
PA ADP MA . 4.91 36.14 0.53
O1A ADP MA . 3.47 36.57 0.66
O2A ADP MA . 5.92 37.10 -0.05
O3A ADP MA . 4.92 34.78 -0.35
O5' ADP MA . 5.41 35.67 1.99
C5' ADP MA . 6.72 35.14 2.20
C4' ADP MA . 6.90 34.80 3.67
O4' ADP MA . 8.19 34.23 3.90
C3' ADP MA . 6.81 36.05 4.55
O3' ADP MA . 5.59 36.03 5.29
C2' ADP MA . 7.99 35.98 5.49
O2' ADP MA . 7.54 35.94 6.84
C1' ADP MA . 8.74 34.71 5.14
N9 ADP MA . 10.19 34.98 4.99
C8 ADP MA . 10.81 35.35 3.85
N7 ADP MA . 12.14 35.54 4.05
C5 ADP MA . 12.39 35.28 5.34
C6 ADP MA . 13.58 35.28 6.22
N6 ADP MA . 14.80 35.60 5.73
N1 ADP MA . 13.40 34.97 7.52
C2 ADP MA . 12.20 34.64 8.01
N3 ADP MA . 11.07 34.62 7.28
C4 ADP MA . 11.10 34.92 5.96
PB ADP NA . 18.21 0.11 -38.49
O1B ADP NA . 18.55 -1.33 -38.18
O2B ADP NA . 17.08 0.65 -37.65
O3B ADP NA . 18.10 0.41 -39.96
PA ADP NA . 20.97 0.66 -38.56
O1A ADP NA . 20.86 -0.37 -39.67
O2A ADP NA . 21.63 1.99 -38.86
O3A ADP NA . 19.49 0.96 -38.00
O5' ADP NA . 21.75 0.00 -37.31
C5' ADP NA . 21.35 -1.24 -36.74
C4' ADP NA . 22.27 -1.60 -35.58
O4' ADP NA . 21.85 -2.81 -34.97
C3' ADP NA . 23.71 -1.80 -36.06
O3' ADP NA . 24.53 -0.72 -35.62
C2' ADP NA . 24.16 -3.10 -35.41
O2' ADP NA . 25.28 -2.86 -34.56
C1' ADP NA . 22.99 -3.59 -34.58
N9 ADP NA . 22.74 -5.03 -34.87
C8 ADP NA . 21.93 -5.51 -35.82
N7 ADP NA . 21.91 -6.87 -35.82
C5 ADP NA . 22.73 -7.28 -34.84
C6 ADP NA . 23.19 -8.58 -34.29
N6 ADP NA . 22.74 -9.75 -34.81
N1 ADP NA . 24.05 -8.56 -33.26
C2 ADP NA . 24.50 -7.41 -32.73
N3 ADP NA . 24.14 -6.19 -33.18
C4 ADP NA . 23.27 -6.06 -34.21
MG MG OA . 18.34 0.33 -42.80
#